data_5T82
#
_entry.id   5T82
#
_entity_poly.entity_id   1
_entity_poly.type   'polypeptide(L)'
_entity_poly.pdbx_seq_one_letter_code
;DKWTVQPIVLPEKDSWTVNDIQKLVGKLNWASQIYPGIKVRQLSKLLRGTKALTEVIPLTEEAELELAENREILKEPVHG
VYLEHHHHHH
;
_entity_poly.pdbx_strand_id   A
#
# COMPACT_ATOMS: atom_id res chain seq x y z
N ASP A 1 -18.96 12.79 -2.25
CA ASP A 1 -18.43 11.90 -3.33
C ASP A 1 -19.22 12.16 -4.60
N LYS A 2 -18.61 11.84 -5.74
CA LYS A 2 -19.28 12.02 -7.03
C LYS A 2 -18.81 10.95 -8.00
N TRP A 3 -17.53 10.98 -8.34
CA TRP A 3 -16.96 10.00 -9.25
C TRP A 3 -15.45 10.15 -9.34
N THR A 4 -14.73 9.06 -9.10
CA THR A 4 -13.27 9.09 -9.15
C THR A 4 -12.70 7.69 -9.00
N VAL A 5 -11.55 7.61 -8.34
CA VAL A 5 -10.90 6.34 -8.12
C VAL A 5 -11.85 5.39 -7.40
N GLN A 6 -11.32 4.26 -6.99
CA GLN A 6 -12.10 3.24 -6.28
C GLN A 6 -11.61 3.12 -4.84
N PRO A 7 -12.41 2.52 -3.99
CA PRO A 7 -12.05 2.33 -2.55
C PRO A 7 -10.93 1.30 -2.37
N ILE A 8 -9.69 1.74 -2.54
CA ILE A 8 -8.56 0.85 -2.39
C ILE A 8 -8.37 0.47 -0.93
N VAL A 9 -8.55 -0.82 -0.63
CA VAL A 9 -8.41 -1.30 0.75
C VAL A 9 -7.73 -2.66 0.78
N LEU A 10 -7.09 -2.96 1.90
CA LEU A 10 -6.39 -4.23 2.05
C LEU A 10 -6.65 -4.83 3.43
N PRO A 11 -6.40 -6.10 3.61
CA PRO A 11 -6.63 -6.80 4.90
C PRO A 11 -5.62 -6.36 5.97
N GLU A 12 -5.83 -6.82 7.20
CA GLU A 12 -4.94 -6.47 8.30
C GLU A 12 -4.73 -7.66 9.23
N LYS A 13 -3.53 -8.24 9.19
CA LYS A 13 -3.23 -9.39 10.03
C LYS A 13 -1.74 -9.41 10.39
N ASP A 14 -1.40 -10.19 11.43
CA ASP A 14 -0.01 -10.30 11.86
C ASP A 14 0.58 -11.63 11.43
N SER A 15 0.44 -11.94 10.15
CA SER A 15 0.96 -13.19 9.60
C SER A 15 0.99 -13.09 8.07
N TRP A 16 1.70 -12.09 7.58
CA TRP A 16 1.80 -11.86 6.15
C TRP A 16 2.83 -12.79 5.50
N THR A 17 2.34 -13.67 4.64
CA THR A 17 3.23 -14.60 3.96
C THR A 17 3.82 -13.96 2.72
N VAL A 18 4.94 -14.52 2.25
CA VAL A 18 5.59 -14.01 1.05
C VAL A 18 4.53 -13.77 0.00
N ASN A 19 3.61 -14.71 -0.10
CA ASN A 19 2.51 -14.63 -1.03
C ASN A 19 1.62 -13.44 -0.70
N ASP A 20 1.48 -13.17 0.60
CA ASP A 20 0.66 -12.06 1.06
C ASP A 20 1.41 -10.74 0.95
N ILE A 21 2.73 -10.79 1.13
CA ILE A 21 3.56 -9.61 1.01
C ILE A 21 3.67 -9.24 -0.45
N GLN A 22 3.91 -10.26 -1.25
CA GLN A 22 4.04 -10.10 -2.69
C GLN A 22 2.84 -9.35 -3.26
N LYS A 23 1.66 -9.91 -3.07
CA LYS A 23 0.44 -9.27 -3.56
C LYS A 23 0.33 -7.85 -3.01
N LEU A 24 0.74 -7.68 -1.76
CA LEU A 24 0.69 -6.37 -1.12
C LEU A 24 1.61 -5.38 -1.84
N VAL A 25 2.90 -5.67 -1.84
CA VAL A 25 3.87 -4.80 -2.50
C VAL A 25 3.32 -4.33 -3.84
N GLY A 26 2.53 -5.19 -4.46
CA GLY A 26 1.94 -4.86 -5.75
C GLY A 26 0.80 -3.85 -5.58
N LYS A 27 0.04 -4.00 -4.49
CA LYS A 27 -1.07 -3.09 -4.22
C LYS A 27 -0.54 -1.71 -3.88
N LEU A 28 0.43 -1.67 -2.97
CA LEU A 28 1.03 -0.40 -2.56
C LEU A 28 1.71 0.27 -3.74
N ASN A 29 2.28 -0.56 -4.60
CA ASN A 29 2.97 -0.06 -5.80
C ASN A 29 1.97 0.66 -6.70
N TRP A 30 0.98 -0.09 -7.16
CA TRP A 30 -0.05 0.47 -8.02
C TRP A 30 -0.75 1.63 -7.32
N ALA A 31 -0.97 1.47 -6.01
CA ALA A 31 -1.62 2.50 -5.23
C ALA A 31 -0.74 3.75 -5.18
N SER A 32 0.57 3.53 -5.06
CA SER A 32 1.52 4.64 -5.00
C SER A 32 1.25 5.60 -6.16
N GLN A 33 1.05 5.05 -7.35
CA GLN A 33 0.79 5.88 -8.52
C GLN A 33 -0.63 6.45 -8.45
N ILE A 34 -1.36 6.04 -7.43
CA ILE A 34 -2.74 6.50 -7.24
C ILE A 34 -2.91 7.04 -5.83
N TYR A 35 -1.79 7.20 -5.12
CA TYR A 35 -1.84 7.69 -3.77
C TYR A 35 -0.42 8.03 -3.29
N PRO A 36 -0.15 9.27 -2.95
CA PRO A 36 1.19 9.68 -2.48
C PRO A 36 1.43 9.37 -1.01
N GLY A 37 2.68 9.46 -0.62
CA GLY A 37 3.07 9.21 0.76
C GLY A 37 3.32 7.72 1.00
N ILE A 38 2.84 6.89 0.08
CA ILE A 38 3.02 5.45 0.21
C ILE A 38 4.48 5.07 -0.05
N LYS A 39 4.96 4.12 0.74
CA LYS A 39 6.33 3.64 0.61
C LYS A 39 6.33 2.14 0.39
N VAL A 40 7.25 1.67 -0.45
CA VAL A 40 7.35 0.24 -0.72
C VAL A 40 8.80 -0.16 -0.85
N ARG A 41 9.65 0.50 -0.08
CA ARG A 41 11.08 0.21 -0.10
C ARG A 41 11.40 -0.87 0.93
N GLN A 42 10.78 -0.75 2.11
CA GLN A 42 11.01 -1.72 3.17
C GLN A 42 10.09 -2.93 3.01
N LEU A 43 8.88 -2.69 2.50
CA LEU A 43 7.91 -3.76 2.30
C LEU A 43 8.46 -4.82 1.35
N SER A 44 9.13 -4.37 0.30
CA SER A 44 9.71 -5.29 -0.68
C SER A 44 10.90 -6.04 -0.09
N LYS A 45 11.65 -5.37 0.78
CA LYS A 45 12.81 -5.99 1.39
C LYS A 45 12.41 -7.22 2.20
N LEU A 46 11.25 -7.16 2.84
CA LEU A 46 10.78 -8.28 3.65
C LEU A 46 10.84 -9.57 2.83
N LEU A 47 10.54 -9.48 1.54
CA LEU A 47 10.57 -10.65 0.68
C LEU A 47 11.96 -11.29 0.67
N ARG A 48 12.98 -10.45 0.57
CA ARG A 48 14.36 -10.96 0.55
C ARG A 48 14.58 -11.96 1.68
N GLY A 49 13.62 -12.00 2.62
CA GLY A 49 13.73 -12.93 3.75
C GLY A 49 13.53 -14.37 3.29
N THR A 50 12.36 -14.64 2.73
CA THR A 50 12.05 -15.99 2.24
C THR A 50 11.35 -15.93 0.89
N LYS A 51 11.34 -17.07 0.20
CA LYS A 51 10.72 -17.15 -1.11
C LYS A 51 9.44 -17.99 -1.07
N ALA A 52 9.40 -18.98 -0.18
CA ALA A 52 8.22 -19.84 -0.08
C ALA A 52 6.96 -19.00 0.09
N LEU A 53 5.94 -19.30 -0.71
CA LEU A 53 4.68 -18.57 -0.67
C LEU A 53 3.84 -18.98 0.52
N THR A 54 4.48 -19.65 1.46
CA THR A 54 3.81 -20.10 2.67
C THR A 54 4.61 -19.70 3.89
N GLU A 55 5.62 -18.84 3.68
CA GLU A 55 6.44 -18.40 4.79
C GLU A 55 5.92 -17.11 5.40
N VAL A 56 5.46 -17.20 6.65
CA VAL A 56 4.91 -16.06 7.37
C VAL A 56 6.00 -15.04 7.70
N ILE A 57 5.93 -13.87 7.07
CA ILE A 57 6.92 -12.82 7.32
C ILE A 57 6.27 -11.64 8.06
N PRO A 58 6.74 -11.28 9.24
CA PRO A 58 6.15 -10.14 10.00
C PRO A 58 6.58 -8.79 9.43
N LEU A 59 5.86 -7.74 9.81
CA LEU A 59 6.17 -6.41 9.33
C LEU A 59 7.12 -5.69 10.28
N THR A 60 8.26 -5.23 9.75
CA THR A 60 9.23 -4.54 10.57
C THR A 60 8.68 -3.19 11.01
N GLU A 61 9.15 -2.72 12.16
CA GLU A 61 8.69 -1.43 12.70
C GLU A 61 8.46 -0.42 11.58
N GLU A 62 9.43 -0.29 10.69
CA GLU A 62 9.34 0.66 9.59
C GLU A 62 8.42 0.16 8.49
N ALA A 63 8.15 -1.15 8.46
CA ALA A 63 7.28 -1.72 7.46
C ALA A 63 5.84 -1.57 7.89
N GLU A 64 5.60 -1.74 9.19
CA GLU A 64 4.26 -1.60 9.69
C GLU A 64 3.93 -0.12 9.87
N LEU A 65 4.98 0.69 9.94
CA LEU A 65 4.80 2.13 10.09
C LEU A 65 4.29 2.73 8.78
N GLU A 66 4.92 2.35 7.68
CA GLU A 66 4.51 2.87 6.39
C GLU A 66 3.18 2.26 5.96
N LEU A 67 3.09 0.94 6.01
CA LEU A 67 1.86 0.26 5.65
C LEU A 67 0.67 0.97 6.28
N ALA A 68 0.80 1.25 7.57
CA ALA A 68 -0.27 1.92 8.30
C ALA A 68 -0.55 3.29 7.68
N GLU A 69 0.47 4.12 7.62
CA GLU A 69 0.32 5.45 7.05
C GLU A 69 -0.29 5.37 5.65
N ASN A 70 -0.03 4.26 4.94
CA ASN A 70 -0.57 4.09 3.60
C ASN A 70 -2.07 3.84 3.67
N ARG A 71 -2.44 2.77 4.34
CA ARG A 71 -3.85 2.41 4.49
C ARG A 71 -4.68 3.64 4.83
N GLU A 72 -4.04 4.64 5.44
CA GLU A 72 -4.72 5.86 5.82
C GLU A 72 -4.87 6.80 4.63
N ILE A 73 -3.81 6.96 3.86
CA ILE A 73 -3.84 7.85 2.71
C ILE A 73 -4.95 7.44 1.75
N LEU A 74 -5.09 6.13 1.51
CA LEU A 74 -6.11 5.64 0.59
C LEU A 74 -7.47 6.26 0.91
N LYS A 75 -7.57 6.94 2.05
CA LYS A 75 -8.82 7.57 2.44
C LYS A 75 -9.02 8.89 1.70
N GLU A 76 -8.05 9.26 0.86
CA GLU A 76 -8.15 10.50 0.10
C GLU A 76 -8.88 10.26 -1.22
N PRO A 77 -9.47 11.28 -1.81
CA PRO A 77 -10.22 11.15 -3.09
C PRO A 77 -9.32 11.09 -4.32
N VAL A 78 -8.18 11.78 -4.25
CA VAL A 78 -7.23 11.81 -5.37
C VAL A 78 -7.88 12.48 -6.58
N HIS A 79 -8.83 11.78 -7.19
CA HIS A 79 -9.52 12.30 -8.36
C HIS A 79 -10.97 12.66 -8.01
N GLY A 80 -11.59 13.46 -8.88
CA GLY A 80 -12.97 13.87 -8.64
C GLY A 80 -13.28 15.16 -9.39
N VAL A 81 -14.17 15.06 -10.38
CA VAL A 81 -14.57 16.21 -11.19
C VAL A 81 -13.42 17.21 -11.34
N TYR A 82 -12.61 17.01 -12.38
CA TYR A 82 -11.48 17.89 -12.62
C TYR A 82 -10.83 17.58 -13.97
N LEU A 83 -11.67 17.30 -14.97
CA LEU A 83 -11.16 16.98 -16.30
C LEU A 83 -11.99 17.68 -17.36
N GLU A 84 -13.31 17.48 -17.33
CA GLU A 84 -14.20 18.10 -18.29
C GLU A 84 -13.70 17.86 -19.72
N HIS A 85 -14.28 16.87 -20.38
CA HIS A 85 -13.89 16.54 -21.74
C HIS A 85 -14.84 17.19 -22.75
N HIS A 86 -15.91 16.48 -23.08
CA HIS A 86 -16.89 17.00 -24.03
C HIS A 86 -18.20 16.22 -23.94
N HIS A 87 -19.24 16.87 -23.42
CA HIS A 87 -20.53 16.23 -23.28
C HIS A 87 -21.63 17.27 -23.12
N HIS A 88 -22.74 17.08 -23.82
CA HIS A 88 -23.86 18.01 -23.73
C HIS A 88 -25.19 17.26 -23.81
N HIS A 89 -25.90 17.22 -22.69
CA HIS A 89 -27.19 16.54 -22.64
C HIS A 89 -28.13 17.25 -21.68
N HIS A 90 -27.74 17.34 -20.41
CA HIS A 90 -28.56 17.99 -19.41
C HIS A 90 -27.74 18.31 -18.16
N ASP A 1 -20.77 12.89 -5.41
CA ASP A 1 -20.41 12.30 -6.74
C ASP A 1 -20.06 13.44 -7.70
N LYS A 2 -18.87 13.35 -8.28
CA LYS A 2 -18.42 14.37 -9.22
C LYS A 2 -17.21 13.86 -9.99
N TRP A 3 -16.20 13.42 -9.24
CA TRP A 3 -14.98 12.91 -9.85
C TRP A 3 -14.11 12.21 -8.82
N THR A 4 -13.69 10.99 -9.13
CA THR A 4 -12.86 10.22 -8.21
C THR A 4 -12.30 8.98 -8.91
N VAL A 5 -11.26 8.41 -8.32
CA VAL A 5 -10.65 7.22 -8.89
C VAL A 5 -11.47 5.98 -8.56
N GLN A 6 -10.82 4.98 -7.96
CA GLN A 6 -11.50 3.75 -7.60
C GLN A 6 -11.10 3.32 -6.19
N PRO A 7 -11.94 2.58 -5.49
CA PRO A 7 -11.64 2.11 -4.10
C PRO A 7 -10.58 1.02 -4.09
N ILE A 8 -9.65 1.11 -3.15
CA ILE A 8 -8.59 0.12 -3.02
C ILE A 8 -8.70 -0.60 -1.67
N VAL A 9 -8.88 -1.92 -1.72
CA VAL A 9 -9.00 -2.70 -0.49
C VAL A 9 -7.63 -3.09 0.03
N LEU A 10 -7.43 -2.92 1.34
CA LEU A 10 -6.15 -3.25 1.96
C LEU A 10 -6.37 -3.96 3.30
N PRO A 11 -6.49 -5.26 3.30
CA PRO A 11 -6.70 -6.04 4.57
C PRO A 11 -5.68 -5.68 5.65
N GLU A 12 -5.93 -6.15 6.87
CA GLU A 12 -5.02 -5.87 7.98
C GLU A 12 -4.97 -7.04 8.95
N LYS A 13 -3.79 -7.64 9.08
CA LYS A 13 -3.61 -8.77 9.98
C LYS A 13 -2.17 -8.80 10.50
N ASP A 14 -1.84 -9.86 11.25
CA ASP A 14 -0.49 -10.00 11.79
C ASP A 14 0.07 -11.39 11.49
N SER A 15 0.27 -11.67 10.21
CA SER A 15 0.81 -12.96 9.78
C SER A 15 0.87 -13.00 8.26
N TRP A 16 1.57 -12.02 7.70
CA TRP A 16 1.70 -11.91 6.26
C TRP A 16 2.78 -12.86 5.73
N THR A 17 2.46 -13.58 4.67
CA THR A 17 3.41 -14.52 4.07
C THR A 17 3.97 -13.96 2.77
N VAL A 18 5.07 -14.57 2.30
CA VAL A 18 5.70 -14.15 1.04
C VAL A 18 4.63 -13.89 0.01
N ASN A 19 3.59 -14.73 0.02
CA ASN A 19 2.48 -14.59 -0.92
C ASN A 19 1.63 -13.37 -0.59
N ASP A 20 1.49 -13.07 0.70
CA ASP A 20 0.69 -11.94 1.13
C ASP A 20 1.44 -10.64 0.94
N ILE A 21 2.76 -10.68 1.08
CA ILE A 21 3.57 -9.48 0.90
C ILE A 21 3.74 -9.23 -0.59
N GLN A 22 3.95 -10.29 -1.32
CA GLN A 22 4.11 -10.20 -2.76
C GLN A 22 2.94 -9.44 -3.37
N LYS A 23 1.73 -9.96 -3.18
CA LYS A 23 0.55 -9.32 -3.72
C LYS A 23 0.41 -7.90 -3.16
N LEU A 24 0.80 -7.73 -1.90
CA LEU A 24 0.71 -6.42 -1.26
C LEU A 24 1.60 -5.41 -1.98
N VAL A 25 2.90 -5.69 -2.01
CA VAL A 25 3.83 -4.80 -2.67
C VAL A 25 3.26 -4.36 -4.01
N GLY A 26 2.51 -5.26 -4.64
CA GLY A 26 1.89 -4.96 -5.92
C GLY A 26 0.72 -3.99 -5.75
N LYS A 27 0.05 -4.09 -4.61
CA LYS A 27 -1.08 -3.21 -4.32
C LYS A 27 -0.59 -1.81 -3.97
N LEU A 28 0.37 -1.74 -3.06
CA LEU A 28 0.93 -0.46 -2.64
C LEU A 28 1.58 0.24 -3.82
N ASN A 29 2.18 -0.55 -4.71
CA ASN A 29 2.83 -0.01 -5.89
C ASN A 29 1.80 0.71 -6.77
N TRP A 30 0.82 -0.06 -7.23
CA TRP A 30 -0.24 0.51 -8.07
C TRP A 30 -0.96 1.62 -7.32
N ALA A 31 -1.18 1.41 -6.03
CA ALA A 31 -1.86 2.40 -5.21
C ALA A 31 -1.02 3.67 -5.12
N SER A 32 0.30 3.50 -5.05
CA SER A 32 1.21 4.63 -4.97
C SER A 32 0.89 5.62 -6.08
N GLN A 33 0.72 5.10 -7.29
CA GLN A 33 0.39 5.96 -8.42
C GLN A 33 -1.02 6.51 -8.27
N ILE A 34 -1.71 6.02 -7.23
CA ILE A 34 -3.09 6.45 -6.96
C ILE A 34 -3.22 6.90 -5.51
N TYR A 35 -2.09 7.12 -4.86
CA TYR A 35 -2.11 7.53 -3.48
C TYR A 35 -0.72 7.99 -3.05
N PRO A 36 -0.55 9.22 -2.63
CA PRO A 36 0.76 9.76 -2.21
C PRO A 36 1.13 9.37 -0.80
N GLY A 37 2.38 9.60 -0.46
CA GLY A 37 2.89 9.28 0.87
C GLY A 37 3.09 7.77 1.00
N ILE A 38 2.87 7.08 -0.11
CA ILE A 38 3.02 5.63 -0.13
C ILE A 38 4.48 5.24 -0.28
N LYS A 39 4.91 4.25 0.50
CA LYS A 39 6.29 3.77 0.46
C LYS A 39 6.29 2.26 0.26
N VAL A 40 7.15 1.78 -0.62
CA VAL A 40 7.25 0.37 -0.89
C VAL A 40 8.71 -0.04 -1.07
N ARG A 41 9.58 0.62 -0.32
CA ARG A 41 11.01 0.33 -0.39
C ARG A 41 11.38 -0.73 0.65
N GLN A 42 10.81 -0.61 1.84
CA GLN A 42 11.09 -1.55 2.91
C GLN A 42 10.19 -2.78 2.79
N LEU A 43 8.98 -2.57 2.26
CA LEU A 43 8.01 -3.65 2.10
C LEU A 43 8.55 -4.72 1.15
N SER A 44 9.16 -4.29 0.05
CA SER A 44 9.70 -5.23 -0.92
C SER A 44 10.92 -5.96 -0.32
N LYS A 45 11.66 -5.25 0.51
CA LYS A 45 12.84 -5.84 1.13
C LYS A 45 12.47 -7.07 1.95
N LEU A 46 11.33 -7.00 2.65
CA LEU A 46 10.90 -8.13 3.47
C LEU A 46 10.96 -9.42 2.65
N LEU A 47 10.60 -9.35 1.38
CA LEU A 47 10.63 -10.52 0.52
C LEU A 47 12.04 -11.08 0.42
N ARG A 48 13.02 -10.19 0.31
CA ARG A 48 14.41 -10.61 0.19
C ARG A 48 14.83 -11.42 1.41
N GLY A 49 14.89 -12.74 1.25
CA GLY A 49 15.27 -13.62 2.35
C GLY A 49 14.09 -14.47 2.81
N THR A 50 13.20 -14.81 1.88
CA THR A 50 12.03 -15.62 2.19
C THR A 50 12.04 -16.90 1.37
N LYS A 51 11.03 -17.75 1.57
CA LYS A 51 10.98 -19.02 0.86
C LYS A 51 9.56 -19.39 0.45
N ALA A 52 9.02 -20.41 1.12
CA ALA A 52 7.68 -20.92 0.82
C ALA A 52 6.66 -19.81 0.85
N LEU A 53 5.80 -19.78 -0.15
CA LEU A 53 4.76 -18.77 -0.27
C LEU A 53 3.80 -18.78 0.92
N THR A 54 4.17 -19.51 1.96
CA THR A 54 3.35 -19.58 3.15
C THR A 54 4.21 -19.31 4.37
N GLU A 55 5.34 -18.62 4.15
CA GLU A 55 6.22 -18.31 5.26
C GLU A 55 5.92 -16.91 5.79
N VAL A 56 5.44 -16.85 7.03
CA VAL A 56 5.10 -15.58 7.66
C VAL A 56 6.33 -14.68 7.78
N ILE A 57 6.14 -13.41 7.46
CA ILE A 57 7.23 -12.43 7.50
C ILE A 57 6.83 -11.24 8.39
N PRO A 58 7.15 -11.27 9.66
CA PRO A 58 6.79 -10.15 10.58
C PRO A 58 7.13 -8.79 9.97
N LEU A 59 6.14 -7.89 9.97
CA LEU A 59 6.34 -6.56 9.42
C LEU A 59 7.10 -5.67 10.39
N THR A 60 8.41 -5.59 10.20
CA THR A 60 9.24 -4.76 11.08
C THR A 60 8.60 -3.39 11.29
N GLU A 61 8.85 -2.80 12.44
CA GLU A 61 8.31 -1.48 12.76
C GLU A 61 8.36 -0.57 11.53
N GLU A 62 9.43 -0.70 10.76
CA GLU A 62 9.62 0.11 9.57
C GLU A 62 8.62 -0.26 8.46
N ALA A 63 8.27 -1.54 8.38
CA ALA A 63 7.32 -1.99 7.37
C ALA A 63 5.93 -1.65 7.83
N GLU A 64 5.78 -1.58 9.14
CA GLU A 64 4.52 -1.24 9.74
C GLU A 64 4.36 0.27 9.70
N LEU A 65 5.47 0.97 9.53
CA LEU A 65 5.47 2.41 9.47
C LEU A 65 4.86 2.87 8.15
N GLU A 66 5.32 2.27 7.05
CA GLU A 66 4.78 2.61 5.74
C GLU A 66 3.34 2.12 5.62
N LEU A 67 3.17 0.81 5.73
CA LEU A 67 1.86 0.20 5.64
C LEU A 67 0.85 0.99 6.45
N ALA A 68 1.09 1.10 7.75
CA ALA A 68 0.18 1.84 8.62
C ALA A 68 -0.23 3.16 7.96
N GLU A 69 0.75 4.01 7.69
CA GLU A 69 0.48 5.30 7.07
C GLU A 69 -0.28 5.12 5.75
N ASN A 70 0.04 4.05 5.01
CA ASN A 70 -0.61 3.80 3.74
C ASN A 70 -2.08 3.47 3.92
N ARG A 71 -2.36 2.38 4.65
CA ARG A 71 -3.74 1.97 4.88
C ARG A 71 -4.59 3.17 5.29
N GLU A 72 -3.94 4.17 5.87
CA GLU A 72 -4.66 5.36 6.31
C GLU A 72 -4.81 6.37 5.18
N ILE A 73 -3.89 6.33 4.21
CA ILE A 73 -3.94 7.25 3.09
C ILE A 73 -5.02 6.83 2.10
N LEU A 74 -5.19 5.54 1.92
CA LEU A 74 -6.20 5.02 0.99
C LEU A 74 -7.59 5.53 1.34
N LYS A 75 -7.68 6.29 2.42
CA LYS A 75 -8.97 6.83 2.84
C LYS A 75 -9.18 8.22 2.23
N GLU A 76 -8.35 8.57 1.26
CA GLU A 76 -8.47 9.86 0.60
C GLU A 76 -9.08 9.70 -0.79
N PRO A 77 -9.68 10.76 -1.33
CA PRO A 77 -10.33 10.72 -2.67
C PRO A 77 -9.32 10.75 -3.83
N VAL A 78 -8.14 11.29 -3.56
CA VAL A 78 -7.09 11.39 -4.58
C VAL A 78 -7.55 12.30 -5.72
N HIS A 79 -8.52 11.80 -6.49
CA HIS A 79 -9.04 12.57 -7.62
C HIS A 79 -10.31 13.32 -7.22
N GLY A 80 -10.19 14.18 -6.22
CA GLY A 80 -11.33 14.95 -5.75
C GLY A 80 -11.46 16.25 -6.52
N VAL A 81 -12.68 16.61 -6.89
CA VAL A 81 -12.93 17.84 -7.63
C VAL A 81 -12.13 19.00 -7.03
N TYR A 82 -11.74 18.85 -5.77
CA TYR A 82 -10.97 19.89 -5.10
C TYR A 82 -9.85 19.28 -4.26
N LEU A 83 -8.94 20.13 -3.80
CA LEU A 83 -7.82 19.66 -2.99
C LEU A 83 -8.24 19.49 -1.53
N GLU A 84 -7.31 19.04 -0.70
CA GLU A 84 -7.60 18.84 0.72
C GLU A 84 -6.31 18.71 1.51
N HIS A 85 -6.21 19.49 2.58
CA HIS A 85 -5.02 19.46 3.42
C HIS A 85 -5.34 19.91 4.85
N HIS A 86 -4.72 19.27 5.83
CA HIS A 86 -4.96 19.60 7.23
C HIS A 86 -3.83 20.48 7.76
N HIS A 87 -3.83 20.68 9.08
CA HIS A 87 -2.79 21.50 9.70
C HIS A 87 -2.49 20.99 11.10
N HIS A 88 -3.32 21.38 12.07
CA HIS A 88 -3.12 20.94 13.44
C HIS A 88 -1.67 21.16 13.88
N HIS A 89 -1.38 22.33 14.43
CA HIS A 89 -0.03 22.65 14.87
C HIS A 89 0.09 22.46 16.38
N HIS A 90 0.56 23.50 17.06
CA HIS A 90 0.73 23.45 18.51
C HIS A 90 -0.47 24.09 19.21
N ASP A 1 -22.34 7.92 -10.27
CA ASP A 1 -20.97 8.10 -10.83
C ASP A 1 -20.68 9.59 -11.01
N LYS A 2 -19.41 9.96 -10.97
CA LYS A 2 -19.01 11.34 -11.12
C LYS A 2 -17.52 11.43 -11.37
N TRP A 3 -16.74 11.12 -10.34
CA TRP A 3 -15.28 11.16 -10.46
C TRP A 3 -14.64 10.28 -9.40
N THR A 4 -13.33 10.42 -9.23
CA THR A 4 -12.57 9.64 -8.25
C THR A 4 -12.10 8.34 -8.86
N VAL A 5 -10.90 7.90 -8.47
CA VAL A 5 -10.35 6.67 -8.98
C VAL A 5 -11.21 5.47 -8.55
N GLN A 6 -10.64 4.60 -7.74
CA GLN A 6 -11.36 3.42 -7.26
C GLN A 6 -10.98 3.12 -5.81
N PRO A 7 -11.77 2.33 -5.14
CA PRO A 7 -11.52 1.95 -3.72
C PRO A 7 -10.36 0.97 -3.57
N ILE A 8 -9.41 1.30 -2.70
CA ILE A 8 -8.26 0.45 -2.46
C ILE A 8 -8.11 0.15 -0.97
N VAL A 9 -8.40 -1.09 -0.58
CA VAL A 9 -8.31 -1.49 0.83
C VAL A 9 -7.65 -2.85 0.95
N LEU A 10 -6.79 -2.99 1.96
CA LEU A 10 -6.08 -4.25 2.19
C LEU A 10 -6.35 -4.75 3.61
N PRO A 11 -6.09 -6.02 3.87
CA PRO A 11 -6.31 -6.62 5.22
C PRO A 11 -5.28 -6.14 6.24
N GLU A 12 -5.37 -6.68 7.45
CA GLU A 12 -4.43 -6.29 8.51
C GLU A 12 -4.36 -7.39 9.57
N LYS A 13 -3.39 -8.28 9.43
CA LYS A 13 -3.21 -9.37 10.38
C LYS A 13 -1.74 -9.61 10.66
N ASP A 14 -1.45 -10.46 11.64
CA ASP A 14 -0.07 -10.79 11.99
C ASP A 14 0.33 -12.13 11.40
N SER A 15 0.03 -12.32 10.13
CA SER A 15 0.36 -13.56 9.44
C SER A 15 0.60 -13.25 7.97
N TRP A 16 1.48 -12.30 7.72
CA TRP A 16 1.80 -11.88 6.37
C TRP A 16 2.78 -12.84 5.70
N THR A 17 2.28 -13.65 4.78
CA THR A 17 3.11 -14.62 4.07
C THR A 17 3.78 -13.99 2.84
N VAL A 18 4.85 -14.62 2.37
CA VAL A 18 5.57 -14.15 1.20
C VAL A 18 4.57 -13.93 0.08
N ASN A 19 3.61 -14.85 -0.03
CA ASN A 19 2.56 -14.73 -1.03
C ASN A 19 1.62 -13.58 -0.69
N ASP A 20 1.40 -13.36 0.60
CA ASP A 20 0.52 -12.31 1.06
C ASP A 20 1.18 -10.94 0.87
N ILE A 21 2.49 -10.90 1.05
CA ILE A 21 3.23 -9.65 0.88
C ILE A 21 3.41 -9.40 -0.61
N GLN A 22 3.86 -10.42 -1.29
CA GLN A 22 4.06 -10.33 -2.72
C GLN A 22 2.88 -9.61 -3.37
N LYS A 23 1.69 -10.18 -3.18
CA LYS A 23 0.48 -9.60 -3.73
C LYS A 23 0.27 -8.19 -3.17
N LEU A 24 0.62 -8.00 -1.90
CA LEU A 24 0.46 -6.70 -1.26
C LEU A 24 1.32 -5.65 -1.96
N VAL A 25 2.63 -5.86 -1.96
CA VAL A 25 3.52 -4.92 -2.61
C VAL A 25 2.94 -4.51 -3.95
N GLY A 26 2.26 -5.45 -4.58
CA GLY A 26 1.63 -5.19 -5.87
C GLY A 26 0.52 -4.15 -5.72
N LYS A 27 -0.24 -4.28 -4.63
CA LYS A 27 -1.32 -3.34 -4.36
C LYS A 27 -0.76 -1.96 -4.04
N LEU A 28 0.10 -1.89 -3.03
CA LEU A 28 0.70 -0.62 -2.65
C LEU A 28 1.33 0.04 -3.86
N ASN A 29 2.09 -0.73 -4.62
CA ASN A 29 2.73 -0.20 -5.81
C ASN A 29 1.72 0.58 -6.65
N TRP A 30 0.68 -0.11 -7.09
CA TRP A 30 -0.36 0.51 -7.89
C TRP A 30 -1.03 1.63 -7.12
N ALA A 31 -1.14 1.46 -5.80
CA ALA A 31 -1.75 2.47 -4.95
C ALA A 31 -0.93 3.75 -4.97
N SER A 32 0.38 3.59 -4.87
CA SER A 32 1.28 4.73 -4.88
C SER A 32 0.98 5.62 -6.08
N GLN A 33 0.83 5.01 -7.24
CA GLN A 33 0.52 5.76 -8.45
C GLN A 33 -0.90 6.32 -8.37
N ILE A 34 -1.58 5.99 -7.27
CA ILE A 34 -2.95 6.44 -7.06
C ILE A 34 -3.10 7.11 -5.70
N TYR A 35 -2.01 7.19 -4.95
CA TYR A 35 -2.05 7.79 -3.64
C TYR A 35 -0.65 8.27 -3.25
N PRO A 36 -0.42 9.57 -3.12
CA PRO A 36 0.91 10.10 -2.76
C PRO A 36 1.20 10.07 -1.26
N GLY A 37 2.41 9.67 -0.92
CA GLY A 37 2.83 9.60 0.46
C GLY A 37 3.10 8.16 0.89
N ILE A 38 2.43 7.22 0.23
CA ILE A 38 2.62 5.80 0.54
C ILE A 38 4.00 5.34 0.07
N LYS A 39 4.59 4.44 0.84
CA LYS A 39 5.90 3.89 0.50
C LYS A 39 5.82 2.37 0.40
N VAL A 40 6.79 1.79 -0.29
CA VAL A 40 6.82 0.34 -0.46
C VAL A 40 8.26 -0.15 -0.57
N ARG A 41 9.17 0.60 0.05
CA ARG A 41 10.59 0.25 0.01
C ARG A 41 10.92 -0.76 1.10
N GLN A 42 10.37 -0.55 2.29
CA GLN A 42 10.62 -1.45 3.41
C GLN A 42 9.80 -2.74 3.26
N LEU A 43 8.59 -2.60 2.73
CA LEU A 43 7.72 -3.75 2.55
C LEU A 43 8.31 -4.71 1.53
N SER A 44 8.90 -4.14 0.48
CA SER A 44 9.51 -4.97 -0.55
C SER A 44 10.75 -5.67 0.00
N LYS A 45 11.44 -5.00 0.91
CA LYS A 45 12.65 -5.55 1.50
C LYS A 45 12.35 -6.86 2.24
N LEU A 46 11.26 -6.89 3.01
CA LEU A 46 10.91 -8.10 3.74
C LEU A 46 10.96 -9.30 2.82
N LEU A 47 10.62 -9.10 1.56
CA LEU A 47 10.62 -10.18 0.58
C LEU A 47 12.05 -10.60 0.24
N ARG A 48 12.81 -9.65 -0.31
CA ARG A 48 14.20 -9.92 -0.70
C ARG A 48 14.88 -10.87 0.28
N GLY A 49 14.85 -12.15 -0.06
CA GLY A 49 15.47 -13.17 0.78
C GLY A 49 14.44 -13.81 1.71
N THR A 50 13.45 -14.48 1.12
CA THR A 50 12.41 -15.13 1.90
C THR A 50 12.24 -16.59 1.48
N LYS A 51 11.38 -17.31 2.19
CA LYS A 51 11.16 -18.72 1.92
C LYS A 51 10.01 -18.93 0.92
N ALA A 52 9.38 -20.11 0.99
CA ALA A 52 8.29 -20.46 0.07
C ALA A 52 7.19 -19.39 0.08
N LEU A 53 6.02 -19.77 -0.42
CA LEU A 53 4.91 -18.84 -0.50
C LEU A 53 3.94 -19.00 0.67
N THR A 54 4.40 -19.70 1.70
CA THR A 54 3.60 -19.92 2.89
C THR A 54 4.40 -19.56 4.13
N GLU A 55 5.43 -18.75 3.97
CA GLU A 55 6.26 -18.37 5.12
C GLU A 55 5.85 -17.00 5.66
N VAL A 56 5.38 -17.01 6.92
CA VAL A 56 4.96 -15.78 7.58
C VAL A 56 6.14 -14.82 7.71
N ILE A 57 5.88 -13.54 7.47
CA ILE A 57 6.93 -12.52 7.55
C ILE A 57 6.45 -11.32 8.37
N PRO A 58 6.66 -11.33 9.67
CA PRO A 58 6.22 -10.21 10.55
C PRO A 58 6.65 -8.85 10.00
N LEU A 59 5.80 -7.84 10.18
CA LEU A 59 6.11 -6.51 9.68
C LEU A 59 7.05 -5.79 10.63
N THR A 60 8.25 -5.50 10.16
CA THR A 60 9.23 -4.79 10.99
C THR A 60 8.69 -3.42 11.38
N GLU A 61 9.17 -2.88 12.49
CA GLU A 61 8.71 -1.58 12.94
C GLU A 61 8.59 -0.61 11.76
N GLU A 62 9.56 -0.66 10.85
CA GLU A 62 9.56 0.21 9.70
C GLU A 62 8.63 -0.31 8.60
N ALA A 63 8.28 -1.59 8.66
CA ALA A 63 7.40 -2.17 7.67
C ALA A 63 5.96 -1.91 8.05
N GLU A 64 5.69 -2.00 9.34
CA GLU A 64 4.35 -1.75 9.83
C GLU A 64 4.11 -0.25 9.86
N LEU A 65 5.19 0.52 9.87
CA LEU A 65 5.10 1.97 9.88
C LEU A 65 4.63 2.48 8.52
N GLU A 66 5.24 1.96 7.45
CA GLU A 66 4.86 2.37 6.10
C GLU A 66 3.42 1.97 5.81
N LEU A 67 3.15 0.67 5.85
CA LEU A 67 1.82 0.16 5.59
C LEU A 67 0.78 1.04 6.28
N ALA A 68 0.93 1.21 7.58
CA ALA A 68 -0.01 2.02 8.35
C ALA A 68 -0.24 3.36 7.66
N GLU A 69 0.82 4.13 7.50
CA GLU A 69 0.71 5.45 6.87
C GLU A 69 0.08 5.32 5.48
N ASN A 70 0.41 4.24 4.78
CA ASN A 70 -0.13 4.03 3.44
C ASN A 70 -1.64 3.88 3.50
N ARG A 71 -2.08 2.85 4.21
CA ARG A 71 -3.50 2.59 4.37
C ARG A 71 -4.26 3.88 4.64
N GLU A 72 -3.58 4.83 5.25
CA GLU A 72 -4.18 6.11 5.58
C GLU A 72 -4.43 6.96 4.33
N ILE A 73 -3.43 7.00 3.44
CA ILE A 73 -3.56 7.79 2.22
C ILE A 73 -4.65 7.24 1.31
N LEU A 74 -4.64 5.93 1.06
CA LEU A 74 -5.64 5.32 0.19
C LEU A 74 -7.04 5.87 0.50
N LYS A 75 -7.20 6.40 1.71
CA LYS A 75 -8.49 6.95 2.12
C LYS A 75 -8.67 8.38 1.59
N GLU A 76 -8.14 8.64 0.40
CA GLU A 76 -8.26 9.96 -0.21
C GLU A 76 -9.11 9.89 -1.49
N PRO A 77 -9.69 10.99 -1.89
CA PRO A 77 -10.54 11.04 -3.13
C PRO A 77 -9.69 11.05 -4.40
N VAL A 78 -8.50 11.61 -4.30
CA VAL A 78 -7.60 11.69 -5.46
C VAL A 78 -8.23 12.53 -6.55
N HIS A 79 -9.25 11.97 -7.20
CA HIS A 79 -9.94 12.68 -8.27
C HIS A 79 -11.30 13.17 -7.81
N GLY A 80 -11.58 14.45 -8.06
CA GLY A 80 -12.85 15.04 -7.67
C GLY A 80 -12.77 16.56 -7.66
N VAL A 81 -13.92 17.21 -7.58
CA VAL A 81 -13.98 18.67 -7.57
C VAL A 81 -14.42 19.18 -6.20
N TYR A 82 -14.29 20.50 -6.00
CA TYR A 82 -14.66 21.11 -4.73
C TYR A 82 -13.94 20.43 -3.58
N LEU A 83 -12.72 20.88 -3.32
CA LEU A 83 -11.92 20.32 -2.23
C LEU A 83 -10.62 21.11 -2.04
N GLU A 84 -9.93 20.86 -0.94
CA GLU A 84 -8.68 21.55 -0.66
C GLU A 84 -8.02 20.97 0.60
N HIS A 85 -6.85 21.51 0.95
CA HIS A 85 -6.13 21.05 2.12
C HIS A 85 -4.96 21.97 2.44
N HIS A 86 -4.65 22.10 3.72
CA HIS A 86 -3.55 22.97 4.15
C HIS A 86 -3.25 22.75 5.63
N HIS A 87 -2.08 23.24 6.06
CA HIS A 87 -1.68 23.09 7.45
C HIS A 87 -0.42 23.89 7.73
N HIS A 88 0.55 23.79 6.82
CA HIS A 88 1.82 24.50 6.98
C HIS A 88 2.49 24.12 8.30
N HIS A 89 3.56 23.35 8.20
CA HIS A 89 4.29 22.92 9.40
C HIS A 89 5.50 23.80 9.63
N HIS A 90 6.58 23.19 10.10
CA HIS A 90 7.82 23.93 10.37
C HIS A 90 8.79 23.08 11.17
N ASP A 1 -19.39 12.73 -13.76
CA ASP A 1 -18.25 12.16 -13.01
C ASP A 1 -17.56 13.26 -12.21
N LYS A 2 -17.01 12.89 -11.06
CA LYS A 2 -16.32 13.85 -10.21
C LYS A 2 -15.16 13.15 -9.52
N TRP A 3 -15.43 11.97 -8.97
CA TRP A 3 -14.41 11.20 -8.29
C TRP A 3 -14.77 9.72 -8.29
N THR A 4 -13.80 8.88 -7.92
CA THR A 4 -14.03 7.45 -7.88
C THR A 4 -12.85 6.72 -7.26
N VAL A 5 -11.67 6.91 -7.81
CA VAL A 5 -10.48 6.25 -7.31
C VAL A 5 -10.69 4.75 -7.23
N GLN A 6 -10.03 4.01 -8.13
CA GLN A 6 -10.16 2.56 -8.16
C GLN A 6 -10.19 2.00 -6.73
N PRO A 7 -10.80 0.86 -6.53
CA PRO A 7 -10.90 0.24 -5.17
C PRO A 7 -9.55 -0.32 -4.70
N ILE A 8 -9.10 0.16 -3.55
CA ILE A 8 -7.83 -0.28 -2.99
C ILE A 8 -8.00 -0.75 -1.54
N VAL A 9 -8.02 -2.06 -1.35
CA VAL A 9 -8.19 -2.63 -0.02
C VAL A 9 -7.24 -3.81 0.18
N LEU A 10 -6.77 -4.00 1.41
CA LEU A 10 -5.85 -5.09 1.70
C LEU A 10 -6.22 -5.77 3.03
N PRO A 11 -5.69 -6.94 3.29
CA PRO A 11 -5.97 -7.68 4.56
C PRO A 11 -5.75 -6.83 5.80
N GLU A 12 -5.63 -7.48 6.95
CA GLU A 12 -5.41 -6.77 8.21
C GLU A 12 -5.13 -7.75 9.33
N LYS A 13 -3.89 -8.26 9.40
CA LYS A 13 -3.52 -9.21 10.44
C LYS A 13 -2.04 -9.07 10.78
N ASP A 14 -1.57 -9.93 11.69
CA ASP A 14 -0.17 -9.91 12.11
C ASP A 14 0.52 -11.22 11.74
N SER A 15 0.36 -11.63 10.48
CA SER A 15 0.97 -12.86 10.00
C SER A 15 0.93 -12.87 8.48
N TRP A 16 1.60 -11.91 7.88
CA TRP A 16 1.63 -11.80 6.43
C TRP A 16 2.65 -12.76 5.82
N THR A 17 2.20 -13.53 4.83
CA THR A 17 3.08 -14.47 4.16
C THR A 17 3.70 -13.85 2.92
N VAL A 18 4.67 -14.54 2.33
CA VAL A 18 5.33 -14.04 1.13
C VAL A 18 4.29 -13.69 0.07
N ASN A 19 3.26 -14.53 -0.04
CA ASN A 19 2.20 -14.30 -1.01
C ASN A 19 1.39 -13.04 -0.67
N ASP A 20 1.26 -12.77 0.63
CA ASP A 20 0.50 -11.61 1.08
C ASP A 20 1.32 -10.33 0.93
N ILE A 21 2.63 -10.45 1.11
CA ILE A 21 3.50 -9.29 0.98
C ILE A 21 3.77 -9.03 -0.49
N GLN A 22 3.97 -10.11 -1.22
CA GLN A 22 4.23 -10.01 -2.64
C GLN A 22 3.13 -9.18 -3.31
N LYS A 23 1.88 -9.65 -3.18
CA LYS A 23 0.76 -8.93 -3.77
C LYS A 23 0.68 -7.51 -3.21
N LEU A 24 0.86 -7.39 -1.90
CA LEU A 24 0.82 -6.08 -1.25
C LEU A 24 1.75 -5.11 -1.96
N VAL A 25 3.04 -5.41 -1.94
CA VAL A 25 4.02 -4.56 -2.60
C VAL A 25 3.49 -4.15 -3.96
N GLY A 26 2.79 -5.07 -4.61
CA GLY A 26 2.22 -4.79 -5.92
C GLY A 26 1.00 -3.89 -5.81
N LYS A 27 0.32 -3.97 -4.68
CA LYS A 27 -0.86 -3.15 -4.45
C LYS A 27 -0.45 -1.72 -4.10
N LEU A 28 0.46 -1.60 -3.15
CA LEU A 28 0.94 -0.28 -2.74
C LEU A 28 1.66 0.40 -3.90
N ASN A 29 2.15 -0.42 -4.83
CA ASN A 29 2.85 0.11 -6.00
C ASN A 29 1.83 0.68 -6.99
N TRP A 30 0.94 -0.18 -7.46
CA TRP A 30 -0.11 0.22 -8.39
C TRP A 30 -0.97 1.30 -7.75
N ALA A 31 -1.02 1.28 -6.42
CA ALA A 31 -1.80 2.27 -5.71
C ALA A 31 -0.98 3.53 -5.48
N SER A 32 0.34 3.37 -5.39
CA SER A 32 1.22 4.51 -5.18
C SER A 32 0.92 5.60 -6.20
N GLN A 33 0.91 5.22 -7.47
CA GLN A 33 0.63 6.19 -8.52
C GLN A 33 -0.81 6.68 -8.40
N ILE A 34 -1.50 6.18 -7.38
CA ILE A 34 -2.89 6.56 -7.13
C ILE A 34 -3.03 7.09 -5.70
N TYR A 35 -1.90 7.27 -5.03
CA TYR A 35 -1.92 7.76 -3.67
C TYR A 35 -0.50 8.08 -3.22
N PRO A 36 -0.22 9.30 -2.80
CA PRO A 36 1.14 9.69 -2.36
C PRO A 36 1.45 9.28 -0.94
N GLY A 37 2.71 9.37 -0.58
CA GLY A 37 3.16 9.01 0.76
C GLY A 37 3.20 7.50 0.89
N ILE A 38 2.92 6.81 -0.21
CA ILE A 38 2.93 5.36 -0.22
C ILE A 38 4.33 4.82 -0.47
N LYS A 39 5.03 4.48 0.60
CA LYS A 39 6.38 3.94 0.48
C LYS A 39 6.32 2.43 0.34
N VAL A 40 7.18 1.90 -0.52
CA VAL A 40 7.22 0.46 -0.74
C VAL A 40 8.66 -0.03 -0.86
N ARG A 41 9.58 0.75 -0.30
CA ARG A 41 10.99 0.39 -0.33
C ARG A 41 11.29 -0.62 0.76
N GLN A 42 10.64 -0.46 1.91
CA GLN A 42 10.84 -1.36 3.03
C GLN A 42 9.97 -2.59 2.89
N LEU A 43 8.72 -2.39 2.47
CA LEU A 43 7.79 -3.49 2.30
C LEU A 43 8.37 -4.51 1.32
N SER A 44 9.13 -4.02 0.35
CA SER A 44 9.75 -4.90 -0.63
C SER A 44 10.94 -5.62 -0.03
N LYS A 45 11.77 -4.88 0.72
CA LYS A 45 12.94 -5.46 1.35
C LYS A 45 12.55 -6.58 2.30
N LEU A 46 11.30 -6.58 2.73
CA LEU A 46 10.81 -7.62 3.65
C LEU A 46 10.84 -8.98 2.98
N LEU A 47 10.58 -9.01 1.67
CA LEU A 47 10.58 -10.27 0.93
C LEU A 47 11.97 -10.91 0.98
N ARG A 48 12.99 -10.10 0.69
CA ARG A 48 14.36 -10.60 0.69
C ARG A 48 14.60 -11.52 1.89
N GLY A 49 14.80 -12.80 1.61
CA GLY A 49 15.03 -13.77 2.67
C GLY A 49 13.82 -14.68 2.83
N THR A 50 13.01 -14.75 1.77
CA THR A 50 11.81 -15.57 1.78
C THR A 50 11.81 -16.52 0.59
N LYS A 51 10.88 -17.46 0.58
CA LYS A 51 10.82 -18.43 -0.50
C LYS A 51 9.39 -18.91 -0.74
N ALA A 52 8.88 -19.74 0.17
CA ALA A 52 7.52 -20.27 0.02
C ALA A 52 6.53 -19.14 -0.16
N LEU A 53 5.26 -19.50 -0.35
CA LEU A 53 4.21 -18.51 -0.54
C LEU A 53 3.32 -18.45 0.68
N THR A 54 3.67 -19.25 1.68
CA THR A 54 2.91 -19.29 2.90
C THR A 54 3.84 -19.13 4.09
N GLU A 55 5.00 -18.52 3.84
CA GLU A 55 5.96 -18.31 4.92
C GLU A 55 5.68 -16.97 5.59
N VAL A 56 5.25 -17.03 6.86
CA VAL A 56 4.93 -15.82 7.61
C VAL A 56 6.15 -14.91 7.73
N ILE A 57 5.93 -13.62 7.48
CA ILE A 57 6.98 -12.63 7.56
C ILE A 57 6.58 -11.51 8.51
N PRO A 58 7.30 -11.27 9.60
CA PRO A 58 6.93 -10.19 10.55
C PRO A 58 7.29 -8.81 9.98
N LEU A 59 6.32 -7.91 9.99
CA LEU A 59 6.55 -6.57 9.47
C LEU A 59 7.43 -5.76 10.42
N THR A 60 8.56 -5.29 9.91
CA THR A 60 9.46 -4.50 10.74
C THR A 60 8.78 -3.19 11.11
N GLU A 61 9.08 -2.68 12.30
CA GLU A 61 8.47 -1.43 12.77
C GLU A 61 8.29 -0.44 11.61
N GLU A 62 9.30 -0.36 10.74
CA GLU A 62 9.24 0.57 9.61
C GLU A 62 8.37 0.03 8.47
N ALA A 63 8.21 -1.28 8.40
CA ALA A 63 7.42 -1.87 7.34
C ALA A 63 5.95 -1.76 7.71
N GLU A 64 5.66 -1.96 8.98
CA GLU A 64 4.30 -1.86 9.44
C GLU A 64 3.93 -0.38 9.56
N LEU A 65 4.94 0.47 9.63
CA LEU A 65 4.73 1.90 9.71
C LEU A 65 4.12 2.42 8.42
N GLU A 66 4.74 2.05 7.30
CA GLU A 66 4.24 2.48 5.99
C GLU A 66 2.85 1.91 5.76
N LEU A 67 2.73 0.59 5.87
CA LEU A 67 1.45 -0.07 5.69
C LEU A 67 0.34 0.71 6.39
N ALA A 68 0.57 1.01 7.66
CA ALA A 68 -0.42 1.76 8.43
C ALA A 68 -0.70 3.12 7.79
N GLU A 69 0.35 3.93 7.69
CA GLU A 69 0.22 5.25 7.10
C GLU A 69 -0.47 5.17 5.73
N ASN A 70 -0.33 4.01 5.07
CA ASN A 70 -0.95 3.83 3.77
C ASN A 70 -2.44 3.59 3.91
N ARG A 71 -2.78 2.54 4.62
CA ARG A 71 -4.19 2.19 4.84
C ARG A 71 -5.00 3.45 5.12
N GLU A 72 -4.35 4.47 5.65
CA GLU A 72 -5.02 5.72 5.97
C GLU A 72 -5.06 6.64 4.75
N ILE A 73 -3.93 6.78 4.08
CA ILE A 73 -3.85 7.64 2.91
C ILE A 73 -4.96 7.32 1.91
N LEU A 74 -5.13 6.04 1.61
CA LEU A 74 -6.14 5.62 0.64
C LEU A 74 -7.49 6.27 0.95
N LYS A 75 -7.59 6.92 2.11
CA LYS A 75 -8.83 7.58 2.49
C LYS A 75 -8.76 9.08 2.19
N GLU A 76 -8.09 9.42 1.09
CA GLU A 76 -7.96 10.83 0.69
C GLU A 76 -8.37 11.00 -0.76
N PRO A 77 -8.78 12.19 -1.15
CA PRO A 77 -9.20 12.48 -2.55
C PRO A 77 -8.01 12.59 -3.49
N VAL A 78 -8.02 11.76 -4.54
CA VAL A 78 -6.93 11.77 -5.51
C VAL A 78 -7.46 12.10 -6.90
N HIS A 79 -8.78 11.99 -7.07
CA HIS A 79 -9.40 12.29 -8.35
C HIS A 79 -9.55 13.79 -8.54
N GLY A 80 -10.39 14.42 -7.73
CA GLY A 80 -10.61 15.86 -7.82
C GLY A 80 -11.11 16.43 -6.49
N VAL A 81 -12.38 16.85 -6.48
CA VAL A 81 -12.98 17.42 -5.27
C VAL A 81 -11.96 18.24 -4.49
N TYR A 82 -12.03 18.15 -3.16
CA TYR A 82 -11.10 18.88 -2.30
C TYR A 82 -11.26 18.46 -0.85
N LEU A 83 -12.40 18.79 -0.27
CA LEU A 83 -12.66 18.43 1.12
C LEU A 83 -11.88 19.34 2.06
N GLU A 84 -10.57 19.44 1.84
CA GLU A 84 -9.72 20.28 2.68
C GLU A 84 -9.85 19.89 4.14
N HIS A 85 -8.83 19.22 4.67
CA HIS A 85 -8.83 18.79 6.06
C HIS A 85 -7.48 18.22 6.45
N HIS A 86 -7.40 17.67 7.66
CA HIS A 86 -6.16 17.08 8.13
C HIS A 86 -6.20 15.56 8.02
N HIS A 87 -5.34 14.88 8.78
CA HIS A 87 -5.28 13.43 8.76
C HIS A 87 -5.43 12.85 10.16
N HIS A 88 -5.60 11.54 10.25
CA HIS A 88 -5.75 10.88 11.54
C HIS A 88 -4.97 9.58 11.58
N HIS A 89 -4.93 8.95 12.74
CA HIS A 89 -4.20 7.69 12.90
C HIS A 89 -5.16 6.51 12.85
N HIS A 90 -4.82 5.52 12.03
CA HIS A 90 -5.65 4.33 11.90
C HIS A 90 -4.92 3.25 11.11
N ASP A 1 -18.35 14.18 -10.56
CA ASP A 1 -19.12 14.55 -11.79
C ASP A 1 -18.19 14.50 -13.00
N LYS A 2 -17.19 13.63 -12.93
CA LYS A 2 -16.24 13.48 -14.03
C LYS A 2 -15.67 12.08 -14.04
N TRP A 3 -14.97 11.72 -12.95
CA TRP A 3 -14.38 10.40 -12.83
C TRP A 3 -13.78 10.22 -11.46
N THR A 4 -13.26 9.03 -11.20
CA THR A 4 -12.66 8.75 -9.90
C THR A 4 -11.87 7.45 -9.93
N VAL A 5 -11.04 7.25 -8.91
CA VAL A 5 -10.23 6.05 -8.81
C VAL A 5 -10.89 5.03 -7.89
N GLN A 6 -11.24 3.88 -8.46
CA GLN A 6 -11.88 2.82 -7.68
C GLN A 6 -11.26 2.70 -6.29
N PRO A 7 -11.96 2.16 -5.33
CA PRO A 7 -11.44 2.01 -3.95
C PRO A 7 -10.34 0.96 -3.85
N ILE A 8 -9.50 1.09 -2.82
CA ILE A 8 -8.41 0.14 -2.62
C ILE A 8 -8.45 -0.43 -1.20
N VAL A 9 -8.58 -1.75 -1.10
CA VAL A 9 -8.64 -2.41 0.20
C VAL A 9 -7.26 -2.89 0.64
N LEU A 10 -6.96 -2.72 1.92
CA LEU A 10 -5.67 -3.14 2.47
C LEU A 10 -5.88 -3.87 3.81
N PRO A 11 -6.05 -5.17 3.80
CA PRO A 11 -6.27 -5.95 5.05
C PRO A 11 -5.22 -5.63 6.13
N GLU A 12 -5.46 -6.11 7.34
CA GLU A 12 -4.55 -5.86 8.46
C GLU A 12 -4.46 -7.08 9.37
N LYS A 13 -3.29 -7.71 9.39
CA LYS A 13 -3.08 -8.89 10.22
C LYS A 13 -1.62 -8.99 10.65
N ASP A 14 -1.29 -10.02 11.42
CA ASP A 14 0.08 -10.23 11.90
C ASP A 14 0.59 -11.61 11.48
N SER A 15 0.55 -11.87 10.18
CA SER A 15 1.02 -13.15 9.64
C SER A 15 1.04 -13.06 8.13
N TRP A 16 1.78 -12.09 7.62
CA TRP A 16 1.88 -11.88 6.19
C TRP A 16 2.88 -12.83 5.55
N THR A 17 2.39 -13.72 4.70
CA THR A 17 3.25 -14.67 4.03
C THR A 17 3.83 -14.06 2.76
N VAL A 18 4.92 -14.62 2.27
CA VAL A 18 5.54 -14.14 1.04
C VAL A 18 4.43 -13.91 0.03
N ASN A 19 3.53 -14.88 -0.04
CA ASN A 19 2.39 -14.81 -0.94
C ASN A 19 1.52 -13.61 -0.59
N ASP A 20 1.43 -13.31 0.70
CA ASP A 20 0.63 -12.20 1.18
C ASP A 20 1.37 -10.88 1.02
N ILE A 21 2.70 -10.93 1.13
CA ILE A 21 3.51 -9.74 0.97
C ILE A 21 3.59 -9.39 -0.51
N GLN A 22 3.74 -10.44 -1.29
CA GLN A 22 3.83 -10.29 -2.74
C GLN A 22 2.60 -9.57 -3.28
N LYS A 23 1.43 -10.10 -2.97
CA LYS A 23 0.18 -9.48 -3.42
C LYS A 23 0.08 -8.07 -2.88
N LEU A 24 0.54 -7.86 -1.65
CA LEU A 24 0.49 -6.55 -1.02
C LEU A 24 1.39 -5.56 -1.75
N VAL A 25 2.70 -5.82 -1.72
CA VAL A 25 3.66 -4.96 -2.38
C VAL A 25 3.11 -4.51 -3.73
N GLY A 26 2.36 -5.40 -4.37
CA GLY A 26 1.76 -5.08 -5.67
C GLY A 26 0.65 -4.06 -5.51
N LYS A 27 -0.15 -4.22 -4.46
CA LYS A 27 -1.24 -3.30 -4.19
C LYS A 27 -0.70 -1.91 -3.87
N LEU A 28 0.20 -1.85 -2.89
CA LEU A 28 0.79 -0.58 -2.49
C LEU A 28 1.42 0.10 -3.70
N ASN A 29 2.13 -0.67 -4.50
CA ASN A 29 2.75 -0.13 -5.70
C ASN A 29 1.74 0.65 -6.53
N TRP A 30 0.69 -0.05 -6.95
CA TRP A 30 -0.36 0.59 -7.74
C TRP A 30 -0.99 1.75 -6.97
N ALA A 31 -1.37 1.48 -5.72
CA ALA A 31 -1.98 2.52 -4.89
C ALA A 31 -1.10 3.76 -4.88
N SER A 32 0.21 3.56 -4.76
CA SER A 32 1.15 4.67 -4.75
C SER A 32 0.87 5.59 -5.92
N GLN A 33 0.74 5.02 -7.11
CA GLN A 33 0.45 5.80 -8.30
C GLN A 33 -0.96 6.37 -8.22
N ILE A 34 -1.65 6.04 -7.13
CA ILE A 34 -3.02 6.50 -6.93
C ILE A 34 -3.16 7.14 -5.55
N TYR A 35 -2.05 7.29 -4.85
CA TYR A 35 -2.08 7.85 -3.53
C TYR A 35 -0.68 8.33 -3.12
N PRO A 36 -0.47 9.61 -2.89
CA PRO A 36 0.86 10.15 -2.52
C PRO A 36 1.16 10.02 -1.03
N GLY A 37 2.36 9.55 -0.72
CA GLY A 37 2.79 9.40 0.66
C GLY A 37 3.00 7.95 1.03
N ILE A 38 2.32 7.06 0.31
CA ILE A 38 2.44 5.63 0.55
C ILE A 38 3.74 5.10 -0.04
N LYS A 39 4.56 4.48 0.80
CA LYS A 39 5.82 3.92 0.34
C LYS A 39 5.67 2.42 0.12
N VAL A 40 6.73 1.82 -0.41
CA VAL A 40 6.72 0.39 -0.69
C VAL A 40 8.14 -0.13 -0.72
N ARG A 41 9.05 0.64 -0.12
CA ARG A 41 10.46 0.27 -0.08
C ARG A 41 10.73 -0.71 1.06
N GLN A 42 9.99 -0.57 2.15
CA GLN A 42 10.16 -1.45 3.29
C GLN A 42 9.33 -2.71 3.12
N LEU A 43 8.25 -2.62 2.35
CA LEU A 43 7.38 -3.75 2.12
C LEU A 43 7.99 -4.71 1.11
N SER A 44 8.54 -4.15 0.05
CA SER A 44 9.17 -4.95 -0.99
C SER A 44 10.43 -5.64 -0.46
N LYS A 45 11.32 -4.85 0.14
CA LYS A 45 12.55 -5.41 0.68
C LYS A 45 12.24 -6.52 1.68
N LEU A 46 11.20 -6.33 2.47
CA LEU A 46 10.81 -7.33 3.45
C LEU A 46 10.75 -8.71 2.81
N LEU A 47 10.50 -8.75 1.51
CA LEU A 47 10.41 -10.01 0.79
C LEU A 47 11.78 -10.69 0.72
N ARG A 48 12.84 -9.87 0.60
CA ARG A 48 14.19 -10.41 0.51
C ARG A 48 14.54 -11.19 1.77
N GLY A 49 13.97 -12.39 1.89
CA GLY A 49 14.22 -13.24 3.05
C GLY A 49 13.84 -14.68 2.76
N THR A 50 12.59 -14.88 2.32
CA THR A 50 12.11 -16.22 2.00
C THR A 50 11.32 -16.17 0.69
N LYS A 51 11.26 -17.32 0.01
CA LYS A 51 10.55 -17.40 -1.26
C LYS A 51 9.27 -18.24 -1.12
N ALA A 52 9.26 -19.17 -0.18
CA ALA A 52 8.09 -20.03 0.01
C ALA A 52 6.85 -19.17 0.18
N LEU A 53 5.80 -19.49 -0.56
CA LEU A 53 4.54 -18.74 -0.51
C LEU A 53 3.73 -19.11 0.72
N THR A 54 4.39 -19.76 1.65
CA THR A 54 3.76 -20.18 2.89
C THR A 54 4.62 -19.74 4.07
N GLU A 55 5.60 -18.88 3.81
CA GLU A 55 6.48 -18.42 4.87
C GLU A 55 5.97 -17.11 5.47
N VAL A 56 5.55 -17.18 6.73
CA VAL A 56 5.05 -16.01 7.45
C VAL A 56 6.17 -15.02 7.73
N ILE A 57 6.15 -13.87 7.06
CA ILE A 57 7.18 -12.86 7.26
C ILE A 57 6.64 -11.70 8.10
N PRO A 58 7.19 -11.42 9.26
CA PRO A 58 6.71 -10.30 10.12
C PRO A 58 7.17 -8.94 9.60
N LEU A 59 6.34 -7.92 9.80
CA LEU A 59 6.67 -6.59 9.34
C LEU A 59 7.54 -5.86 10.36
N THR A 60 8.66 -5.32 9.89
CA THR A 60 9.56 -4.58 10.77
C THR A 60 8.89 -3.31 11.26
N GLU A 61 9.30 -2.83 12.42
CA GLU A 61 8.72 -1.60 12.97
C GLU A 61 8.50 -0.56 11.88
N GLU A 62 9.47 -0.45 10.99
CA GLU A 62 9.40 0.52 9.89
C GLU A 62 8.46 0.06 8.77
N ALA A 63 8.16 -1.24 8.72
CA ALA A 63 7.28 -1.76 7.69
C ALA A 63 5.84 -1.70 8.16
N GLU A 64 5.62 -2.06 9.42
CA GLU A 64 4.28 -2.01 9.95
C GLU A 64 3.87 -0.55 10.12
N LEU A 65 4.88 0.30 10.27
CA LEU A 65 4.67 1.73 10.41
C LEU A 65 4.25 2.32 9.07
N GLU A 66 4.96 1.92 8.02
CA GLU A 66 4.67 2.39 6.68
C GLU A 66 3.29 1.94 6.24
N LEU A 67 3.08 0.63 6.20
CA LEU A 67 1.80 0.08 5.81
C LEU A 67 0.68 0.86 6.48
N ALA A 68 0.85 1.12 7.78
CA ALA A 68 -0.14 1.87 8.53
C ALA A 68 -0.42 3.20 7.85
N GLU A 69 0.63 3.98 7.64
CA GLU A 69 0.49 5.28 7.00
C GLU A 69 -0.05 5.13 5.59
N ASN A 70 0.22 3.98 4.96
CA ASN A 70 -0.26 3.74 3.61
C ASN A 70 -1.78 3.59 3.59
N ARG A 71 -2.26 2.57 4.31
CA ARG A 71 -3.69 2.32 4.37
C ARG A 71 -4.45 3.60 4.74
N GLU A 72 -3.74 4.51 5.40
CA GLU A 72 -4.34 5.77 5.82
C GLU A 72 -4.47 6.76 4.66
N ILE A 73 -3.50 6.77 3.75
CA ILE A 73 -3.55 7.70 2.62
C ILE A 73 -4.62 7.28 1.62
N LEU A 74 -4.84 5.98 1.46
CA LEU A 74 -5.85 5.50 0.51
C LEU A 74 -7.21 6.14 0.80
N LYS A 75 -7.31 6.86 1.90
CA LYS A 75 -8.56 7.50 2.27
C LYS A 75 -8.62 8.93 1.72
N GLU A 76 -7.72 9.25 0.81
CA GLU A 76 -7.69 10.58 0.21
C GLU A 76 -8.61 10.64 -1.01
N PRO A 77 -9.07 11.81 -1.39
CA PRO A 77 -9.98 11.97 -2.56
C PRO A 77 -9.25 11.80 -3.90
N VAL A 78 -7.93 11.83 -3.85
CA VAL A 78 -7.13 11.68 -5.07
C VAL A 78 -7.52 12.73 -6.11
N HIS A 79 -8.51 12.42 -6.93
CA HIS A 79 -8.96 13.34 -7.96
C HIS A 79 -7.97 13.38 -9.12
N GLY A 80 -8.47 13.73 -10.30
CA GLY A 80 -7.60 13.80 -11.48
C GLY A 80 -8.44 13.74 -12.76
N VAL A 81 -9.15 14.83 -13.05
CA VAL A 81 -9.98 14.88 -14.25
C VAL A 81 -9.27 14.25 -15.43
N TYR A 82 -9.92 13.28 -16.06
CA TYR A 82 -9.34 12.60 -17.21
C TYR A 82 -7.90 12.20 -16.93
N LEU A 83 -7.24 11.63 -17.93
CA LEU A 83 -5.86 11.20 -17.77
C LEU A 83 -5.27 10.81 -19.13
N GLU A 84 -6.13 10.53 -20.09
CA GLU A 84 -5.69 10.15 -21.43
C GLU A 84 -6.87 10.11 -22.40
N HIS A 85 -7.75 9.14 -22.20
CA HIS A 85 -8.92 9.00 -23.07
C HIS A 85 -9.78 7.83 -22.61
N HIS A 86 -10.93 8.15 -22.01
CA HIS A 86 -11.84 7.13 -21.53
C HIS A 86 -13.19 7.73 -21.14
N HIS A 87 -14.01 6.94 -20.46
CA HIS A 87 -15.33 7.41 -20.05
C HIS A 87 -15.90 6.52 -18.96
N HIS A 88 -15.97 7.03 -17.73
CA HIS A 88 -16.49 6.26 -16.62
C HIS A 88 -17.86 5.69 -16.96
N HIS A 89 -18.77 6.55 -17.43
CA HIS A 89 -20.11 6.12 -17.79
C HIS A 89 -20.90 5.72 -16.55
N HIS A 90 -20.61 6.38 -15.44
CA HIS A 90 -21.30 6.08 -14.19
C HIS A 90 -20.91 7.09 -13.11
N ASP A 1 -15.48 15.26 -15.64
CA ASP A 1 -14.50 14.20 -16.04
C ASP A 1 -13.09 14.77 -15.96
N LYS A 2 -12.17 14.01 -15.37
CA LYS A 2 -10.79 14.44 -15.23
C LYS A 2 -9.93 13.31 -14.68
N TRP A 3 -10.37 12.75 -13.57
CA TRP A 3 -9.63 11.66 -12.94
C TRP A 3 -10.43 11.07 -11.78
N THR A 4 -10.21 9.79 -11.50
CA THR A 4 -10.93 9.13 -10.41
C THR A 4 -10.23 7.82 -10.03
N VAL A 5 -10.59 7.28 -8.88
CA VAL A 5 -10.00 6.04 -8.41
C VAL A 5 -11.05 5.16 -7.76
N GLN A 6 -10.80 3.85 -7.75
CA GLN A 6 -11.75 2.91 -7.15
C GLN A 6 -11.29 2.52 -5.74
N PRO A 7 -12.19 2.02 -4.93
CA PRO A 7 -11.88 1.61 -3.54
C PRO A 7 -10.54 0.89 -3.44
N ILE A 8 -9.71 1.34 -2.49
CA ILE A 8 -8.39 0.73 -2.29
C ILE A 8 -8.22 0.34 -0.83
N VAL A 9 -8.36 -0.95 -0.54
CA VAL A 9 -8.22 -1.44 0.83
C VAL A 9 -7.48 -2.77 0.85
N LEU A 10 -6.91 -3.11 2.01
CA LEU A 10 -6.18 -4.37 2.15
C LEU A 10 -6.52 -5.03 3.48
N PRO A 11 -6.23 -6.31 3.61
CA PRO A 11 -6.51 -7.07 4.87
C PRO A 11 -5.59 -6.65 6.02
N GLU A 12 -5.59 -7.44 7.08
CA GLU A 12 -4.76 -7.14 8.24
C GLU A 12 -4.66 -8.36 9.16
N LYS A 13 -3.49 -9.00 9.15
CA LYS A 13 -3.26 -10.18 9.99
C LYS A 13 -1.80 -10.29 10.39
N ASP A 14 -1.55 -10.80 11.59
CA ASP A 14 -0.18 -10.96 12.08
C ASP A 14 0.44 -12.24 11.52
N SER A 15 0.14 -12.52 10.25
CA SER A 15 0.68 -13.70 9.60
C SER A 15 0.81 -13.42 8.11
N TRP A 16 1.67 -12.46 7.79
CA TRP A 16 1.87 -12.04 6.42
C TRP A 16 2.81 -13.00 5.69
N THR A 17 2.26 -13.78 4.77
CA THR A 17 3.05 -14.74 4.00
C THR A 17 3.60 -14.09 2.74
N VAL A 18 4.75 -14.60 2.30
CA VAL A 18 5.40 -14.12 1.09
C VAL A 18 4.36 -13.92 0.00
N ASN A 19 3.45 -14.87 -0.13
CA ASN A 19 2.40 -14.78 -1.14
C ASN A 19 1.47 -13.59 -0.85
N ASP A 20 1.23 -13.34 0.44
CA ASP A 20 0.35 -12.24 0.84
C ASP A 20 1.06 -10.91 0.71
N ILE A 21 2.37 -10.89 0.92
CA ILE A 21 3.13 -9.66 0.80
C ILE A 21 3.35 -9.38 -0.67
N GLN A 22 3.79 -10.41 -1.38
CA GLN A 22 4.05 -10.30 -2.79
C GLN A 22 2.92 -9.54 -3.48
N LYS A 23 1.70 -10.07 -3.37
CA LYS A 23 0.54 -9.43 -3.98
C LYS A 23 0.32 -8.05 -3.37
N LEU A 24 0.60 -7.91 -2.08
CA LEU A 24 0.41 -6.63 -1.41
C LEU A 24 1.32 -5.58 -2.05
N VAL A 25 2.62 -5.83 -2.05
CA VAL A 25 3.57 -4.90 -2.64
C VAL A 25 3.03 -4.44 -3.98
N GLY A 26 2.32 -5.33 -4.65
CA GLY A 26 1.74 -5.02 -5.95
C GLY A 26 0.62 -4.00 -5.79
N LYS A 27 -0.13 -4.12 -4.70
CA LYS A 27 -1.23 -3.20 -4.43
C LYS A 27 -0.69 -1.82 -4.05
N LEU A 28 0.22 -1.78 -3.08
CA LEU A 28 0.80 -0.52 -2.65
C LEU A 28 1.51 0.15 -3.82
N ASN A 29 2.15 -0.65 -4.65
CA ASN A 29 2.86 -0.12 -5.80
C ASN A 29 1.91 0.71 -6.67
N TRP A 30 0.88 0.03 -7.17
CA TRP A 30 -0.12 0.71 -8.01
C TRP A 30 -0.82 1.82 -7.22
N ALA A 31 -1.19 1.51 -5.99
CA ALA A 31 -1.85 2.51 -5.14
C ALA A 31 -1.00 3.76 -5.05
N SER A 32 0.31 3.58 -4.85
CA SER A 32 1.22 4.71 -4.77
C SER A 32 0.99 5.65 -5.94
N GLN A 33 0.95 5.09 -7.14
CA GLN A 33 0.71 5.91 -8.33
C GLN A 33 -0.69 6.50 -8.28
N ILE A 34 -1.40 6.17 -7.21
CA ILE A 34 -2.77 6.66 -7.02
C ILE A 34 -2.92 7.30 -5.65
N TYR A 35 -1.81 7.40 -4.92
CA TYR A 35 -1.87 7.99 -3.60
C TYR A 35 -0.46 8.41 -3.16
N PRO A 36 -0.21 9.67 -2.93
CA PRO A 36 1.14 10.16 -2.53
C PRO A 36 1.39 10.05 -1.02
N GLY A 37 2.59 9.61 -0.69
CA GLY A 37 3.00 9.48 0.71
C GLY A 37 3.18 8.01 1.09
N ILE A 38 2.59 7.12 0.30
CA ILE A 38 2.70 5.69 0.55
C ILE A 38 4.00 5.15 -0.02
N LYS A 39 4.76 4.44 0.80
CA LYS A 39 6.02 3.86 0.37
C LYS A 39 5.89 2.35 0.23
N VAL A 40 6.92 1.73 -0.33
CA VAL A 40 6.91 0.29 -0.52
C VAL A 40 8.35 -0.22 -0.59
N ARG A 41 9.27 0.59 -0.09
CA ARG A 41 10.68 0.24 -0.09
C ARG A 41 10.98 -0.74 1.05
N GLN A 42 10.27 -0.56 2.16
CA GLN A 42 10.46 -1.43 3.32
C GLN A 42 9.64 -2.71 3.18
N LEU A 43 8.41 -2.57 2.68
CA LEU A 43 7.54 -3.73 2.50
C LEU A 43 8.16 -4.68 1.48
N SER A 44 8.91 -4.12 0.54
CA SER A 44 9.56 -4.94 -0.48
C SER A 44 10.71 -5.73 0.16
N LYS A 45 11.40 -5.09 1.09
CA LYS A 45 12.52 -5.73 1.78
C LYS A 45 12.05 -6.98 2.53
N LEU A 46 10.86 -6.89 3.11
CA LEU A 46 10.32 -8.03 3.86
C LEU A 46 10.42 -9.31 3.02
N LEU A 47 10.35 -9.16 1.71
CA LEU A 47 10.42 -10.31 0.82
C LEU A 47 11.85 -10.85 0.70
N ARG A 48 12.81 -9.96 0.42
CA ARG A 48 14.20 -10.35 0.26
C ARG A 48 14.55 -11.54 1.15
N GLY A 49 14.17 -11.45 2.42
CA GLY A 49 14.44 -12.53 3.36
C GLY A 49 13.20 -13.39 3.56
N THR A 50 12.90 -14.22 2.57
CA THR A 50 11.72 -15.07 2.65
C THR A 50 12.00 -16.47 2.10
N LYS A 51 10.96 -17.31 2.11
CA LYS A 51 11.10 -18.67 1.61
C LYS A 51 9.82 -19.14 0.91
N ALA A 52 9.20 -20.18 1.46
CA ALA A 52 7.98 -20.75 0.89
C ALA A 52 6.92 -19.67 0.77
N LEU A 53 6.16 -19.73 -0.32
CA LEU A 53 5.11 -18.73 -0.55
C LEU A 53 4.21 -18.56 0.67
N THR A 54 4.14 -19.58 1.50
CA THR A 54 3.30 -19.52 2.69
C THR A 54 4.16 -19.29 3.92
N GLU A 55 5.35 -18.72 3.73
CA GLU A 55 6.22 -18.46 4.86
C GLU A 55 5.86 -17.13 5.51
N VAL A 56 5.40 -17.19 6.76
CA VAL A 56 5.01 -16.00 7.48
C VAL A 56 6.19 -15.04 7.60
N ILE A 57 5.92 -13.76 7.39
CA ILE A 57 6.96 -12.73 7.48
C ILE A 57 6.50 -11.61 8.42
N PRO A 58 7.26 -11.28 9.46
CA PRO A 58 6.86 -10.20 10.40
C PRO A 58 7.14 -8.81 9.82
N LEU A 59 6.30 -7.84 10.18
CA LEU A 59 6.46 -6.49 9.67
C LEU A 59 7.48 -5.72 10.49
N THR A 60 8.56 -5.30 9.84
CA THR A 60 9.60 -4.54 10.53
C THR A 60 9.04 -3.19 10.95
N GLU A 61 9.50 -2.68 12.08
CA GLU A 61 9.03 -1.39 12.58
C GLU A 61 8.78 -0.41 11.44
N GLU A 62 9.73 -0.32 10.51
CA GLU A 62 9.62 0.58 9.38
C GLU A 62 8.68 0.03 8.30
N ALA A 63 8.42 -1.26 8.32
CA ALA A 63 7.53 -1.85 7.33
C ALA A 63 6.10 -1.72 7.78
N GLU A 64 5.88 -1.91 9.07
CA GLU A 64 4.54 -1.79 9.61
C GLU A 64 4.19 -0.31 9.69
N LEU A 65 5.23 0.53 9.70
CA LEU A 65 5.04 1.96 9.75
C LEU A 65 4.50 2.48 8.42
N GLU A 66 5.11 2.04 7.33
CA GLU A 66 4.67 2.46 6.00
C GLU A 66 3.23 2.04 5.76
N LEU A 67 2.97 0.73 5.84
CA LEU A 67 1.63 0.21 5.64
C LEU A 67 0.62 1.10 6.34
N ALA A 68 0.81 1.28 7.64
CA ALA A 68 -0.09 2.10 8.42
C ALA A 68 -0.34 3.44 7.74
N GLU A 69 0.74 4.17 7.49
CA GLU A 69 0.65 5.47 6.84
C GLU A 69 -0.04 5.37 5.49
N ASN A 70 0.22 4.28 4.77
CA ASN A 70 -0.40 4.09 3.45
C ASN A 70 -1.90 3.90 3.59
N ARG A 71 -2.29 2.85 4.29
CA ARG A 71 -3.70 2.56 4.50
C ARG A 71 -4.45 3.82 4.92
N GLU A 72 -3.73 4.78 5.49
CA GLU A 72 -4.33 6.03 5.93
C GLU A 72 -4.44 7.04 4.79
N ILE A 73 -3.48 6.99 3.88
CA ILE A 73 -3.47 7.93 2.76
C ILE A 73 -4.56 7.56 1.74
N LEU A 74 -4.79 6.27 1.56
CA LEU A 74 -5.81 5.83 0.60
C LEU A 74 -7.14 6.54 0.84
N LYS A 75 -7.22 7.27 1.95
CA LYS A 75 -8.44 8.00 2.29
C LYS A 75 -8.29 9.50 2.00
N GLU A 76 -7.56 9.82 0.93
CA GLU A 76 -7.34 11.21 0.55
C GLU A 76 -8.03 11.52 -0.78
N PRO A 77 -8.34 12.76 -1.04
CA PRO A 77 -9.00 13.18 -2.32
C PRO A 77 -8.06 13.12 -3.50
N VAL A 78 -8.27 12.15 -4.38
CA VAL A 78 -7.42 11.98 -5.55
C VAL A 78 -8.12 12.53 -6.79
N HIS A 79 -9.44 12.38 -6.84
CA HIS A 79 -10.21 12.86 -7.98
C HIS A 79 -9.72 14.23 -8.43
N GLY A 80 -9.52 14.39 -9.73
CA GLY A 80 -9.05 15.65 -10.28
C GLY A 80 -7.58 15.55 -10.68
N VAL A 81 -6.96 16.70 -10.94
CA VAL A 81 -5.56 16.73 -11.33
C VAL A 81 -4.68 16.20 -10.21
N TYR A 82 -3.39 16.00 -10.53
CA TYR A 82 -2.45 15.49 -9.55
C TYR A 82 -1.35 16.52 -9.27
N LEU A 83 -0.37 16.12 -8.47
CA LEU A 83 0.73 17.00 -8.11
C LEU A 83 0.19 18.31 -7.55
N GLU A 84 -0.12 18.29 -6.25
CA GLU A 84 -0.65 19.49 -5.59
C GLU A 84 0.44 20.17 -4.77
N HIS A 85 0.91 19.48 -3.74
CA HIS A 85 1.96 20.03 -2.88
C HIS A 85 2.69 18.92 -2.14
N HIS A 86 3.97 18.74 -2.45
CA HIS A 86 4.76 17.71 -1.81
C HIS A 86 6.20 18.18 -1.61
N HIS A 87 6.70 18.05 -0.38
CA HIS A 87 8.06 18.47 -0.09
C HIS A 87 8.57 17.78 1.18
N HIS A 88 8.06 18.21 2.32
CA HIS A 88 8.47 17.63 3.60
C HIS A 88 9.99 17.57 3.70
N HIS A 89 10.49 16.70 4.57
CA HIS A 89 11.92 16.55 4.75
C HIS A 89 12.29 15.10 5.07
N HIS A 90 11.26 14.27 5.25
CA HIS A 90 11.48 12.86 5.56
C HIS A 90 12.09 12.70 6.95
N ASP A 1 -10.55 17.68 -13.23
CA ASP A 1 -11.30 16.89 -12.21
C ASP A 1 -12.28 15.95 -12.91
N LYS A 2 -12.76 14.96 -12.18
CA LYS A 2 -13.70 14.00 -12.74
C LYS A 2 -14.59 13.45 -11.63
N TRP A 3 -14.01 12.58 -10.80
CA TRP A 3 -14.76 12.00 -9.70
C TRP A 3 -13.80 11.49 -8.62
N THR A 4 -13.59 10.18 -8.60
CA THR A 4 -12.71 9.57 -7.61
C THR A 4 -12.34 8.15 -8.03
N VAL A 5 -11.27 7.63 -7.45
CA VAL A 5 -10.83 6.27 -7.77
C VAL A 5 -11.76 5.24 -7.14
N GLN A 6 -11.30 3.99 -7.09
CA GLN A 6 -12.10 2.91 -6.52
C GLN A 6 -11.57 2.54 -5.13
N PRO A 7 -12.42 2.15 -4.20
CA PRO A 7 -11.99 1.76 -2.84
C PRO A 7 -10.71 0.92 -2.83
N ILE A 8 -9.65 1.47 -2.24
CA ILE A 8 -8.38 0.76 -2.15
C ILE A 8 -8.16 0.24 -0.74
N VAL A 9 -8.29 -1.07 -0.56
CA VAL A 9 -8.11 -1.68 0.75
C VAL A 9 -7.27 -2.95 0.65
N LEU A 10 -6.67 -3.35 1.76
CA LEU A 10 -5.84 -4.54 1.78
C LEU A 10 -6.10 -5.36 3.06
N PRO A 11 -5.65 -6.59 3.11
CA PRO A 11 -5.84 -7.47 4.30
C PRO A 11 -5.45 -6.76 5.60
N GLU A 12 -5.43 -7.53 6.69
CA GLU A 12 -5.06 -6.97 7.99
C GLU A 12 -4.96 -8.09 9.04
N LYS A 13 -3.82 -8.76 9.06
CA LYS A 13 -3.60 -9.85 10.01
C LYS A 13 -2.13 -9.98 10.37
N ASP A 14 -1.85 -10.69 11.46
CA ASP A 14 -0.48 -10.88 11.91
C ASP A 14 0.08 -12.21 11.38
N SER A 15 -0.15 -12.46 10.09
CA SER A 15 0.33 -13.67 9.46
C SER A 15 0.53 -13.41 7.98
N TRP A 16 1.39 -12.44 7.70
CA TRP A 16 1.66 -12.05 6.32
C TRP A 16 2.65 -13.01 5.66
N THR A 17 2.17 -13.80 4.70
CA THR A 17 3.03 -14.73 3.99
C THR A 17 3.64 -14.08 2.75
N VAL A 18 4.69 -14.69 2.22
CA VAL A 18 5.35 -14.17 1.03
C VAL A 18 4.33 -13.94 -0.08
N ASN A 19 3.42 -14.88 -0.23
CA ASN A 19 2.38 -14.77 -1.25
C ASN A 19 1.45 -13.59 -0.98
N ASP A 20 1.21 -13.32 0.29
CA ASP A 20 0.33 -12.22 0.68
C ASP A 20 1.03 -10.88 0.54
N ILE A 21 2.32 -10.85 0.85
CA ILE A 21 3.08 -9.61 0.73
C ILE A 21 3.35 -9.34 -0.73
N GLN A 22 3.80 -10.36 -1.42
CA GLN A 22 4.09 -10.26 -2.83
C GLN A 22 2.95 -9.53 -3.53
N LYS A 23 1.74 -10.07 -3.43
CA LYS A 23 0.58 -9.47 -4.05
C LYS A 23 0.30 -8.08 -3.47
N LEU A 24 0.56 -7.92 -2.17
CA LEU A 24 0.33 -6.63 -1.52
C LEU A 24 1.23 -5.56 -2.11
N VAL A 25 2.54 -5.71 -1.92
CA VAL A 25 3.48 -4.74 -2.45
C VAL A 25 3.07 -4.34 -3.85
N GLY A 26 2.56 -5.30 -4.59
CA GLY A 26 2.11 -5.04 -5.96
C GLY A 26 0.97 -4.03 -5.96
N LYS A 27 0.07 -4.17 -4.99
CA LYS A 27 -1.06 -3.26 -4.87
C LYS A 27 -0.56 -1.89 -4.41
N LEU A 28 0.16 -1.88 -3.30
CA LEU A 28 0.70 -0.65 -2.75
C LEU A 28 1.33 0.17 -3.85
N ASN A 29 2.25 -0.45 -4.55
CA ASN A 29 2.96 0.19 -5.66
C ASN A 29 1.95 0.85 -6.61
N TRP A 30 1.09 0.03 -7.18
CA TRP A 30 0.08 0.52 -8.11
C TRP A 30 -0.69 1.69 -7.49
N ALA A 31 -1.27 1.45 -6.32
CA ALA A 31 -2.02 2.48 -5.63
C ALA A 31 -1.14 3.71 -5.40
N SER A 32 0.16 3.47 -5.25
CA SER A 32 1.10 4.56 -5.04
C SER A 32 0.89 5.63 -6.10
N GLN A 33 0.83 5.19 -7.34
CA GLN A 33 0.61 6.13 -8.44
C GLN A 33 -0.76 6.76 -8.28
N ILE A 34 -1.55 6.20 -7.37
CA ILE A 34 -2.90 6.69 -7.11
C ILE A 34 -2.99 7.25 -5.70
N TYR A 35 -1.85 7.41 -5.05
CA TYR A 35 -1.82 7.90 -3.70
C TYR A 35 -0.39 8.28 -3.31
N PRO A 36 -0.12 9.51 -2.96
CA PRO A 36 1.25 9.94 -2.58
C PRO A 36 1.60 9.57 -1.15
N GLY A 37 2.88 9.70 -0.84
CA GLY A 37 3.37 9.37 0.49
C GLY A 37 3.41 7.85 0.65
N ILE A 38 3.13 7.15 -0.43
CA ILE A 38 3.11 5.70 -0.43
C ILE A 38 4.51 5.15 -0.68
N LYS A 39 4.95 4.24 0.19
CA LYS A 39 6.26 3.64 0.05
C LYS A 39 6.17 2.14 0.33
N VAL A 40 6.90 1.36 -0.45
CA VAL A 40 6.89 -0.09 -0.29
C VAL A 40 8.32 -0.61 -0.19
N ARG A 41 9.27 0.31 -0.21
CA ARG A 41 10.68 -0.05 -0.12
C ARG A 41 10.90 -0.92 1.12
N GLN A 42 10.14 -0.62 2.18
CA GLN A 42 10.24 -1.38 3.41
C GLN A 42 9.52 -2.72 3.27
N LEU A 43 8.30 -2.67 2.75
CA LEU A 43 7.52 -3.88 2.56
C LEU A 43 8.21 -4.77 1.54
N SER A 44 9.01 -4.16 0.68
CA SER A 44 9.73 -4.92 -0.34
C SER A 44 10.83 -5.72 0.33
N LYS A 45 11.63 -5.05 1.16
CA LYS A 45 12.71 -5.71 1.86
C LYS A 45 12.19 -6.93 2.61
N LEU A 46 10.99 -6.81 3.16
CA LEU A 46 10.39 -7.93 3.89
C LEU A 46 10.48 -9.20 3.07
N LEU A 47 10.46 -9.06 1.74
CA LEU A 47 10.51 -10.22 0.86
C LEU A 47 11.95 -10.73 0.68
N ARG A 48 12.90 -9.81 0.56
CA ARG A 48 14.30 -10.16 0.36
C ARG A 48 14.70 -11.39 1.18
N GLY A 49 14.15 -11.51 2.39
CA GLY A 49 14.48 -12.65 3.25
C GLY A 49 13.32 -13.63 3.32
N THR A 50 12.84 -14.05 2.16
CA THR A 50 11.72 -14.98 2.10
C THR A 50 11.89 -15.95 0.94
N LYS A 51 11.34 -17.16 1.08
CA LYS A 51 11.45 -18.18 0.05
C LYS A 51 10.09 -18.72 -0.38
N ALA A 52 9.53 -19.63 0.41
CA ALA A 52 8.25 -20.25 0.09
C ALA A 52 7.18 -19.19 -0.16
N LEU A 53 5.95 -19.64 -0.34
CA LEU A 53 4.83 -18.74 -0.58
C LEU A 53 3.92 -18.68 0.63
N THR A 54 4.19 -19.51 1.61
CA THR A 54 3.39 -19.55 2.81
C THR A 54 4.27 -19.28 4.03
N GLU A 55 5.38 -18.60 3.81
CA GLU A 55 6.28 -18.28 4.91
C GLU A 55 5.88 -16.95 5.54
N VAL A 56 5.44 -17.01 6.79
CA VAL A 56 5.02 -15.82 7.51
C VAL A 56 6.18 -14.83 7.65
N ILE A 57 5.89 -13.55 7.43
CA ILE A 57 6.90 -12.52 7.51
C ILE A 57 6.48 -11.42 8.52
N PRO A 58 7.28 -11.10 9.50
CA PRO A 58 6.93 -10.03 10.49
C PRO A 58 7.16 -8.63 9.91
N LEU A 59 6.20 -7.74 10.12
CA LEU A 59 6.32 -6.38 9.61
C LEU A 59 7.32 -5.57 10.43
N THR A 60 8.44 -5.21 9.80
CA THR A 60 9.46 -4.42 10.49
C THR A 60 8.86 -3.08 10.90
N GLU A 61 9.38 -2.52 11.99
CA GLU A 61 8.89 -1.23 12.47
C GLU A 61 8.68 -0.28 11.30
N GLU A 62 9.58 -0.33 10.33
CA GLU A 62 9.50 0.53 9.16
C GLU A 62 8.50 0.01 8.13
N ALA A 63 8.17 -1.28 8.20
CA ALA A 63 7.23 -1.87 7.27
C ALA A 63 5.83 -1.72 7.80
N GLU A 64 5.68 -1.83 9.10
CA GLU A 64 4.38 -1.68 9.71
C GLU A 64 4.05 -0.20 9.81
N LEU A 65 5.09 0.63 9.77
CA LEU A 65 4.93 2.07 9.82
C LEU A 65 4.38 2.58 8.50
N GLU A 66 4.98 2.12 7.40
CA GLU A 66 4.54 2.55 6.07
C GLU A 66 3.10 2.08 5.82
N LEU A 67 2.91 0.77 5.87
CA LEU A 67 1.59 0.20 5.65
C LEU A 67 0.55 1.02 6.40
N ALA A 68 0.79 1.26 7.67
CA ALA A 68 -0.14 2.04 8.49
C ALA A 68 -0.38 3.41 7.87
N GLU A 69 0.70 4.19 7.78
CA GLU A 69 0.61 5.53 7.21
C GLU A 69 -0.09 5.50 5.86
N ASN A 70 0.06 4.39 5.13
CA ASN A 70 -0.57 4.26 3.83
C ASN A 70 -2.07 4.07 3.98
N ARG A 71 -2.46 3.01 4.66
CA ARG A 71 -3.87 2.72 4.88
C ARG A 71 -4.62 4.00 5.22
N GLU A 72 -3.89 4.98 5.76
CA GLU A 72 -4.51 6.24 6.13
C GLU A 72 -4.62 7.18 4.93
N ILE A 73 -3.57 7.24 4.12
CA ILE A 73 -3.56 8.10 2.95
C ILE A 73 -4.69 7.74 1.98
N LEU A 74 -4.90 6.44 1.75
CA LEU A 74 -5.93 5.99 0.83
C LEU A 74 -7.28 6.63 1.13
N LYS A 75 -7.35 7.42 2.21
CA LYS A 75 -8.59 8.08 2.58
C LYS A 75 -8.86 9.27 1.66
N GLU A 76 -7.79 9.85 1.12
CA GLU A 76 -7.93 11.00 0.23
C GLU A 76 -8.73 10.61 -1.02
N PRO A 77 -9.35 11.56 -1.68
CA PRO A 77 -10.17 11.29 -2.91
C PRO A 77 -9.33 11.08 -4.16
N VAL A 78 -8.27 11.87 -4.30
CA VAL A 78 -7.40 11.78 -5.48
C VAL A 78 -8.16 12.16 -6.74
N HIS A 79 -8.10 11.27 -7.74
CA HIS A 79 -8.78 11.52 -9.00
C HIS A 79 -8.87 10.23 -9.82
N GLY A 80 -10.09 9.86 -10.19
CA GLY A 80 -10.30 8.65 -10.99
C GLY A 80 -11.72 8.61 -11.54
N VAL A 81 -12.40 7.48 -11.34
CA VAL A 81 -13.76 7.32 -11.83
C VAL A 81 -14.59 6.51 -10.86
N TYR A 82 -15.55 7.16 -10.23
CA TYR A 82 -16.42 6.49 -9.27
C TYR A 82 -17.46 7.46 -8.73
N LEU A 83 -17.01 8.45 -7.97
CA LEU A 83 -17.91 9.44 -7.39
C LEU A 83 -17.13 10.58 -6.75
N GLU A 84 -17.80 11.32 -5.87
CA GLU A 84 -17.16 12.44 -5.19
C GLU A 84 -17.55 12.47 -3.71
N HIS A 85 -16.84 13.28 -2.94
CA HIS A 85 -17.12 13.40 -1.51
C HIS A 85 -16.05 14.23 -0.82
N HIS A 86 -16.34 15.51 -0.63
CA HIS A 86 -15.39 16.41 0.02
C HIS A 86 -16.12 17.40 0.93
N HIS A 87 -15.36 18.10 1.77
CA HIS A 87 -15.95 19.06 2.69
C HIS A 87 -14.87 19.64 3.60
N HIS A 88 -14.07 20.55 3.07
CA HIS A 88 -13.00 21.16 3.85
C HIS A 88 -13.47 22.50 4.42
N HIS A 89 -12.60 23.14 5.21
CA HIS A 89 -12.93 24.42 5.81
C HIS A 89 -13.48 25.39 4.77
N HIS A 90 -14.77 25.67 4.86
CA HIS A 90 -15.41 26.58 3.90
C HIS A 90 -15.08 26.18 2.48
N ASP A 1 -15.40 12.40 -17.04
CA ASP A 1 -15.50 13.60 -16.16
C ASP A 1 -14.14 14.29 -16.08
N LYS A 2 -13.24 13.72 -15.30
CA LYS A 2 -11.90 14.27 -15.14
C LYS A 2 -10.92 13.17 -14.75
N TRP A 3 -11.12 12.61 -13.57
CA TRP A 3 -10.28 11.54 -13.08
C TRP A 3 -10.93 10.84 -11.89
N THR A 4 -10.76 9.52 -11.84
CA THR A 4 -11.35 8.74 -10.76
C THR A 4 -10.80 7.32 -10.76
N VAL A 5 -10.93 6.65 -9.62
CA VAL A 5 -10.46 5.28 -9.49
C VAL A 5 -11.36 4.49 -8.56
N GLN A 6 -11.25 3.17 -8.60
CA GLN A 6 -12.08 2.32 -7.75
C GLN A 6 -11.42 2.13 -6.39
N PRO A 7 -12.19 1.95 -5.33
CA PRO A 7 -11.64 1.75 -3.96
C PRO A 7 -10.42 0.84 -3.96
N ILE A 8 -9.67 0.88 -2.86
CA ILE A 8 -8.48 0.05 -2.71
C ILE A 8 -8.55 -0.76 -1.42
N VAL A 9 -8.10 -2.00 -1.46
CA VAL A 9 -8.14 -2.86 -0.28
C VAL A 9 -6.79 -2.90 0.41
N LEU A 10 -6.80 -2.76 1.74
CA LEU A 10 -5.57 -2.79 2.52
C LEU A 10 -5.78 -3.60 3.80
N PRO A 11 -5.67 -4.91 3.72
CA PRO A 11 -5.85 -5.80 4.91
C PRO A 11 -4.98 -5.35 6.09
N GLU A 12 -5.04 -6.12 7.18
CA GLU A 12 -4.26 -5.79 8.36
C GLU A 12 -4.23 -6.99 9.33
N LYS A 13 -3.11 -7.70 9.33
CA LYS A 13 -2.96 -8.86 10.20
C LYS A 13 -1.49 -9.06 10.58
N ASP A 14 -1.26 -9.85 11.63
CA ASP A 14 0.10 -10.11 12.08
C ASP A 14 0.54 -11.51 11.65
N SER A 15 0.33 -11.82 10.38
CA SER A 15 0.70 -13.11 9.83
C SER A 15 0.75 -13.01 8.32
N TRP A 16 1.57 -12.09 7.84
CA TRP A 16 1.70 -11.86 6.41
C TRP A 16 2.62 -12.88 5.75
N THR A 17 2.13 -13.57 4.74
CA THR A 17 2.92 -14.57 4.02
C THR A 17 3.59 -13.95 2.80
N VAL A 18 4.59 -14.65 2.28
CA VAL A 18 5.30 -14.20 1.09
C VAL A 18 4.29 -13.86 0.00
N ASN A 19 3.30 -14.73 -0.15
CA ASN A 19 2.25 -14.53 -1.14
C ASN A 19 1.43 -13.28 -0.83
N ASP A 20 1.25 -13.01 0.45
CA ASP A 20 0.47 -11.86 0.89
C ASP A 20 1.23 -10.56 0.69
N ILE A 21 2.55 -10.62 0.88
CA ILE A 21 3.37 -9.44 0.71
C ILE A 21 3.64 -9.22 -0.75
N GLN A 22 4.07 -10.28 -1.41
CA GLN A 22 4.34 -10.22 -2.83
C GLN A 22 3.23 -9.46 -3.55
N LYS A 23 2.01 -9.98 -3.47
CA LYS A 23 0.88 -9.34 -4.11
C LYS A 23 0.72 -7.90 -3.61
N LEU A 24 0.79 -7.74 -2.29
CA LEU A 24 0.65 -6.42 -1.69
C LEU A 24 1.57 -5.42 -2.39
N VAL A 25 2.87 -5.66 -2.31
CA VAL A 25 3.84 -4.77 -2.94
C VAL A 25 3.33 -4.39 -4.32
N GLY A 26 2.69 -5.34 -4.98
CA GLY A 26 2.14 -5.08 -6.31
C GLY A 26 1.00 -4.09 -6.22
N LYS A 27 0.17 -4.23 -5.19
CA LYS A 27 -0.96 -3.34 -4.99
C LYS A 27 -0.45 -1.97 -4.55
N LEU A 28 0.30 -1.95 -3.45
CA LEU A 28 0.85 -0.71 -2.93
C LEU A 28 1.47 0.09 -4.06
N ASN A 29 2.34 -0.56 -4.80
CA ASN A 29 3.01 0.10 -5.93
C ASN A 29 1.97 0.85 -6.76
N TRP A 30 1.03 0.10 -7.32
CA TRP A 30 -0.02 0.67 -8.13
C TRP A 30 -0.80 1.71 -7.33
N ALA A 31 -0.87 1.51 -6.02
CA ALA A 31 -1.58 2.44 -5.14
C ALA A 31 -0.80 3.74 -5.03
N SER A 32 0.53 3.63 -5.05
CA SER A 32 1.38 4.80 -4.96
C SER A 32 1.03 5.77 -6.07
N GLN A 33 0.81 5.22 -7.27
CA GLN A 33 0.45 6.04 -8.42
C GLN A 33 -1.00 6.49 -8.29
N ILE A 34 -1.66 6.05 -7.22
CA ILE A 34 -3.05 6.42 -6.97
C ILE A 34 -3.20 6.96 -5.56
N TYR A 35 -2.07 7.20 -4.91
CA TYR A 35 -2.09 7.71 -3.56
C TYR A 35 -0.67 8.07 -3.11
N PRO A 36 -0.41 9.30 -2.74
CA PRO A 36 0.94 9.72 -2.31
C PRO A 36 1.22 9.37 -0.85
N GLY A 37 2.48 9.49 -0.49
CA GLY A 37 2.91 9.19 0.87
C GLY A 37 3.23 7.71 1.03
N ILE A 38 2.62 6.89 0.18
CA ILE A 38 2.84 5.45 0.23
C ILE A 38 4.29 5.14 -0.09
N LYS A 39 4.83 4.13 0.59
CA LYS A 39 6.21 3.71 0.37
C LYS A 39 6.25 2.20 0.16
N VAL A 40 7.18 1.75 -0.69
CA VAL A 40 7.31 0.34 -0.96
C VAL A 40 8.78 -0.04 -0.99
N ARG A 41 9.54 0.59 -0.10
CA ARG A 41 10.96 0.34 0.01
C ARG A 41 11.22 -0.68 1.11
N GLN A 42 10.42 -0.61 2.18
CA GLN A 42 10.57 -1.53 3.29
C GLN A 42 9.83 -2.83 3.02
N LEU A 43 8.70 -2.73 2.31
CA LEU A 43 7.89 -3.90 2.00
C LEU A 43 8.64 -4.86 1.07
N SER A 44 9.27 -4.32 0.03
CA SER A 44 10.02 -5.17 -0.90
C SER A 44 11.31 -5.65 -0.25
N LYS A 45 11.75 -4.96 0.80
CA LYS A 45 12.96 -5.38 1.50
C LYS A 45 12.61 -6.49 2.46
N LEU A 46 11.31 -6.59 2.77
CA LEU A 46 10.82 -7.63 3.67
C LEU A 46 10.67 -8.94 2.90
N LEU A 47 10.57 -8.83 1.59
CA LEU A 47 10.42 -10.00 0.73
C LEU A 47 11.64 -10.92 0.88
N ARG A 48 12.80 -10.42 0.46
CA ARG A 48 14.03 -11.20 0.54
C ARG A 48 14.19 -11.84 1.91
N GLY A 49 14.58 -13.11 1.93
CA GLY A 49 14.75 -13.83 3.18
C GLY A 49 13.56 -14.72 3.44
N THR A 50 12.83 -15.03 2.37
CA THR A 50 11.64 -15.86 2.48
C THR A 50 11.81 -17.15 1.68
N LYS A 51 10.73 -17.91 1.58
CA LYS A 51 10.77 -19.17 0.85
C LYS A 51 9.48 -19.43 0.08
N ALA A 52 8.73 -20.42 0.54
CA ALA A 52 7.48 -20.80 -0.11
C ALA A 52 6.55 -19.61 -0.22
N LEU A 53 5.27 -19.88 -0.46
CA LEU A 53 4.28 -18.81 -0.60
C LEU A 53 3.36 -18.77 0.61
N THR A 54 3.72 -19.51 1.63
CA THR A 54 2.93 -19.54 2.85
C THR A 54 3.83 -19.30 4.05
N GLU A 55 4.96 -18.64 3.81
CA GLU A 55 5.91 -18.35 4.88
C GLU A 55 5.62 -16.97 5.49
N VAL A 56 5.22 -16.96 6.76
CA VAL A 56 4.91 -15.74 7.47
C VAL A 56 6.13 -14.82 7.55
N ILE A 57 5.88 -13.52 7.47
CA ILE A 57 6.96 -12.53 7.51
C ILE A 57 6.61 -11.35 8.41
N PRO A 58 6.99 -11.37 9.67
CA PRO A 58 6.70 -10.24 10.60
C PRO A 58 7.12 -8.91 10.01
N LEU A 59 6.28 -7.89 10.15
CA LEU A 59 6.59 -6.57 9.60
C LEU A 59 7.45 -5.78 10.57
N THR A 60 8.58 -5.29 10.08
CA THR A 60 9.48 -4.51 10.92
C THR A 60 8.81 -3.20 11.34
N GLU A 61 9.22 -2.67 12.48
CA GLU A 61 8.64 -1.43 12.98
C GLU A 61 8.45 -0.43 11.83
N GLU A 62 9.43 -0.35 10.95
CA GLU A 62 9.39 0.57 9.82
C GLU A 62 8.46 0.06 8.72
N ALA A 63 8.19 -1.24 8.72
CA ALA A 63 7.33 -1.84 7.70
C ALA A 63 5.88 -1.73 8.11
N GLU A 64 5.62 -1.88 9.40
CA GLU A 64 4.25 -1.78 9.88
C GLU A 64 3.89 -0.32 10.11
N LEU A 65 4.92 0.50 10.27
CA LEU A 65 4.72 1.93 10.48
C LEU A 65 4.30 2.60 9.17
N GLU A 66 5.02 2.27 8.09
CA GLU A 66 4.70 2.83 6.79
C GLU A 66 3.40 2.23 6.26
N LEU A 67 3.33 0.91 6.22
CA LEU A 67 2.13 0.23 5.75
C LEU A 67 0.91 0.90 6.36
N ALA A 68 0.98 1.11 7.67
CA ALA A 68 -0.13 1.75 8.38
C ALA A 68 -0.44 3.11 7.78
N GLU A 69 0.56 3.98 7.75
CA GLU A 69 0.38 5.32 7.20
C GLU A 69 -0.27 5.26 5.82
N ASN A 70 0.01 4.19 5.08
CA ASN A 70 -0.55 4.04 3.74
C ASN A 70 -2.04 3.75 3.82
N ARG A 71 -2.40 2.66 4.47
CA ARG A 71 -3.79 2.27 4.62
C ARG A 71 -4.64 3.48 5.02
N GLU A 72 -4.00 4.46 5.66
CA GLU A 72 -4.71 5.66 6.09
C GLU A 72 -4.90 6.63 4.94
N ILE A 73 -3.86 6.79 4.13
CA ILE A 73 -3.94 7.71 3.00
C ILE A 73 -5.04 7.28 2.04
N LEU A 74 -5.15 5.99 1.79
CA LEU A 74 -6.17 5.47 0.86
C LEU A 74 -7.53 6.10 1.15
N LYS A 75 -7.64 6.77 2.29
CA LYS A 75 -8.90 7.40 2.68
C LYS A 75 -8.87 8.90 2.35
N GLU A 76 -8.21 9.25 1.24
CA GLU A 76 -8.12 10.64 0.82
C GLU A 76 -8.64 10.81 -0.61
N PRO A 77 -9.10 11.98 -0.97
CA PRO A 77 -9.62 12.25 -2.35
C PRO A 77 -8.50 12.38 -3.37
N VAL A 78 -8.52 11.53 -4.38
CA VAL A 78 -7.50 11.56 -5.43
C VAL A 78 -8.13 11.91 -6.78
N HIS A 79 -9.44 11.76 -6.88
CA HIS A 79 -10.15 12.07 -8.11
C HIS A 79 -9.86 13.50 -8.55
N GLY A 80 -9.91 13.73 -9.86
CA GLY A 80 -9.64 15.05 -10.40
C GLY A 80 -8.15 15.25 -10.68
N VAL A 81 -7.70 16.49 -10.60
CA VAL A 81 -6.29 16.80 -10.83
C VAL A 81 -5.51 16.76 -9.53
N TYR A 82 -5.57 17.86 -8.77
CA TYR A 82 -4.86 17.93 -7.50
C TYR A 82 -5.61 18.81 -6.51
N LEU A 83 -4.93 19.23 -5.45
CA LEU A 83 -5.56 20.05 -4.43
C LEU A 83 -4.65 21.22 -4.04
N GLU A 84 -5.04 21.95 -3.01
CA GLU A 84 -4.26 23.09 -2.54
C GLU A 84 -3.81 22.88 -1.10
N HIS A 85 -2.50 22.86 -0.88
CA HIS A 85 -1.95 22.66 0.46
C HIS A 85 -2.54 23.68 1.43
N HIS A 86 -2.18 23.53 2.70
CA HIS A 86 -2.68 24.45 3.73
C HIS A 86 -1.59 24.72 4.77
N HIS A 87 -1.96 24.59 6.04
CA HIS A 87 -1.01 24.82 7.13
C HIS A 87 0.03 23.70 7.18
N HIS A 88 1.08 23.91 7.96
CA HIS A 88 2.14 22.92 8.09
C HIS A 88 2.64 22.84 9.53
N HIS A 89 3.21 23.95 10.01
CA HIS A 89 3.72 24.00 11.37
C HIS A 89 5.09 23.32 11.45
N HIS A 90 6.08 24.04 11.93
CA HIS A 90 7.43 23.49 12.05
C HIS A 90 7.81 22.70 10.80
N ASP A 1 -16.92 14.25 -11.49
CA ASP A 1 -17.53 15.02 -12.61
C ASP A 1 -16.95 14.55 -13.94
N LYS A 2 -16.06 13.56 -13.87
CA LYS A 2 -15.44 13.02 -15.05
C LYS A 2 -15.11 11.55 -14.83
N TRP A 3 -14.24 11.30 -13.87
CA TRP A 3 -13.86 9.94 -13.53
C TRP A 3 -13.42 9.84 -12.08
N THR A 4 -13.07 8.64 -11.65
CA THR A 4 -12.62 8.42 -10.28
C THR A 4 -12.03 7.02 -10.12
N VAL A 5 -11.31 6.81 -9.04
CA VAL A 5 -10.71 5.51 -8.77
C VAL A 5 -11.66 4.65 -7.95
N GLN A 6 -11.14 3.56 -7.38
CA GLN A 6 -11.96 2.66 -6.57
C GLN A 6 -11.32 2.44 -5.20
N PRO A 7 -12.10 2.19 -4.18
CA PRO A 7 -11.55 1.95 -2.80
C PRO A 7 -10.31 1.07 -2.81
N ILE A 8 -9.32 1.43 -2.00
CA ILE A 8 -8.09 0.66 -1.90
C ILE A 8 -7.80 0.32 -0.44
N VAL A 9 -8.08 -0.93 -0.06
CA VAL A 9 -7.86 -1.35 1.32
C VAL A 9 -7.31 -2.78 1.36
N LEU A 10 -6.41 -3.04 2.30
CA LEU A 10 -5.82 -4.37 2.45
C LEU A 10 -6.09 -4.90 3.86
N PRO A 11 -5.96 -6.19 4.05
CA PRO A 11 -6.19 -6.82 5.39
C PRO A 11 -5.10 -6.45 6.39
N GLU A 12 -5.30 -6.84 7.65
CA GLU A 12 -4.32 -6.54 8.69
C GLU A 12 -4.28 -7.67 9.73
N LYS A 13 -3.32 -8.57 9.57
CA LYS A 13 -3.18 -9.68 10.50
C LYS A 13 -1.71 -9.98 10.77
N ASP A 14 -1.45 -10.89 11.70
CA ASP A 14 -0.08 -11.25 12.04
C ASP A 14 0.29 -12.58 11.38
N SER A 15 0.02 -12.68 10.08
CA SER A 15 0.33 -13.88 9.33
C SER A 15 0.54 -13.51 7.87
N TRP A 16 1.46 -12.58 7.65
CA TRP A 16 1.74 -12.10 6.31
C TRP A 16 2.68 -13.06 5.58
N THR A 17 2.15 -13.74 4.56
CA THR A 17 2.94 -14.68 3.78
C THR A 17 3.60 -13.97 2.59
N VAL A 18 4.62 -14.62 2.04
CA VAL A 18 5.32 -14.07 0.88
C VAL A 18 4.33 -13.81 -0.23
N ASN A 19 3.38 -14.72 -0.37
CA ASN A 19 2.34 -14.57 -1.38
C ASN A 19 1.43 -13.40 -1.02
N ASP A 20 1.24 -13.20 0.29
CA ASP A 20 0.39 -12.13 0.78
C ASP A 20 1.10 -10.79 0.71
N ILE A 21 2.43 -10.79 0.92
CA ILE A 21 3.17 -9.54 0.86
C ILE A 21 3.37 -9.18 -0.60
N GLN A 22 3.79 -10.17 -1.37
CA GLN A 22 4.00 -9.97 -2.79
C GLN A 22 2.82 -9.20 -3.38
N LYS A 23 1.62 -9.74 -3.20
CA LYS A 23 0.42 -9.08 -3.71
C LYS A 23 0.23 -7.72 -3.05
N LEU A 24 0.31 -7.70 -1.72
CA LEU A 24 0.15 -6.46 -0.98
C LEU A 24 0.92 -5.34 -1.66
N VAL A 25 2.23 -5.48 -1.69
CA VAL A 25 3.07 -4.47 -2.32
C VAL A 25 2.44 -4.07 -3.64
N GLY A 26 1.97 -5.08 -4.37
CA GLY A 26 1.34 -4.86 -5.66
C GLY A 26 0.21 -3.84 -5.55
N LYS A 27 -0.42 -3.79 -4.39
CA LYS A 27 -1.51 -2.85 -4.17
C LYS A 27 -0.96 -1.48 -3.80
N LEU A 28 0.05 -1.46 -2.94
CA LEU A 28 0.65 -0.21 -2.50
C LEU A 28 1.35 0.50 -3.64
N ASN A 29 2.03 -0.25 -4.50
CA ASN A 29 2.72 0.37 -5.63
C ASN A 29 1.69 0.84 -6.65
N TRP A 30 0.84 -0.09 -7.07
CA TRP A 30 -0.21 0.25 -8.03
C TRP A 30 -1.05 1.40 -7.48
N ALA A 31 -1.19 1.43 -6.15
CA ALA A 31 -1.96 2.49 -5.50
C ALA A 31 -1.11 3.74 -5.35
N SER A 32 0.20 3.55 -5.25
CA SER A 32 1.11 4.67 -5.10
C SER A 32 0.81 5.71 -6.19
N GLN A 33 0.65 5.24 -7.42
CA GLN A 33 0.36 6.13 -8.53
C GLN A 33 -1.05 6.71 -8.36
N ILE A 34 -1.76 6.21 -7.35
CA ILE A 34 -3.12 6.64 -7.07
C ILE A 34 -3.19 7.26 -5.68
N TYR A 35 -2.04 7.41 -5.05
CA TYR A 35 -2.00 7.98 -3.71
C TYR A 35 -0.57 8.44 -3.39
N PRO A 36 -0.34 9.73 -3.21
CA PRO A 36 1.01 10.26 -2.93
C PRO A 36 1.43 10.11 -1.47
N GLY A 37 2.72 9.95 -1.28
CA GLY A 37 3.28 9.77 0.05
C GLY A 37 3.42 8.30 0.37
N ILE A 38 3.01 7.47 -0.60
CA ILE A 38 3.07 6.03 -0.42
C ILE A 38 4.52 5.54 -0.53
N LYS A 39 4.94 4.79 0.48
CA LYS A 39 6.29 4.24 0.51
C LYS A 39 6.25 2.73 0.38
N VAL A 40 7.21 2.19 -0.36
CA VAL A 40 7.28 0.75 -0.57
C VAL A 40 8.73 0.30 -0.63
N ARG A 41 9.53 0.80 0.31
CA ARG A 41 10.94 0.47 0.37
C ARG A 41 11.18 -0.55 1.48
N GLN A 42 10.35 -0.50 2.52
CA GLN A 42 10.48 -1.41 3.64
C GLN A 42 9.76 -2.73 3.35
N LEU A 43 8.63 -2.64 2.66
CA LEU A 43 7.86 -3.84 2.32
C LEU A 43 8.67 -4.76 1.41
N SER A 44 9.07 -4.25 0.26
CA SER A 44 9.86 -5.05 -0.68
C SER A 44 11.11 -5.60 0.00
N LYS A 45 11.49 -4.99 1.12
CA LYS A 45 12.67 -5.43 1.85
C LYS A 45 12.38 -6.74 2.57
N LEU A 46 11.17 -6.85 3.14
CA LEU A 46 10.79 -8.08 3.83
C LEU A 46 10.58 -9.21 2.84
N LEU A 47 10.22 -8.85 1.61
CA LEU A 47 9.97 -9.85 0.58
C LEU A 47 11.09 -10.89 0.56
N ARG A 48 12.29 -10.43 0.22
CA ARG A 48 13.44 -11.32 0.16
C ARG A 48 13.73 -11.92 1.53
N GLY A 49 14.78 -12.73 1.61
CA GLY A 49 15.13 -13.37 2.87
C GLY A 49 14.15 -14.49 3.20
N THR A 50 12.99 -14.46 2.53
CA THR A 50 11.97 -15.47 2.75
C THR A 50 12.14 -16.61 1.74
N LYS A 51 11.07 -17.37 1.50
CA LYS A 51 11.16 -18.50 0.57
C LYS A 51 9.90 -18.68 -0.27
N ALA A 52 9.23 -19.82 -0.04
CA ALA A 52 8.02 -20.17 -0.79
C ALA A 52 6.98 -19.08 -0.74
N LEU A 53 5.74 -19.44 -1.07
CA LEU A 53 4.65 -18.48 -1.09
C LEU A 53 3.71 -18.66 0.09
N THR A 54 4.11 -19.48 1.04
CA THR A 54 3.27 -19.71 2.22
C THR A 54 4.10 -19.54 3.50
N GLU A 55 5.12 -18.68 3.43
CA GLU A 55 5.97 -18.45 4.59
C GLU A 55 5.67 -17.10 5.24
N VAL A 56 5.21 -17.15 6.48
CA VAL A 56 4.87 -15.94 7.22
C VAL A 56 6.10 -15.05 7.36
N ILE A 57 5.87 -13.74 7.31
CA ILE A 57 6.96 -12.76 7.41
C ILE A 57 6.58 -11.68 8.43
N PRO A 58 7.38 -11.45 9.46
CA PRO A 58 7.07 -10.41 10.48
C PRO A 58 7.31 -9.00 9.97
N LEU A 59 6.40 -8.08 10.28
CA LEU A 59 6.53 -6.70 9.85
C LEU A 59 7.47 -5.93 10.77
N THR A 60 8.50 -5.33 10.19
CA THR A 60 9.45 -4.56 10.97
C THR A 60 8.81 -3.25 11.42
N GLU A 61 9.24 -2.74 12.57
CA GLU A 61 8.69 -1.50 13.10
C GLU A 61 8.46 -0.49 11.98
N GLU A 62 9.43 -0.38 11.09
CA GLU A 62 9.36 0.56 9.97
C GLU A 62 8.47 0.03 8.85
N ALA A 63 8.23 -1.28 8.84
CA ALA A 63 7.39 -1.88 7.81
C ALA A 63 5.94 -1.86 8.23
N GLU A 64 5.72 -1.99 9.53
CA GLU A 64 4.36 -1.97 10.06
C GLU A 64 3.94 -0.52 10.27
N LEU A 65 4.92 0.33 10.54
CA LEU A 65 4.65 1.74 10.77
C LEU A 65 4.27 2.42 9.46
N GLU A 66 4.99 2.10 8.38
CA GLU A 66 4.70 2.68 7.08
C GLU A 66 3.39 2.12 6.53
N LEU A 67 3.29 0.79 6.49
CA LEU A 67 2.08 0.16 5.97
C LEU A 67 0.86 0.89 6.53
N ALA A 68 0.90 1.13 7.83
CA ALA A 68 -0.18 1.84 8.49
C ALA A 68 -0.37 3.22 7.87
N GLU A 69 0.71 3.99 7.87
CA GLU A 69 0.67 5.33 7.30
C GLU A 69 0.11 5.29 5.88
N ASN A 70 0.33 4.17 5.19
CA ASN A 70 -0.17 4.05 3.82
C ASN A 70 -1.68 3.95 3.82
N ARG A 71 -2.19 2.93 4.49
CA ARG A 71 -3.62 2.71 4.57
C ARG A 71 -4.34 4.05 4.76
N GLU A 72 -3.65 4.99 5.42
CA GLU A 72 -4.23 6.30 5.67
C GLU A 72 -4.30 7.12 4.38
N ILE A 73 -3.19 7.23 3.67
CA ILE A 73 -3.15 7.99 2.42
C ILE A 73 -4.30 7.58 1.50
N LEU A 74 -4.59 6.28 1.47
CA LEU A 74 -5.65 5.76 0.61
C LEU A 74 -7.00 6.38 0.98
N LYS A 75 -7.00 7.27 1.96
CA LYS A 75 -8.25 7.92 2.38
C LYS A 75 -8.58 9.10 1.47
N GLU A 76 -7.57 9.64 0.82
CA GLU A 76 -7.79 10.78 -0.08
C GLU A 76 -8.74 10.39 -1.22
N PRO A 77 -9.38 11.35 -1.84
CA PRO A 77 -10.34 11.08 -2.95
C PRO A 77 -9.64 10.68 -4.25
N VAL A 78 -8.71 11.52 -4.71
CA VAL A 78 -7.99 11.25 -5.94
C VAL A 78 -8.95 11.22 -7.13
N HIS A 79 -8.48 11.70 -8.27
CA HIS A 79 -9.30 11.72 -9.48
C HIS A 79 -8.55 12.37 -10.63
N GLY A 80 -8.72 11.81 -11.83
CA GLY A 80 -8.05 12.34 -13.01
C GLY A 80 -7.45 11.21 -13.85
N VAL A 81 -8.04 10.95 -15.01
CA VAL A 81 -7.54 9.90 -15.88
C VAL A 81 -6.12 10.20 -16.33
N TYR A 82 -5.16 9.49 -15.76
CA TYR A 82 -3.76 9.69 -16.10
C TYR A 82 -2.87 8.63 -15.44
N LEU A 83 -1.61 8.58 -15.85
CA LEU A 83 -0.68 7.60 -15.30
C LEU A 83 -1.24 6.19 -15.44
N GLU A 84 -1.21 5.67 -16.66
CA GLU A 84 -1.71 4.32 -16.91
C GLU A 84 -1.04 3.31 -15.98
N HIS A 85 -1.76 2.23 -15.69
CA HIS A 85 -1.22 1.19 -14.81
C HIS A 85 -0.74 0.00 -15.62
N HIS A 86 -0.13 -0.97 -14.94
CA HIS A 86 0.38 -2.16 -15.62
C HIS A 86 -0.62 -3.31 -15.49
N HIS A 87 -1.24 -3.41 -14.31
CA HIS A 87 -2.21 -4.48 -14.06
C HIS A 87 -1.51 -5.82 -13.94
N HIS A 88 -1.89 -6.59 -12.92
CA HIS A 88 -1.29 -7.90 -12.70
C HIS A 88 -1.93 -8.94 -13.63
N HIS A 89 -1.08 -9.65 -14.38
CA HIS A 89 -1.58 -10.67 -15.30
C HIS A 89 -1.82 -11.99 -14.56
N HIS A 90 -1.87 -13.08 -15.31
CA HIS A 90 -2.10 -14.39 -14.71
C HIS A 90 -1.79 -15.50 -15.72
N ASP A 1 -22.14 9.28 -8.11
CA ASP A 1 -21.14 9.25 -9.22
C ASP A 1 -20.80 10.67 -9.64
N LYS A 2 -19.50 10.95 -9.77
CA LYS A 2 -19.06 12.28 -10.17
C LYS A 2 -17.61 12.23 -10.61
N TRP A 3 -16.77 11.56 -9.83
CA TRP A 3 -15.36 11.44 -10.15
C TRP A 3 -14.63 10.62 -9.08
N THR A 4 -13.31 10.69 -9.08
CA THR A 4 -12.49 9.96 -8.13
C THR A 4 -12.21 8.55 -8.64
N VAL A 5 -10.98 8.09 -8.45
CA VAL A 5 -10.58 6.76 -8.90
C VAL A 5 -11.49 5.70 -8.28
N GLN A 6 -10.91 4.86 -7.43
CA GLN A 6 -11.67 3.80 -6.77
C GLN A 6 -11.11 3.53 -5.38
N PRO A 7 -11.88 2.89 -4.53
CA PRO A 7 -11.45 2.56 -3.14
C PRO A 7 -10.41 1.43 -3.11
N ILE A 8 -9.37 1.63 -2.30
CA ILE A 8 -8.31 0.63 -2.17
C ILE A 8 -8.07 0.29 -0.71
N VAL A 9 -8.23 -0.99 -0.37
CA VAL A 9 -8.03 -1.44 1.01
C VAL A 9 -7.26 -2.75 1.04
N LEU A 10 -6.66 -3.04 2.19
CA LEU A 10 -5.88 -4.28 2.35
C LEU A 10 -6.18 -4.92 3.70
N PRO A 11 -5.86 -6.18 3.85
CA PRO A 11 -6.10 -6.93 5.12
C PRO A 11 -5.21 -6.45 6.25
N GLU A 12 -5.41 -6.99 7.44
CA GLU A 12 -4.60 -6.61 8.60
C GLU A 12 -4.46 -7.79 9.56
N LYS A 13 -3.34 -8.50 9.45
CA LYS A 13 -3.09 -9.65 10.30
C LYS A 13 -1.62 -9.74 10.67
N ASP A 14 -1.31 -10.54 11.69
CA ASP A 14 0.07 -10.70 12.12
C ASP A 14 0.67 -12.00 11.58
N SER A 15 0.43 -12.24 10.29
CA SER A 15 0.94 -13.43 9.63
C SER A 15 1.09 -13.15 8.14
N TRP A 16 1.90 -12.14 7.84
CA TRP A 16 2.11 -11.74 6.46
C TRP A 16 3.13 -12.64 5.77
N THR A 17 2.65 -13.52 4.89
CA THR A 17 3.54 -14.42 4.18
C THR A 17 4.03 -13.80 2.87
N VAL A 18 5.10 -14.38 2.34
CA VAL A 18 5.69 -13.92 1.09
C VAL A 18 4.59 -13.74 0.07
N ASN A 19 3.67 -14.69 0.05
CA ASN A 19 2.54 -14.67 -0.87
C ASN A 19 1.64 -13.47 -0.59
N ASP A 20 1.39 -13.21 0.69
CA ASP A 20 0.54 -12.10 1.09
C ASP A 20 1.25 -10.77 0.89
N ILE A 21 2.56 -10.73 1.09
CA ILE A 21 3.31 -9.50 0.92
C ILE A 21 3.46 -9.23 -0.56
N GLN A 22 3.78 -10.27 -1.30
CA GLN A 22 3.94 -10.16 -2.74
C GLN A 22 2.77 -9.39 -3.34
N LYS A 23 1.56 -9.89 -3.10
CA LYS A 23 0.37 -9.23 -3.64
C LYS A 23 0.18 -7.86 -2.99
N LEU A 24 0.54 -7.76 -1.72
CA LEU A 24 0.41 -6.49 -1.01
C LEU A 24 1.19 -5.40 -1.72
N VAL A 25 2.51 -5.58 -1.78
CA VAL A 25 3.35 -4.61 -2.46
C VAL A 25 2.69 -4.22 -3.76
N GLY A 26 2.16 -5.24 -4.44
CA GLY A 26 1.47 -5.05 -5.72
C GLY A 26 0.35 -4.03 -5.58
N LYS A 27 -0.24 -3.98 -4.40
CA LYS A 27 -1.34 -3.05 -4.16
C LYS A 27 -0.78 -1.66 -3.83
N LEU A 28 0.25 -1.62 -3.00
CA LEU A 28 0.86 -0.35 -2.61
C LEU A 28 1.49 0.35 -3.81
N ASN A 29 2.12 -0.42 -4.69
CA ASN A 29 2.74 0.17 -5.88
C ASN A 29 1.66 0.58 -6.88
N TRP A 30 0.80 -0.37 -7.22
CA TRP A 30 -0.29 -0.09 -8.14
C TRP A 30 -1.14 1.06 -7.60
N ALA A 31 -1.17 1.17 -6.28
CA ALA A 31 -1.94 2.23 -5.64
C ALA A 31 -1.10 3.50 -5.56
N SER A 32 0.22 3.33 -5.45
CA SER A 32 1.13 4.46 -5.37
C SER A 32 0.81 5.48 -6.45
N GLN A 33 0.71 5.02 -7.69
CA GLN A 33 0.40 5.92 -8.80
C GLN A 33 -1.03 6.46 -8.65
N ILE A 34 -1.74 5.92 -7.67
CA ILE A 34 -3.11 6.33 -7.39
C ILE A 34 -3.23 6.90 -5.99
N TYR A 35 -2.07 7.16 -5.38
CA TYR A 35 -2.06 7.67 -4.03
C TYR A 35 -0.65 8.17 -3.68
N PRO A 36 -0.49 9.42 -3.35
CA PRO A 36 0.85 9.98 -3.01
C PRO A 36 1.25 9.68 -1.58
N GLY A 37 2.52 9.92 -1.29
CA GLY A 37 3.06 9.67 0.04
C GLY A 37 3.09 8.19 0.32
N ILE A 38 2.85 7.39 -0.72
CA ILE A 38 2.84 5.94 -0.59
C ILE A 38 4.25 5.39 -0.78
N LYS A 39 4.79 4.79 0.27
CA LYS A 39 6.11 4.19 0.20
C LYS A 39 5.99 2.68 0.04
N VAL A 40 7.11 2.06 -0.27
CA VAL A 40 7.13 0.61 -0.47
C VAL A 40 8.57 0.14 -0.65
N ARG A 41 9.47 0.73 0.12
CA ARG A 41 10.88 0.37 0.03
C ARG A 41 11.22 -0.70 1.07
N GLN A 42 10.63 -0.58 2.25
CA GLN A 42 10.87 -1.56 3.32
C GLN A 42 9.95 -2.76 3.16
N LEU A 43 8.75 -2.54 2.62
CA LEU A 43 7.79 -3.61 2.43
C LEU A 43 8.27 -4.62 1.41
N SER A 44 8.87 -4.12 0.33
CA SER A 44 9.37 -5.02 -0.70
C SER A 44 10.61 -5.76 -0.21
N LYS A 45 11.31 -5.17 0.75
CA LYS A 45 12.50 -5.79 1.30
C LYS A 45 12.14 -7.05 2.08
N LEU A 46 11.05 -7.00 2.83
CA LEU A 46 10.64 -8.16 3.61
C LEU A 46 10.65 -9.42 2.74
N LEU A 47 10.38 -9.26 1.45
CA LEU A 47 10.37 -10.41 0.54
C LEU A 47 11.75 -11.06 0.49
N ARG A 48 12.79 -10.23 0.36
CA ARG A 48 14.15 -10.74 0.28
C ARG A 48 14.40 -11.72 1.43
N GLY A 49 13.49 -11.74 2.40
CA GLY A 49 13.62 -12.63 3.54
C GLY A 49 13.48 -14.09 3.11
N THR A 50 12.30 -14.45 2.61
CA THR A 50 12.05 -15.81 2.16
C THR A 50 11.33 -15.80 0.82
N LYS A 51 11.40 -16.93 0.11
CA LYS A 51 10.76 -17.06 -1.18
C LYS A 51 9.49 -17.91 -1.11
N ALA A 52 9.49 -18.89 -0.21
CA ALA A 52 8.33 -19.76 -0.06
C ALA A 52 7.07 -18.94 0.14
N LEU A 53 6.02 -19.25 -0.61
CA LEU A 53 4.75 -18.54 -0.53
C LEU A 53 3.96 -18.96 0.69
N THR A 54 4.64 -19.59 1.61
CA THR A 54 4.00 -20.05 2.83
C THR A 54 4.84 -19.65 4.03
N GLU A 55 5.84 -18.80 3.80
CA GLU A 55 6.70 -18.36 4.89
C GLU A 55 6.14 -17.08 5.50
N VAL A 56 5.69 -17.18 6.75
CA VAL A 56 5.14 -16.06 7.47
C VAL A 56 6.21 -15.01 7.78
N ILE A 57 6.07 -13.84 7.17
CA ILE A 57 7.03 -12.76 7.38
C ILE A 57 6.38 -11.57 8.09
N PRO A 58 6.42 -11.51 9.41
CA PRO A 58 5.83 -10.39 10.17
C PRO A 58 6.27 -9.04 9.63
N LEU A 59 5.63 -7.97 10.07
CA LEU A 59 5.98 -6.63 9.61
C LEU A 59 6.93 -5.96 10.59
N THR A 60 8.04 -5.47 10.06
CA THR A 60 9.03 -4.78 10.89
C THR A 60 8.51 -3.41 11.30
N GLU A 61 9.03 -2.90 12.41
CA GLU A 61 8.61 -1.59 12.91
C GLU A 61 8.41 -0.60 11.76
N GLU A 62 9.37 -0.58 10.84
CA GLU A 62 9.30 0.33 9.70
C GLU A 62 8.34 -0.17 8.63
N ALA A 63 8.01 -1.46 8.68
CA ALA A 63 7.10 -2.03 7.69
C ALA A 63 5.67 -1.87 8.15
N GLU A 64 5.46 -2.02 9.46
CA GLU A 64 4.13 -1.87 10.00
C GLU A 64 3.79 -0.39 10.09
N LEU A 65 4.84 0.43 10.17
CA LEU A 65 4.68 1.88 10.25
C LEU A 65 4.26 2.42 8.88
N GLU A 66 4.92 1.92 7.84
CA GLU A 66 4.61 2.34 6.47
C GLU A 66 3.21 1.92 6.10
N LEU A 67 3.00 0.61 6.06
CA LEU A 67 1.69 0.06 5.72
C LEU A 67 0.60 0.88 6.40
N ALA A 68 0.78 1.09 7.70
CA ALA A 68 -0.18 1.87 8.47
C ALA A 68 -0.45 3.22 7.82
N GLU A 69 0.59 4.03 7.70
CA GLU A 69 0.44 5.34 7.08
C GLU A 69 -0.15 5.23 5.69
N ASN A 70 0.16 4.14 5.00
CA ASN A 70 -0.35 3.94 3.64
C ASN A 70 -1.85 3.72 3.65
N ARG A 71 -2.28 2.66 4.32
CA ARG A 71 -3.70 2.33 4.39
C ARG A 71 -4.51 3.58 4.74
N GLU A 72 -3.86 4.53 5.41
CA GLU A 72 -4.55 5.76 5.79
C GLU A 72 -4.71 6.70 4.60
N ILE A 73 -3.69 6.80 3.76
CA ILE A 73 -3.76 7.67 2.60
C ILE A 73 -4.82 7.18 1.61
N LEU A 74 -4.90 5.87 1.43
CA LEU A 74 -5.86 5.30 0.49
C LEU A 74 -7.27 5.80 0.78
N LYS A 75 -7.43 6.54 1.87
CA LYS A 75 -8.74 7.08 2.23
C LYS A 75 -8.95 8.46 1.62
N GLU A 76 -8.09 8.82 0.68
CA GLU A 76 -8.20 10.12 0.02
C GLU A 76 -8.88 9.98 -1.35
N PRO A 77 -9.46 11.03 -1.87
CA PRO A 77 -10.14 10.99 -3.20
C PRO A 77 -9.16 11.00 -4.37
N VAL A 78 -7.92 11.39 -4.09
CA VAL A 78 -6.89 11.45 -5.13
C VAL A 78 -7.27 12.47 -6.19
N HIS A 79 -8.29 12.12 -6.99
CA HIS A 79 -8.75 13.02 -8.05
C HIS A 79 -9.46 14.22 -7.46
N GLY A 80 -10.62 13.98 -6.84
CA GLY A 80 -11.39 15.06 -6.22
C GLY A 80 -11.59 16.22 -7.19
N VAL A 81 -12.79 16.35 -7.72
CA VAL A 81 -13.09 17.44 -8.65
C VAL A 81 -12.73 18.79 -8.03
N TYR A 82 -11.60 19.35 -8.44
CA TYR A 82 -11.16 20.64 -7.93
C TYR A 82 -11.01 20.58 -6.41
N LEU A 83 -9.78 20.71 -5.94
CA LEU A 83 -9.51 20.68 -4.50
C LEU A 83 -8.02 20.85 -4.23
N GLU A 84 -7.23 19.92 -4.75
CA GLU A 84 -5.79 19.96 -4.56
C GLU A 84 -5.42 19.71 -3.11
N HIS A 85 -4.13 19.59 -2.83
CA HIS A 85 -3.66 19.33 -1.47
C HIS A 85 -2.22 19.79 -1.30
N HIS A 86 -1.75 19.84 -0.06
CA HIS A 86 -0.39 20.26 0.22
C HIS A 86 0.53 19.05 0.34
N HIS A 87 0.13 18.08 1.15
CA HIS A 87 0.93 16.88 1.35
C HIS A 87 2.34 17.23 1.79
N HIS A 88 2.64 17.00 3.07
CA HIS A 88 3.96 17.30 3.60
C HIS A 88 4.96 16.20 3.22
N HIS A 89 6.13 16.63 2.76
CA HIS A 89 7.16 15.67 2.36
C HIS A 89 7.88 15.12 3.59
N HIS A 90 8.68 14.08 3.39
CA HIS A 90 9.42 13.47 4.48
C HIS A 90 10.42 14.46 5.08
N ASP A 1 -19.05 16.89 -9.79
CA ASP A 1 -18.38 15.58 -10.08
C ASP A 1 -17.48 15.74 -11.31
N LYS A 2 -16.65 14.73 -11.55
CA LYS A 2 -15.74 14.77 -12.69
C LYS A 2 -15.18 13.37 -12.95
N TRP A 3 -14.59 12.79 -11.92
CA TRP A 3 -14.02 11.45 -12.04
C TRP A 3 -13.67 10.89 -10.66
N THR A 4 -13.29 9.62 -10.64
CA THR A 4 -12.93 8.98 -9.37
C THR A 4 -12.03 7.77 -9.63
N VAL A 5 -11.41 7.27 -8.57
CA VAL A 5 -10.53 6.12 -8.69
C VAL A 5 -11.25 4.84 -8.26
N GLN A 6 -10.49 3.78 -8.07
CA GLN A 6 -11.07 2.50 -7.67
C GLN A 6 -10.73 2.20 -6.20
N PRO A 7 -11.70 2.21 -5.30
CA PRO A 7 -11.43 1.93 -3.86
C PRO A 7 -10.52 0.72 -3.66
N ILE A 8 -9.28 0.98 -3.26
CA ILE A 8 -8.31 -0.09 -3.04
C ILE A 8 -8.54 -0.75 -1.69
N VAL A 9 -8.22 -2.04 -1.60
CA VAL A 9 -8.39 -2.79 -0.37
C VAL A 9 -7.03 -3.17 0.23
N LEU A 10 -6.86 -2.89 1.52
CA LEU A 10 -5.61 -3.19 2.20
C LEU A 10 -5.86 -3.77 3.59
N PRO A 11 -6.20 -5.03 3.67
CA PRO A 11 -6.48 -5.71 4.97
C PRO A 11 -5.37 -5.46 5.99
N GLU A 12 -5.55 -5.98 7.20
CA GLU A 12 -4.55 -5.80 8.25
C GLU A 12 -4.59 -6.96 9.24
N LYS A 13 -3.60 -7.85 9.16
CA LYS A 13 -3.54 -8.99 10.06
C LYS A 13 -2.09 -9.30 10.43
N ASP A 14 -1.90 -10.16 11.42
CA ASP A 14 -0.56 -10.53 11.86
C ASP A 14 -0.18 -11.89 11.31
N SER A 15 -0.30 -12.05 9.99
CA SER A 15 0.04 -13.30 9.33
C SER A 15 0.28 -13.03 7.86
N TRP A 16 1.20 -12.11 7.60
CA TRP A 16 1.51 -11.73 6.23
C TRP A 16 2.47 -12.72 5.57
N THR A 17 1.95 -13.54 4.67
CA THR A 17 2.77 -14.53 3.97
C THR A 17 3.42 -13.90 2.74
N VAL A 18 4.47 -14.56 2.25
CA VAL A 18 5.18 -14.09 1.06
C VAL A 18 4.20 -13.89 -0.07
N ASN A 19 3.26 -14.82 -0.21
CA ASN A 19 2.26 -14.70 -1.26
C ASN A 19 1.33 -13.53 -0.96
N ASP A 20 1.14 -13.26 0.33
CA ASP A 20 0.27 -12.17 0.75
C ASP A 20 0.96 -10.83 0.56
N ILE A 21 2.27 -10.81 0.78
CA ILE A 21 3.03 -9.59 0.61
C ILE A 21 3.28 -9.37 -0.87
N GLN A 22 3.72 -10.42 -1.53
CA GLN A 22 3.98 -10.36 -2.95
C GLN A 22 2.85 -9.61 -3.66
N LYS A 23 1.63 -10.15 -3.52
CA LYS A 23 0.48 -9.53 -4.16
C LYS A 23 0.28 -8.10 -3.63
N LEU A 24 0.47 -7.91 -2.33
CA LEU A 24 0.30 -6.59 -1.73
C LEU A 24 1.33 -5.60 -2.26
N VAL A 25 2.59 -5.85 -1.92
CA VAL A 25 3.67 -4.97 -2.36
C VAL A 25 3.46 -4.55 -3.80
N GLY A 26 2.85 -5.43 -4.59
CA GLY A 26 2.57 -5.09 -5.99
C GLY A 26 1.41 -4.11 -6.07
N LYS A 27 0.38 -4.34 -5.26
CA LYS A 27 -0.77 -3.45 -5.25
C LYS A 27 -0.39 -2.10 -4.68
N LEU A 28 0.29 -2.12 -3.53
CA LEU A 28 0.73 -0.88 -2.89
C LEU A 28 1.36 0.02 -3.93
N ASN A 29 2.34 -0.53 -4.62
CA ASN A 29 3.04 0.23 -5.66
C ASN A 29 2.01 0.93 -6.56
N TRP A 30 1.18 0.13 -7.20
CA TRP A 30 0.14 0.68 -8.07
C TRP A 30 -0.65 1.74 -7.31
N ALA A 31 -0.84 1.50 -6.02
CA ALA A 31 -1.58 2.45 -5.18
C ALA A 31 -0.78 3.74 -5.02
N SER A 32 0.54 3.61 -4.88
CA SER A 32 1.39 4.78 -4.75
C SER A 32 1.05 5.78 -5.82
N GLN A 33 0.69 5.28 -7.00
CA GLN A 33 0.33 6.15 -8.11
C GLN A 33 -1.04 6.78 -7.85
N ILE A 34 -1.85 6.11 -7.04
CA ILE A 34 -3.19 6.59 -6.72
C ILE A 34 -3.24 7.07 -5.27
N TYR A 35 -2.09 7.09 -4.61
CA TYR A 35 -2.04 7.51 -3.22
C TYR A 35 -0.61 7.92 -2.84
N PRO A 36 -0.35 9.21 -2.65
CA PRO A 36 1.01 9.71 -2.31
C PRO A 36 1.32 9.62 -0.83
N GLY A 37 2.56 9.30 -0.53
CA GLY A 37 3.01 9.19 0.85
C GLY A 37 3.31 7.74 1.20
N ILE A 38 2.51 6.82 0.67
CA ILE A 38 2.72 5.41 0.96
C ILE A 38 4.08 4.97 0.43
N LYS A 39 4.69 4.02 1.14
CA LYS A 39 6.00 3.51 0.74
C LYS A 39 5.94 2.01 0.50
N VAL A 40 6.85 1.52 -0.33
CA VAL A 40 6.90 0.10 -0.64
C VAL A 40 8.35 -0.38 -0.71
N ARG A 41 9.26 0.50 -0.33
CA ARG A 41 10.68 0.16 -0.35
C ARG A 41 11.02 -0.79 0.79
N GLN A 42 10.34 -0.62 1.93
CA GLN A 42 10.61 -1.46 3.09
C GLN A 42 9.80 -2.76 3.01
N LEU A 43 8.64 -2.70 2.38
CA LEU A 43 7.80 -3.88 2.27
C LEU A 43 8.42 -4.89 1.31
N SER A 44 8.81 -4.43 0.13
CA SER A 44 9.44 -5.30 -0.85
C SER A 44 10.71 -5.88 -0.28
N LYS A 45 11.28 -5.20 0.71
CA LYS A 45 12.50 -5.68 1.33
C LYS A 45 12.22 -6.96 2.11
N LEU A 46 11.12 -6.97 2.86
CA LEU A 46 10.76 -8.15 3.64
C LEU A 46 10.66 -9.38 2.72
N LEU A 47 10.57 -9.14 1.41
CA LEU A 47 10.46 -10.24 0.46
C LEU A 47 11.83 -10.70 -0.02
N ARG A 48 12.75 -9.76 -0.19
CA ARG A 48 14.10 -10.09 -0.65
C ARG A 48 14.60 -11.36 0.04
N GLY A 49 14.74 -12.43 -0.73
CA GLY A 49 15.22 -13.70 -0.16
C GLY A 49 14.04 -14.61 0.18
N THR A 50 13.30 -14.21 1.22
CA THR A 50 12.12 -14.96 1.68
C THR A 50 12.24 -16.45 1.42
N LYS A 51 11.10 -17.13 1.35
CA LYS A 51 11.08 -18.57 1.13
C LYS A 51 9.91 -18.97 0.21
N ALA A 52 9.05 -19.84 0.72
CA ALA A 52 7.89 -20.32 -0.04
C ALA A 52 6.81 -19.26 -0.08
N LEU A 53 5.59 -19.68 -0.44
CA LEU A 53 4.48 -18.76 -0.53
C LEU A 53 3.54 -18.88 0.66
N THR A 54 4.00 -19.57 1.68
CA THR A 54 3.22 -19.76 2.90
C THR A 54 4.04 -19.42 4.13
N GLU A 55 5.08 -18.60 3.95
CA GLU A 55 5.93 -18.22 5.07
C GLU A 55 5.52 -16.87 5.63
N VAL A 56 5.06 -16.87 6.87
CA VAL A 56 4.64 -15.63 7.53
C VAL A 56 5.83 -14.70 7.69
N ILE A 57 5.61 -13.42 7.41
CA ILE A 57 6.67 -12.43 7.49
C ILE A 57 6.27 -11.31 8.48
N PRO A 58 7.02 -11.10 9.55
CA PRO A 58 6.69 -10.02 10.53
C PRO A 58 7.10 -8.65 10.02
N LEU A 59 6.22 -7.67 10.20
CA LEU A 59 6.49 -6.31 9.74
C LEU A 59 7.50 -5.63 10.66
N THR A 60 8.55 -5.07 10.07
CA THR A 60 9.57 -4.38 10.85
C THR A 60 9.08 -2.98 11.20
N GLU A 61 9.65 -2.41 12.25
CA GLU A 61 9.27 -1.07 12.69
C GLU A 61 9.00 -0.15 11.50
N GLU A 62 9.92 -0.16 10.54
CA GLU A 62 9.79 0.68 9.36
C GLU A 62 8.75 0.13 8.37
N ALA A 63 8.42 -1.15 8.51
CA ALA A 63 7.45 -1.78 7.63
C ALA A 63 6.06 -1.61 8.19
N GLU A 64 5.96 -1.64 9.51
CA GLU A 64 4.68 -1.49 10.16
C GLU A 64 4.37 0.00 10.33
N LEU A 65 5.42 0.81 10.35
CA LEU A 65 5.28 2.25 10.48
C LEU A 65 4.80 2.85 9.16
N GLU A 66 5.40 2.41 8.06
CA GLU A 66 5.01 2.90 6.76
C GLU A 66 3.61 2.41 6.40
N LEU A 67 3.42 1.10 6.49
CA LEU A 67 2.11 0.53 6.18
C LEU A 67 1.04 1.33 6.91
N ALA A 68 1.29 1.60 8.18
CA ALA A 68 0.36 2.37 8.98
C ALA A 68 0.02 3.68 8.26
N GLU A 69 1.05 4.40 7.85
CA GLU A 69 0.85 5.66 7.16
C GLU A 69 0.15 5.42 5.81
N ASN A 70 0.43 4.27 5.20
CA ASN A 70 -0.18 3.95 3.91
C ASN A 70 -1.68 3.77 4.04
N ARG A 71 -2.08 2.78 4.83
CA ARG A 71 -3.50 2.50 5.03
C ARG A 71 -4.24 3.76 5.44
N GLU A 72 -3.52 4.71 6.01
CA GLU A 72 -4.13 5.96 6.45
C GLU A 72 -4.35 6.92 5.28
N ILE A 73 -3.47 6.85 4.28
CA ILE A 73 -3.60 7.75 3.13
C ILE A 73 -4.69 7.28 2.18
N LEU A 74 -4.87 5.96 2.05
CA LEU A 74 -5.88 5.42 1.16
C LEU A 74 -7.25 6.00 1.49
N LYS A 75 -7.36 6.66 2.64
CA LYS A 75 -8.62 7.26 3.07
C LYS A 75 -8.89 8.54 2.30
N GLU A 76 -8.05 8.82 1.30
CA GLU A 76 -8.21 10.02 0.50
C GLU A 76 -9.12 9.74 -0.71
N PRO A 77 -9.74 10.75 -1.25
CA PRO A 77 -10.66 10.61 -2.43
C PRO A 77 -9.90 10.35 -3.72
N VAL A 78 -8.91 11.20 -4.00
CA VAL A 78 -8.12 11.07 -5.22
C VAL A 78 -8.98 11.33 -6.45
N HIS A 79 -8.33 11.68 -7.56
CA HIS A 79 -9.04 11.96 -8.80
C HIS A 79 -8.22 11.48 -9.99
N GLY A 80 -8.90 11.25 -11.12
CA GLY A 80 -8.24 10.80 -12.33
C GLY A 80 -8.32 11.86 -13.43
N VAL A 81 -8.41 13.12 -13.02
CA VAL A 81 -8.51 14.22 -13.98
C VAL A 81 -7.18 14.43 -14.68
N TYR A 82 -6.83 15.69 -14.92
CA TYR A 82 -5.57 16.00 -15.59
C TYR A 82 -5.09 17.39 -15.21
N LEU A 83 -5.98 18.17 -14.59
CA LEU A 83 -5.62 19.53 -14.17
C LEU A 83 -6.73 20.14 -13.31
N GLU A 84 -6.65 21.45 -13.09
CA GLU A 84 -7.63 22.14 -12.28
C GLU A 84 -7.45 21.81 -10.81
N HIS A 85 -6.81 22.72 -10.08
CA HIS A 85 -6.58 22.51 -8.65
C HIS A 85 -6.09 23.80 -8.00
N HIS A 86 -6.19 23.85 -6.67
CA HIS A 86 -5.75 25.03 -5.93
C HIS A 86 -4.29 25.33 -6.23
N HIS A 87 -3.96 26.62 -6.32
CA HIS A 87 -2.59 27.04 -6.61
C HIS A 87 -2.25 28.30 -5.84
N HIS A 88 -1.02 28.38 -5.36
CA HIS A 88 -0.57 29.56 -4.61
C HIS A 88 -0.48 30.78 -5.52
N HIS A 89 0.09 31.86 -5.00
CA HIS A 89 0.22 33.09 -5.78
C HIS A 89 1.10 34.09 -5.04
N HIS A 90 0.98 35.36 -5.41
CA HIS A 90 1.77 36.41 -4.78
C HIS A 90 0.93 37.67 -4.60
N ASP A 1 -16.83 13.21 -17.29
CA ASP A 1 -16.36 11.81 -17.06
C ASP A 1 -14.98 11.63 -17.67
N LYS A 2 -14.09 10.95 -16.94
CA LYS A 2 -12.74 10.71 -17.42
C LYS A 2 -12.17 9.47 -16.74
N TRP A 3 -12.04 9.54 -15.41
CA TRP A 3 -11.52 8.43 -14.64
C TRP A 3 -11.87 8.59 -13.17
N THR A 4 -11.58 7.56 -12.38
CA THR A 4 -11.87 7.59 -10.95
C THR A 4 -11.17 6.45 -10.23
N VAL A 5 -10.70 6.71 -9.01
CA VAL A 5 -10.02 5.70 -8.23
C VAL A 5 -10.96 4.55 -7.90
N GLN A 6 -10.42 3.33 -7.83
CA GLN A 6 -11.24 2.17 -7.51
C GLN A 6 -11.04 1.76 -6.04
N PRO A 7 -12.03 1.17 -5.42
CA PRO A 7 -11.93 0.73 -4.01
C PRO A 7 -10.59 0.08 -3.68
N ILE A 8 -9.77 0.77 -2.89
CA ILE A 8 -8.46 0.24 -2.49
C ILE A 8 -8.49 -0.16 -1.03
N VAL A 9 -8.58 -1.47 -0.78
CA VAL A 9 -8.62 -1.97 0.59
C VAL A 9 -7.77 -3.24 0.73
N LEU A 10 -7.18 -3.42 1.90
CA LEU A 10 -6.34 -4.58 2.15
C LEU A 10 -6.61 -5.15 3.54
N PRO A 11 -6.26 -6.38 3.78
CA PRO A 11 -6.48 -7.04 5.10
C PRO A 11 -5.55 -6.50 6.19
N GLU A 12 -5.50 -7.20 7.31
CA GLU A 12 -4.65 -6.78 8.43
C GLU A 12 -4.53 -7.89 9.45
N LYS A 13 -3.40 -8.59 9.43
CA LYS A 13 -3.16 -9.69 10.36
C LYS A 13 -1.67 -9.85 10.64
N ASP A 14 -1.35 -10.62 11.68
CA ASP A 14 0.05 -10.83 12.05
C ASP A 14 0.55 -12.16 11.47
N SER A 15 0.25 -12.38 10.20
CA SER A 15 0.68 -13.61 9.53
C SER A 15 0.83 -13.32 8.04
N TRP A 16 1.68 -12.34 7.74
CA TRP A 16 1.89 -11.94 6.37
C TRP A 16 2.87 -12.87 5.65
N THR A 17 2.34 -13.72 4.77
CA THR A 17 3.18 -14.64 4.01
C THR A 17 3.69 -13.98 2.74
N VAL A 18 4.78 -14.52 2.21
CA VAL A 18 5.39 -14.01 0.98
C VAL A 18 4.33 -13.84 -0.09
N ASN A 19 3.43 -14.82 -0.20
CA ASN A 19 2.36 -14.75 -1.19
C ASN A 19 1.41 -13.58 -0.90
N ASP A 20 1.22 -13.28 0.38
CA ASP A 20 0.34 -12.20 0.79
C ASP A 20 1.01 -10.85 0.63
N ILE A 21 2.32 -10.81 0.83
CA ILE A 21 3.06 -9.58 0.69
C ILE A 21 3.27 -9.32 -0.79
N GLN A 22 3.74 -10.34 -1.48
CA GLN A 22 3.97 -10.23 -2.90
C GLN A 22 2.77 -9.54 -3.56
N LYS A 23 1.58 -10.06 -3.27
CA LYS A 23 0.37 -9.47 -3.83
C LYS A 23 0.15 -8.06 -3.28
N LEU A 24 0.35 -7.90 -1.97
CA LEU A 24 0.16 -6.59 -1.34
C LEU A 24 1.16 -5.57 -1.86
N VAL A 25 2.43 -5.79 -1.56
CA VAL A 25 3.48 -4.89 -2.02
C VAL A 25 3.22 -4.47 -3.45
N GLY A 26 2.61 -5.37 -4.23
CA GLY A 26 2.29 -5.06 -5.62
C GLY A 26 1.17 -4.02 -5.67
N LYS A 27 0.16 -4.20 -4.84
CA LYS A 27 -0.96 -3.27 -4.79
C LYS A 27 -0.51 -1.90 -4.28
N LEU A 28 0.17 -1.91 -3.13
CA LEU A 28 0.66 -0.66 -2.55
C LEU A 28 1.32 0.17 -3.64
N ASN A 29 2.24 -0.45 -4.35
CA ASN A 29 2.94 0.24 -5.42
C ASN A 29 1.93 0.95 -6.31
N TRP A 30 0.98 0.19 -6.84
CA TRP A 30 -0.05 0.76 -7.69
C TRP A 30 -0.73 1.93 -6.95
N ALA A 31 -1.30 1.62 -5.79
CA ALA A 31 -1.96 2.64 -4.99
C ALA A 31 -1.09 3.89 -4.92
N SER A 32 0.21 3.68 -4.78
CA SER A 32 1.15 4.79 -4.73
C SER A 32 0.87 5.76 -5.86
N GLN A 33 0.69 5.23 -7.05
CA GLN A 33 0.40 6.07 -8.21
C GLN A 33 -0.97 6.71 -8.06
N ILE A 34 -1.75 6.17 -7.14
CA ILE A 34 -3.10 6.67 -6.88
C ILE A 34 -3.17 7.37 -5.52
N TYR A 35 -2.02 7.46 -4.85
CA TYR A 35 -1.98 8.09 -3.54
C TYR A 35 -0.52 8.45 -3.20
N PRO A 36 -0.19 9.71 -3.06
CA PRO A 36 1.20 10.14 -2.75
C PRO A 36 1.53 10.07 -1.26
N GLY A 37 2.72 9.60 -0.97
CA GLY A 37 3.19 9.49 0.42
C GLY A 37 3.35 8.04 0.84
N ILE A 38 2.60 7.16 0.21
CA ILE A 38 2.67 5.73 0.52
C ILE A 38 3.98 5.15 -0.02
N LYS A 39 4.74 4.53 0.86
CA LYS A 39 6.01 3.94 0.48
C LYS A 39 5.86 2.42 0.36
N VAL A 40 6.83 1.79 -0.28
CA VAL A 40 6.80 0.34 -0.46
C VAL A 40 8.21 -0.21 -0.56
N ARG A 41 9.16 0.55 -0.02
CA ARG A 41 10.57 0.15 -0.04
C ARG A 41 10.86 -0.84 1.07
N GLN A 42 10.22 -0.65 2.22
CA GLN A 42 10.44 -1.54 3.36
C GLN A 42 9.55 -2.78 3.26
N LEU A 43 8.41 -2.63 2.60
CA LEU A 43 7.49 -3.75 2.45
C LEU A 43 7.99 -4.70 1.36
N SER A 44 8.65 -4.13 0.37
CA SER A 44 9.21 -4.94 -0.70
C SER A 44 10.48 -5.63 -0.22
N LYS A 45 11.22 -4.93 0.62
CA LYS A 45 12.45 -5.50 1.18
C LYS A 45 12.12 -6.79 1.92
N LEU A 46 11.02 -6.76 2.68
CA LEU A 46 10.60 -7.95 3.41
C LEU A 46 10.61 -9.17 2.50
N LEU A 47 10.59 -8.92 1.19
CA LEU A 47 10.58 -10.02 0.23
C LEU A 47 11.98 -10.29 -0.31
N ARG A 48 12.68 -9.24 -0.72
CA ARG A 48 14.03 -9.40 -1.25
C ARG A 48 14.82 -10.42 -0.43
N GLY A 49 14.87 -11.65 -0.94
CA GLY A 49 15.58 -12.72 -0.24
C GLY A 49 14.62 -13.48 0.68
N THR A 50 13.47 -13.85 0.13
CA THR A 50 12.46 -14.58 0.91
C THR A 50 12.63 -16.09 0.76
N LYS A 51 11.54 -16.81 0.94
CA LYS A 51 11.56 -18.27 0.84
C LYS A 51 10.32 -18.79 0.12
N ALA A 52 9.65 -19.77 0.72
CA ALA A 52 8.45 -20.35 0.13
C ALA A 52 7.43 -19.25 -0.13
N LEU A 53 6.17 -19.64 -0.32
CA LEU A 53 5.12 -18.67 -0.58
C LEU A 53 4.21 -18.52 0.64
N THR A 54 4.31 -19.46 1.55
CA THR A 54 3.51 -19.43 2.77
C THR A 54 4.40 -19.16 3.98
N GLU A 55 5.55 -18.53 3.73
CA GLU A 55 6.46 -18.23 4.83
C GLU A 55 6.07 -16.91 5.49
N VAL A 56 5.66 -17.00 6.75
CA VAL A 56 5.25 -15.83 7.50
C VAL A 56 6.39 -14.82 7.58
N ILE A 57 6.06 -13.55 7.32
CA ILE A 57 7.06 -12.49 7.34
C ILE A 57 6.61 -11.33 8.24
N PRO A 58 6.90 -11.39 9.52
CA PRO A 58 6.50 -10.31 10.47
C PRO A 58 6.88 -8.93 9.95
N LEU A 59 5.97 -7.98 10.04
CA LEU A 59 6.23 -6.63 9.56
C LEU A 59 7.20 -5.90 10.48
N THR A 60 8.34 -5.49 9.94
CA THR A 60 9.33 -4.78 10.73
C THR A 60 8.78 -3.42 11.14
N GLU A 61 9.25 -2.91 12.27
CA GLU A 61 8.78 -1.61 12.77
C GLU A 61 8.58 -0.63 11.62
N GLU A 62 9.56 -0.55 10.74
CA GLU A 62 9.50 0.36 9.60
C GLU A 62 8.57 -0.17 8.50
N ALA A 63 8.29 -1.47 8.52
CA ALA A 63 7.43 -2.06 7.52
C ALA A 63 5.99 -1.88 7.92
N GLU A 64 5.71 -2.07 9.21
CA GLU A 64 4.37 -1.90 9.70
C GLU A 64 4.04 -0.42 9.79
N LEU A 65 5.10 0.40 9.82
CA LEU A 65 4.93 1.84 9.90
C LEU A 65 4.44 2.38 8.56
N GLU A 66 5.07 1.93 7.48
CA GLU A 66 4.67 2.39 6.14
C GLU A 66 3.24 1.98 5.85
N LEU A 67 2.97 0.68 5.93
CA LEU A 67 1.63 0.17 5.67
C LEU A 67 0.59 1.03 6.40
N ALA A 68 0.85 1.28 7.67
CA ALA A 68 -0.09 2.09 8.47
C ALA A 68 -0.32 3.45 7.82
N GLU A 69 0.74 4.23 7.71
CA GLU A 69 0.64 5.55 7.11
C GLU A 69 0.11 5.47 5.68
N ASN A 70 0.33 4.35 5.02
CA ASN A 70 -0.15 4.19 3.65
C ASN A 70 -1.66 4.15 3.63
N ARG A 71 -2.21 3.16 4.31
CA ARG A 71 -3.65 3.01 4.40
C ARG A 71 -4.30 4.38 4.58
N GLU A 72 -3.63 5.20 5.37
CA GLU A 72 -4.12 6.54 5.67
C GLU A 72 -4.26 7.38 4.39
N ILE A 73 -3.22 7.42 3.57
CA ILE A 73 -3.26 8.23 2.34
C ILE A 73 -4.40 7.77 1.41
N LEU A 74 -4.72 6.48 1.44
CA LEU A 74 -5.78 5.96 0.59
C LEU A 74 -7.14 6.56 0.95
N LYS A 75 -7.14 7.53 1.85
CA LYS A 75 -8.38 8.18 2.26
C LYS A 75 -8.61 9.45 1.45
N GLU A 76 -7.54 9.95 0.82
CA GLU A 76 -7.65 11.16 0.02
C GLU A 76 -8.64 10.97 -1.13
N PRO A 77 -9.18 12.03 -1.67
CA PRO A 77 -10.16 11.96 -2.80
C PRO A 77 -9.47 11.71 -4.14
N VAL A 78 -8.19 12.06 -4.22
CA VAL A 78 -7.42 11.87 -5.45
C VAL A 78 -8.05 12.66 -6.59
N HIS A 79 -9.07 12.10 -7.23
CA HIS A 79 -9.72 12.77 -8.34
C HIS A 79 -8.71 13.42 -9.26
N GLY A 80 -9.18 14.28 -10.16
CA GLY A 80 -8.30 14.96 -11.10
C GLY A 80 -7.34 13.96 -11.76
N VAL A 81 -7.72 13.51 -12.94
CA VAL A 81 -6.88 12.55 -13.67
C VAL A 81 -5.45 13.03 -13.74
N TYR A 82 -4.52 12.11 -13.58
CA TYR A 82 -3.11 12.46 -13.62
C TYR A 82 -2.23 11.22 -13.43
N LEU A 83 -1.35 10.97 -14.40
CA LEU A 83 -0.46 9.82 -14.34
C LEU A 83 0.95 10.26 -13.99
N GLU A 84 1.93 9.65 -14.65
CA GLU A 84 3.33 9.98 -14.40
C GLU A 84 4.14 9.87 -15.69
N HIS A 85 5.43 9.59 -15.55
CA HIS A 85 6.30 9.47 -16.72
C HIS A 85 5.61 8.68 -17.82
N HIS A 86 4.66 7.83 -17.42
CA HIS A 86 3.91 7.03 -18.39
C HIS A 86 4.85 6.48 -19.46
N HIS A 87 4.91 7.19 -20.59
CA HIS A 87 5.78 6.76 -21.69
C HIS A 87 5.61 5.27 -21.96
N HIS A 88 4.39 4.86 -22.30
CA HIS A 88 4.11 3.45 -22.58
C HIS A 88 3.19 3.31 -23.78
N HIS A 89 2.28 4.27 -23.92
CA HIS A 89 1.33 4.24 -25.03
C HIS A 89 0.45 3.00 -24.96
N HIS A 90 -0.27 2.73 -26.04
CA HIS A 90 -1.16 1.57 -26.08
C HIS A 90 -2.00 1.49 -24.82
N ASP A 1 -19.88 11.87 -13.57
CA ASP A 1 -19.00 11.23 -14.60
C ASP A 1 -17.84 12.17 -14.90
N LYS A 2 -16.63 11.63 -14.87
CA LYS A 2 -15.43 12.42 -15.16
C LYS A 2 -14.20 11.55 -15.15
N TRP A 3 -14.04 10.77 -14.09
CA TRP A 3 -12.89 9.87 -13.97
C TRP A 3 -12.94 9.11 -12.65
N THR A 4 -12.51 9.77 -11.58
CA THR A 4 -12.51 9.13 -10.27
C THR A 4 -11.56 7.95 -10.24
N VAL A 5 -11.27 7.45 -9.04
CA VAL A 5 -10.38 6.31 -8.89
C VAL A 5 -11.16 5.07 -8.49
N GLN A 6 -10.43 4.04 -8.06
CA GLN A 6 -11.06 2.78 -7.65
C GLN A 6 -10.76 2.51 -6.17
N PRO A 7 -11.62 1.77 -5.50
CA PRO A 7 -11.42 1.44 -4.05
C PRO A 7 -10.24 0.51 -3.82
N ILE A 8 -9.50 0.75 -2.74
CA ILE A 8 -8.34 -0.06 -2.40
C ILE A 8 -8.44 -0.57 -0.97
N VAL A 9 -8.53 -1.89 -0.82
CA VAL A 9 -8.64 -2.50 0.51
C VAL A 9 -7.35 -3.23 0.88
N LEU A 10 -6.94 -3.08 2.14
CA LEU A 10 -5.72 -3.73 2.62
C LEU A 10 -5.94 -4.34 4.01
N PRO A 11 -6.49 -5.52 4.09
CA PRO A 11 -6.74 -6.21 5.39
C PRO A 11 -5.52 -6.18 6.31
N GLU A 12 -5.70 -6.66 7.54
CA GLU A 12 -4.60 -6.68 8.51
C GLU A 12 -4.57 -8.01 9.25
N LYS A 13 -3.45 -8.71 9.15
CA LYS A 13 -3.30 -10.00 9.82
C LYS A 13 -1.83 -10.25 10.18
N ASP A 14 -1.60 -10.73 11.40
CA ASP A 14 -0.23 -11.00 11.85
C ASP A 14 0.27 -12.31 11.25
N SER A 15 0.01 -12.52 9.97
CA SER A 15 0.45 -13.72 9.29
C SER A 15 0.64 -13.42 7.82
N TRP A 16 1.48 -12.42 7.55
CA TRP A 16 1.73 -12.00 6.18
C TRP A 16 2.75 -12.93 5.51
N THR A 17 2.31 -13.69 4.50
CA THR A 17 3.20 -14.59 3.80
C THR A 17 3.78 -13.93 2.55
N VAL A 18 4.84 -14.53 2.02
CA VAL A 18 5.49 -14.00 0.82
C VAL A 18 4.45 -13.80 -0.28
N ASN A 19 3.56 -14.77 -0.42
CA ASN A 19 2.51 -14.69 -1.42
C ASN A 19 1.56 -13.54 -1.10
N ASP A 20 1.31 -13.33 0.18
CA ASP A 20 0.42 -12.28 0.63
C ASP A 20 1.07 -10.91 0.53
N ILE A 21 2.38 -10.85 0.74
CA ILE A 21 3.07 -9.57 0.64
C ILE A 21 3.29 -9.24 -0.82
N GLN A 22 3.78 -10.22 -1.54
CA GLN A 22 4.03 -10.06 -2.96
C GLN A 22 2.85 -9.33 -3.60
N LYS A 23 1.67 -9.90 -3.45
CA LYS A 23 0.46 -9.29 -4.01
C LYS A 23 0.22 -7.92 -3.37
N LEU A 24 0.39 -7.84 -2.05
CA LEU A 24 0.19 -6.59 -1.33
C LEU A 24 0.98 -5.47 -1.98
N VAL A 25 2.31 -5.63 -2.00
CA VAL A 25 3.16 -4.62 -2.59
C VAL A 25 2.54 -4.17 -3.91
N GLY A 26 2.04 -5.15 -4.65
CA GLY A 26 1.40 -4.89 -5.94
C GLY A 26 0.28 -3.88 -5.79
N LYS A 27 -0.37 -3.89 -4.65
CA LYS A 27 -1.46 -2.95 -4.39
C LYS A 27 -0.87 -1.62 -3.94
N LEU A 28 0.15 -1.70 -3.10
CA LEU A 28 0.81 -0.51 -2.58
C LEU A 28 1.40 0.33 -3.70
N ASN A 29 2.10 -0.34 -4.60
CA ASN A 29 2.71 0.35 -5.73
C ASN A 29 1.65 0.85 -6.69
N TRP A 30 0.83 -0.07 -7.20
CA TRP A 30 -0.24 0.29 -8.11
C TRP A 30 -1.09 1.41 -7.49
N ALA A 31 -1.19 1.39 -6.17
CA ALA A 31 -1.98 2.42 -5.47
C ALA A 31 -1.13 3.66 -5.24
N SER A 32 0.17 3.48 -5.09
CA SER A 32 1.07 4.61 -4.88
C SER A 32 0.78 5.69 -5.90
N GLN A 33 0.53 5.26 -7.13
CA GLN A 33 0.21 6.21 -8.20
C GLN A 33 -1.17 6.79 -7.98
N ILE A 34 -1.97 6.11 -7.18
CA ILE A 34 -3.33 6.55 -6.87
C ILE A 34 -3.38 7.13 -5.47
N TYR A 35 -2.23 7.23 -4.84
CA TYR A 35 -2.15 7.75 -3.49
C TYR A 35 -0.69 8.08 -3.14
N PRO A 36 -0.36 9.32 -2.89
CA PRO A 36 1.03 9.73 -2.56
C PRO A 36 1.38 9.51 -1.10
N GLY A 37 2.67 9.39 -0.85
CA GLY A 37 3.17 9.17 0.50
C GLY A 37 3.33 7.69 0.79
N ILE A 38 2.85 6.86 -0.13
CA ILE A 38 2.95 5.43 0.03
C ILE A 38 4.34 4.95 -0.37
N LYS A 39 4.86 4.00 0.38
CA LYS A 39 6.16 3.43 0.11
C LYS A 39 6.10 1.93 0.28
N VAL A 40 6.80 1.21 -0.59
CA VAL A 40 6.80 -0.25 -0.52
C VAL A 40 8.22 -0.77 -0.43
N ARG A 41 9.17 0.15 -0.39
CA ARG A 41 10.57 -0.22 -0.28
C ARG A 41 10.76 -1.13 0.93
N GLN A 42 10.32 -0.68 2.09
CA GLN A 42 10.45 -1.47 3.31
C GLN A 42 9.71 -2.80 3.16
N LEU A 43 8.48 -2.74 2.67
CA LEU A 43 7.69 -3.94 2.48
C LEU A 43 8.37 -4.86 1.47
N SER A 44 9.14 -4.25 0.56
CA SER A 44 9.87 -5.02 -0.44
C SER A 44 11.16 -5.58 0.15
N LYS A 45 11.61 -4.99 1.25
CA LYS A 45 12.83 -5.45 1.90
C LYS A 45 12.56 -6.77 2.62
N LEU A 46 11.34 -6.91 3.14
CA LEU A 46 10.97 -8.14 3.84
C LEU A 46 10.72 -9.24 2.83
N LEU A 47 10.32 -8.86 1.61
CA LEU A 47 10.05 -9.83 0.57
C LEU A 47 11.18 -10.84 0.51
N ARG A 48 12.37 -10.36 0.19
CA ARG A 48 13.55 -11.22 0.09
C ARG A 48 13.95 -11.76 1.45
N GLY A 49 13.10 -11.52 2.45
CA GLY A 49 13.37 -11.99 3.80
C GLY A 49 12.84 -13.40 3.98
N THR A 50 12.23 -13.91 2.92
CA THR A 50 11.67 -15.26 2.95
C THR A 50 11.80 -15.91 1.57
N LYS A 51 11.38 -17.17 1.46
CA LYS A 51 11.49 -17.89 0.20
C LYS A 51 10.15 -18.43 -0.32
N ALA A 52 9.63 -19.44 0.36
CA ALA A 52 8.38 -20.08 -0.06
C ALA A 52 7.28 -19.05 -0.26
N LEU A 53 6.06 -19.54 -0.50
CA LEU A 53 4.93 -18.66 -0.73
C LEU A 53 3.98 -18.69 0.46
N THR A 54 4.36 -19.44 1.48
CA THR A 54 3.55 -19.54 2.67
C THR A 54 4.41 -19.27 3.89
N GLU A 55 5.48 -18.50 3.69
CA GLU A 55 6.37 -18.17 4.80
C GLU A 55 6.03 -16.80 5.38
N VAL A 56 5.59 -16.79 6.63
CA VAL A 56 5.22 -15.56 7.30
C VAL A 56 6.40 -14.59 7.37
N ILE A 57 6.10 -13.31 7.16
CA ILE A 57 7.14 -12.28 7.19
C ILE A 57 6.78 -11.18 8.18
N PRO A 58 7.16 -11.31 9.43
CA PRO A 58 6.86 -10.28 10.46
C PRO A 58 7.18 -8.88 9.97
N LEU A 59 6.22 -7.97 10.09
CA LEU A 59 6.42 -6.59 9.64
C LEU A 59 7.39 -5.86 10.56
N THR A 60 8.52 -5.44 10.00
CA THR A 60 9.51 -4.72 10.78
C THR A 60 8.95 -3.36 11.20
N GLU A 61 9.42 -2.86 12.34
CA GLU A 61 8.95 -1.57 12.83
C GLU A 61 8.80 -0.57 11.69
N GLU A 62 9.77 -0.54 10.79
CA GLU A 62 9.74 0.38 9.66
C GLU A 62 8.83 -0.14 8.54
N ALA A 63 8.54 -1.44 8.54
CA ALA A 63 7.68 -2.01 7.53
C ALA A 63 6.24 -1.83 7.93
N GLU A 64 5.98 -2.02 9.21
CA GLU A 64 4.64 -1.84 9.71
C GLU A 64 4.32 -0.36 9.80
N LEU A 65 5.37 0.45 9.85
CA LEU A 65 5.21 1.90 9.91
C LEU A 65 4.70 2.41 8.57
N GLU A 66 5.33 1.96 7.49
CA GLU A 66 4.91 2.40 6.15
C GLU A 66 3.47 2.00 5.91
N LEU A 67 3.19 0.70 5.97
CA LEU A 67 1.85 0.20 5.75
C LEU A 67 0.84 1.07 6.49
N ALA A 68 1.12 1.33 7.76
CA ALA A 68 0.23 2.16 8.58
C ALA A 68 -0.03 3.50 7.90
N GLU A 69 1.03 4.24 7.64
CA GLU A 69 0.91 5.55 7.01
C GLU A 69 0.18 5.45 5.67
N ASN A 70 0.30 4.31 5.01
CA ASN A 70 -0.34 4.12 3.71
C ASN A 70 -1.85 4.03 3.89
N ARG A 71 -2.29 3.04 4.65
CA ARG A 71 -3.72 2.84 4.89
C ARG A 71 -4.36 4.15 5.36
N GLU A 72 -3.55 5.02 5.93
CA GLU A 72 -4.05 6.30 6.43
C GLU A 72 -4.22 7.32 5.31
N ILE A 73 -3.35 7.26 4.31
CA ILE A 73 -3.45 8.18 3.19
C ILE A 73 -4.68 7.90 2.34
N LEU A 74 -4.96 6.62 2.12
CA LEU A 74 -6.10 6.23 1.31
C LEU A 74 -7.37 6.99 1.69
N LYS A 75 -7.31 7.74 2.80
CA LYS A 75 -8.46 8.51 3.24
C LYS A 75 -8.72 9.67 2.28
N GLU A 76 -7.80 9.89 1.35
CA GLU A 76 -7.95 10.98 0.38
C GLU A 76 -8.84 10.54 -0.78
N PRO A 77 -9.45 11.46 -1.47
CA PRO A 77 -10.36 11.16 -2.62
C PRO A 77 -9.59 10.79 -3.90
N VAL A 78 -8.68 11.67 -4.30
CA VAL A 78 -7.90 11.44 -5.52
C VAL A 78 -8.80 11.43 -6.74
N HIS A 79 -9.08 12.62 -7.26
CA HIS A 79 -9.95 12.74 -8.42
C HIS A 79 -9.84 14.13 -9.03
N GLY A 80 -10.41 14.30 -10.23
CA GLY A 80 -10.38 15.59 -10.90
C GLY A 80 -9.10 15.76 -11.71
N VAL A 81 -9.19 16.48 -12.82
CA VAL A 81 -8.04 16.70 -13.68
C VAL A 81 -7.56 18.15 -13.56
N TYR A 82 -8.16 18.89 -12.64
CA TYR A 82 -7.78 20.28 -12.43
C TYR A 82 -6.27 20.42 -12.28
N LEU A 83 -5.82 21.64 -12.01
CA LEU A 83 -4.39 21.90 -11.83
C LEU A 83 -4.15 22.77 -10.60
N GLU A 84 -2.91 23.23 -10.44
CA GLU A 84 -2.53 24.07 -9.29
C GLU A 84 -2.17 23.19 -8.10
N HIS A 85 -1.41 22.13 -8.36
CA HIS A 85 -0.99 21.22 -7.30
C HIS A 85 0.46 20.79 -7.51
N HIS A 86 1.39 21.66 -7.14
CA HIS A 86 2.81 21.35 -7.29
C HIS A 86 3.09 19.91 -6.87
N HIS A 87 3.10 19.01 -7.85
CA HIS A 87 3.36 17.60 -7.57
C HIS A 87 3.55 16.83 -8.88
N HIS A 88 3.81 15.53 -8.75
CA HIS A 88 4.02 14.70 -9.93
C HIS A 88 2.68 14.38 -10.60
N HIS A 89 1.61 14.97 -10.07
CA HIS A 89 0.28 14.76 -10.62
C HIS A 89 -0.13 15.92 -11.52
N HIS A 90 -0.45 15.61 -12.77
CA HIS A 90 -0.86 16.64 -13.72
C HIS A 90 -1.94 16.10 -14.66
N ASP A 1 -20.37 7.72 -11.43
CA ASP A 1 -20.59 8.59 -10.24
C ASP A 1 -20.22 10.03 -10.60
N LYS A 2 -18.93 10.33 -10.57
CA LYS A 2 -18.46 11.67 -10.90
C LYS A 2 -16.98 11.62 -11.28
N TRP A 3 -16.17 11.10 -10.37
CA TRP A 3 -14.74 11.00 -10.61
C TRP A 3 -14.06 10.16 -9.55
N THR A 4 -12.74 10.15 -9.57
CA THR A 4 -11.99 9.39 -8.60
C THR A 4 -12.02 7.91 -8.92
N VAL A 5 -10.91 7.22 -8.64
CA VAL A 5 -10.82 5.79 -8.92
C VAL A 5 -11.91 5.02 -8.18
N GLN A 6 -11.51 4.06 -7.37
CA GLN A 6 -12.47 3.27 -6.61
C GLN A 6 -11.87 2.81 -5.27
N PRO A 7 -12.69 2.52 -4.30
CA PRO A 7 -12.21 2.04 -2.97
C PRO A 7 -11.06 1.04 -3.07
N ILE A 8 -9.97 1.32 -2.36
CA ILE A 8 -8.82 0.43 -2.38
C ILE A 8 -8.81 -0.41 -1.10
N VAL A 9 -9.01 -1.71 -1.26
CA VAL A 9 -9.04 -2.61 -0.11
C VAL A 9 -7.62 -2.97 0.33
N LEU A 10 -7.36 -2.82 1.63
CA LEU A 10 -6.06 -3.13 2.19
C LEU A 10 -6.20 -3.86 3.53
N PRO A 11 -6.26 -5.18 3.53
CA PRO A 11 -6.40 -5.96 4.79
C PRO A 11 -5.35 -5.58 5.83
N GLU A 12 -5.62 -5.93 7.09
CA GLU A 12 -4.68 -5.62 8.17
C GLU A 12 -4.59 -6.78 9.16
N LYS A 13 -3.42 -7.43 9.18
CA LYS A 13 -3.21 -8.55 10.09
C LYS A 13 -1.74 -8.64 10.49
N ASP A 14 -1.39 -9.71 11.20
CA ASP A 14 0.00 -9.90 11.64
C ASP A 14 0.49 -11.31 11.30
N SER A 15 0.39 -11.66 10.02
CA SER A 15 0.83 -12.97 9.55
C SER A 15 0.90 -12.97 8.03
N TRP A 16 1.62 -11.99 7.50
CA TRP A 16 1.76 -11.85 6.06
C TRP A 16 2.82 -12.79 5.52
N THR A 17 2.43 -13.66 4.59
CA THR A 17 3.37 -14.59 4.01
C THR A 17 3.97 -14.01 2.74
N VAL A 18 5.08 -14.59 2.28
CA VAL A 18 5.73 -14.14 1.08
C VAL A 18 4.68 -13.83 0.03
N ASN A 19 3.66 -14.66 -0.02
CA ASN A 19 2.57 -14.47 -0.95
C ASN A 19 1.76 -13.22 -0.58
N ASP A 20 1.45 -13.09 0.70
CA ASP A 20 0.69 -11.94 1.18
C ASP A 20 1.51 -10.66 1.05
N ILE A 21 2.83 -10.78 1.16
CA ILE A 21 3.70 -9.62 1.03
C ILE A 21 3.83 -9.28 -0.44
N GLN A 22 4.05 -10.32 -1.23
CA GLN A 22 4.21 -10.18 -2.66
C GLN A 22 3.07 -9.35 -3.26
N LYS A 23 1.84 -9.83 -3.11
CA LYS A 23 0.69 -9.11 -3.64
C LYS A 23 0.61 -7.72 -3.02
N LEU A 24 0.86 -7.64 -1.71
CA LEU A 24 0.82 -6.35 -1.03
C LEU A 24 1.72 -5.35 -1.72
N VAL A 25 3.02 -5.66 -1.76
CA VAL A 25 3.97 -4.78 -2.40
C VAL A 25 3.41 -4.33 -3.74
N GLY A 26 2.67 -5.22 -4.39
CA GLY A 26 2.08 -4.92 -5.68
C GLY A 26 0.87 -4.01 -5.51
N LYS A 27 0.20 -4.13 -4.37
CA LYS A 27 -0.97 -3.32 -4.09
C LYS A 27 -0.55 -1.89 -3.78
N LEU A 28 0.33 -1.73 -2.80
CA LEU A 28 0.82 -0.41 -2.42
C LEU A 28 1.51 0.26 -3.59
N ASN A 29 2.12 -0.55 -4.45
CA ASN A 29 2.81 -0.02 -5.62
C ASN A 29 1.81 0.67 -6.53
N TRP A 30 0.84 -0.10 -7.00
CA TRP A 30 -0.20 0.44 -7.87
C TRP A 30 -0.96 1.55 -7.15
N ALA A 31 -1.18 1.36 -5.85
CA ALA A 31 -1.88 2.36 -5.06
C ALA A 31 -1.05 3.63 -4.97
N SER A 32 0.26 3.47 -4.87
CA SER A 32 1.15 4.62 -4.79
C SER A 32 0.87 5.57 -5.94
N GLN A 33 0.70 5.01 -7.13
CA GLN A 33 0.41 5.83 -8.31
C GLN A 33 -1.03 6.37 -8.22
N ILE A 34 -1.73 5.95 -7.17
CA ILE A 34 -3.12 6.38 -6.97
C ILE A 34 -3.26 6.94 -5.56
N TYR A 35 -2.15 7.16 -4.90
CA TYR A 35 -2.18 7.68 -3.55
C TYR A 35 -0.77 8.03 -3.08
N PRO A 36 -0.51 9.26 -2.71
CA PRO A 36 0.84 9.69 -2.26
C PRO A 36 1.10 9.33 -0.81
N GLY A 37 2.35 9.45 -0.41
CA GLY A 37 2.75 9.16 0.95
C GLY A 37 3.06 7.68 1.12
N ILE A 38 2.47 6.85 0.27
CA ILE A 38 2.70 5.41 0.33
C ILE A 38 4.16 5.10 0.03
N LYS A 39 4.70 4.14 0.76
CA LYS A 39 6.07 3.71 0.58
C LYS A 39 6.12 2.21 0.32
N VAL A 40 7.15 1.77 -0.41
CA VAL A 40 7.29 0.35 -0.71
C VAL A 40 8.75 -0.01 -0.89
N ARG A 41 9.62 0.69 -0.16
CA ARG A 41 11.04 0.42 -0.22
C ARG A 41 11.39 -0.74 0.71
N GLN A 42 10.78 -0.73 1.88
CA GLN A 42 11.02 -1.79 2.87
C GLN A 42 10.13 -3.00 2.60
N LEU A 43 8.84 -2.75 2.38
CA LEU A 43 7.90 -3.82 2.11
C LEU A 43 8.44 -4.75 1.04
N SER A 44 9.20 -4.19 0.10
CA SER A 44 9.78 -4.99 -0.96
C SER A 44 10.95 -5.81 -0.41
N LYS A 45 11.86 -5.13 0.29
CA LYS A 45 13.02 -5.79 0.86
C LYS A 45 12.57 -6.91 1.80
N LEU A 46 11.41 -6.73 2.43
CA LEU A 46 10.89 -7.74 3.35
C LEU A 46 10.90 -9.12 2.69
N LEU A 47 10.70 -9.14 1.37
CA LEU A 47 10.69 -10.41 0.64
C LEU A 47 12.07 -11.05 0.66
N ARG A 48 13.10 -10.22 0.49
CA ARG A 48 14.47 -10.72 0.48
C ARG A 48 14.73 -11.58 1.72
N GLY A 49 14.38 -12.85 1.63
CA GLY A 49 14.58 -13.78 2.74
C GLY A 49 14.07 -15.17 2.38
N THR A 50 12.76 -15.38 2.53
CA THR A 50 12.17 -16.67 2.22
C THR A 50 11.42 -16.58 0.88
N LYS A 51 11.32 -17.72 0.20
CA LYS A 51 10.65 -17.77 -1.09
C LYS A 51 9.32 -18.51 -1.00
N ALA A 52 9.21 -19.44 -0.04
CA ALA A 52 7.98 -20.21 0.11
C ALA A 52 6.80 -19.27 0.25
N LEU A 53 5.75 -19.53 -0.51
CA LEU A 53 4.55 -18.69 -0.50
C LEU A 53 3.68 -18.98 0.72
N THR A 54 4.26 -19.66 1.68
CA THR A 54 3.56 -20.00 2.90
C THR A 54 4.40 -19.61 4.11
N GLU A 55 5.47 -18.85 3.87
CA GLU A 55 6.34 -18.44 4.97
C GLU A 55 5.85 -17.12 5.54
N VAL A 56 5.36 -17.17 6.79
CA VAL A 56 4.87 -15.97 7.47
C VAL A 56 6.00 -15.02 7.80
N ILE A 57 6.02 -13.88 7.10
CA ILE A 57 7.07 -12.89 7.32
C ILE A 57 6.48 -11.68 8.06
N PRO A 58 6.97 -11.33 9.25
CA PRO A 58 6.44 -10.18 10.01
C PRO A 58 6.93 -8.85 9.45
N LEU A 59 6.12 -7.81 9.58
CA LEU A 59 6.48 -6.50 9.07
C LEU A 59 7.32 -5.74 10.09
N THR A 60 8.48 -5.27 9.66
CA THR A 60 9.36 -4.52 10.55
C THR A 60 8.65 -3.26 11.04
N GLU A 61 8.89 -2.88 12.29
CA GLU A 61 8.25 -1.69 12.86
C GLU A 61 8.13 -0.58 11.82
N GLU A 62 9.18 -0.35 11.06
CA GLU A 62 9.18 0.69 10.04
C GLU A 62 8.41 0.26 8.80
N ALA A 63 8.28 -1.04 8.59
CA ALA A 63 7.55 -1.56 7.44
C ALA A 63 6.07 -1.43 7.69
N GLU A 64 5.67 -1.75 8.92
CA GLU A 64 4.27 -1.66 9.27
C GLU A 64 3.92 -0.19 9.45
N LEU A 65 4.95 0.62 9.66
CA LEU A 65 4.74 2.06 9.83
C LEU A 65 4.20 2.66 8.55
N GLU A 66 4.86 2.38 7.42
CA GLU A 66 4.38 2.91 6.14
C GLU A 66 3.00 2.35 5.83
N LEU A 67 2.88 1.04 5.90
CA LEU A 67 1.60 0.38 5.63
C LEU A 67 0.48 1.09 6.37
N ALA A 68 0.62 1.21 7.68
CA ALA A 68 -0.40 1.86 8.49
C ALA A 68 -0.76 3.23 7.91
N GLU A 69 0.24 4.08 7.76
CA GLU A 69 0.03 5.41 7.23
C GLU A 69 -0.58 5.35 5.82
N ASN A 70 -0.25 4.31 5.07
CA ASN A 70 -0.78 4.16 3.72
C ASN A 70 -2.27 3.91 3.75
N ARG A 71 -2.66 2.81 4.38
CA ARG A 71 -4.06 2.44 4.49
C ARG A 71 -4.90 3.67 4.80
N GLU A 72 -4.37 4.50 5.67
CA GLU A 72 -5.06 5.72 6.07
C GLU A 72 -5.22 6.68 4.89
N ILE A 73 -4.16 6.81 4.10
CA ILE A 73 -4.20 7.71 2.94
C ILE A 73 -5.28 7.28 1.95
N LEU A 74 -5.41 5.97 1.76
CA LEU A 74 -6.39 5.44 0.81
C LEU A 74 -7.78 6.04 1.06
N LYS A 75 -7.92 6.77 2.16
CA LYS A 75 -9.20 7.39 2.50
C LYS A 75 -9.18 8.88 2.17
N GLU A 76 -8.49 9.23 1.09
CA GLU A 76 -8.39 10.63 0.68
C GLU A 76 -8.80 10.79 -0.79
N PRO A 77 -9.24 11.96 -1.18
CA PRO A 77 -9.64 12.22 -2.61
C PRO A 77 -8.42 12.40 -3.51
N VAL A 78 -8.35 11.61 -4.58
CA VAL A 78 -7.22 11.69 -5.51
C VAL A 78 -7.69 12.13 -6.89
N HIS A 79 -8.07 11.17 -7.73
CA HIS A 79 -8.51 11.49 -9.08
C HIS A 79 -9.93 12.08 -9.05
N GLY A 80 -10.15 13.01 -8.13
CA GLY A 80 -11.46 13.65 -8.01
C GLY A 80 -11.35 14.97 -7.26
N VAL A 81 -12.35 15.28 -6.44
CA VAL A 81 -12.35 16.52 -5.68
C VAL A 81 -11.02 16.71 -4.94
N TYR A 82 -10.93 17.75 -4.13
CA TYR A 82 -9.73 18.03 -3.38
C TYR A 82 -10.07 18.35 -1.92
N LEU A 83 -9.13 18.96 -1.21
CA LEU A 83 -9.32 19.30 0.19
C LEU A 83 -8.89 20.73 0.47
N GLU A 84 -8.17 21.33 -0.47
CA GLU A 84 -7.69 22.70 -0.31
C GLU A 84 -8.86 23.64 -0.02
N HIS A 85 -8.58 24.93 0.04
CA HIS A 85 -9.61 25.92 0.33
C HIS A 85 -9.09 27.33 0.04
N HIS A 86 -9.41 28.26 0.94
CA HIS A 86 -8.97 29.64 0.78
C HIS A 86 -7.45 29.73 0.85
N HIS A 87 -6.91 30.85 0.38
CA HIS A 87 -5.46 31.05 0.40
C HIS A 87 -5.12 32.47 0.81
N HIS A 88 -4.75 33.29 -0.18
CA HIS A 88 -4.39 34.69 0.09
C HIS A 88 -5.65 35.54 0.19
N HIS A 89 -5.54 36.69 0.85
CA HIS A 89 -6.67 37.59 1.00
C HIS A 89 -6.57 38.74 0.01
N HIS A 90 -5.97 39.85 0.44
CA HIS A 90 -5.82 41.01 -0.42
C HIS A 90 -7.18 41.46 -0.95
N ASP A 1 -17.63 10.93 -14.67
CA ASP A 1 -18.67 11.22 -13.64
C ASP A 1 -18.13 12.27 -12.67
N LYS A 2 -17.02 11.94 -12.01
CA LYS A 2 -16.42 12.85 -11.05
C LYS A 2 -15.04 12.33 -10.67
N TRP A 3 -14.99 11.05 -10.33
CA TRP A 3 -13.74 10.41 -9.95
C TRP A 3 -13.60 9.06 -10.64
N THR A 4 -12.51 8.36 -10.36
CA THR A 4 -12.29 7.06 -10.98
C THR A 4 -11.65 6.08 -9.99
N VAL A 5 -10.78 6.60 -9.13
CA VAL A 5 -10.11 5.76 -8.15
C VAL A 5 -11.07 4.74 -7.56
N GLN A 6 -10.57 3.52 -7.38
CA GLN A 6 -11.38 2.44 -6.83
C GLN A 6 -11.06 2.25 -5.34
N PRO A 7 -11.92 1.60 -4.61
CA PRO A 7 -11.71 1.38 -3.15
C PRO A 7 -10.53 0.45 -2.87
N ILE A 8 -9.35 1.04 -2.70
CA ILE A 8 -8.15 0.27 -2.41
C ILE A 8 -8.11 -0.13 -0.94
N VAL A 9 -8.21 -1.44 -0.68
CA VAL A 9 -8.18 -1.94 0.68
C VAL A 9 -7.33 -3.19 0.77
N LEU A 10 -6.74 -3.43 1.94
CA LEU A 10 -5.91 -4.60 2.15
C LEU A 10 -6.19 -5.23 3.52
N PRO A 11 -6.02 -6.54 3.67
CA PRO A 11 -6.25 -7.23 4.97
C PRO A 11 -5.63 -6.47 6.15
N GLU A 12 -5.80 -7.01 7.35
CA GLU A 12 -5.26 -6.39 8.55
C GLU A 12 -4.91 -7.44 9.59
N LYS A 13 -3.70 -7.98 9.52
CA LYS A 13 -3.26 -9.00 10.48
C LYS A 13 -1.75 -8.92 10.68
N ASP A 14 -1.25 -9.77 11.58
CA ASP A 14 0.18 -9.80 11.87
C ASP A 14 0.78 -11.15 11.47
N SER A 15 0.45 -11.58 10.26
CA SER A 15 0.96 -12.84 9.74
C SER A 15 0.90 -12.82 8.22
N TRP A 16 1.54 -11.82 7.65
CA TRP A 16 1.55 -11.64 6.20
C TRP A 16 2.58 -12.55 5.53
N THR A 17 2.11 -13.39 4.62
CA THR A 17 3.00 -14.31 3.91
C THR A 17 3.53 -13.66 2.63
N VAL A 18 4.65 -14.20 2.14
CA VAL A 18 5.25 -13.71 0.91
C VAL A 18 4.17 -13.57 -0.14
N ASN A 19 3.26 -14.52 -0.13
CA ASN A 19 2.13 -14.52 -1.05
C ASN A 19 1.24 -13.31 -0.79
N ASP A 20 1.07 -12.99 0.48
CA ASP A 20 0.25 -11.86 0.89
C ASP A 20 1.04 -10.55 0.80
N ILE A 21 2.36 -10.64 0.88
CA ILE A 21 3.20 -9.46 0.78
C ILE A 21 3.40 -9.12 -0.67
N GLN A 22 3.41 -10.17 -1.49
CA GLN A 22 3.57 -10.01 -2.91
C GLN A 22 2.39 -9.24 -3.48
N LYS A 23 1.19 -9.70 -3.16
CA LYS A 23 -0.02 -9.04 -3.62
C LYS A 23 -0.10 -7.63 -3.03
N LEU A 24 0.34 -7.48 -1.78
CA LEU A 24 0.30 -6.18 -1.11
C LEU A 24 1.32 -5.24 -1.73
N VAL A 25 2.60 -5.58 -1.59
CA VAL A 25 3.67 -4.75 -2.13
C VAL A 25 3.27 -4.24 -3.52
N GLY A 26 2.53 -5.08 -4.24
CA GLY A 26 2.08 -4.70 -5.57
C GLY A 26 0.92 -3.70 -5.48
N LYS A 27 0.04 -3.93 -4.51
CA LYS A 27 -1.10 -3.05 -4.30
C LYS A 27 -0.62 -1.65 -3.93
N LEU A 28 0.30 -1.59 -2.97
CA LEU A 28 0.84 -0.31 -2.53
C LEU A 28 1.53 0.40 -3.68
N ASN A 29 2.16 -0.38 -4.56
CA ASN A 29 2.84 0.19 -5.71
C ASN A 29 1.82 0.76 -6.70
N TRP A 30 0.98 -0.12 -7.22
CA TRP A 30 -0.05 0.29 -8.16
C TRP A 30 -0.92 1.38 -7.53
N ALA A 31 -0.99 1.37 -6.21
CA ALA A 31 -1.78 2.37 -5.50
C ALA A 31 -0.97 3.64 -5.28
N SER A 32 0.34 3.48 -5.13
CA SER A 32 1.23 4.62 -4.91
C SER A 32 0.96 5.69 -5.95
N GLN A 33 0.96 5.31 -7.21
CA GLN A 33 0.71 6.27 -8.28
C GLN A 33 -0.71 6.80 -8.17
N ILE A 34 -1.48 6.20 -7.26
CA ILE A 34 -2.86 6.60 -7.03
C ILE A 34 -3.02 7.12 -5.61
N TYR A 35 -1.90 7.24 -4.91
CA TYR A 35 -1.92 7.70 -3.55
C TYR A 35 -0.51 8.12 -3.13
N PRO A 36 -0.31 9.36 -2.75
CA PRO A 36 1.02 9.86 -2.33
C PRO A 36 1.36 9.50 -0.91
N GLY A 37 2.62 9.69 -0.57
CA GLY A 37 3.11 9.38 0.77
C GLY A 37 3.22 7.87 0.96
N ILE A 38 2.95 7.14 -0.11
CA ILE A 38 3.01 5.70 -0.07
C ILE A 38 4.46 5.22 -0.17
N LYS A 39 4.84 4.32 0.74
CA LYS A 39 6.20 3.78 0.73
C LYS A 39 6.16 2.27 0.51
N VAL A 40 7.05 1.80 -0.36
CA VAL A 40 7.11 0.37 -0.66
C VAL A 40 8.56 -0.06 -0.80
N ARG A 41 9.41 0.46 0.09
CA ARG A 41 10.82 0.13 0.06
C ARG A 41 11.11 -1.02 1.00
N GLN A 42 10.58 -0.94 2.22
CA GLN A 42 10.79 -1.99 3.21
C GLN A 42 9.77 -3.12 3.04
N LEU A 43 8.70 -2.84 2.30
CA LEU A 43 7.66 -3.84 2.08
C LEU A 43 8.10 -4.82 1.00
N SER A 44 8.82 -4.32 0.00
CA SER A 44 9.31 -5.17 -1.07
C SER A 44 10.56 -5.90 -0.63
N LYS A 45 11.40 -5.22 0.14
CA LYS A 45 12.63 -5.83 0.64
C LYS A 45 12.28 -7.05 1.48
N LEU A 46 11.22 -6.94 2.28
CA LEU A 46 10.80 -8.05 3.12
C LEU A 46 10.73 -9.34 2.30
N LEU A 47 10.55 -9.19 0.99
CA LEU A 47 10.47 -10.36 0.10
C LEU A 47 11.88 -10.80 -0.32
N ARG A 48 12.84 -10.56 0.56
CA ARG A 48 14.23 -10.94 0.29
C ARG A 48 14.70 -12.01 1.27
N GLY A 49 14.03 -12.09 2.41
CA GLY A 49 14.38 -13.08 3.42
C GLY A 49 13.97 -14.47 2.97
N THR A 50 12.74 -14.58 2.49
CA THR A 50 12.22 -15.86 2.02
C THR A 50 11.45 -15.67 0.70
N LYS A 51 11.08 -16.77 0.07
CA LYS A 51 10.35 -16.71 -1.19
C LYS A 51 9.12 -17.61 -1.16
N ALA A 52 9.12 -18.59 -0.27
CA ALA A 52 7.97 -19.50 -0.17
C ALA A 52 6.69 -18.70 0.02
N LEU A 53 5.67 -19.02 -0.77
CA LEU A 53 4.39 -18.32 -0.68
C LEU A 53 3.61 -18.74 0.57
N THR A 54 4.31 -19.36 1.48
CA THR A 54 3.72 -19.81 2.72
C THR A 54 4.57 -19.36 3.90
N GLU A 55 5.51 -18.46 3.63
CA GLU A 55 6.38 -17.98 4.70
C GLU A 55 5.85 -16.69 5.30
N VAL A 56 5.46 -16.77 6.57
CA VAL A 56 4.93 -15.62 7.30
C VAL A 56 6.03 -14.60 7.57
N ILE A 57 5.91 -13.43 6.95
CA ILE A 57 6.90 -12.37 7.13
C ILE A 57 6.28 -11.16 7.82
N PRO A 58 6.24 -11.14 9.13
CA PRO A 58 5.65 -10.00 9.89
C PRO A 58 6.16 -8.65 9.41
N LEU A 59 5.47 -7.59 9.81
CA LEU A 59 5.86 -6.25 9.41
C LEU A 59 6.82 -5.64 10.42
N THR A 60 8.04 -5.32 9.98
CA THR A 60 9.03 -4.73 10.86
C THR A 60 8.57 -3.36 11.31
N GLU A 61 9.10 -2.90 12.44
CA GLU A 61 8.72 -1.59 12.98
C GLU A 61 8.58 -0.57 11.86
N GLU A 62 9.52 -0.59 10.92
CA GLU A 62 9.51 0.35 9.80
C GLU A 62 8.54 -0.10 8.70
N ALA A 63 8.21 -1.39 8.70
CA ALA A 63 7.30 -1.93 7.70
C ALA A 63 5.86 -1.73 8.14
N GLU A 64 5.66 -1.75 9.46
CA GLU A 64 4.33 -1.53 9.99
C GLU A 64 4.08 -0.04 10.15
N LEU A 65 5.17 0.72 10.20
CA LEU A 65 5.08 2.17 10.33
C LEU A 65 4.55 2.79 9.04
N GLU A 66 5.13 2.40 7.91
CA GLU A 66 4.69 2.96 6.64
C GLU A 66 3.38 2.32 6.18
N LEU A 67 3.28 1.00 6.32
CA LEU A 67 2.07 0.31 5.93
C LEU A 67 0.90 0.99 6.61
N ALA A 68 1.13 1.39 7.85
CA ALA A 68 0.09 2.07 8.63
C ALA A 68 -0.24 3.40 7.97
N GLU A 69 0.77 4.24 7.80
CA GLU A 69 0.58 5.54 7.18
C GLU A 69 -0.08 5.38 5.82
N ASN A 70 0.10 4.22 5.18
CA ASN A 70 -0.49 3.98 3.88
C ASN A 70 -1.97 3.70 4.00
N ARG A 71 -2.30 2.63 4.74
CA ARG A 71 -3.68 2.26 4.95
C ARG A 71 -4.52 3.48 5.30
N GLU A 72 -3.88 4.50 5.86
CA GLU A 72 -4.58 5.71 6.25
C GLU A 72 -4.71 6.67 5.07
N ILE A 73 -3.67 6.74 4.25
CA ILE A 73 -3.69 7.64 3.09
C ILE A 73 -4.83 7.28 2.14
N LEU A 74 -4.92 5.99 1.81
CA LEU A 74 -5.94 5.51 0.89
C LEU A 74 -7.30 6.12 1.22
N LYS A 75 -7.42 6.71 2.40
CA LYS A 75 -8.68 7.33 2.79
C LYS A 75 -8.92 8.60 1.99
N GLU A 76 -7.94 8.96 1.16
CA GLU A 76 -8.06 10.16 0.33
C GLU A 76 -8.84 9.83 -0.95
N PRO A 77 -9.42 10.82 -1.59
CA PRO A 77 -10.20 10.60 -2.84
C PRO A 77 -9.33 10.39 -4.08
N VAL A 78 -8.46 11.36 -4.37
CA VAL A 78 -7.60 11.25 -5.53
C VAL A 78 -8.45 11.15 -6.80
N HIS A 79 -7.89 11.59 -7.93
CA HIS A 79 -8.62 11.53 -9.19
C HIS A 79 -10.05 12.02 -9.00
N GLY A 80 -10.29 13.30 -9.30
CA GLY A 80 -11.62 13.86 -9.16
C GLY A 80 -11.72 14.74 -7.92
N VAL A 81 -12.75 14.51 -7.11
CA VAL A 81 -12.95 15.28 -5.90
C VAL A 81 -11.67 15.32 -5.07
N TYR A 82 -11.45 16.43 -4.37
CA TYR A 82 -10.25 16.58 -3.54
C TYR A 82 -10.36 17.82 -2.67
N LEU A 83 -11.23 18.75 -3.07
CA LEU A 83 -11.42 19.99 -2.33
C LEU A 83 -10.09 20.49 -1.77
N GLU A 84 -10.13 21.00 -0.54
CA GLU A 84 -8.91 21.51 0.10
C GLU A 84 -9.09 21.57 1.61
N HIS A 85 -8.24 20.83 2.32
CA HIS A 85 -8.31 20.81 3.79
C HIS A 85 -6.96 20.41 4.37
N HIS A 86 -6.83 20.55 5.69
CA HIS A 86 -5.59 20.21 6.36
C HIS A 86 -5.87 19.72 7.78
N HIS A 87 -5.58 18.44 8.03
CA HIS A 87 -5.81 17.87 9.35
C HIS A 87 -5.05 16.55 9.49
N HIS A 88 -4.06 16.53 10.37
CA HIS A 88 -3.27 15.33 10.59
C HIS A 88 -2.94 14.65 9.27
N HIS A 89 -2.04 15.26 8.51
CA HIS A 89 -1.64 14.71 7.21
C HIS A 89 -0.43 13.80 7.37
N HIS A 90 0.44 14.13 8.32
CA HIS A 90 1.63 13.33 8.56
C HIS A 90 1.38 12.31 9.68
N ASP A 1 -15.19 8.05 -16.51
CA ASP A 1 -14.22 6.99 -16.89
C ASP A 1 -12.80 7.47 -16.59
N LYS A 2 -12.68 8.34 -15.59
CA LYS A 2 -11.39 8.87 -15.20
C LYS A 2 -11.51 9.52 -13.84
N TRP A 3 -12.73 9.53 -13.31
CA TRP A 3 -12.99 10.13 -12.02
C TRP A 3 -13.07 9.05 -10.94
N THR A 4 -12.97 9.48 -9.68
CA THR A 4 -13.04 8.55 -8.56
C THR A 4 -11.99 7.44 -8.70
N VAL A 5 -11.71 6.78 -7.59
CA VAL A 5 -10.72 5.70 -7.58
C VAL A 5 -11.34 4.41 -7.06
N GLN A 6 -10.68 3.28 -7.32
CA GLN A 6 -11.17 1.99 -6.86
C GLN A 6 -10.96 1.85 -5.35
N PRO A 7 -11.73 1.02 -4.70
CA PRO A 7 -11.61 0.81 -3.22
C PRO A 7 -10.30 0.12 -2.85
N ILE A 8 -9.26 0.91 -2.62
CA ILE A 8 -7.97 0.36 -2.25
C ILE A 8 -7.93 0.03 -0.77
N VAL A 9 -8.05 -1.26 -0.45
CA VAL A 9 -8.03 -1.70 0.94
C VAL A 9 -7.41 -3.09 1.04
N LEU A 10 -6.45 -3.25 1.95
CA LEU A 10 -5.77 -4.52 2.13
C LEU A 10 -6.18 -5.19 3.45
N PRO A 11 -6.02 -6.49 3.57
CA PRO A 11 -6.36 -7.23 4.81
C PRO A 11 -5.81 -6.55 6.08
N GLU A 12 -5.95 -7.23 7.21
CA GLU A 12 -5.47 -6.71 8.48
C GLU A 12 -5.27 -7.84 9.48
N LYS A 13 -4.10 -8.48 9.43
CA LYS A 13 -3.79 -9.59 10.33
C LYS A 13 -2.30 -9.66 10.62
N ASP A 14 -1.89 -10.68 11.37
CA ASP A 14 -0.49 -10.88 11.72
C ASP A 14 0.04 -12.20 11.16
N SER A 15 -0.32 -12.48 9.91
CA SER A 15 0.12 -13.72 9.26
C SER A 15 0.38 -13.41 7.80
N TRP A 16 1.28 -12.46 7.57
CA TRP A 16 1.61 -12.02 6.23
C TRP A 16 2.61 -12.97 5.56
N THR A 17 2.11 -13.76 4.60
CA THR A 17 2.97 -14.70 3.88
C THR A 17 3.62 -14.04 2.67
N VAL A 18 4.68 -14.67 2.19
CA VAL A 18 5.41 -14.18 1.01
C VAL A 18 4.42 -13.93 -0.11
N ASN A 19 3.50 -14.87 -0.30
CA ASN A 19 2.49 -14.72 -1.33
C ASN A 19 1.54 -13.59 -1.00
N ASP A 20 1.30 -13.40 0.30
CA ASP A 20 0.40 -12.36 0.77
C ASP A 20 1.07 -10.99 0.65
N ILE A 21 2.38 -10.94 0.89
CA ILE A 21 3.12 -9.69 0.79
C ILE A 21 3.34 -9.38 -0.67
N GLN A 22 3.79 -10.39 -1.40
CA GLN A 22 4.05 -10.25 -2.81
C GLN A 22 2.89 -9.51 -3.48
N LYS A 23 1.70 -10.08 -3.38
CA LYS A 23 0.51 -9.48 -3.95
C LYS A 23 0.26 -8.10 -3.35
N LEU A 24 0.48 -7.99 -2.04
CA LEU A 24 0.27 -6.72 -1.34
C LEU A 24 1.11 -5.62 -1.97
N VAL A 25 2.43 -5.78 -1.91
CA VAL A 25 3.32 -4.78 -2.47
C VAL A 25 2.76 -4.32 -3.80
N GLY A 26 2.26 -5.28 -4.57
CA GLY A 26 1.67 -5.00 -5.87
C GLY A 26 0.53 -3.99 -5.75
N LYS A 27 -0.24 -4.11 -4.69
CA LYS A 27 -1.35 -3.21 -4.47
C LYS A 27 -0.83 -1.87 -3.97
N LEU A 28 0.27 -1.92 -3.21
CA LEU A 28 0.87 -0.71 -2.68
C LEU A 28 1.51 0.10 -3.78
N ASN A 29 2.49 -0.49 -4.44
CA ASN A 29 3.18 0.20 -5.53
C ASN A 29 2.16 0.76 -6.51
N TRP A 30 1.21 -0.07 -6.91
CA TRP A 30 0.18 0.37 -7.84
C TRP A 30 -0.63 1.51 -7.22
N ALA A 31 -0.83 1.44 -5.91
CA ALA A 31 -1.58 2.47 -5.21
C ALA A 31 -0.76 3.76 -5.12
N SER A 32 0.55 3.60 -4.93
CA SER A 32 1.44 4.76 -4.85
C SER A 32 1.19 5.69 -6.02
N GLN A 33 1.13 5.13 -7.23
CA GLN A 33 0.88 5.92 -8.42
C GLN A 33 -0.54 6.46 -8.38
N ILE A 34 -1.25 6.13 -7.30
CA ILE A 34 -2.63 6.56 -7.12
C ILE A 34 -2.79 7.22 -5.76
N TYR A 35 -1.67 7.46 -5.09
CA TYR A 35 -1.73 8.05 -3.78
C TYR A 35 -0.31 8.48 -3.35
N PRO A 36 -0.09 9.74 -3.07
CA PRO A 36 1.26 10.24 -2.67
C PRO A 36 1.57 10.06 -1.18
N GLY A 37 2.75 9.57 -0.89
CA GLY A 37 3.19 9.38 0.49
C GLY A 37 3.35 7.89 0.80
N ILE A 38 2.45 7.09 0.27
CA ILE A 38 2.50 5.65 0.49
C ILE A 38 3.81 5.09 -0.07
N LYS A 39 4.55 4.37 0.78
CA LYS A 39 5.82 3.78 0.37
C LYS A 39 5.79 2.27 0.57
N VAL A 40 6.60 1.55 -0.20
CA VAL A 40 6.66 0.09 -0.10
C VAL A 40 8.11 -0.35 0.04
N ARG A 41 9.04 0.58 -0.14
CA ARG A 41 10.46 0.28 -0.03
C ARG A 41 10.72 -0.67 1.13
N GLN A 42 10.01 -0.46 2.24
CA GLN A 42 10.19 -1.29 3.42
C GLN A 42 9.46 -2.63 3.24
N LEU A 43 8.18 -2.57 2.89
CA LEU A 43 7.39 -3.78 2.68
C LEU A 43 8.06 -4.65 1.63
N SER A 44 8.82 -4.02 0.74
CA SER A 44 9.50 -4.76 -0.31
C SER A 44 10.67 -5.53 0.29
N LYS A 45 11.35 -4.91 1.25
CA LYS A 45 12.48 -5.54 1.91
C LYS A 45 12.04 -6.83 2.61
N LEU A 46 10.84 -6.81 3.18
CA LEU A 46 10.32 -7.99 3.86
C LEU A 46 10.50 -9.21 2.97
N LEU A 47 10.35 -9.03 1.67
CA LEU A 47 10.49 -10.13 0.72
C LEU A 47 11.96 -10.49 0.54
N ARG A 48 12.78 -9.50 0.24
CA ARG A 48 14.21 -9.75 0.04
C ARG A 48 14.74 -10.74 1.07
N GLY A 49 14.98 -11.97 0.61
CA GLY A 49 15.48 -13.01 1.50
C GLY A 49 14.34 -13.79 2.15
N THR A 50 13.33 -14.11 1.33
CA THR A 50 12.17 -14.85 1.84
C THR A 50 12.24 -16.32 1.42
N LYS A 51 11.20 -17.06 1.78
CA LYS A 51 11.14 -18.49 1.46
C LYS A 51 10.00 -18.81 0.50
N ALA A 52 9.35 -19.95 0.75
CA ALA A 52 8.25 -20.41 -0.08
C ALA A 52 7.16 -19.34 -0.20
N LEU A 53 5.97 -19.76 -0.62
CA LEU A 53 4.86 -18.83 -0.79
C LEU A 53 3.85 -18.96 0.35
N THR A 54 4.26 -19.67 1.39
CA THR A 54 3.41 -19.86 2.55
C THR A 54 4.20 -19.56 3.81
N GLU A 55 5.30 -18.82 3.67
CA GLU A 55 6.12 -18.48 4.83
C GLU A 55 5.73 -17.13 5.41
N VAL A 56 5.26 -17.17 6.66
CA VAL A 56 4.85 -15.95 7.35
C VAL A 56 6.04 -15.01 7.53
N ILE A 57 5.80 -13.73 7.27
CA ILE A 57 6.85 -12.72 7.40
C ILE A 57 6.36 -11.57 8.29
N PRO A 58 7.04 -11.27 9.39
CA PRO A 58 6.60 -10.16 10.29
C PRO A 58 6.93 -8.79 9.72
N LEU A 59 6.12 -7.80 10.06
CA LEU A 59 6.34 -6.44 9.58
C LEU A 59 7.37 -5.72 10.42
N THR A 60 8.45 -5.28 9.78
CA THR A 60 9.50 -4.56 10.48
C THR A 60 8.98 -3.20 10.92
N GLU A 61 9.50 -2.68 12.02
CA GLU A 61 9.07 -1.38 12.52
C GLU A 61 8.82 -0.40 11.37
N GLU A 62 9.76 -0.36 10.42
CA GLU A 62 9.65 0.54 9.27
C GLU A 62 8.64 0.03 8.24
N ALA A 63 8.32 -1.26 8.29
CA ALA A 63 7.39 -1.84 7.34
C ALA A 63 5.97 -1.68 7.84
N GLU A 64 5.78 -1.87 9.15
CA GLU A 64 4.46 -1.71 9.70
C GLU A 64 4.14 -0.23 9.82
N LEU A 65 5.20 0.57 9.85
CA LEU A 65 5.05 2.01 9.94
C LEU A 65 4.56 2.57 8.61
N GLU A 66 5.17 2.11 7.52
CA GLU A 66 4.78 2.57 6.19
C GLU A 66 3.32 2.22 5.92
N LEU A 67 3.03 0.93 5.95
CA LEU A 67 1.67 0.45 5.72
C LEU A 67 0.69 1.36 6.45
N ALA A 68 0.92 1.53 7.75
CA ALA A 68 0.04 2.38 8.54
C ALA A 68 -0.21 3.72 7.85
N GLU A 69 0.87 4.45 7.61
CA GLU A 69 0.77 5.75 6.95
C GLU A 69 0.11 5.62 5.58
N ASN A 70 0.38 4.52 4.89
CA ASN A 70 -0.20 4.30 3.57
C ASN A 70 -1.71 4.18 3.67
N ARG A 71 -2.16 3.17 4.41
CA ARG A 71 -3.58 2.94 4.60
C ARG A 71 -4.29 4.23 5.00
N GLU A 72 -3.53 5.15 5.59
CA GLU A 72 -4.10 6.42 6.03
C GLU A 72 -4.20 7.41 4.86
N ILE A 73 -3.22 7.36 3.96
CA ILE A 73 -3.21 8.27 2.83
C ILE A 73 -4.36 7.95 1.86
N LEU A 74 -4.58 6.66 1.62
CA LEU A 74 -5.65 6.25 0.71
C LEU A 74 -6.95 6.99 1.00
N LYS A 75 -7.00 7.69 2.13
CA LYS A 75 -8.19 8.44 2.51
C LYS A 75 -8.08 9.90 2.07
N GLU A 76 -7.45 10.11 0.91
CA GLU A 76 -7.28 11.46 0.37
C GLU A 76 -7.91 11.56 -1.01
N PRO A 77 -8.25 12.75 -1.45
CA PRO A 77 -8.88 12.96 -2.79
C PRO A 77 -7.87 12.81 -3.92
N VAL A 78 -8.11 11.83 -4.78
CA VAL A 78 -7.23 11.57 -5.91
C VAL A 78 -8.00 11.62 -7.23
N HIS A 79 -9.32 11.68 -7.14
CA HIS A 79 -10.16 11.73 -8.33
C HIS A 79 -9.54 12.64 -9.39
N GLY A 80 -9.44 12.13 -10.61
CA GLY A 80 -8.87 12.90 -11.71
C GLY A 80 -9.36 14.35 -11.68
N VAL A 81 -10.44 14.62 -12.41
CA VAL A 81 -11.02 15.95 -12.48
C VAL A 81 -9.94 17.03 -12.38
N TYR A 82 -9.67 17.49 -11.16
CA TYR A 82 -8.65 18.51 -10.96
C TYR A 82 -7.95 18.30 -9.61
N LEU A 83 -7.07 19.24 -9.26
CA LEU A 83 -6.34 19.15 -8.01
C LEU A 83 -5.70 20.49 -7.66
N GLU A 84 -4.93 20.50 -6.58
CA GLU A 84 -4.27 21.73 -6.15
C GLU A 84 -3.34 21.46 -4.96
N HIS A 85 -3.93 20.99 -3.86
CA HIS A 85 -3.16 20.69 -2.66
C HIS A 85 -4.05 20.03 -1.61
N HIS A 86 -4.98 20.81 -1.06
CA HIS A 86 -5.88 20.29 -0.03
C HIS A 86 -5.10 19.72 1.14
N HIS A 87 -5.76 19.63 2.30
CA HIS A 87 -5.11 19.09 3.49
C HIS A 87 -3.80 19.82 3.76
N HIS A 88 -3.23 19.56 4.94
CA HIS A 88 -1.98 20.21 5.32
C HIS A 88 -1.44 19.61 6.61
N HIS A 89 -2.16 19.84 7.72
CA HIS A 89 -1.76 19.31 9.01
C HIS A 89 -2.74 18.26 9.49
N HIS A 90 -2.54 17.78 10.73
CA HIS A 90 -3.42 16.77 11.30
C HIS A 90 -4.65 17.41 11.93
N ASP A 1 -19.33 11.71 -12.38
CA ASP A 1 -18.29 10.82 -12.96
C ASP A 1 -17.22 11.67 -13.64
N LYS A 2 -15.96 11.28 -13.46
CA LYS A 2 -14.85 12.01 -14.06
C LYS A 2 -13.73 11.04 -14.38
N TRP A 3 -13.49 10.11 -13.47
CA TRP A 3 -12.44 9.11 -13.68
C TRP A 3 -12.55 8.00 -12.64
N THR A 4 -12.13 8.30 -11.41
CA THR A 4 -12.18 7.31 -10.34
C THR A 4 -11.03 6.32 -10.46
N VAL A 5 -10.77 5.58 -9.39
CA VAL A 5 -9.70 4.60 -9.39
C VAL A 5 -10.08 3.39 -8.53
N GLN A 6 -11.38 3.15 -8.40
CA GLN A 6 -11.88 2.03 -7.61
C GLN A 6 -11.37 2.13 -6.17
N PRO A 7 -12.06 1.53 -5.23
CA PRO A 7 -11.65 1.57 -3.79
C PRO A 7 -10.41 0.72 -3.52
N ILE A 8 -9.42 1.32 -2.85
CA ILE A 8 -8.19 0.61 -2.53
C ILE A 8 -8.13 0.30 -1.03
N VAL A 9 -8.18 -0.99 -0.70
CA VAL A 9 -8.13 -1.40 0.70
C VAL A 9 -7.41 -2.73 0.85
N LEU A 10 -6.60 -2.86 1.88
CA LEU A 10 -5.85 -4.09 2.14
C LEU A 10 -6.28 -4.71 3.47
N PRO A 11 -6.02 -5.98 3.66
CA PRO A 11 -6.38 -6.69 4.92
C PRO A 11 -5.53 -6.25 6.11
N GLU A 12 -5.63 -6.97 7.21
CA GLU A 12 -4.86 -6.65 8.40
C GLU A 12 -4.71 -7.87 9.30
N LYS A 13 -3.54 -8.48 9.28
CA LYS A 13 -3.28 -9.66 10.10
C LYS A 13 -1.81 -9.75 10.49
N ASP A 14 -1.51 -10.65 11.42
CA ASP A 14 -0.14 -10.84 11.88
C ASP A 14 0.46 -12.12 11.32
N SER A 15 0.07 -12.44 10.09
CA SER A 15 0.56 -13.65 9.42
C SER A 15 0.72 -13.33 7.95
N TRP A 16 1.53 -12.32 7.67
CA TRP A 16 1.77 -11.89 6.32
C TRP A 16 2.79 -12.79 5.63
N THR A 17 2.32 -13.64 4.72
CA THR A 17 3.23 -14.55 4.01
C THR A 17 3.76 -13.89 2.74
N VAL A 18 4.81 -14.48 2.18
CA VAL A 18 5.41 -13.97 0.97
C VAL A 18 4.36 -13.78 -0.10
N ASN A 19 3.52 -14.79 -0.26
CA ASN A 19 2.44 -14.74 -1.24
C ASN A 19 1.52 -13.56 -0.96
N ASP A 20 1.33 -13.27 0.33
CA ASP A 20 0.44 -12.19 0.73
C ASP A 20 1.14 -10.83 0.62
N ILE A 21 2.43 -10.79 0.90
CA ILE A 21 3.16 -9.53 0.80
C ILE A 21 3.35 -9.22 -0.68
N GLN A 22 3.82 -10.21 -1.40
CA GLN A 22 4.02 -10.08 -2.82
C GLN A 22 2.83 -9.39 -3.45
N LYS A 23 1.65 -10.00 -3.30
CA LYS A 23 0.42 -9.43 -3.85
C LYS A 23 0.20 -8.03 -3.31
N LEU A 24 0.53 -7.84 -2.03
CA LEU A 24 0.36 -6.54 -1.41
C LEU A 24 1.22 -5.49 -2.11
N VAL A 25 2.53 -5.68 -2.08
CA VAL A 25 3.44 -4.75 -2.72
C VAL A 25 2.89 -4.36 -4.08
N GLY A 26 2.18 -5.30 -4.70
CA GLY A 26 1.59 -5.04 -6.01
C GLY A 26 0.50 -3.99 -5.91
N LYS A 27 -0.30 -4.10 -4.85
CA LYS A 27 -1.38 -3.15 -4.62
C LYS A 27 -0.80 -1.79 -4.24
N LEU A 28 0.07 -1.77 -3.24
CA LEU A 28 0.69 -0.52 -2.81
C LEU A 28 1.40 0.15 -3.96
N ASN A 29 2.16 -0.63 -4.72
CA ASN A 29 2.88 -0.08 -5.87
C ASN A 29 1.93 0.77 -6.71
N TRP A 30 0.89 0.11 -7.22
CA TRP A 30 -0.10 0.79 -8.05
C TRP A 30 -0.79 1.91 -7.26
N ALA A 31 -1.05 1.65 -5.98
CA ALA A 31 -1.70 2.63 -5.13
C ALA A 31 -0.84 3.90 -5.06
N SER A 32 0.46 3.73 -4.88
CA SER A 32 1.37 4.86 -4.80
C SER A 32 1.14 5.79 -5.97
N GLN A 33 1.07 5.22 -7.17
CA GLN A 33 0.83 6.02 -8.36
C GLN A 33 -0.57 6.62 -8.32
N ILE A 34 -1.32 6.23 -7.29
CA ILE A 34 -2.69 6.71 -7.11
C ILE A 34 -2.88 7.27 -5.71
N TYR A 35 -1.81 7.35 -4.94
CA TYR A 35 -1.91 7.85 -3.60
C TYR A 35 -0.52 8.27 -3.08
N PRO A 36 -0.29 9.52 -2.77
CA PRO A 36 1.03 10.01 -2.29
C PRO A 36 1.25 9.82 -0.80
N GLY A 37 2.48 9.52 -0.44
CA GLY A 37 2.84 9.33 0.96
C GLY A 37 3.08 7.87 1.27
N ILE A 38 2.62 7.01 0.38
CA ILE A 38 2.77 5.58 0.57
C ILE A 38 4.10 5.10 -0.02
N LYS A 39 4.92 4.47 0.82
CA LYS A 39 6.21 3.97 0.37
C LYS A 39 6.17 2.46 0.21
N VAL A 40 7.11 1.92 -0.55
CA VAL A 40 7.18 0.48 -0.78
C VAL A 40 8.62 0.04 -0.90
N ARG A 41 9.48 0.69 -0.12
CA ARG A 41 10.90 0.38 -0.13
C ARG A 41 11.24 -0.60 1.00
N GLN A 42 10.53 -0.48 2.11
CA GLN A 42 10.77 -1.37 3.25
C GLN A 42 9.98 -2.67 3.08
N LEU A 43 8.81 -2.58 2.46
CA LEU A 43 7.98 -3.76 2.25
C LEU A 43 8.71 -4.75 1.34
N SER A 44 9.22 -4.26 0.22
CA SER A 44 9.94 -5.11 -0.72
C SER A 44 11.20 -5.69 -0.07
N LYS A 45 11.63 -5.09 1.03
CA LYS A 45 12.82 -5.58 1.71
C LYS A 45 12.49 -6.84 2.49
N LEU A 46 11.31 -6.86 3.13
CA LEU A 46 10.91 -8.04 3.89
C LEU A 46 10.64 -9.21 2.95
N LEU A 47 10.32 -8.91 1.70
CA LEU A 47 10.05 -9.96 0.72
C LEU A 47 11.14 -11.02 0.78
N ARG A 48 12.37 -10.61 0.46
CA ARG A 48 13.50 -11.54 0.48
C ARG A 48 13.74 -12.06 1.89
N GLY A 49 14.01 -13.36 2.00
CA GLY A 49 14.27 -13.95 3.30
C GLY A 49 13.54 -15.28 3.46
N THR A 50 12.56 -15.53 2.59
CA THR A 50 11.79 -16.77 2.67
C THR A 50 11.51 -17.34 1.29
N LYS A 51 11.11 -16.47 0.35
CA LYS A 51 10.79 -16.87 -1.02
C LYS A 51 9.57 -17.80 -1.08
N ALA A 52 9.42 -18.67 -0.09
CA ALA A 52 8.28 -19.58 -0.09
C ALA A 52 7.02 -18.77 -0.24
N LEU A 53 5.87 -19.42 -0.36
CA LEU A 53 4.61 -18.69 -0.52
C LEU A 53 3.72 -18.87 0.70
N THR A 54 4.25 -19.54 1.70
CA THR A 54 3.51 -19.78 2.92
C THR A 54 4.36 -19.43 4.12
N GLU A 55 5.42 -18.66 3.91
CA GLU A 55 6.28 -18.29 5.01
C GLU A 55 5.89 -16.93 5.58
N VAL A 56 5.43 -16.93 6.83
CA VAL A 56 5.03 -15.70 7.50
C VAL A 56 6.22 -14.76 7.64
N ILE A 57 5.99 -13.49 7.32
CA ILE A 57 7.04 -12.48 7.41
C ILE A 57 6.58 -11.35 8.36
N PRO A 58 7.34 -11.00 9.38
CA PRO A 58 6.93 -9.92 10.32
C PRO A 58 7.09 -8.53 9.71
N LEU A 59 6.19 -7.63 10.08
CA LEU A 59 6.24 -6.27 9.56
C LEU A 59 7.00 -5.38 10.52
N THR A 60 8.31 -5.36 10.40
CA THR A 60 9.14 -4.54 11.27
C THR A 60 8.51 -3.17 11.49
N GLU A 61 9.00 -2.45 12.49
CA GLU A 61 8.47 -1.12 12.79
C GLU A 61 8.40 -0.25 11.54
N GLU A 62 9.50 -0.19 10.80
CA GLU A 62 9.54 0.61 9.58
C GLU A 62 8.57 0.08 8.53
N ALA A 63 8.24 -1.20 8.62
CA ALA A 63 7.31 -1.80 7.67
C ALA A 63 5.91 -1.48 8.11
N GLU A 64 5.74 -1.40 9.42
CA GLU A 64 4.46 -1.06 10.00
C GLU A 64 4.25 0.44 9.87
N LEU A 65 5.35 1.15 9.67
CA LEU A 65 5.29 2.60 9.52
C LEU A 65 4.70 2.96 8.15
N GLU A 66 5.18 2.29 7.10
CA GLU A 66 4.67 2.57 5.77
C GLU A 66 3.25 2.06 5.61
N LEU A 67 3.09 0.75 5.73
CA LEU A 67 1.77 0.14 5.60
C LEU A 67 0.73 0.98 6.35
N ALA A 68 0.98 1.21 7.63
CA ALA A 68 0.06 1.99 8.45
C ALA A 68 -0.27 3.32 7.77
N GLU A 69 0.75 4.08 7.41
CA GLU A 69 0.55 5.37 6.77
C GLU A 69 -0.06 5.20 5.38
N ASN A 70 0.13 4.02 4.78
CA ASN A 70 -0.41 3.77 3.45
C ASN A 70 -1.92 3.59 3.52
N ARG A 71 -2.35 2.57 4.26
CA ARG A 71 -3.77 2.30 4.40
C ARG A 71 -4.52 3.54 4.87
N GLU A 72 -3.80 4.43 5.55
CA GLU A 72 -4.41 5.66 6.04
C GLU A 72 -4.51 6.71 4.95
N ILE A 73 -3.57 6.68 4.01
CA ILE A 73 -3.58 7.65 2.92
C ILE A 73 -4.72 7.35 1.95
N LEU A 74 -4.97 6.07 1.70
CA LEU A 74 -6.02 5.67 0.78
C LEU A 74 -7.34 6.33 1.16
N LYS A 75 -7.36 6.99 2.31
CA LYS A 75 -8.57 7.65 2.79
C LYS A 75 -8.67 9.06 2.22
N GLU A 76 -7.68 9.44 1.41
CA GLU A 76 -7.69 10.79 0.82
C GLU A 76 -8.41 10.77 -0.53
N PRO A 77 -8.90 11.90 -0.97
CA PRO A 77 -9.63 12.01 -2.28
C PRO A 77 -8.67 12.04 -3.47
N VAL A 78 -8.83 11.06 -4.36
CA VAL A 78 -7.99 11.00 -5.56
C VAL A 78 -8.84 10.84 -6.80
N HIS A 79 -10.06 10.36 -6.62
CA HIS A 79 -10.97 10.17 -7.74
C HIS A 79 -10.99 11.40 -8.64
N GLY A 80 -10.66 12.55 -8.06
CA GLY A 80 -10.63 13.79 -8.81
C GLY A 80 -9.40 13.86 -9.71
N VAL A 81 -9.21 15.02 -10.35
CA VAL A 81 -8.07 15.21 -11.24
C VAL A 81 -6.99 16.03 -10.55
N TYR A 82 -7.40 17.08 -9.85
CA TYR A 82 -6.46 17.95 -9.15
C TYR A 82 -6.51 17.69 -7.65
N LEU A 83 -5.73 18.47 -6.90
CA LEU A 83 -5.70 18.32 -5.45
C LEU A 83 -6.54 19.40 -4.78
N GLU A 84 -7.72 19.03 -4.32
CA GLU A 84 -8.62 19.98 -3.66
C GLU A 84 -9.52 19.27 -2.66
N HIS A 85 -10.02 20.02 -1.69
CA HIS A 85 -10.90 19.45 -0.67
C HIS A 85 -12.35 19.78 -0.97
N HIS A 86 -13.13 18.77 -1.35
CA HIS A 86 -14.54 18.98 -1.67
C HIS A 86 -15.25 17.64 -1.83
N HIS A 87 -16.21 17.37 -0.96
CA HIS A 87 -16.97 16.13 -1.01
C HIS A 87 -17.94 16.14 -2.18
N HIS A 88 -18.09 14.99 -2.84
CA HIS A 88 -18.99 14.88 -3.98
C HIS A 88 -19.50 13.46 -4.12
N HIS A 89 -18.61 12.56 -4.52
CA HIS A 89 -18.98 11.15 -4.70
C HIS A 89 -17.84 10.25 -4.27
N HIS A 90 -18.17 9.21 -3.51
CA HIS A 90 -17.15 8.26 -3.05
C HIS A 90 -16.76 7.31 -4.16
N ASP A 1 -23.52 6.92 -4.95
CA ASP A 1 -22.06 7.12 -5.22
C ASP A 1 -21.85 8.51 -5.80
N LYS A 2 -20.63 8.77 -6.27
CA LYS A 2 -20.31 10.07 -6.85
C LYS A 2 -19.20 9.90 -7.88
N TRP A 3 -18.00 9.61 -7.39
CA TRP A 3 -16.86 9.42 -8.28
C TRP A 3 -15.74 8.69 -7.54
N THR A 4 -15.05 7.81 -8.25
CA THR A 4 -13.95 7.06 -7.65
C THR A 4 -13.14 6.34 -8.73
N VAL A 5 -11.93 5.93 -8.36
CA VAL A 5 -11.06 5.24 -9.30
C VAL A 5 -11.27 3.73 -9.22
N GLN A 6 -10.49 3.07 -8.37
CA GLN A 6 -10.60 1.62 -8.19
C GLN A 6 -10.60 1.28 -6.70
N PRO A 7 -11.25 0.21 -6.30
CA PRO A 7 -11.31 -0.19 -4.87
C PRO A 7 -9.98 -0.72 -4.35
N ILE A 8 -9.21 0.16 -3.70
CA ILE A 8 -7.92 -0.24 -3.15
C ILE A 8 -8.05 -0.50 -1.65
N VAL A 9 -8.09 -1.76 -1.28
CA VAL A 9 -8.22 -2.13 0.13
C VAL A 9 -7.37 -3.35 0.45
N LEU A 10 -6.88 -3.42 1.69
CA LEU A 10 -6.05 -4.54 2.11
C LEU A 10 -6.44 -5.01 3.51
N PRO A 11 -6.05 -6.21 3.87
CA PRO A 11 -6.36 -6.78 5.22
C PRO A 11 -5.55 -6.12 6.33
N GLU A 12 -5.60 -6.70 7.53
CA GLU A 12 -4.86 -6.16 8.65
C GLU A 12 -4.65 -7.23 9.72
N LYS A 13 -3.53 -7.95 9.63
CA LYS A 13 -3.22 -9.01 10.58
C LYS A 13 -1.72 -9.12 10.80
N ASP A 14 -1.32 -10.08 11.63
CA ASP A 14 0.09 -10.31 11.92
C ASP A 14 0.54 -11.67 11.41
N SER A 15 0.24 -11.94 10.14
CA SER A 15 0.61 -13.20 9.52
C SER A 15 0.72 -13.00 8.01
N TRP A 16 1.56 -12.04 7.63
CA TRP A 16 1.74 -11.72 6.22
C TRP A 16 2.71 -12.69 5.56
N THR A 17 2.22 -13.46 4.60
CA THR A 17 3.05 -14.42 3.88
C THR A 17 3.65 -13.79 2.63
N VAL A 18 4.69 -14.43 2.10
CA VAL A 18 5.34 -13.93 0.88
C VAL A 18 4.28 -13.71 -0.19
N ASN A 19 3.33 -14.63 -0.25
CA ASN A 19 2.24 -14.53 -1.22
C ASN A 19 1.36 -13.32 -0.96
N ASP A 20 1.13 -13.04 0.32
CA ASP A 20 0.29 -11.92 0.73
C ASP A 20 1.00 -10.59 0.52
N ILE A 21 2.31 -10.59 0.68
CA ILE A 21 3.09 -9.37 0.51
C ILE A 21 3.35 -9.17 -0.97
N GLN A 22 3.79 -10.23 -1.62
CA GLN A 22 4.06 -10.17 -3.04
C GLN A 22 2.93 -9.43 -3.75
N LYS A 23 1.71 -9.88 -3.51
CA LYS A 23 0.55 -9.25 -4.13
C LYS A 23 0.36 -7.83 -3.60
N LEU A 24 0.53 -7.65 -2.29
CA LEU A 24 0.36 -6.34 -1.69
C LEU A 24 1.39 -5.36 -2.22
N VAL A 25 2.66 -5.63 -1.92
CA VAL A 25 3.74 -4.77 -2.36
C VAL A 25 3.50 -4.36 -3.81
N GLY A 26 2.94 -5.28 -4.59
CA GLY A 26 2.64 -4.99 -5.99
C GLY A 26 1.44 -4.05 -6.09
N LYS A 27 0.47 -4.26 -5.21
CA LYS A 27 -0.73 -3.43 -5.19
C LYS A 27 -0.38 -2.01 -4.74
N LEU A 28 0.25 -1.90 -3.57
CA LEU A 28 0.63 -0.59 -3.05
C LEU A 28 1.26 0.22 -4.15
N ASN A 29 2.29 -0.32 -4.76
CA ASN A 29 2.97 0.36 -5.85
C ASN A 29 1.93 0.92 -6.82
N TRP A 30 1.13 0.00 -7.37
CA TRP A 30 0.07 0.39 -8.30
C TRP A 30 -0.79 1.48 -7.66
N ALA A 31 -0.82 1.49 -6.33
CA ALA A 31 -1.61 2.48 -5.61
C ALA A 31 -0.84 3.79 -5.51
N SER A 32 0.48 3.69 -5.42
CA SER A 32 1.34 4.87 -5.34
C SER A 32 0.99 5.85 -6.44
N GLN A 33 0.78 5.33 -7.65
CA GLN A 33 0.43 6.20 -8.77
C GLN A 33 -0.97 6.77 -8.60
N ILE A 34 -1.64 6.33 -7.53
CA ILE A 34 -2.99 6.80 -7.23
C ILE A 34 -3.08 7.27 -5.78
N TYR A 35 -1.95 7.27 -5.08
CA TYR A 35 -1.94 7.70 -3.69
C TYR A 35 -0.51 8.08 -3.27
N PRO A 36 -0.22 9.36 -3.10
CA PRO A 36 1.13 9.83 -2.73
C PRO A 36 1.40 9.77 -1.24
N GLY A 37 2.60 9.33 -0.90
CA GLY A 37 3.00 9.23 0.50
C GLY A 37 3.25 7.78 0.89
N ILE A 38 2.53 6.85 0.27
CA ILE A 38 2.72 5.44 0.60
C ILE A 38 4.15 5.02 0.31
N LYS A 39 4.66 4.10 1.11
CA LYS A 39 6.01 3.60 0.92
C LYS A 39 5.99 2.09 0.70
N VAL A 40 6.81 1.64 -0.24
CA VAL A 40 6.89 0.23 -0.56
C VAL A 40 8.34 -0.23 -0.56
N ARG A 41 9.18 0.58 0.07
CA ARG A 41 10.61 0.29 0.14
C ARG A 41 10.87 -0.79 1.19
N GLN A 42 10.24 -0.66 2.35
CA GLN A 42 10.43 -1.63 3.42
C GLN A 42 9.52 -2.84 3.24
N LEU A 43 8.47 -2.68 2.45
CA LEU A 43 7.54 -3.78 2.22
C LEU A 43 8.10 -4.73 1.17
N SER A 44 8.83 -4.17 0.20
CA SER A 44 9.43 -4.99 -0.85
C SER A 44 10.72 -5.62 -0.33
N LYS A 45 11.49 -4.83 0.40
CA LYS A 45 12.74 -5.31 0.96
C LYS A 45 12.45 -6.51 1.87
N LEU A 46 11.31 -6.46 2.56
CA LEU A 46 10.93 -7.53 3.45
C LEU A 46 10.85 -8.85 2.69
N LEU A 47 10.66 -8.77 1.37
CA LEU A 47 10.57 -9.97 0.54
C LEU A 47 11.95 -10.44 0.13
N ARG A 48 12.92 -10.21 1.01
CA ARG A 48 14.30 -10.62 0.75
C ARG A 48 14.81 -11.54 1.85
N GLY A 49 14.25 -12.75 1.90
CA GLY A 49 14.65 -13.72 2.91
C GLY A 49 13.70 -14.91 2.94
N THR A 50 12.47 -14.69 2.49
CA THR A 50 11.47 -15.76 2.47
C THR A 50 11.31 -16.33 1.07
N LYS A 51 10.89 -17.59 0.99
CA LYS A 51 10.74 -18.27 -0.29
C LYS A 51 9.32 -18.78 -0.51
N ALA A 52 8.96 -19.84 0.22
CA ALA A 52 7.64 -20.45 0.06
C ALA A 52 6.56 -19.40 0.18
N LEU A 53 5.63 -19.46 -0.75
CA LEU A 53 4.53 -18.49 -0.78
C LEU A 53 3.67 -18.56 0.47
N THR A 54 4.10 -19.30 1.46
CA THR A 54 3.35 -19.42 2.70
C THR A 54 4.27 -19.16 3.89
N GLU A 55 5.28 -18.32 3.69
CA GLU A 55 6.21 -18.00 4.77
C GLU A 55 5.85 -16.66 5.40
N VAL A 56 5.45 -16.71 6.67
CA VAL A 56 5.07 -15.52 7.41
C VAL A 56 6.23 -14.53 7.50
N ILE A 57 5.93 -13.26 7.28
CA ILE A 57 6.93 -12.21 7.32
C ILE A 57 6.57 -11.11 8.31
N PRO A 58 6.97 -11.24 9.56
CA PRO A 58 6.67 -10.23 10.59
C PRO A 58 7.07 -8.82 10.13
N LEU A 59 6.13 -7.88 10.22
CA LEU A 59 6.40 -6.52 9.79
C LEU A 59 7.28 -5.79 10.81
N THR A 60 8.37 -5.22 10.34
CA THR A 60 9.27 -4.48 11.22
C THR A 60 8.62 -3.16 11.62
N GLU A 61 9.02 -2.64 12.78
CA GLU A 61 8.46 -1.39 13.28
C GLU A 61 8.32 -0.37 12.14
N GLU A 62 9.31 -0.35 11.26
CA GLU A 62 9.30 0.58 10.13
C GLU A 62 8.43 0.08 8.99
N ALA A 63 8.15 -1.22 8.96
CA ALA A 63 7.33 -1.79 7.90
C ALA A 63 5.87 -1.72 8.29
N GLU A 64 5.62 -1.82 9.59
CA GLU A 64 4.26 -1.76 10.08
C GLU A 64 3.85 -0.30 10.28
N LEU A 65 4.85 0.54 10.50
CA LEU A 65 4.60 1.96 10.69
C LEU A 65 4.26 2.61 9.35
N GLU A 66 5.03 2.26 8.32
CA GLU A 66 4.78 2.81 6.99
C GLU A 66 3.48 2.24 6.43
N LEU A 67 3.32 0.93 6.50
CA LEU A 67 2.10 0.30 6.00
C LEU A 67 0.91 1.04 6.58
N ALA A 68 1.00 1.37 7.85
CA ALA A 68 -0.07 2.10 8.52
C ALA A 68 -0.29 3.44 7.83
N GLU A 69 0.79 4.13 7.55
CA GLU A 69 0.69 5.41 6.88
C GLU A 69 0.15 5.23 5.46
N ASN A 70 0.39 4.05 4.88
CA ASN A 70 -0.07 3.76 3.53
C ASN A 70 -1.57 3.53 3.49
N ARG A 71 -2.03 2.51 4.20
CA ARG A 71 -3.46 2.19 4.24
C ARG A 71 -4.27 3.44 4.56
N GLU A 72 -3.65 4.39 5.23
CA GLU A 72 -4.33 5.62 5.60
C GLU A 72 -4.45 6.58 4.40
N ILE A 73 -3.39 6.67 3.59
CA ILE A 73 -3.42 7.56 2.44
C ILE A 73 -4.43 7.08 1.40
N LEU A 74 -4.62 5.78 1.27
CA LEU A 74 -5.57 5.25 0.31
C LEU A 74 -6.96 5.84 0.55
N LYS A 75 -7.08 6.62 1.62
CA LYS A 75 -8.35 7.23 1.96
C LYS A 75 -8.43 8.67 1.46
N GLU A 76 -7.37 9.12 0.79
CA GLU A 76 -7.32 10.48 0.27
C GLU A 76 -8.28 10.64 -0.90
N PRO A 77 -8.73 11.85 -1.17
CA PRO A 77 -9.67 12.14 -2.29
C PRO A 77 -9.00 12.04 -3.65
N VAL A 78 -9.22 10.93 -4.34
CA VAL A 78 -8.64 10.73 -5.66
C VAL A 78 -9.61 11.21 -6.74
N HIS A 79 -10.89 10.95 -6.54
CA HIS A 79 -11.90 11.35 -7.51
C HIS A 79 -11.76 12.83 -7.86
N GLY A 80 -12.63 13.66 -7.30
CA GLY A 80 -12.57 15.09 -7.56
C GLY A 80 -13.85 15.80 -7.09
N VAL A 81 -14.34 15.38 -5.93
CA VAL A 81 -15.55 15.97 -5.38
C VAL A 81 -15.34 16.40 -3.93
N TYR A 82 -15.39 15.42 -3.03
CA TYR A 82 -15.21 15.70 -1.61
C TYR A 82 -15.15 14.40 -0.81
N LEU A 83 -14.36 14.42 0.27
CA LEU A 83 -14.22 13.24 1.11
C LEU A 83 -13.19 13.51 2.21
N GLU A 84 -12.89 12.47 2.99
CA GLU A 84 -11.92 12.61 4.07
C GLU A 84 -12.54 13.29 5.28
N HIS A 85 -12.92 12.49 6.28
CA HIS A 85 -13.53 13.04 7.48
C HIS A 85 -13.49 12.01 8.62
N HIS A 86 -13.14 12.48 9.81
CA HIS A 86 -13.06 11.60 10.97
C HIS A 86 -14.33 11.69 11.81
N HIS A 87 -14.87 10.53 12.18
CA HIS A 87 -16.09 10.50 12.98
C HIS A 87 -16.05 9.33 13.96
N HIS A 88 -16.27 8.13 13.43
CA HIS A 88 -16.27 6.93 14.26
C HIS A 88 -16.41 5.68 13.40
N HIS A 89 -15.31 5.27 12.78
CA HIS A 89 -15.32 4.09 11.92
C HIS A 89 -16.36 4.23 10.82
N HIS A 90 -15.90 4.37 9.58
CA HIS A 90 -16.81 4.51 8.45
C HIS A 90 -17.81 3.35 8.42
N ASP A 1 -16.81 12.70 -17.53
CA ASP A 1 -16.00 12.19 -16.39
C ASP A 1 -14.69 12.96 -16.31
N LYS A 2 -13.73 12.42 -15.57
CA LYS A 2 -12.43 13.06 -15.43
C LYS A 2 -11.40 12.07 -14.92
N TRP A 3 -11.69 11.48 -13.77
CA TRP A 3 -10.79 10.51 -13.16
C TRP A 3 -11.39 9.93 -11.89
N THR A 4 -10.96 8.73 -11.53
CA THR A 4 -11.46 8.07 -10.33
C THR A 4 -10.61 6.85 -10.00
N VAL A 5 -10.79 6.32 -8.79
CA VAL A 5 -10.03 5.16 -8.35
C VAL A 5 -10.96 4.12 -7.72
N GLN A 6 -10.59 2.86 -7.84
CA GLN A 6 -11.41 1.79 -7.27
C GLN A 6 -11.09 1.60 -5.78
N PRO A 7 -12.04 1.19 -4.98
CA PRO A 7 -11.82 0.99 -3.52
C PRO A 7 -10.46 0.34 -3.23
N ILE A 8 -9.52 1.16 -2.77
CA ILE A 8 -8.19 0.64 -2.44
C ILE A 8 -8.09 0.37 -0.94
N VAL A 9 -8.17 -0.91 -0.58
CA VAL A 9 -8.09 -1.29 0.83
C VAL A 9 -7.44 -2.66 0.99
N LEU A 10 -6.61 -2.81 2.02
CA LEU A 10 -5.92 -4.06 2.28
C LEU A 10 -6.34 -4.63 3.64
N PRO A 11 -6.13 -5.90 3.86
CA PRO A 11 -6.50 -6.56 5.15
C PRO A 11 -5.55 -6.16 6.28
N GLU A 12 -5.60 -6.92 7.38
CA GLU A 12 -4.74 -6.63 8.53
C GLU A 12 -4.61 -7.87 9.42
N LYS A 13 -3.43 -8.48 9.40
CA LYS A 13 -3.19 -9.67 10.21
C LYS A 13 -1.72 -9.76 10.60
N ASP A 14 -1.43 -10.62 11.58
CA ASP A 14 -0.06 -10.80 12.05
C ASP A 14 0.52 -12.09 11.48
N SER A 15 0.17 -12.39 10.24
CA SER A 15 0.67 -13.59 9.57
C SER A 15 0.73 -13.32 8.08
N TRP A 16 1.55 -12.34 7.71
CA TRP A 16 1.70 -11.97 6.32
C TRP A 16 2.64 -12.92 5.59
N THR A 17 2.10 -13.67 4.64
CA THR A 17 2.91 -14.62 3.88
C THR A 17 3.53 -13.95 2.65
N VAL A 18 4.57 -14.58 2.10
CA VAL A 18 5.25 -14.04 0.93
C VAL A 18 4.22 -13.83 -0.17
N ASN A 19 3.30 -14.78 -0.29
CA ASN A 19 2.25 -14.69 -1.29
C ASN A 19 1.34 -13.50 -1.00
N ASP A 20 1.14 -13.24 0.28
CA ASP A 20 0.28 -12.14 0.71
C ASP A 20 1.00 -10.79 0.58
N ILE A 21 2.31 -10.78 0.80
CA ILE A 21 3.06 -9.54 0.67
C ILE A 21 3.29 -9.26 -0.79
N GLN A 22 3.70 -10.30 -1.51
CA GLN A 22 3.96 -10.17 -2.93
C GLN A 22 2.79 -9.43 -3.60
N LYS A 23 1.60 -10.00 -3.49
CA LYS A 23 0.42 -9.39 -4.09
C LYS A 23 0.22 -7.97 -3.54
N LEU A 24 0.36 -7.81 -2.24
CA LEU A 24 0.19 -6.50 -1.61
C LEU A 24 1.13 -5.48 -2.21
N VAL A 25 2.43 -5.68 -2.01
CA VAL A 25 3.44 -4.77 -2.55
C VAL A 25 3.06 -4.37 -3.96
N GLY A 26 2.44 -5.30 -4.68
CA GLY A 26 2.03 -5.01 -6.05
C GLY A 26 0.91 -3.97 -6.07
N LYS A 27 -0.02 -4.10 -5.13
CA LYS A 27 -1.12 -3.15 -5.04
C LYS A 27 -0.62 -1.81 -4.55
N LEU A 28 0.10 -1.83 -3.43
CA LEU A 28 0.65 -0.60 -2.87
C LEU A 28 1.28 0.23 -3.98
N ASN A 29 2.19 -0.41 -4.69
CA ASN A 29 2.88 0.25 -5.80
C ASN A 29 1.87 0.97 -6.69
N TRP A 30 0.96 0.19 -7.25
CA TRP A 30 -0.07 0.74 -8.11
C TRP A 30 -0.73 1.94 -7.43
N ALA A 31 -1.27 1.70 -6.24
CA ALA A 31 -1.92 2.76 -5.48
C ALA A 31 -0.98 3.94 -5.30
N SER A 32 0.32 3.65 -5.22
CA SER A 32 1.31 4.70 -5.06
C SER A 32 1.08 5.77 -6.10
N GLN A 33 0.93 5.34 -7.35
CA GLN A 33 0.69 6.29 -8.43
C GLN A 33 -0.67 6.94 -8.24
N ILE A 34 -1.43 6.39 -7.29
CA ILE A 34 -2.76 6.91 -6.99
C ILE A 34 -2.86 7.30 -5.51
N TYR A 35 -1.72 7.54 -4.88
CA TYR A 35 -1.72 7.94 -3.48
C TYR A 35 -0.30 8.32 -3.05
N PRO A 36 -0.08 9.54 -2.59
CA PRO A 36 1.27 9.98 -2.17
C PRO A 36 1.63 9.51 -0.77
N GLY A 37 2.89 9.67 -0.43
CA GLY A 37 3.39 9.25 0.88
C GLY A 37 3.37 7.74 0.99
N ILE A 38 3.12 7.07 -0.13
CA ILE A 38 3.07 5.62 -0.15
C ILE A 38 4.46 5.03 -0.31
N LYS A 39 4.96 4.41 0.74
CA LYS A 39 6.28 3.79 0.70
C LYS A 39 6.12 2.28 0.57
N VAL A 40 6.89 1.69 -0.35
CA VAL A 40 6.82 0.26 -0.59
C VAL A 40 8.20 -0.37 -0.50
N ARG A 41 9.24 0.47 -0.55
CA ARG A 41 10.60 -0.02 -0.47
C ARG A 41 10.78 -0.94 0.73
N GLN A 42 10.17 -0.57 1.86
CA GLN A 42 10.29 -1.35 3.08
C GLN A 42 9.58 -2.70 2.93
N LEU A 43 8.39 -2.70 2.34
CA LEU A 43 7.64 -3.94 2.17
C LEU A 43 8.36 -4.86 1.19
N SER A 44 8.97 -4.28 0.16
CA SER A 44 9.70 -5.08 -0.81
C SER A 44 11.00 -5.61 -0.19
N LYS A 45 11.43 -4.99 0.91
CA LYS A 45 12.64 -5.43 1.58
C LYS A 45 12.38 -6.71 2.36
N LEU A 46 11.21 -6.81 2.97
CA LEU A 46 10.86 -8.01 3.74
C LEU A 46 10.57 -9.16 2.80
N LEU A 47 10.22 -8.84 1.56
CA LEU A 47 9.90 -9.87 0.57
C LEU A 47 10.96 -10.96 0.59
N ARG A 48 12.22 -10.55 0.41
CA ARG A 48 13.33 -11.50 0.40
C ARG A 48 13.57 -12.09 1.80
N GLY A 49 12.75 -11.67 2.76
CA GLY A 49 12.89 -12.15 4.12
C GLY A 49 12.49 -13.62 4.21
N THR A 50 12.33 -14.25 3.06
CA THR A 50 11.94 -15.66 3.01
C THR A 50 12.03 -16.19 1.58
N LYS A 51 11.02 -16.93 1.10
CA LYS A 51 11.09 -17.47 -0.24
C LYS A 51 9.75 -18.07 -0.69
N ALA A 52 9.32 -19.12 0.00
CA ALA A 52 8.08 -19.80 -0.37
C ALA A 52 6.92 -18.81 -0.48
N LEU A 53 5.72 -19.34 -0.68
CA LEU A 53 4.55 -18.49 -0.81
C LEU A 53 3.65 -18.61 0.41
N THR A 54 4.10 -19.38 1.39
CA THR A 54 3.33 -19.56 2.61
C THR A 54 4.22 -19.32 3.81
N GLU A 55 5.21 -18.45 3.62
CA GLU A 55 6.13 -18.13 4.71
C GLU A 55 5.78 -16.78 5.34
N VAL A 56 5.39 -16.82 6.61
CA VAL A 56 5.02 -15.60 7.32
C VAL A 56 6.22 -14.66 7.42
N ILE A 57 5.95 -13.36 7.31
CA ILE A 57 7.00 -12.36 7.37
C ILE A 57 6.65 -11.28 8.41
N PRO A 58 7.47 -11.07 9.42
CA PRO A 58 7.18 -10.03 10.46
C PRO A 58 7.45 -8.63 9.93
N LEU A 59 6.47 -7.74 10.06
CA LEU A 59 6.63 -6.38 9.58
C LEU A 59 7.62 -5.61 10.46
N THR A 60 8.70 -5.13 9.85
CA THR A 60 9.69 -4.37 10.59
C THR A 60 9.09 -3.05 11.06
N GLU A 61 9.46 -2.62 12.25
CA GLU A 61 8.93 -1.37 12.80
C GLU A 61 8.73 -0.31 11.71
N GLU A 62 9.75 -0.09 10.90
CA GLU A 62 9.67 0.91 9.84
C GLU A 62 8.81 0.41 8.67
N ALA A 63 8.64 -0.90 8.56
CA ALA A 63 7.85 -1.47 7.49
C ALA A 63 6.38 -1.40 7.86
N GLU A 64 6.07 -1.76 9.10
CA GLU A 64 4.70 -1.68 9.54
C GLU A 64 4.30 -0.22 9.65
N LEU A 65 5.32 0.63 9.74
CA LEU A 65 5.08 2.05 9.82
C LEU A 65 4.48 2.55 8.51
N GLU A 66 5.12 2.19 7.39
CA GLU A 66 4.61 2.60 6.08
C GLU A 66 3.18 2.13 5.91
N LEU A 67 2.99 0.81 5.93
CA LEU A 67 1.67 0.23 5.78
C LEU A 67 0.64 1.03 6.57
N ALA A 68 0.86 1.16 7.87
CA ALA A 68 -0.06 1.91 8.72
C ALA A 68 -0.44 3.24 8.09
N GLU A 69 0.55 4.10 7.88
CA GLU A 69 0.29 5.41 7.29
C GLU A 69 -0.32 5.28 5.90
N ASN A 70 0.00 4.19 5.21
CA ASN A 70 -0.52 3.99 3.86
C ASN A 70 -2.01 3.71 3.89
N ARG A 71 -2.41 2.63 4.56
CA ARG A 71 -3.82 2.27 4.64
C ARG A 71 -4.64 3.49 5.00
N GLU A 72 -4.02 4.43 5.72
CA GLU A 72 -4.72 5.65 6.12
C GLU A 72 -4.77 6.65 4.97
N ILE A 73 -3.76 6.63 4.12
CA ILE A 73 -3.72 7.55 2.98
C ILE A 73 -4.74 7.14 1.93
N LEU A 74 -4.91 5.84 1.72
CA LEU A 74 -5.86 5.36 0.73
C LEU A 74 -7.24 5.92 0.99
N LYS A 75 -7.40 6.66 2.09
CA LYS A 75 -8.68 7.25 2.43
C LYS A 75 -8.74 8.73 2.04
N GLU A 76 -7.81 9.15 1.19
CA GLU A 76 -7.77 10.55 0.74
C GLU A 76 -8.32 10.69 -0.67
N PRO A 77 -8.79 11.87 -1.03
CA PRO A 77 -9.34 12.13 -2.39
C PRO A 77 -8.24 12.25 -3.45
N VAL A 78 -8.26 11.35 -4.42
CA VAL A 78 -7.27 11.36 -5.48
C VAL A 78 -7.89 11.79 -6.81
N HIS A 79 -9.15 11.44 -7.00
CA HIS A 79 -9.85 11.78 -8.23
C HIS A 79 -9.51 13.21 -8.65
N GLY A 80 -8.60 13.33 -9.61
CA GLY A 80 -8.20 14.65 -10.10
C GLY A 80 -6.69 14.72 -10.26
N VAL A 81 -6.24 15.26 -11.39
CA VAL A 81 -4.81 15.38 -11.65
C VAL A 81 -4.14 16.26 -10.60
N TYR A 82 -3.30 17.18 -11.05
CA TYR A 82 -2.60 18.07 -10.14
C TYR A 82 -2.12 17.32 -8.90
N LEU A 83 -0.87 16.87 -8.95
CA LEU A 83 -0.31 16.12 -7.82
C LEU A 83 1.13 16.56 -7.56
N GLU A 84 1.42 16.90 -6.31
CA GLU A 84 2.77 17.33 -5.94
C GLU A 84 3.71 16.14 -5.86
N HIS A 85 4.77 16.28 -5.06
CA HIS A 85 5.74 15.20 -4.90
C HIS A 85 6.19 15.10 -3.45
N HIS A 86 6.86 14.00 -3.12
CA HIS A 86 7.34 13.79 -1.75
C HIS A 86 8.70 13.09 -1.77
N HIS A 87 9.44 13.24 -0.68
CA HIS A 87 10.76 12.63 -0.58
C HIS A 87 11.23 12.60 0.87
N HIS A 88 12.21 11.75 1.16
CA HIS A 88 12.74 11.64 2.51
C HIS A 88 14.02 10.80 2.51
N HIS A 89 14.04 9.77 1.68
CA HIS A 89 15.20 8.89 1.60
C HIS A 89 15.73 8.56 2.99
N HIS A 90 17.04 8.40 3.11
CA HIS A 90 17.65 8.08 4.40
C HIS A 90 19.17 8.07 4.29
N ASP A 1 -20.19 10.38 -14.24
CA ASP A 1 -19.39 10.22 -12.99
C ASP A 1 -17.96 9.82 -13.35
N LYS A 2 -17.01 10.20 -12.50
CA LYS A 2 -15.62 9.88 -12.73
C LYS A 2 -14.88 9.99 -11.41
N TRP A 3 -15.25 11.02 -10.67
CA TRP A 3 -14.65 11.29 -9.38
C TRP A 3 -14.60 10.02 -8.53
N THR A 4 -13.50 9.29 -8.62
CA THR A 4 -13.34 8.06 -7.85
C THR A 4 -11.93 7.48 -8.01
N VAL A 5 -11.66 6.44 -7.24
CA VAL A 5 -10.37 5.77 -7.28
C VAL A 5 -10.57 4.26 -7.23
N GLN A 6 -9.77 3.55 -8.01
CA GLN A 6 -9.86 2.10 -8.04
C GLN A 6 -10.03 1.54 -6.62
N PRO A 7 -10.59 0.37 -6.48
CA PRO A 7 -10.81 -0.25 -5.14
C PRO A 7 -9.51 -0.76 -4.51
N ILE A 8 -8.93 0.06 -3.63
CA ILE A 8 -7.69 -0.32 -2.95
C ILE A 8 -7.98 -0.69 -1.50
N VAL A 9 -7.98 -1.98 -1.22
CA VAL A 9 -8.24 -2.47 0.14
C VAL A 9 -7.41 -3.71 0.43
N LEU A 10 -6.89 -3.80 1.64
CA LEU A 10 -6.08 -4.95 2.04
C LEU A 10 -6.42 -5.40 3.45
N PRO A 11 -6.22 -6.66 3.76
CA PRO A 11 -6.51 -7.22 5.12
C PRO A 11 -5.53 -6.70 6.17
N GLU A 12 -5.75 -7.12 7.41
CA GLU A 12 -4.87 -6.70 8.51
C GLU A 12 -4.64 -7.84 9.49
N LYS A 13 -3.47 -8.47 9.37
CA LYS A 13 -3.13 -9.58 10.26
C LYS A 13 -1.63 -9.65 10.49
N ASP A 14 -1.22 -10.41 11.51
CA ASP A 14 0.20 -10.55 11.83
C ASP A 14 0.70 -11.90 11.34
N SER A 15 0.22 -12.31 10.16
CA SER A 15 0.62 -13.58 9.56
C SER A 15 0.70 -13.39 8.07
N TRP A 16 1.49 -12.42 7.66
CA TRP A 16 1.65 -12.09 6.25
C TRP A 16 2.60 -13.05 5.55
N THR A 17 2.07 -13.81 4.60
CA THR A 17 2.88 -14.77 3.85
C THR A 17 3.52 -14.12 2.64
N VAL A 18 4.62 -14.71 2.17
CA VAL A 18 5.32 -14.21 1.00
C VAL A 18 4.35 -13.99 -0.13
N ASN A 19 3.42 -14.93 -0.29
CA ASN A 19 2.41 -14.81 -1.34
C ASN A 19 1.45 -13.67 -1.03
N ASP A 20 1.22 -13.44 0.26
CA ASP A 20 0.32 -12.38 0.70
C ASP A 20 0.97 -11.01 0.50
N ILE A 21 2.27 -10.95 0.74
CA ILE A 21 3.01 -9.71 0.59
C ILE A 21 3.27 -9.47 -0.89
N GLN A 22 3.75 -10.49 -1.55
CA GLN A 22 4.03 -10.42 -2.96
C GLN A 22 2.89 -9.70 -3.67
N LYS A 23 1.69 -10.28 -3.57
CA LYS A 23 0.51 -9.69 -4.18
C LYS A 23 0.29 -8.27 -3.66
N LEU A 24 0.54 -8.08 -2.36
CA LEU A 24 0.37 -6.76 -1.75
C LEU A 24 1.26 -5.73 -2.43
N VAL A 25 2.57 -5.93 -2.32
CA VAL A 25 3.51 -5.00 -2.93
C VAL A 25 3.01 -4.58 -4.30
N GLY A 26 2.39 -5.52 -5.00
CA GLY A 26 1.84 -5.23 -6.31
C GLY A 26 0.74 -4.19 -6.22
N LYS A 27 -0.12 -4.33 -5.22
CA LYS A 27 -1.21 -3.38 -5.02
C LYS A 27 -0.66 -2.05 -4.52
N LEU A 28 0.07 -2.09 -3.42
CA LEU A 28 0.66 -0.88 -2.87
C LEU A 28 1.32 -0.10 -3.97
N ASN A 29 2.16 -0.78 -4.72
CA ASN A 29 2.86 -0.15 -5.85
C ASN A 29 1.85 0.65 -6.66
N TRP A 30 0.76 -0.02 -7.05
CA TRP A 30 -0.29 0.63 -7.81
C TRP A 30 -0.81 1.83 -7.03
N ALA A 31 -0.90 1.66 -5.71
CA ALA A 31 -1.37 2.73 -4.83
C ALA A 31 -0.46 3.94 -4.96
N SER A 32 0.86 3.70 -4.95
CA SER A 32 1.82 4.77 -5.07
C SER A 32 1.46 5.68 -6.24
N GLN A 33 1.09 5.06 -7.36
CA GLN A 33 0.72 5.83 -8.54
C GLN A 33 -0.69 6.41 -8.41
N ILE A 34 -1.36 6.08 -7.30
CA ILE A 34 -2.72 6.56 -7.05
C ILE A 34 -2.81 7.20 -5.67
N TYR A 35 -1.69 7.30 -4.98
CA TYR A 35 -1.70 7.86 -3.64
C TYR A 35 -0.28 8.33 -3.24
N PRO A 36 -0.05 9.63 -3.15
CA PRO A 36 1.28 10.18 -2.79
C PRO A 36 1.53 10.18 -1.29
N GLY A 37 2.71 9.72 -0.92
CA GLY A 37 3.09 9.67 0.48
C GLY A 37 3.25 8.23 0.95
N ILE A 38 2.68 7.30 0.19
CA ILE A 38 2.78 5.90 0.53
C ILE A 38 4.11 5.34 0.04
N LYS A 39 4.63 4.37 0.76
CA LYS A 39 5.89 3.75 0.39
C LYS A 39 5.80 2.24 0.51
N VAL A 40 6.61 1.55 -0.30
CA VAL A 40 6.60 0.09 -0.29
C VAL A 40 8.02 -0.46 -0.24
N ARG A 41 8.96 0.40 0.10
CA ARG A 41 10.36 0.00 0.19
C ARG A 41 10.55 -1.06 1.26
N GLN A 42 10.12 -0.76 2.48
CA GLN A 42 10.27 -1.69 3.59
C GLN A 42 9.50 -2.98 3.34
N LEU A 43 8.33 -2.87 2.70
CA LEU A 43 7.51 -4.04 2.42
C LEU A 43 8.13 -4.86 1.30
N SER A 44 8.83 -4.19 0.39
CA SER A 44 9.48 -4.89 -0.70
C SER A 44 10.73 -5.58 -0.18
N LYS A 45 11.48 -4.87 0.67
CA LYS A 45 12.70 -5.43 1.25
C LYS A 45 12.36 -6.56 2.20
N LEU A 46 11.10 -6.60 2.65
CA LEU A 46 10.66 -7.64 3.56
C LEU A 46 10.55 -8.98 2.84
N LEU A 47 10.49 -8.94 1.51
CA LEU A 47 10.37 -10.15 0.72
C LEU A 47 11.72 -10.84 0.53
N ARG A 48 12.64 -10.16 -0.17
CA ARG A 48 13.97 -10.69 -0.45
C ARG A 48 14.41 -11.73 0.58
N GLY A 49 14.21 -11.40 1.85
CA GLY A 49 14.56 -12.33 2.92
C GLY A 49 13.42 -13.29 3.21
N THR A 50 13.07 -14.10 2.22
CA THR A 50 11.97 -15.04 2.37
C THR A 50 12.27 -16.34 1.63
N LYS A 51 11.23 -17.18 1.48
CA LYS A 51 11.38 -18.45 0.79
C LYS A 51 10.11 -18.81 0.00
N ALA A 52 9.47 -19.93 0.39
CA ALA A 52 8.27 -20.40 -0.30
C ALA A 52 7.16 -19.35 -0.29
N LEU A 53 5.94 -19.81 -0.57
CA LEU A 53 4.79 -18.91 -0.61
C LEU A 53 3.88 -19.11 0.60
N THR A 54 4.40 -19.81 1.59
CA THR A 54 3.64 -20.06 2.81
C THR A 54 4.47 -19.69 4.03
N GLU A 55 5.37 -18.73 3.85
CA GLU A 55 6.23 -18.29 4.95
C GLU A 55 5.78 -16.94 5.48
N VAL A 56 5.35 -16.92 6.73
CA VAL A 56 4.90 -15.68 7.37
C VAL A 56 6.06 -14.70 7.50
N ILE A 57 5.76 -13.43 7.31
CA ILE A 57 6.77 -12.39 7.40
C ILE A 57 6.33 -11.29 8.38
N PRO A 58 7.08 -11.00 9.42
CA PRO A 58 6.69 -9.93 10.39
C PRO A 58 6.90 -8.54 9.81
N LEU A 59 5.93 -7.66 10.03
CA LEU A 59 6.04 -6.31 9.52
C LEU A 59 6.82 -5.43 10.51
N THR A 60 8.13 -5.42 10.36
CA THR A 60 9.00 -4.63 11.24
C THR A 60 8.33 -3.31 11.60
N GLU A 61 8.68 -2.78 12.77
CA GLU A 61 8.11 -1.51 13.21
C GLU A 61 8.07 -0.53 12.05
N GLU A 62 9.22 -0.33 11.41
CA GLU A 62 9.31 0.59 10.28
C GLU A 62 8.38 0.16 9.14
N ALA A 63 7.98 -1.11 9.14
CA ALA A 63 7.10 -1.62 8.11
C ALA A 63 5.66 -1.41 8.57
N GLU A 64 5.48 -1.46 9.88
CA GLU A 64 4.17 -1.25 10.46
C GLU A 64 3.85 0.23 10.40
N LEU A 65 4.91 1.03 10.42
CA LEU A 65 4.79 2.47 10.35
C LEU A 65 4.40 2.88 8.93
N GLU A 66 5.08 2.28 7.97
CA GLU A 66 4.83 2.56 6.57
C GLU A 66 3.43 2.13 6.16
N LEU A 67 3.18 0.82 6.22
CA LEU A 67 1.86 0.30 5.87
C LEU A 67 0.78 1.18 6.50
N ALA A 68 0.92 1.42 7.79
CA ALA A 68 -0.04 2.25 8.50
C ALA A 68 -0.20 3.59 7.81
N GLU A 69 0.90 4.34 7.72
CA GLU A 69 0.87 5.65 7.07
C GLU A 69 0.25 5.56 5.69
N ASN A 70 0.46 4.44 5.00
CA ASN A 70 -0.10 4.27 3.67
C ASN A 70 -1.61 4.21 3.75
N ARG A 71 -2.11 3.19 4.45
CA ARG A 71 -3.55 3.01 4.62
C ARG A 71 -4.22 4.33 4.96
N GLU A 72 -3.45 5.25 5.52
CA GLU A 72 -3.98 6.55 5.90
C GLU A 72 -4.18 7.46 4.69
N ILE A 73 -3.23 7.47 3.78
CA ILE A 73 -3.33 8.34 2.60
C ILE A 73 -4.41 7.85 1.63
N LEU A 74 -4.58 6.53 1.52
CA LEU A 74 -5.59 5.99 0.61
C LEU A 74 -6.94 6.65 0.85
N LYS A 75 -7.05 7.37 1.96
CA LYS A 75 -8.30 8.04 2.31
C LYS A 75 -8.43 9.37 1.57
N GLU A 76 -7.68 9.51 0.48
CA GLU A 76 -7.72 10.74 -0.31
C GLU A 76 -8.51 10.51 -1.61
N PRO A 77 -9.02 11.56 -2.20
CA PRO A 77 -9.81 11.45 -3.47
C PRO A 77 -8.93 11.14 -4.66
N VAL A 78 -7.92 11.96 -4.88
CA VAL A 78 -7.01 11.76 -6.00
C VAL A 78 -7.77 11.75 -7.33
N HIS A 79 -8.32 10.59 -7.68
CA HIS A 79 -9.07 10.45 -8.92
C HIS A 79 -8.47 11.30 -10.03
N GLY A 80 -9.00 12.51 -10.17
CA GLY A 80 -8.53 13.45 -11.18
C GLY A 80 -9.21 14.81 -11.00
N VAL A 81 -10.44 14.78 -10.49
CA VAL A 81 -11.19 16.01 -10.26
C VAL A 81 -10.47 16.93 -9.27
N TYR A 82 -9.66 16.34 -8.38
CA TYR A 82 -8.94 17.12 -7.40
C TYR A 82 -8.13 18.23 -8.07
N LEU A 83 -8.42 19.47 -7.69
CA LEU A 83 -7.73 20.64 -8.24
C LEU A 83 -7.34 20.40 -9.70
N GLU A 84 -8.27 20.70 -10.61
CA GLU A 84 -8.01 20.53 -12.03
C GLU A 84 -7.68 21.86 -12.69
N HIS A 85 -8.15 22.95 -12.07
CA HIS A 85 -7.89 24.28 -12.61
C HIS A 85 -8.40 25.35 -11.64
N HIS A 86 -8.78 26.50 -12.18
CA HIS A 86 -9.27 27.60 -11.35
C HIS A 86 -8.13 28.27 -10.60
N HIS A 87 -8.28 29.56 -10.34
CA HIS A 87 -7.25 30.31 -9.63
C HIS A 87 -7.80 31.64 -9.13
N HIS A 88 -7.21 32.16 -8.06
CA HIS A 88 -7.65 33.44 -7.50
C HIS A 88 -6.46 34.23 -6.99
N HIS A 89 -6.54 35.56 -7.10
CA HIS A 89 -5.47 36.43 -6.64
C HIS A 89 -5.40 36.43 -5.12
N HIS A 90 -4.19 36.44 -4.58
CA HIS A 90 -4.00 36.45 -3.13
C HIS A 90 -4.75 35.30 -2.49
N ASP A 1 -21.51 6.84 -8.77
CA ASP A 1 -21.39 7.24 -10.20
C ASP A 1 -21.12 8.73 -10.28
N LYS A 2 -19.84 9.08 -10.35
CA LYS A 2 -19.44 10.48 -10.44
C LYS A 2 -17.98 10.58 -10.85
N TRP A 3 -17.09 10.25 -9.91
CA TRP A 3 -15.67 10.29 -10.18
C TRP A 3 -14.90 9.54 -9.10
N THR A 4 -13.58 9.72 -9.09
CA THR A 4 -12.71 9.05 -8.11
C THR A 4 -12.26 7.70 -8.63
N VAL A 5 -11.06 7.30 -8.23
CA VAL A 5 -10.51 6.02 -8.65
C VAL A 5 -11.36 4.87 -8.12
N GLN A 6 -10.73 3.98 -7.35
CA GLN A 6 -11.45 2.83 -6.78
C GLN A 6 -11.04 2.63 -5.32
N PRO A 7 -11.82 1.89 -4.58
CA PRO A 7 -11.54 1.61 -3.14
C PRO A 7 -10.36 0.66 -2.95
N ILE A 8 -9.28 1.18 -2.36
CA ILE A 8 -8.10 0.36 -2.13
C ILE A 8 -7.98 0.03 -0.64
N VAL A 9 -8.15 -1.25 -0.31
CA VAL A 9 -8.07 -1.68 1.08
C VAL A 9 -7.27 -2.98 1.19
N LEU A 10 -6.72 -3.25 2.38
CA LEU A 10 -5.95 -4.46 2.61
C LEU A 10 -6.65 -5.35 3.64
N PRO A 11 -6.28 -6.61 3.70
CA PRO A 11 -6.89 -7.58 4.65
C PRO A 11 -6.50 -7.28 6.11
N GLU A 12 -5.40 -6.56 6.29
CA GLU A 12 -4.93 -6.22 7.63
C GLU A 12 -4.94 -7.44 8.54
N LYS A 13 -3.78 -8.06 8.71
CA LYS A 13 -3.67 -9.24 9.55
C LYS A 13 -2.26 -9.34 10.15
N ASP A 14 -2.05 -10.36 10.98
CA ASP A 14 -0.74 -10.57 11.60
C ASP A 14 -0.13 -11.88 11.12
N SER A 15 -0.41 -12.22 9.87
CA SER A 15 0.11 -13.44 9.26
C SER A 15 0.43 -13.16 7.80
N TRP A 16 1.35 -12.23 7.59
CA TRP A 16 1.71 -11.82 6.25
C TRP A 16 2.68 -12.80 5.59
N THR A 17 2.17 -13.59 4.65
CA THR A 17 2.99 -14.56 3.94
C THR A 17 3.65 -13.93 2.71
N VAL A 18 4.69 -14.59 2.21
CA VAL A 18 5.39 -14.12 1.03
C VAL A 18 4.38 -13.89 -0.08
N ASN A 19 3.42 -14.79 -0.20
CA ASN A 19 2.37 -14.68 -1.20
C ASN A 19 1.45 -13.50 -0.89
N ASP A 20 1.24 -13.25 0.40
CA ASP A 20 0.36 -12.17 0.83
C ASP A 20 1.05 -10.82 0.65
N ILE A 21 2.35 -10.79 0.89
CA ILE A 21 3.10 -9.55 0.74
C ILE A 21 3.32 -9.30 -0.74
N GLN A 22 3.73 -10.34 -1.44
CA GLN A 22 3.95 -10.25 -2.86
C GLN A 22 2.80 -9.49 -3.52
N LYS A 23 1.58 -9.97 -3.28
CA LYS A 23 0.41 -9.31 -3.84
C LYS A 23 0.23 -7.93 -3.22
N LEU A 24 0.56 -7.81 -1.95
CA LEU A 24 0.44 -6.53 -1.24
C LEU A 24 1.26 -5.47 -1.93
N VAL A 25 2.58 -5.68 -1.98
CA VAL A 25 3.45 -4.72 -2.63
C VAL A 25 2.81 -4.30 -3.94
N GLY A 26 2.27 -5.28 -4.65
CA GLY A 26 1.60 -5.05 -5.93
C GLY A 26 0.48 -4.04 -5.78
N LYS A 27 -0.16 -4.03 -4.62
CA LYS A 27 -1.25 -3.10 -4.37
C LYS A 27 -0.68 -1.74 -3.99
N LEU A 28 0.35 -1.77 -3.15
CA LEU A 28 0.99 -0.54 -2.70
C LEU A 28 1.53 0.24 -3.88
N ASN A 29 2.34 -0.44 -4.69
CA ASN A 29 2.93 0.19 -5.86
C ASN A 29 1.85 0.66 -6.83
N TRP A 30 1.02 -0.29 -7.26
CA TRP A 30 -0.07 0.05 -8.18
C TRP A 30 -0.93 1.15 -7.60
N ALA A 31 -1.02 1.21 -6.28
CA ALA A 31 -1.80 2.24 -5.60
C ALA A 31 -1.00 3.53 -5.46
N SER A 32 0.32 3.39 -5.40
CA SER A 32 1.19 4.55 -5.26
C SER A 32 0.86 5.56 -6.34
N GLN A 33 0.67 5.05 -7.56
CA GLN A 33 0.34 5.93 -8.68
C GLN A 33 -1.06 6.51 -8.47
N ILE A 34 -1.74 6.01 -7.45
CA ILE A 34 -3.10 6.46 -7.13
C ILE A 34 -3.15 6.98 -5.70
N TYR A 35 -1.98 7.20 -5.10
CA TYR A 35 -1.93 7.68 -3.74
C TYR A 35 -0.51 8.16 -3.43
N PRO A 36 -0.31 9.40 -3.07
CA PRO A 36 1.03 9.95 -2.75
C PRO A 36 1.47 9.61 -1.34
N GLY A 37 2.75 9.84 -1.08
CA GLY A 37 3.32 9.57 0.22
C GLY A 37 3.38 8.08 0.49
N ILE A 38 3.08 7.29 -0.54
CA ILE A 38 3.09 5.84 -0.40
C ILE A 38 4.51 5.30 -0.50
N LYS A 39 4.94 4.62 0.55
CA LYS A 39 6.27 4.03 0.59
C LYS A 39 6.18 2.51 0.48
N VAL A 40 7.14 1.91 -0.20
CA VAL A 40 7.14 0.47 -0.38
C VAL A 40 8.57 -0.04 -0.47
N ARG A 41 9.46 0.54 0.33
CA ARG A 41 10.85 0.14 0.34
C ARG A 41 11.08 -0.94 1.38
N GLN A 42 10.45 -0.77 2.55
CA GLN A 42 10.60 -1.74 3.63
C GLN A 42 9.63 -2.90 3.44
N LEU A 43 8.53 -2.63 2.74
CA LEU A 43 7.53 -3.67 2.49
C LEU A 43 8.01 -4.60 1.38
N SER A 44 8.82 -4.06 0.49
CA SER A 44 9.37 -4.84 -0.60
C SER A 44 10.58 -5.63 -0.12
N LYS A 45 11.44 -4.97 0.65
CA LYS A 45 12.63 -5.61 1.19
C LYS A 45 12.26 -6.83 2.01
N LEU A 46 11.17 -6.73 2.78
CA LEU A 46 10.74 -7.85 3.60
C LEU A 46 10.70 -9.13 2.77
N LEU A 47 10.45 -8.97 1.48
CA LEU A 47 10.40 -10.11 0.58
C LEU A 47 11.81 -10.62 0.27
N ARG A 48 12.62 -9.77 -0.35
CA ARG A 48 13.97 -10.13 -0.70
C ARG A 48 14.63 -10.92 0.43
N GLY A 49 14.64 -12.24 0.28
CA GLY A 49 15.26 -13.11 1.29
C GLY A 49 14.21 -13.97 2.00
N THR A 50 13.06 -14.13 1.36
CA THR A 50 12.00 -14.95 1.96
C THR A 50 12.02 -16.36 1.38
N LYS A 51 11.09 -17.20 1.84
CA LYS A 51 11.05 -18.59 1.40
C LYS A 51 9.87 -18.88 0.49
N ALA A 52 9.20 -20.00 0.78
CA ALA A 52 8.05 -20.45 0.00
C ALA A 52 6.99 -19.36 -0.11
N LEU A 53 5.78 -19.75 -0.46
CA LEU A 53 4.69 -18.79 -0.62
C LEU A 53 3.74 -18.84 0.55
N THR A 54 4.13 -19.55 1.59
CA THR A 54 3.31 -19.66 2.78
C THR A 54 4.14 -19.37 4.02
N GLU A 55 5.24 -18.64 3.82
CA GLU A 55 6.12 -18.30 4.94
C GLU A 55 5.74 -16.95 5.52
N VAL A 56 5.29 -16.94 6.77
CA VAL A 56 4.90 -15.72 7.44
C VAL A 56 6.08 -14.76 7.57
N ILE A 57 5.80 -13.48 7.38
CA ILE A 57 6.84 -12.45 7.46
C ILE A 57 6.41 -11.35 8.45
N PRO A 58 7.14 -11.11 9.52
CA PRO A 58 6.76 -10.04 10.50
C PRO A 58 7.03 -8.65 9.94
N LEU A 59 6.13 -7.72 10.22
CA LEU A 59 6.29 -6.35 9.72
C LEU A 59 7.15 -5.54 10.67
N THR A 60 8.40 -5.31 10.28
CA THR A 60 9.33 -4.54 11.11
C THR A 60 8.73 -3.18 11.45
N GLU A 61 9.23 -2.56 12.51
CA GLU A 61 8.74 -1.26 12.93
C GLU A 61 8.64 -0.32 11.72
N GLU A 62 9.59 -0.45 10.80
CA GLU A 62 9.60 0.39 9.61
C GLU A 62 8.58 -0.10 8.59
N ALA A 63 8.16 -1.36 8.70
CA ALA A 63 7.18 -1.90 7.78
C ALA A 63 5.80 -1.52 8.25
N GLU A 64 5.68 -1.39 9.57
CA GLU A 64 4.42 -1.00 10.18
C GLU A 64 4.32 0.51 10.16
N LEU A 65 5.45 1.17 10.00
CA LEU A 65 5.48 2.63 9.95
C LEU A 65 4.93 3.12 8.62
N GLU A 66 5.38 2.52 7.52
CA GLU A 66 4.89 2.91 6.21
C GLU A 66 3.48 2.41 5.99
N LEU A 67 3.32 1.08 6.05
CA LEU A 67 2.00 0.48 5.88
C LEU A 67 0.95 1.28 6.63
N ALA A 68 1.18 1.47 7.92
CA ALA A 68 0.24 2.23 8.75
C ALA A 68 -0.11 3.56 8.08
N GLU A 69 0.90 4.39 7.87
CA GLU A 69 0.67 5.69 7.25
C GLU A 69 0.03 5.54 5.88
N ASN A 70 0.29 4.41 5.22
CA ASN A 70 -0.25 4.18 3.88
C ASN A 70 -1.74 3.86 3.93
N ARG A 71 -2.10 2.77 4.60
CA ARG A 71 -3.50 2.40 4.69
C ARG A 71 -4.35 3.61 5.04
N GLU A 72 -3.74 4.58 5.72
CA GLU A 72 -4.45 5.79 6.10
C GLU A 72 -4.59 6.72 4.89
N ILE A 73 -3.54 6.81 4.08
CA ILE A 73 -3.58 7.67 2.91
C ILE A 73 -4.62 7.21 1.91
N LEU A 74 -4.76 5.88 1.76
CA LEU A 74 -5.73 5.33 0.82
C LEU A 74 -7.13 5.84 1.14
N LYS A 75 -7.26 6.61 2.21
CA LYS A 75 -8.55 7.15 2.61
C LYS A 75 -8.90 8.38 1.76
N GLU A 76 -7.89 8.96 1.12
CA GLU A 76 -8.11 10.13 0.28
C GLU A 76 -8.86 9.75 -0.99
N PRO A 77 -9.56 10.66 -1.60
CA PRO A 77 -10.34 10.40 -2.86
C PRO A 77 -9.46 10.37 -4.10
N VAL A 78 -8.25 10.93 -3.99
CA VAL A 78 -7.33 10.99 -5.12
C VAL A 78 -7.92 11.81 -6.25
N HIS A 79 -8.94 11.27 -6.90
CA HIS A 79 -9.60 11.96 -7.99
C HIS A 79 -11.00 12.39 -7.59
N GLY A 80 -11.46 13.52 -8.14
CA GLY A 80 -12.80 14.03 -7.82
C GLY A 80 -12.77 15.52 -7.57
N VAL A 81 -13.92 16.08 -7.19
CA VAL A 81 -14.01 17.51 -6.94
C VAL A 81 -12.93 17.96 -5.96
N TYR A 82 -11.74 18.25 -6.49
CA TYR A 82 -10.63 18.69 -5.66
C TYR A 82 -9.45 19.12 -6.53
N LEU A 83 -8.91 18.17 -7.29
CA LEU A 83 -7.78 18.45 -8.16
C LEU A 83 -8.01 17.85 -9.54
N GLU A 84 -6.98 17.88 -10.38
CA GLU A 84 -7.09 17.33 -11.74
C GLU A 84 -5.82 16.60 -12.12
N HIS A 85 -4.90 17.32 -12.75
CA HIS A 85 -3.63 16.73 -13.18
C HIS A 85 -3.87 15.45 -13.98
N HIS A 86 -4.00 15.62 -15.30
CA HIS A 86 -4.23 14.47 -16.17
C HIS A 86 -2.92 13.89 -16.68
N HIS A 87 -2.91 12.60 -16.98
CA HIS A 87 -1.72 11.94 -17.48
C HIS A 87 -2.06 10.60 -18.11
N HIS A 88 -1.05 9.74 -18.24
CA HIS A 88 -1.26 8.43 -18.83
C HIS A 88 -1.41 7.36 -17.74
N HIS A 89 -2.05 6.25 -18.10
CA HIS A 89 -2.25 5.17 -17.14
C HIS A 89 -2.91 3.97 -17.83
N HIS A 90 -2.59 2.78 -17.34
CA HIS A 90 -3.16 1.56 -17.92
C HIS A 90 -4.56 1.32 -17.38
N ASP A 1 -17.16 8.44 -16.30
CA ASP A 1 -15.90 7.87 -15.76
C ASP A 1 -14.71 8.57 -16.41
N LYS A 2 -14.03 9.43 -15.65
CA LYS A 2 -12.88 10.15 -16.15
C LYS A 2 -11.96 10.49 -14.99
N TRP A 3 -12.51 10.39 -13.78
CA TRP A 3 -11.74 10.68 -12.59
C TRP A 3 -12.03 9.66 -11.49
N THR A 4 -11.33 9.81 -10.37
CA THR A 4 -11.51 8.91 -9.24
C THR A 4 -11.12 7.49 -9.64
N VAL A 5 -11.10 6.60 -8.66
CA VAL A 5 -10.75 5.21 -8.91
C VAL A 5 -11.63 4.28 -8.09
N GLN A 6 -11.22 3.01 -7.99
CA GLN A 6 -11.99 2.04 -7.21
C GLN A 6 -11.44 1.92 -5.79
N PRO A 7 -12.27 1.62 -4.82
CA PRO A 7 -11.82 1.48 -3.40
C PRO A 7 -10.49 0.72 -3.29
N ILE A 8 -9.52 1.34 -2.61
CA ILE A 8 -8.22 0.71 -2.43
C ILE A 8 -8.04 0.30 -0.96
N VAL A 9 -8.20 -1.00 -0.69
CA VAL A 9 -8.05 -1.52 0.67
C VAL A 9 -7.21 -2.79 0.66
N LEU A 10 -6.64 -3.11 1.81
CA LEU A 10 -5.80 -4.30 1.93
C LEU A 10 -6.09 -5.04 3.24
N PRO A 11 -5.65 -6.28 3.36
CA PRO A 11 -5.86 -7.09 4.59
C PRO A 11 -5.42 -6.35 5.85
N GLU A 12 -5.31 -7.08 6.96
CA GLU A 12 -4.90 -6.50 8.23
C GLU A 12 -4.76 -7.59 9.28
N LYS A 13 -3.61 -8.28 9.28
CA LYS A 13 -3.37 -9.34 10.24
C LYS A 13 -1.89 -9.48 10.55
N ASP A 14 -1.55 -10.36 11.50
CA ASP A 14 -0.17 -10.58 11.88
C ASP A 14 0.33 -11.93 11.36
N SER A 15 -0.18 -12.32 10.21
CA SER A 15 0.22 -13.59 9.59
C SER A 15 0.43 -13.33 8.11
N TRP A 16 1.32 -12.41 7.83
CA TRP A 16 1.60 -12.00 6.46
C TRP A 16 2.55 -12.99 5.77
N THR A 17 2.01 -13.75 4.82
CA THR A 17 2.81 -14.71 4.06
C THR A 17 3.43 -14.03 2.85
N VAL A 18 4.50 -14.61 2.34
CA VAL A 18 5.19 -14.09 1.18
C VAL A 18 4.19 -13.87 0.05
N ASN A 19 3.29 -14.83 -0.11
CA ASN A 19 2.26 -14.73 -1.15
C ASN A 19 1.34 -13.55 -0.87
N ASP A 20 1.17 -13.22 0.41
CA ASP A 20 0.30 -12.12 0.80
C ASP A 20 1.05 -10.80 0.72
N ILE A 21 2.35 -10.82 0.98
CA ILE A 21 3.14 -9.60 0.90
C ILE A 21 3.45 -9.31 -0.55
N GLN A 22 3.60 -10.36 -1.32
CA GLN A 22 3.88 -10.22 -2.74
C GLN A 22 2.70 -9.54 -3.41
N LYS A 23 1.50 -10.02 -3.10
CA LYS A 23 0.30 -9.44 -3.67
C LYS A 23 0.08 -8.03 -3.12
N LEU A 24 0.45 -7.84 -1.85
CA LEU A 24 0.30 -6.55 -1.20
C LEU A 24 1.29 -5.55 -1.77
N VAL A 25 2.57 -5.81 -1.55
CA VAL A 25 3.61 -4.93 -2.04
C VAL A 25 3.29 -4.51 -3.48
N GLY A 26 2.67 -5.42 -4.21
CA GLY A 26 2.28 -5.13 -5.59
C GLY A 26 1.12 -4.15 -5.62
N LYS A 27 0.20 -4.32 -4.67
CA LYS A 27 -0.96 -3.44 -4.56
C LYS A 27 -0.51 -2.04 -4.13
N LEU A 28 0.20 -1.98 -3.01
CA LEU A 28 0.70 -0.72 -2.51
C LEU A 28 1.33 0.09 -3.63
N ASN A 29 2.24 -0.55 -4.34
CA ASN A 29 2.92 0.10 -5.45
C ASN A 29 1.88 0.80 -6.34
N TRP A 30 0.95 0.03 -6.88
CA TRP A 30 -0.08 0.59 -7.73
C TRP A 30 -0.77 1.76 -7.02
N ALA A 31 -1.19 1.53 -5.78
CA ALA A 31 -1.85 2.57 -5.01
C ALA A 31 -0.98 3.81 -4.92
N SER A 32 0.33 3.59 -4.77
CA SER A 32 1.27 4.70 -4.69
C SER A 32 1.06 5.66 -5.85
N GLN A 33 0.83 5.11 -7.03
CA GLN A 33 0.62 5.94 -8.22
C GLN A 33 -0.73 6.65 -8.12
N ILE A 34 -1.49 6.31 -7.08
CA ILE A 34 -2.81 6.92 -6.88
C ILE A 34 -2.96 7.48 -5.47
N TYR A 35 -1.85 7.69 -4.79
CA TYR A 35 -1.91 8.21 -3.43
C TYR A 35 -0.51 8.65 -2.98
N PRO A 36 -0.31 9.91 -2.68
CA PRO A 36 1.01 10.44 -2.25
C PRO A 36 1.31 10.22 -0.77
N GLY A 37 2.47 9.67 -0.49
CA GLY A 37 2.90 9.43 0.90
C GLY A 37 3.02 7.94 1.20
N ILE A 38 2.37 7.11 0.40
CA ILE A 38 2.42 5.67 0.59
C ILE A 38 3.72 5.11 0.03
N LYS A 39 4.48 4.41 0.88
CA LYS A 39 5.74 3.82 0.45
C LYS A 39 5.60 2.32 0.25
N VAL A 40 6.67 1.71 -0.24
CA VAL A 40 6.69 0.27 -0.50
C VAL A 40 8.11 -0.20 -0.71
N ARG A 41 9.07 0.57 -0.21
CA ARG A 41 10.48 0.23 -0.35
C ARG A 41 10.90 -0.77 0.71
N GLN A 42 10.37 -0.61 1.92
CA GLN A 42 10.70 -1.51 3.01
C GLN A 42 9.83 -2.76 2.99
N LEU A 43 8.64 -2.63 2.41
CA LEU A 43 7.71 -3.75 2.33
C LEU A 43 8.18 -4.75 1.28
N SER A 44 8.74 -4.24 0.19
CA SER A 44 9.25 -5.11 -0.86
C SER A 44 10.53 -5.79 -0.40
N LYS A 45 11.32 -5.06 0.39
CA LYS A 45 12.56 -5.62 0.91
C LYS A 45 12.27 -6.88 1.70
N LEU A 46 11.22 -6.83 2.52
CA LEU A 46 10.85 -7.99 3.33
C LEU A 46 10.78 -9.24 2.44
N LEU A 47 10.64 -9.03 1.14
CA LEU A 47 10.56 -10.16 0.20
C LEU A 47 11.93 -10.49 -0.37
N ARG A 48 12.66 -9.45 -0.79
CA ARG A 48 13.98 -9.66 -1.37
C ARG A 48 14.75 -10.73 -0.59
N GLY A 49 14.61 -11.98 -1.02
CA GLY A 49 15.29 -13.09 -0.36
C GLY A 49 14.43 -13.66 0.77
N THR A 50 13.33 -14.31 0.39
CA THR A 50 12.43 -14.91 1.37
C THR A 50 12.34 -16.42 1.18
N LYS A 51 11.38 -17.04 1.86
CA LYS A 51 11.20 -18.48 1.77
C LYS A 51 10.05 -18.87 0.83
N ALA A 52 9.32 -19.93 1.19
CA ALA A 52 8.20 -20.41 0.38
C ALA A 52 7.19 -19.30 0.15
N LEU A 53 5.98 -19.68 -0.25
CA LEU A 53 4.95 -18.68 -0.52
C LEU A 53 4.00 -18.53 0.66
N THR A 54 3.99 -19.53 1.54
CA THR A 54 3.14 -19.49 2.71
C THR A 54 3.97 -19.26 3.95
N GLU A 55 5.13 -18.62 3.78
CA GLU A 55 6.00 -18.36 4.91
C GLU A 55 5.63 -17.04 5.57
N VAL A 56 5.18 -17.12 6.82
CA VAL A 56 4.81 -15.93 7.57
C VAL A 56 6.02 -15.03 7.75
N ILE A 57 5.85 -13.75 7.43
CA ILE A 57 6.94 -12.78 7.54
C ILE A 57 6.50 -11.59 8.40
N PRO A 58 7.15 -11.30 9.51
CA PRO A 58 6.76 -10.16 10.38
C PRO A 58 7.19 -8.83 9.77
N LEU A 59 6.36 -7.80 9.98
CA LEU A 59 6.67 -6.48 9.44
C LEU A 59 7.60 -5.73 10.37
N THR A 60 8.73 -5.27 9.83
CA THR A 60 9.69 -4.53 10.65
C THR A 60 9.06 -3.23 11.12
N GLU A 61 9.45 -2.79 12.31
CA GLU A 61 8.92 -1.56 12.88
C GLU A 61 8.73 -0.50 11.79
N GLU A 62 9.76 -0.32 10.98
CA GLU A 62 9.72 0.66 9.90
C GLU A 62 8.81 0.21 8.76
N ALA A 63 8.61 -1.09 8.63
CA ALA A 63 7.77 -1.63 7.57
C ALA A 63 6.31 -1.50 7.95
N GLU A 64 6.01 -1.81 9.21
CA GLU A 64 4.64 -1.71 9.67
C GLU A 64 4.26 -0.25 9.75
N LEU A 65 5.29 0.60 9.81
CA LEU A 65 5.07 2.04 9.89
C LEU A 65 4.49 2.54 8.57
N GLU A 66 5.15 2.16 7.46
CA GLU A 66 4.67 2.59 6.15
C GLU A 66 3.24 2.10 5.91
N LEU A 67 3.06 0.79 5.94
CA LEU A 67 1.74 0.20 5.72
C LEU A 67 0.68 1.01 6.46
N ALA A 68 0.86 1.19 7.76
CA ALA A 68 -0.10 1.94 8.55
C ALA A 68 -0.42 3.29 7.89
N GLU A 69 0.61 4.11 7.72
CA GLU A 69 0.43 5.42 7.12
C GLU A 69 -0.13 5.30 5.70
N ASN A 70 0.18 4.21 5.03
CA ASN A 70 -0.30 4.00 3.66
C ASN A 70 -1.80 3.82 3.65
N ARG A 71 -2.26 2.78 4.33
CA ARG A 71 -3.69 2.49 4.39
C ARG A 71 -4.48 3.73 4.79
N GLU A 72 -3.81 4.65 5.47
CA GLU A 72 -4.45 5.88 5.90
C GLU A 72 -4.55 6.91 4.77
N ILE A 73 -3.54 6.93 3.90
CA ILE A 73 -3.54 7.89 2.80
C ILE A 73 -4.58 7.51 1.73
N LEU A 74 -4.80 6.22 1.54
CA LEU A 74 -5.77 5.76 0.54
C LEU A 74 -7.14 6.39 0.80
N LYS A 75 -7.26 7.15 1.87
CA LYS A 75 -8.53 7.79 2.21
C LYS A 75 -8.62 9.19 1.60
N GLU A 76 -7.48 9.70 1.12
CA GLU A 76 -7.45 11.03 0.52
C GLU A 76 -8.37 11.10 -0.71
N PRO A 77 -8.80 12.28 -1.06
CA PRO A 77 -9.70 12.48 -2.24
C PRO A 77 -8.95 12.41 -3.56
N VAL A 78 -9.15 11.33 -4.31
CA VAL A 78 -8.49 11.15 -5.59
C VAL A 78 -9.46 11.45 -6.73
N HIS A 79 -8.99 12.20 -7.72
CA HIS A 79 -9.83 12.55 -8.86
C HIS A 79 -8.98 12.69 -10.11
N GLY A 80 -9.37 13.60 -11.00
CA GLY A 80 -8.63 13.81 -12.24
C GLY A 80 -8.70 15.28 -12.67
N VAL A 81 -9.65 15.58 -13.56
CA VAL A 81 -9.80 16.94 -14.04
C VAL A 81 -10.25 17.87 -12.91
N TYR A 82 -10.33 19.17 -13.20
CA TYR A 82 -10.75 20.14 -12.21
C TYR A 82 -11.44 21.33 -12.88
N LEU A 83 -11.58 22.42 -12.13
CA LEU A 83 -12.21 23.61 -12.67
C LEU A 83 -11.16 24.63 -13.11
N GLU A 84 -11.63 25.75 -13.67
CA GLU A 84 -10.72 26.80 -14.13
C GLU A 84 -10.75 27.98 -13.18
N HIS A 85 -9.71 28.80 -13.25
CA HIS A 85 -9.62 29.98 -12.38
C HIS A 85 -10.08 31.23 -13.12
N HIS A 86 -9.73 32.40 -12.60
CA HIS A 86 -10.11 33.66 -13.22
C HIS A 86 -9.07 34.73 -12.93
N HIS A 87 -9.19 35.86 -13.62
CA HIS A 87 -8.25 36.96 -13.43
C HIS A 87 -8.75 38.22 -14.15
N HIS A 88 -8.56 39.37 -13.50
CA HIS A 88 -8.99 40.63 -14.09
C HIS A 88 -7.95 41.72 -13.85
N HIS A 89 -8.36 42.97 -14.04
CA HIS A 89 -7.44 44.09 -13.84
C HIS A 89 -8.16 45.25 -13.14
N HIS A 90 -9.03 45.93 -13.87
CA HIS A 90 -9.77 47.05 -13.30
C HIS A 90 -10.64 46.59 -12.15
N ASP A 1 -20.69 7.88 -3.07
CA ASP A 1 -19.81 8.76 -2.24
C ASP A 1 -19.50 10.05 -3.01
N LYS A 2 -18.74 9.90 -4.09
CA LYS A 2 -18.37 11.06 -4.91
C LYS A 2 -17.95 10.56 -6.29
N TRP A 3 -16.67 10.22 -6.42
CA TRP A 3 -16.17 9.73 -7.69
C TRP A 3 -14.94 8.86 -7.45
N THR A 4 -13.85 9.49 -7.03
CA THR A 4 -12.61 8.78 -6.77
C THR A 4 -12.17 8.02 -8.02
N VAL A 5 -10.91 7.59 -8.03
CA VAL A 5 -10.36 6.85 -9.16
C VAL A 5 -10.88 5.42 -9.16
N GLN A 6 -10.28 4.57 -8.34
CA GLN A 6 -10.70 3.17 -8.27
C GLN A 6 -10.60 2.67 -6.82
N PRO A 7 -11.35 1.65 -6.48
CA PRO A 7 -11.34 1.08 -5.10
C PRO A 7 -10.05 0.34 -4.78
N ILE A 8 -9.45 0.70 -3.65
CA ILE A 8 -8.20 0.07 -3.22
C ILE A 8 -8.34 -0.47 -1.79
N VAL A 9 -8.15 -1.77 -1.63
CA VAL A 9 -8.26 -2.39 -0.31
C VAL A 9 -7.28 -3.54 -0.18
N LEU A 10 -6.72 -3.71 1.03
CA LEU A 10 -5.76 -4.77 1.27
C LEU A 10 -6.03 -5.46 2.62
N PRO A 11 -5.67 -6.71 2.77
CA PRO A 11 -5.88 -7.46 4.05
C PRO A 11 -5.45 -6.65 5.27
N GLU A 12 -5.59 -7.25 6.44
CA GLU A 12 -5.22 -6.59 7.70
C GLU A 12 -5.08 -7.62 8.82
N LYS A 13 -3.87 -8.15 8.98
CA LYS A 13 -3.63 -9.15 10.02
C LYS A 13 -2.18 -9.08 10.50
N ASP A 14 -1.81 -10.04 11.36
CA ASP A 14 -0.45 -10.10 11.89
C ASP A 14 0.23 -11.39 11.46
N SER A 15 -0.17 -11.91 10.32
CA SER A 15 0.40 -13.13 9.77
C SER A 15 0.53 -12.96 8.27
N TRP A 16 1.37 -12.02 7.89
CA TRP A 16 1.57 -11.72 6.48
C TRP A 16 2.51 -12.69 5.80
N THR A 17 2.00 -13.42 4.81
CA THR A 17 2.80 -14.39 4.08
C THR A 17 3.41 -13.77 2.82
N VAL A 18 4.43 -14.43 2.31
CA VAL A 18 5.12 -13.98 1.09
C VAL A 18 4.08 -13.75 0.00
N ASN A 19 3.13 -14.68 -0.11
CA ASN A 19 2.08 -14.55 -1.11
C ASN A 19 1.23 -13.32 -0.81
N ASP A 20 1.04 -13.04 0.48
CA ASP A 20 0.24 -11.90 0.89
C ASP A 20 1.02 -10.60 0.75
N ILE A 21 2.34 -10.67 0.95
CA ILE A 21 3.18 -9.49 0.84
C ILE A 21 3.49 -9.23 -0.62
N GLN A 22 3.49 -10.31 -1.39
CA GLN A 22 3.76 -10.20 -2.80
C GLN A 22 2.66 -9.38 -3.47
N LYS A 23 1.41 -9.80 -3.29
CA LYS A 23 0.29 -9.08 -3.87
C LYS A 23 0.21 -7.68 -3.28
N LEU A 24 0.53 -7.56 -1.98
CA LEU A 24 0.50 -6.28 -1.30
C LEU A 24 1.53 -5.34 -1.89
N VAL A 25 2.80 -5.70 -1.71
CA VAL A 25 3.89 -4.88 -2.22
C VAL A 25 3.53 -4.35 -3.61
N GLY A 26 2.83 -5.17 -4.37
CA GLY A 26 2.41 -4.78 -5.71
C GLY A 26 1.23 -3.83 -5.63
N LYS A 27 0.32 -4.09 -4.70
CA LYS A 27 -0.85 -3.24 -4.51
C LYS A 27 -0.43 -1.82 -4.18
N LEU A 28 0.34 -1.66 -3.11
CA LEU A 28 0.79 -0.32 -2.70
C LEU A 28 1.54 0.34 -3.85
N ASN A 29 2.27 -0.46 -4.63
CA ASN A 29 3.01 0.10 -5.75
C ASN A 29 2.04 0.69 -6.78
N TRP A 30 1.18 -0.18 -7.31
CA TRP A 30 0.17 0.23 -8.27
C TRP A 30 -0.69 1.33 -7.70
N ALA A 31 -0.81 1.34 -6.38
CA ALA A 31 -1.61 2.36 -5.70
C ALA A 31 -0.77 3.61 -5.48
N SER A 32 0.54 3.41 -5.36
CA SER A 32 1.46 4.52 -5.15
C SER A 32 1.21 5.61 -6.19
N GLN A 33 1.21 5.22 -7.45
CA GLN A 33 0.95 6.19 -8.51
C GLN A 33 -0.48 6.69 -8.42
N ILE A 34 -1.20 6.19 -7.41
CA ILE A 34 -2.59 6.59 -7.19
C ILE A 34 -2.77 7.04 -5.74
N TYR A 35 -1.65 7.23 -5.05
CA TYR A 35 -1.71 7.64 -3.67
C TYR A 35 -0.30 8.05 -3.21
N PRO A 36 -0.10 9.27 -2.78
CA PRO A 36 1.24 9.75 -2.33
C PRO A 36 1.56 9.31 -0.91
N GLY A 37 2.82 9.48 -0.55
CA GLY A 37 3.29 9.10 0.77
C GLY A 37 3.26 7.60 0.93
N ILE A 38 3.03 6.91 -0.19
CA ILE A 38 2.96 5.46 -0.20
C ILE A 38 4.35 4.86 -0.38
N LYS A 39 4.83 4.18 0.65
CA LYS A 39 6.14 3.55 0.58
C LYS A 39 6.00 2.08 0.20
N VAL A 40 7.10 1.52 -0.26
CA VAL A 40 7.12 0.11 -0.65
C VAL A 40 8.56 -0.38 -0.72
N ARG A 41 9.45 0.32 -0.04
CA ARG A 41 10.85 -0.05 -0.03
C ARG A 41 11.10 -1.08 1.06
N GLN A 42 10.42 -0.91 2.20
CA GLN A 42 10.56 -1.83 3.32
C GLN A 42 9.65 -3.04 3.14
N LEU A 43 8.60 -2.87 2.34
CA LEU A 43 7.65 -3.95 2.10
C LEU A 43 8.20 -4.92 1.07
N SER A 44 8.91 -4.39 0.08
CA SER A 44 9.49 -5.23 -0.95
C SER A 44 10.73 -5.93 -0.41
N LYS A 45 11.48 -5.21 0.42
CA LYS A 45 12.67 -5.79 1.02
C LYS A 45 12.27 -6.94 1.93
N LEU A 46 11.14 -6.78 2.61
CA LEU A 46 10.65 -7.82 3.50
C LEU A 46 10.57 -9.14 2.76
N LEU A 47 10.51 -9.08 1.43
CA LEU A 47 10.46 -10.28 0.61
C LEU A 47 11.87 -10.77 0.28
N ARG A 48 12.69 -9.86 -0.25
CA ARG A 48 14.06 -10.21 -0.60
C ARG A 48 14.71 -11.00 0.53
N GLY A 49 14.74 -12.32 0.39
CA GLY A 49 15.34 -13.19 1.39
C GLY A 49 14.28 -14.07 2.03
N THR A 50 13.20 -14.31 1.30
CA THR A 50 12.10 -15.14 1.79
C THR A 50 12.22 -16.56 1.25
N LYS A 51 11.12 -17.31 1.31
CA LYS A 51 11.13 -18.68 0.84
C LYS A 51 9.82 -19.06 0.15
N ALA A 52 9.09 -20.00 0.76
CA ALA A 52 7.82 -20.48 0.22
C ALA A 52 6.88 -19.31 -0.04
N LEU A 53 5.59 -19.62 -0.18
CA LEU A 53 4.60 -18.59 -0.44
C LEU A 53 3.71 -18.37 0.78
N THR A 54 3.74 -19.30 1.70
CA THR A 54 2.93 -19.21 2.91
C THR A 54 3.82 -18.93 4.11
N GLU A 55 5.00 -18.39 3.86
CA GLU A 55 5.93 -18.08 4.96
C GLU A 55 5.59 -16.73 5.57
N VAL A 56 5.18 -16.74 6.83
CA VAL A 56 4.83 -15.51 7.53
C VAL A 56 6.04 -14.60 7.68
N ILE A 57 5.83 -13.30 7.48
CA ILE A 57 6.91 -12.33 7.59
C ILE A 57 6.53 -11.23 8.58
N PRO A 58 7.34 -10.95 9.58
CA PRO A 58 7.03 -9.86 10.57
C PRO A 58 7.25 -8.49 9.95
N LEU A 59 6.29 -7.59 10.16
CA LEU A 59 6.39 -6.25 9.60
C LEU A 59 7.27 -5.37 10.48
N THR A 60 8.53 -5.21 10.10
CA THR A 60 9.46 -4.38 10.85
C THR A 60 8.81 -3.06 11.22
N GLU A 61 9.30 -2.43 12.27
CA GLU A 61 8.76 -1.14 12.71
C GLU A 61 8.55 -0.23 11.51
N GLU A 62 9.57 -0.09 10.69
CA GLU A 62 9.50 0.76 9.50
C GLU A 62 8.44 0.25 8.52
N ALA A 63 8.05 -1.02 8.65
CA ALA A 63 7.05 -1.58 7.76
C ALA A 63 5.68 -1.33 8.34
N GLU A 64 5.61 -1.25 9.66
CA GLU A 64 4.36 -0.99 10.33
C GLU A 64 4.12 0.52 10.38
N LEU A 65 5.20 1.28 10.30
CA LEU A 65 5.11 2.72 10.32
C LEU A 65 4.57 3.23 8.99
N GLU A 66 5.12 2.69 7.90
CA GLU A 66 4.68 3.10 6.57
C GLU A 66 3.35 2.46 6.23
N LEU A 67 3.29 1.13 6.27
CA LEU A 67 2.05 0.43 5.97
C LEU A 67 0.90 1.10 6.69
N ALA A 68 1.11 1.41 7.97
CA ALA A 68 0.08 2.07 8.76
C ALA A 68 -0.36 3.37 8.07
N GLU A 69 0.61 4.24 7.81
CA GLU A 69 0.31 5.52 7.18
C GLU A 69 -0.21 5.31 5.75
N ASN A 70 0.13 4.16 5.16
CA ASN A 70 -0.31 3.88 3.80
C ASN A 70 -1.81 3.60 3.76
N ARG A 71 -2.23 2.54 4.45
CA ARG A 71 -3.63 2.18 4.47
C ARG A 71 -4.48 3.39 4.85
N GLU A 72 -3.89 4.31 5.61
CA GLU A 72 -4.62 5.51 6.02
C GLU A 72 -4.70 6.51 4.88
N ILE A 73 -3.69 6.51 4.02
CA ILE A 73 -3.67 7.43 2.88
C ILE A 73 -4.74 7.04 1.86
N LEU A 74 -4.89 5.75 1.62
CA LEU A 74 -5.86 5.27 0.64
C LEU A 74 -7.27 5.76 0.99
N LYS A 75 -7.39 6.46 2.11
CA LYS A 75 -8.69 6.99 2.53
C LYS A 75 -8.96 8.33 1.85
N GLU A 76 -8.09 8.72 0.93
CA GLU A 76 -8.26 9.97 0.22
C GLU A 76 -8.88 9.73 -1.17
N PRO A 77 -9.51 10.72 -1.74
CA PRO A 77 -10.18 10.58 -3.08
C PRO A 77 -9.18 10.57 -4.25
N VAL A 78 -8.16 11.41 -4.17
CA VAL A 78 -7.16 11.51 -5.23
C VAL A 78 -7.77 12.08 -6.50
N HIS A 79 -8.73 11.36 -7.08
CA HIS A 79 -9.38 11.81 -8.29
C HIS A 79 -9.66 13.31 -8.24
N GLY A 80 -10.67 13.69 -7.45
CA GLY A 80 -11.04 15.09 -7.31
C GLY A 80 -11.92 15.55 -8.47
N VAL A 81 -13.18 15.12 -8.45
CA VAL A 81 -14.13 15.50 -9.51
C VAL A 81 -13.64 14.98 -10.86
N TYR A 82 -12.58 15.61 -11.39
CA TYR A 82 -12.02 15.24 -12.67
C TYR A 82 -10.59 14.72 -12.50
N LEU A 83 -9.74 15.56 -11.93
CA LEU A 83 -8.34 15.17 -11.71
C LEU A 83 -7.61 16.26 -10.93
N GLU A 84 -6.28 16.15 -10.88
CA GLU A 84 -5.47 17.13 -10.15
C GLU A 84 -4.03 17.10 -10.65
N HIS A 85 -3.11 17.57 -9.81
CA HIS A 85 -1.70 17.59 -10.18
C HIS A 85 -1.31 16.31 -10.91
N HIS A 86 -0.93 16.44 -12.18
CA HIS A 86 -0.54 15.29 -12.97
C HIS A 86 0.76 15.56 -13.72
N HIS A 87 0.69 15.56 -15.05
CA HIS A 87 1.86 15.82 -15.87
C HIS A 87 2.79 14.60 -15.88
N HIS A 88 2.52 13.65 -14.98
CA HIS A 88 3.33 12.45 -14.90
C HIS A 88 2.77 11.36 -15.80
N HIS A 89 3.50 10.27 -15.92
CA HIS A 89 3.07 9.15 -16.77
C HIS A 89 3.81 7.87 -16.38
N HIS A 90 3.05 6.78 -16.26
CA HIS A 90 3.65 5.49 -15.89
C HIS A 90 4.25 5.56 -14.49
N ASP A 1 -19.86 6.29 -10.41
CA ASP A 1 -20.20 6.33 -11.86
C ASP A 1 -20.08 7.76 -12.37
N LYS A 2 -18.90 8.35 -12.18
CA LYS A 2 -18.67 9.72 -12.62
C LYS A 2 -17.18 10.01 -12.61
N TRP A 3 -16.60 9.98 -11.42
CA TRP A 3 -15.17 10.22 -11.28
C TRP A 3 -14.61 9.46 -10.09
N THR A 4 -13.35 9.75 -9.75
CA THR A 4 -12.68 9.09 -8.63
C THR A 4 -12.04 7.78 -9.10
N VAL A 5 -10.89 7.46 -8.53
CA VAL A 5 -10.18 6.24 -8.90
C VAL A 5 -11.05 5.02 -8.60
N GLN A 6 -10.53 4.12 -7.78
CA GLN A 6 -11.26 2.91 -7.42
C GLN A 6 -11.05 2.57 -5.95
N PRO A 7 -11.89 1.74 -5.38
CA PRO A 7 -11.79 1.33 -3.96
C PRO A 7 -10.60 0.39 -3.71
N ILE A 8 -9.62 0.88 -2.95
CA ILE A 8 -8.44 0.08 -2.64
C ILE A 8 -8.56 -0.52 -1.25
N VAL A 9 -8.65 -1.84 -1.19
CA VAL A 9 -8.77 -2.54 0.09
C VAL A 9 -7.42 -3.09 0.54
N LEU A 10 -7.04 -2.79 1.77
CA LEU A 10 -5.78 -3.27 2.31
C LEU A 10 -5.95 -3.74 3.76
N PRO A 11 -6.34 -4.99 3.96
CA PRO A 11 -6.53 -5.54 5.33
C PRO A 11 -5.32 -5.30 6.23
N GLU A 12 -5.44 -5.68 7.50
CA GLU A 12 -4.36 -5.49 8.45
C GLU A 12 -4.21 -6.71 9.35
N LYS A 13 -3.09 -7.41 9.21
CA LYS A 13 -2.84 -8.60 10.02
C LYS A 13 -1.34 -8.72 10.31
N ASP A 14 -1.00 -9.55 11.30
CA ASP A 14 0.38 -9.75 11.68
C ASP A 14 0.84 -11.16 11.31
N SER A 15 0.52 -11.58 10.10
CA SER A 15 0.91 -12.91 9.63
C SER A 15 0.84 -12.94 8.11
N TRP A 16 1.59 -12.04 7.48
CA TRP A 16 1.59 -11.94 6.03
C TRP A 16 2.58 -12.91 5.40
N THR A 17 2.09 -13.75 4.50
CA THR A 17 2.93 -14.72 3.81
C THR A 17 3.64 -14.07 2.64
N VAL A 18 4.73 -14.71 2.19
CA VAL A 18 5.49 -14.20 1.06
C VAL A 18 4.53 -13.93 -0.08
N ASN A 19 3.55 -14.81 -0.22
CA ASN A 19 2.53 -14.69 -1.25
C ASN A 19 1.62 -13.50 -0.95
N ASP A 20 1.51 -13.16 0.33
CA ASP A 20 0.67 -12.05 0.74
C ASP A 20 1.43 -10.74 0.61
N ILE A 21 2.74 -10.78 0.83
CA ILE A 21 3.55 -9.59 0.69
C ILE A 21 3.77 -9.31 -0.77
N GLN A 22 4.13 -10.36 -1.49
CA GLN A 22 4.37 -10.25 -2.92
C GLN A 22 3.19 -9.54 -3.60
N LYS A 23 2.00 -10.14 -3.47
CA LYS A 23 0.81 -9.56 -4.07
C LYS A 23 0.60 -8.13 -3.57
N LEU A 24 0.91 -7.89 -2.30
CA LEU A 24 0.74 -6.56 -1.73
C LEU A 24 1.64 -5.56 -2.43
N VAL A 25 2.95 -5.76 -2.31
CA VAL A 25 3.91 -4.86 -2.93
C VAL A 25 3.41 -4.46 -4.32
N GLY A 26 2.76 -5.41 -4.99
CA GLY A 26 2.23 -5.16 -6.31
C GLY A 26 1.06 -4.19 -6.25
N LYS A 27 0.22 -4.36 -5.24
CA LYS A 27 -0.94 -3.48 -5.06
C LYS A 27 -0.46 -2.11 -4.60
N LEU A 28 0.32 -2.10 -3.53
CA LEU A 28 0.85 -0.85 -2.99
C LEU A 28 1.46 -0.02 -4.10
N ASN A 29 2.35 -0.66 -4.84
CA ASN A 29 3.01 0.00 -5.97
C ASN A 29 1.99 0.74 -6.82
N TRP A 30 1.05 -0.02 -7.38
CA TRP A 30 0.01 0.55 -8.22
C TRP A 30 -0.78 1.60 -7.43
N ALA A 31 -0.90 1.36 -6.12
CA ALA A 31 -1.63 2.29 -5.26
C ALA A 31 -0.87 3.61 -5.16
N SER A 32 0.46 3.51 -5.15
CA SER A 32 1.29 4.70 -5.06
C SER A 32 0.94 5.65 -6.19
N GLN A 33 0.81 5.10 -7.39
CA GLN A 33 0.45 5.92 -8.54
C GLN A 33 -0.99 6.40 -8.40
N ILE A 34 -1.64 5.95 -7.33
CA ILE A 34 -3.03 6.31 -7.06
C ILE A 34 -3.15 6.86 -5.65
N TYR A 35 -2.02 7.11 -5.00
CA TYR A 35 -2.05 7.61 -3.65
C TYR A 35 -0.64 8.07 -3.25
N PRO A 36 -0.45 9.32 -2.90
CA PRO A 36 0.88 9.84 -2.51
C PRO A 36 1.22 9.52 -1.07
N GLY A 37 2.48 9.73 -0.73
CA GLY A 37 2.95 9.45 0.63
C GLY A 37 3.12 7.95 0.82
N ILE A 38 2.92 7.22 -0.28
CA ILE A 38 3.05 5.77 -0.25
C ILE A 38 4.51 5.37 -0.38
N LYS A 39 4.88 4.27 0.27
CA LYS A 39 6.25 3.80 0.21
C LYS A 39 6.27 2.28 0.06
N VAL A 40 7.20 1.80 -0.75
CA VAL A 40 7.33 0.36 -0.98
C VAL A 40 8.79 -0.02 -1.04
N ARG A 41 9.59 0.65 -0.23
CA ARG A 41 11.02 0.38 -0.18
C ARG A 41 11.32 -0.68 0.88
N GLN A 42 10.61 -0.60 2.00
CA GLN A 42 10.81 -1.56 3.09
C GLN A 42 9.98 -2.82 2.86
N LEU A 43 8.77 -2.65 2.33
CA LEU A 43 7.89 -3.78 2.07
C LEU A 43 8.58 -4.80 1.16
N SER A 44 9.29 -4.30 0.15
CA SER A 44 10.00 -5.19 -0.77
C SER A 44 11.25 -5.77 -0.11
N LYS A 45 11.71 -5.15 0.97
CA LYS A 45 12.89 -5.64 1.66
C LYS A 45 12.50 -6.80 2.55
N LEU A 46 11.21 -6.89 2.89
CA LEU A 46 10.71 -7.97 3.72
C LEU A 46 10.65 -9.26 2.91
N LEU A 47 10.47 -9.11 1.60
CA LEU A 47 10.37 -10.28 0.73
C LEU A 47 11.49 -11.26 1.03
N ARG A 48 12.73 -10.83 0.82
CA ARG A 48 13.89 -11.68 1.06
C ARG A 48 13.77 -12.41 2.40
N GLY A 49 12.81 -12.00 3.22
CA GLY A 49 12.61 -12.63 4.52
C GLY A 49 12.53 -14.14 4.34
N THR A 50 12.10 -14.57 3.16
CA THR A 50 11.98 -15.99 2.86
C THR A 50 11.76 -16.19 1.36
N LYS A 51 11.24 -17.36 0.98
CA LYS A 51 11.01 -17.66 -0.42
C LYS A 51 9.68 -18.36 -0.64
N ALA A 52 9.42 -19.41 0.15
CA ALA A 52 8.16 -20.16 0.00
C ALA A 52 6.99 -19.21 0.08
N LEU A 53 6.05 -19.36 -0.84
CA LEU A 53 4.89 -18.50 -0.91
C LEU A 53 3.92 -18.77 0.24
N THR A 54 4.36 -19.56 1.21
CA THR A 54 3.53 -19.86 2.35
C THR A 54 4.30 -19.63 3.65
N GLU A 55 5.28 -18.74 3.58
CA GLU A 55 6.08 -18.43 4.76
C GLU A 55 5.60 -17.14 5.41
N VAL A 56 5.08 -17.26 6.62
CA VAL A 56 4.57 -16.11 7.36
C VAL A 56 5.68 -15.14 7.74
N ILE A 57 5.68 -13.98 7.08
CA ILE A 57 6.67 -12.95 7.37
C ILE A 57 5.98 -11.73 8.00
N PRO A 58 6.25 -11.41 9.25
CA PRO A 58 5.59 -10.24 9.91
C PRO A 58 6.17 -8.91 9.44
N LEU A 59 5.46 -7.83 9.73
CA LEU A 59 5.91 -6.51 9.32
C LEU A 59 6.59 -5.80 10.49
N THR A 60 7.89 -5.52 10.32
CA THR A 60 8.65 -4.84 11.36
C THR A 60 8.09 -3.44 11.62
N GLU A 61 8.78 -2.71 12.49
CA GLU A 61 8.35 -1.35 12.83
C GLU A 61 8.38 -0.44 11.61
N GLU A 62 9.48 -0.48 10.86
CA GLU A 62 9.63 0.35 9.68
C GLU A 62 8.65 -0.06 8.59
N ALA A 63 8.28 -1.33 8.56
CA ALA A 63 7.33 -1.81 7.57
C ALA A 63 5.93 -1.48 8.03
N GLU A 64 5.78 -1.47 9.35
CA GLU A 64 4.51 -1.14 9.95
C GLU A 64 4.33 0.37 9.92
N LEU A 65 5.44 1.07 9.74
CA LEU A 65 5.42 2.52 9.69
C LEU A 65 4.84 2.98 8.35
N GLU A 66 5.31 2.37 7.26
CA GLU A 66 4.81 2.74 5.94
C GLU A 66 3.37 2.29 5.77
N LEU A 67 3.16 0.98 5.87
CA LEU A 67 1.82 0.43 5.72
C LEU A 67 0.82 1.24 6.53
N ALA A 68 1.12 1.45 7.81
CA ALA A 68 0.22 2.22 8.67
C ALA A 68 -0.13 3.56 8.02
N GLU A 69 0.89 4.37 7.79
CA GLU A 69 0.69 5.68 7.18
C GLU A 69 -0.02 5.55 5.83
N ASN A 70 0.21 4.44 5.14
CA ASN A 70 -0.42 4.23 3.85
C ASN A 70 -1.91 4.00 4.01
N ARG A 71 -2.26 2.95 4.73
CA ARG A 71 -3.66 2.62 4.96
C ARG A 71 -4.46 3.88 5.26
N GLU A 72 -3.78 4.86 5.86
CA GLU A 72 -4.44 6.11 6.21
C GLU A 72 -4.69 6.95 4.96
N ILE A 73 -3.66 7.10 4.13
CA ILE A 73 -3.79 7.90 2.92
C ILE A 73 -4.93 7.39 2.04
N LEU A 74 -5.01 6.07 1.88
CA LEU A 74 -6.06 5.48 1.04
C LEU A 74 -7.43 6.03 1.41
N LYS A 75 -7.49 6.76 2.52
CA LYS A 75 -8.76 7.33 2.97
C LYS A 75 -9.09 8.59 2.18
N GLU A 76 -8.28 8.91 1.19
CA GLU A 76 -8.50 10.10 0.38
C GLU A 76 -9.19 9.73 -0.94
N PRO A 77 -9.93 10.63 -1.54
CA PRO A 77 -10.65 10.37 -2.82
C PRO A 77 -9.73 10.45 -4.04
N VAL A 78 -8.57 11.08 -3.86
CA VAL A 78 -7.61 11.25 -4.96
C VAL A 78 -8.22 12.09 -6.06
N HIS A 79 -9.18 11.53 -6.77
CA HIS A 79 -9.85 12.23 -7.86
C HIS A 79 -11.29 12.56 -7.48
N GLY A 80 -11.86 13.55 -8.16
CA GLY A 80 -13.24 13.95 -7.87
C GLY A 80 -13.48 15.41 -8.26
N VAL A 81 -14.50 15.64 -9.08
CA VAL A 81 -14.83 16.99 -9.53
C VAL A 81 -13.61 17.71 -10.10
N TYR A 82 -13.84 18.83 -10.77
CA TYR A 82 -12.75 19.59 -11.36
C TYR A 82 -12.10 18.82 -12.49
N LEU A 83 -11.22 19.50 -13.24
CA LEU A 83 -10.53 18.86 -14.36
C LEU A 83 -9.04 19.22 -14.33
N GLU A 84 -8.21 18.22 -14.13
CA GLU A 84 -6.76 18.44 -14.08
C GLU A 84 -6.17 18.41 -15.49
N HIS A 85 -4.91 18.82 -15.60
CA HIS A 85 -4.24 18.84 -16.89
C HIS A 85 -4.25 17.45 -17.53
N HIS A 86 -5.04 17.31 -18.59
CA HIS A 86 -5.14 16.03 -19.29
C HIS A 86 -4.17 15.97 -20.45
N HIS A 87 -4.09 14.80 -21.09
CA HIS A 87 -3.19 14.63 -22.22
C HIS A 87 -3.88 13.86 -23.35
N HIS A 88 -3.18 13.69 -24.46
CA HIS A 88 -3.73 12.96 -25.59
C HIS A 88 -3.37 11.48 -25.51
N HIS A 89 -4.40 10.64 -25.54
CA HIS A 89 -4.17 9.19 -25.46
C HIS A 89 -4.27 8.57 -26.86
N HIS A 90 -4.35 7.24 -26.90
CA HIS A 90 -4.43 6.53 -28.17
C HIS A 90 -3.19 6.79 -29.02
N ASP A 1 -18.24 12.27 -14.00
CA ASP A 1 -17.49 12.07 -15.27
C ASP A 1 -16.29 13.01 -15.30
N LYS A 2 -15.10 12.46 -15.08
CA LYS A 2 -13.88 13.25 -15.08
C LYS A 2 -12.66 12.35 -15.18
N TRP A 3 -12.57 11.40 -14.25
CA TRP A 3 -11.45 10.47 -14.24
C TRP A 3 -11.70 9.36 -13.24
N THR A 4 -11.35 9.60 -11.97
CA THR A 4 -11.55 8.60 -10.94
C THR A 4 -10.65 7.39 -11.17
N VAL A 5 -10.55 6.55 -10.16
CA VAL A 5 -9.72 5.35 -10.26
C VAL A 5 -10.49 4.12 -9.78
N GLN A 6 -9.77 3.19 -9.14
CA GLN A 6 -10.40 1.98 -8.62
C GLN A 6 -10.26 1.91 -7.11
N PRO A 7 -11.12 1.18 -6.44
CA PRO A 7 -11.06 1.04 -4.95
C PRO A 7 -9.88 0.20 -4.49
N ILE A 8 -9.06 0.77 -3.62
CA ILE A 8 -7.88 0.07 -3.10
C ILE A 8 -8.06 -0.23 -1.62
N VAL A 9 -7.91 -1.51 -1.26
CA VAL A 9 -8.05 -1.92 0.13
C VAL A 9 -7.31 -3.22 0.38
N LEU A 10 -6.55 -3.28 1.49
CA LEU A 10 -5.79 -4.47 1.83
C LEU A 10 -6.21 -5.00 3.20
N PRO A 11 -5.90 -6.22 3.51
CA PRO A 11 -6.26 -6.85 4.82
C PRO A 11 -5.42 -6.29 5.97
N GLU A 12 -5.45 -6.98 7.10
CA GLU A 12 -4.70 -6.54 8.28
C GLU A 12 -4.57 -7.68 9.29
N LYS A 13 -3.43 -8.36 9.27
CA LYS A 13 -3.20 -9.47 10.19
C LYS A 13 -1.74 -9.50 10.65
N ASP A 14 -1.43 -10.42 11.55
CA ASP A 14 -0.07 -10.56 12.07
C ASP A 14 0.59 -11.82 11.53
N SER A 15 0.22 -12.19 10.31
CA SER A 15 0.77 -13.37 9.67
C SER A 15 0.87 -13.11 8.18
N TRP A 16 1.71 -12.15 7.82
CA TRP A 16 1.88 -11.76 6.43
C TRP A 16 2.79 -12.73 5.69
N THR A 17 2.21 -13.51 4.78
CA THR A 17 3.00 -14.47 4.01
C THR A 17 3.57 -13.84 2.73
N VAL A 18 4.59 -14.49 2.19
CA VAL A 18 5.22 -14.02 0.96
C VAL A 18 4.15 -13.75 -0.07
N ASN A 19 3.21 -14.67 -0.19
CA ASN A 19 2.10 -14.55 -1.14
C ASN A 19 1.25 -13.32 -0.81
N ASP A 20 1.10 -13.05 0.48
CA ASP A 20 0.29 -11.92 0.93
C ASP A 20 1.04 -10.61 0.75
N ILE A 21 2.34 -10.62 0.97
CA ILE A 21 3.13 -9.41 0.82
C ILE A 21 3.31 -9.12 -0.65
N GLN A 22 3.74 -10.14 -1.36
CA GLN A 22 3.94 -10.04 -2.79
C GLN A 22 2.77 -9.31 -3.43
N LYS A 23 1.57 -9.85 -3.25
CA LYS A 23 0.37 -9.23 -3.81
C LYS A 23 0.18 -7.83 -3.24
N LEU A 24 0.34 -7.70 -1.93
CA LEU A 24 0.19 -6.41 -1.27
C LEU A 24 1.05 -5.36 -1.96
N VAL A 25 2.36 -5.57 -1.94
CA VAL A 25 3.27 -4.64 -2.57
C VAL A 25 2.68 -4.17 -3.88
N GLY A 26 2.11 -5.11 -4.62
CA GLY A 26 1.48 -4.81 -5.90
C GLY A 26 0.35 -3.80 -5.74
N LYS A 27 -0.38 -3.93 -4.65
CA LYS A 27 -1.48 -3.03 -4.38
C LYS A 27 -0.94 -1.67 -3.95
N LEU A 28 0.18 -1.71 -3.23
CA LEU A 28 0.80 -0.48 -2.75
C LEU A 28 1.46 0.27 -3.89
N ASN A 29 2.43 -0.33 -4.53
CA ASN A 29 3.11 0.32 -5.63
C ASN A 29 2.09 0.86 -6.63
N TRP A 30 1.16 -0.01 -7.03
CA TRP A 30 0.11 0.37 -7.95
C TRP A 30 -0.73 1.51 -7.37
N ALA A 31 -0.76 1.59 -6.04
CA ALA A 31 -1.52 2.65 -5.38
C ALA A 31 -0.67 3.91 -5.30
N SER A 32 0.63 3.73 -5.14
CA SER A 32 1.56 4.85 -5.05
C SER A 32 1.30 5.84 -6.17
N GLN A 33 1.26 5.35 -7.40
CA GLN A 33 0.99 6.24 -8.53
C GLN A 33 -0.45 6.73 -8.47
N ILE A 34 -1.17 6.30 -7.44
CA ILE A 34 -2.56 6.69 -7.24
C ILE A 34 -2.74 7.19 -5.82
N TYR A 35 -1.64 7.37 -5.11
CA TYR A 35 -1.71 7.82 -3.74
C TYR A 35 -0.31 8.19 -3.22
N PRO A 36 -0.07 9.42 -2.85
CA PRO A 36 1.26 9.85 -2.36
C PRO A 36 1.46 9.53 -0.89
N GLY A 37 2.70 9.65 -0.44
CA GLY A 37 3.03 9.39 0.95
C GLY A 37 3.38 7.94 1.19
N ILE A 38 2.62 7.03 0.59
CA ILE A 38 2.87 5.61 0.78
C ILE A 38 4.25 5.25 0.23
N LYS A 39 4.89 4.29 0.89
CA LYS A 39 6.21 3.85 0.47
C LYS A 39 6.21 2.34 0.24
N VAL A 40 7.16 1.86 -0.55
CA VAL A 40 7.26 0.44 -0.84
C VAL A 40 8.71 0.01 -0.82
N ARG A 41 9.51 0.73 -0.05
CA ARG A 41 10.94 0.42 0.06
C ARG A 41 11.17 -0.69 1.07
N GLN A 42 10.40 -0.68 2.15
CA GLN A 42 10.53 -1.70 3.18
C GLN A 42 9.83 -2.99 2.77
N LEU A 43 8.56 -2.88 2.41
CA LEU A 43 7.78 -4.05 2.01
C LEU A 43 8.58 -4.92 1.04
N SER A 44 9.14 -4.30 0.01
CA SER A 44 9.93 -5.05 -0.96
C SER A 44 11.12 -5.71 -0.28
N LYS A 45 11.77 -4.98 0.61
CA LYS A 45 12.92 -5.50 1.33
C LYS A 45 12.51 -6.67 2.22
N LEU A 46 11.28 -6.61 2.74
CA LEU A 46 10.79 -7.67 3.61
C LEU A 46 10.70 -8.99 2.84
N LEU A 47 10.52 -8.90 1.52
CA LEU A 47 10.43 -10.09 0.69
C LEU A 47 11.78 -10.78 0.57
N ARG A 48 12.85 -9.98 0.49
CA ARG A 48 14.20 -10.52 0.37
C ARG A 48 14.34 -11.76 1.23
N GLY A 49 14.91 -12.81 0.65
CA GLY A 49 15.08 -14.07 1.36
C GLY A 49 13.83 -14.94 1.18
N THR A 50 12.98 -14.94 2.21
CA THR A 50 11.71 -15.70 2.18
C THR A 50 11.83 -16.99 1.36
N LYS A 51 10.69 -17.60 1.00
CA LYS A 51 10.73 -18.82 0.22
C LYS A 51 9.31 -19.32 -0.15
N ALA A 52 8.72 -20.15 0.71
CA ALA A 52 7.39 -20.70 0.44
C ALA A 52 6.34 -19.61 0.41
N LEU A 53 5.38 -19.74 -0.50
CA LEU A 53 4.33 -18.74 -0.62
C LEU A 53 3.43 -18.73 0.61
N THR A 54 3.84 -19.47 1.61
CA THR A 54 3.09 -19.54 2.85
C THR A 54 4.02 -19.28 4.03
N GLU A 55 5.13 -18.59 3.74
CA GLU A 55 6.09 -18.28 4.78
C GLU A 55 5.80 -16.91 5.39
N VAL A 56 5.45 -16.90 6.68
CA VAL A 56 5.15 -15.66 7.37
C VAL A 56 6.36 -14.76 7.41
N ILE A 57 6.14 -13.46 7.19
CA ILE A 57 7.22 -12.48 7.19
C ILE A 57 6.91 -11.35 8.17
N PRO A 58 7.29 -11.47 9.42
CA PRO A 58 7.03 -10.41 10.43
C PRO A 58 7.41 -9.03 9.93
N LEU A 59 6.53 -8.07 10.14
CA LEU A 59 6.77 -6.69 9.69
C LEU A 59 7.72 -5.97 10.64
N THR A 60 8.59 -5.14 10.08
CA THR A 60 9.54 -4.39 10.90
C THR A 60 8.92 -3.07 11.34
N GLU A 61 9.37 -2.56 12.48
CA GLU A 61 8.85 -1.30 13.01
C GLU A 61 8.61 -0.30 11.90
N GLU A 62 9.56 -0.20 10.98
CA GLU A 62 9.46 0.75 9.87
C GLU A 62 8.58 0.20 8.74
N ALA A 63 8.36 -1.11 8.72
CA ALA A 63 7.55 -1.73 7.67
C ALA A 63 6.09 -1.70 8.08
N GLU A 64 5.85 -1.82 9.37
CA GLU A 64 4.50 -1.80 9.88
C GLU A 64 4.04 -0.36 10.08
N LEU A 65 5.02 0.52 10.27
CA LEU A 65 4.75 1.94 10.46
C LEU A 65 4.33 2.58 9.15
N GLU A 66 5.06 2.25 8.09
CA GLU A 66 4.75 2.80 6.78
C GLU A 66 3.45 2.19 6.23
N LEU A 67 3.40 0.87 6.19
CA LEU A 67 2.21 0.19 5.71
C LEU A 67 0.98 0.85 6.31
N ALA A 68 1.03 1.06 7.62
CA ALA A 68 -0.08 1.70 8.31
C ALA A 68 -0.41 3.06 7.68
N GLU A 69 0.58 3.94 7.68
CA GLU A 69 0.39 5.27 7.10
C GLU A 69 -0.18 5.19 5.68
N ASN A 70 0.18 4.13 4.96
CA ASN A 70 -0.30 3.96 3.60
C ASN A 70 -1.80 3.70 3.59
N ARG A 71 -2.19 2.59 4.22
CA ARG A 71 -3.60 2.21 4.28
C ARG A 71 -4.47 3.40 4.68
N GLU A 72 -3.86 4.36 5.36
CA GLU A 72 -4.59 5.54 5.81
C GLU A 72 -4.78 6.54 4.67
N ILE A 73 -3.74 6.70 3.84
CA ILE A 73 -3.82 7.63 2.72
C ILE A 73 -4.83 7.17 1.68
N LEU A 74 -4.89 5.86 1.44
CA LEU A 74 -5.81 5.32 0.45
C LEU A 74 -7.24 5.81 0.72
N LYS A 75 -7.43 6.49 1.84
CA LYS A 75 -8.75 7.00 2.20
C LYS A 75 -8.92 8.44 1.74
N GLU A 76 -7.99 8.92 0.91
CA GLU A 76 -8.07 10.28 0.40
C GLU A 76 -8.64 10.29 -1.01
N PRO A 77 -9.23 11.39 -1.43
CA PRO A 77 -9.82 11.51 -2.81
C PRO A 77 -8.75 11.74 -3.88
N VAL A 78 -8.69 10.84 -4.86
CA VAL A 78 -7.72 10.96 -5.93
C VAL A 78 -8.42 10.95 -7.29
N HIS A 79 -9.06 12.06 -7.64
CA HIS A 79 -9.76 12.16 -8.90
C HIS A 79 -9.84 13.62 -9.36
N GLY A 80 -10.19 14.51 -8.43
CA GLY A 80 -10.30 15.92 -8.74
C GLY A 80 -8.96 16.49 -9.19
N VAL A 81 -8.82 16.73 -10.48
CA VAL A 81 -7.59 17.26 -11.03
C VAL A 81 -7.15 18.49 -10.25
N TYR A 82 -5.85 18.78 -10.29
CA TYR A 82 -5.31 19.94 -9.57
C TYR A 82 -5.49 19.78 -8.07
N LEU A 83 -5.28 20.86 -7.34
CA LEU A 83 -5.41 20.82 -5.88
C LEU A 83 -4.50 19.75 -5.29
N GLU A 84 -3.48 20.19 -4.54
CA GLU A 84 -2.53 19.27 -3.93
C GLU A 84 -2.28 19.66 -2.47
N HIS A 85 -1.58 20.76 -2.27
CA HIS A 85 -1.28 21.24 -0.93
C HIS A 85 -0.32 20.27 -0.23
N HIS A 86 -0.21 20.41 1.09
CA HIS A 86 0.67 19.54 1.87
C HIS A 86 2.13 19.93 1.65
N HIS A 87 3.00 19.45 2.54
CA HIS A 87 4.43 19.75 2.43
C HIS A 87 5.23 18.90 3.40
N HIS A 88 6.47 18.62 3.05
CA HIS A 88 7.34 17.81 3.91
C HIS A 88 8.80 18.20 3.72
N HIS A 89 9.67 17.68 4.57
CA HIS A 89 11.09 17.98 4.49
C HIS A 89 11.78 17.08 3.48
N HIS A 90 11.18 16.98 2.30
CA HIS A 90 11.74 16.13 1.24
C HIS A 90 11.30 16.64 -0.14
N ASP A 1 -16.20 18.78 -6.87
CA ASP A 1 -15.88 17.34 -7.07
C ASP A 1 -16.16 16.96 -8.53
N LYS A 2 -15.75 15.77 -8.91
CA LYS A 2 -15.97 15.29 -10.27
C LYS A 2 -16.17 13.78 -10.25
N TRP A 3 -15.14 13.07 -9.80
CA TRP A 3 -15.21 11.62 -9.72
C TRP A 3 -14.17 11.08 -8.75
N THR A 4 -13.97 9.77 -8.77
CA THR A 4 -12.98 9.15 -7.89
C THR A 4 -12.40 7.89 -8.53
N VAL A 5 -11.28 7.42 -8.01
CA VAL A 5 -10.63 6.23 -8.54
C VAL A 5 -11.25 4.97 -7.96
N GLN A 6 -10.66 3.82 -8.29
CA GLN A 6 -11.17 2.54 -7.80
C GLN A 6 -10.91 2.41 -6.30
N PRO A 7 -11.67 1.58 -5.61
CA PRO A 7 -11.49 1.37 -4.15
C PRO A 7 -10.23 0.58 -3.82
N ILE A 8 -9.57 0.97 -2.74
CA ILE A 8 -8.34 0.29 -2.32
C ILE A 8 -8.43 -0.13 -0.85
N VAL A 9 -8.12 -1.39 -0.57
CA VAL A 9 -8.18 -1.90 0.79
C VAL A 9 -7.01 -2.83 1.07
N LEU A 10 -6.44 -2.71 2.27
CA LEU A 10 -5.30 -3.54 2.65
C LEU A 10 -5.48 -4.03 4.10
N PRO A 11 -6.18 -5.12 4.30
CA PRO A 11 -6.41 -5.68 5.66
C PRO A 11 -5.10 -5.82 6.45
N GLU A 12 -5.22 -6.25 7.70
CA GLU A 12 -4.05 -6.42 8.56
C GLU A 12 -4.14 -7.71 9.36
N LYS A 13 -3.01 -8.41 9.46
CA LYS A 13 -2.98 -9.67 10.20
C LYS A 13 -1.59 -9.90 10.80
N ASP A 14 -1.40 -11.06 11.42
CA ASP A 14 -0.12 -11.39 12.04
C ASP A 14 0.43 -12.68 11.43
N SER A 15 0.19 -12.88 10.15
CA SER A 15 0.67 -14.07 9.45
C SER A 15 0.77 -13.76 7.97
N TRP A 16 1.58 -12.75 7.64
CA TRP A 16 1.77 -12.35 6.27
C TRP A 16 2.75 -13.27 5.56
N THR A 17 2.28 -13.96 4.51
CA THR A 17 3.14 -14.87 3.77
C THR A 17 3.80 -14.17 2.58
N VAL A 18 4.85 -14.78 2.05
CA VAL A 18 5.54 -14.21 0.89
C VAL A 18 4.55 -13.99 -0.22
N ASN A 19 3.63 -14.93 -0.37
CA ASN A 19 2.59 -14.84 -1.38
C ASN A 19 1.62 -13.71 -1.05
N ASP A 20 1.42 -13.50 0.24
CA ASP A 20 0.50 -12.47 0.70
C ASP A 20 1.16 -11.09 0.60
N ILE A 21 2.47 -11.03 0.83
CA ILE A 21 3.18 -9.76 0.74
C ILE A 21 3.42 -9.43 -0.71
N GLN A 22 3.82 -10.44 -1.46
CA GLN A 22 4.09 -10.28 -2.88
C GLN A 22 2.91 -9.58 -3.55
N LYS A 23 1.73 -10.19 -3.45
CA LYS A 23 0.54 -9.61 -4.06
C LYS A 23 0.25 -8.23 -3.46
N LEU A 24 0.44 -8.11 -2.15
CA LEU A 24 0.20 -6.85 -1.46
C LEU A 24 1.03 -5.74 -2.08
N VAL A 25 2.35 -5.90 -2.01
CA VAL A 25 3.25 -4.91 -2.58
C VAL A 25 2.68 -4.41 -3.89
N GLY A 26 2.18 -5.37 -4.69
CA GLY A 26 1.59 -5.06 -5.98
C GLY A 26 0.39 -4.13 -5.85
N LYS A 27 -0.37 -4.31 -4.78
CA LYS A 27 -1.53 -3.48 -4.54
C LYS A 27 -1.10 -2.12 -4.02
N LEU A 28 0.01 -2.11 -3.30
CA LEU A 28 0.54 -0.88 -2.74
C LEU A 28 1.17 -0.02 -3.82
N ASN A 29 2.19 -0.57 -4.47
CA ASN A 29 2.87 0.17 -5.53
C ASN A 29 1.85 0.70 -6.53
N TRP A 30 1.04 -0.19 -7.07
CA TRP A 30 0.02 0.21 -8.02
C TRP A 30 -0.83 1.32 -7.43
N ALA A 31 -1.07 1.25 -6.12
CA ALA A 31 -1.87 2.26 -5.43
C ALA A 31 -1.05 3.53 -5.22
N SER A 32 0.27 3.36 -5.13
CA SER A 32 1.15 4.52 -4.93
C SER A 32 0.87 5.56 -5.99
N GLN A 33 0.67 5.10 -7.22
CA GLN A 33 0.38 6.00 -8.32
C GLN A 33 -1.04 6.54 -8.19
N ILE A 34 -1.73 6.10 -7.14
CA ILE A 34 -3.10 6.53 -6.88
C ILE A 34 -3.23 7.15 -5.49
N TYR A 35 -2.10 7.26 -4.80
CA TYR A 35 -2.10 7.81 -3.46
C TYR A 35 -0.68 8.26 -3.08
N PRO A 36 -0.43 9.54 -2.96
CA PRO A 36 0.93 10.08 -2.64
C PRO A 36 1.25 10.03 -1.15
N GLY A 37 2.51 9.73 -0.87
CA GLY A 37 2.99 9.65 0.50
C GLY A 37 3.25 8.20 0.88
N ILE A 38 2.80 7.29 0.03
CA ILE A 38 2.98 5.87 0.28
C ILE A 38 4.41 5.45 -0.04
N LYS A 39 4.86 4.38 0.60
CA LYS A 39 6.20 3.86 0.37
C LYS A 39 6.15 2.34 0.24
N VAL A 40 7.03 1.78 -0.58
CA VAL A 40 7.08 0.35 -0.79
C VAL A 40 8.51 -0.16 -0.71
N ARG A 41 9.36 0.62 -0.06
CA ARG A 41 10.76 0.24 0.10
C ARG A 41 10.91 -0.74 1.24
N GLN A 42 10.09 -0.54 2.27
CA GLN A 42 10.12 -1.41 3.44
C GLN A 42 9.28 -2.67 3.22
N LEU A 43 8.11 -2.49 2.62
CA LEU A 43 7.23 -3.61 2.34
C LEU A 43 7.93 -4.61 1.45
N SER A 44 8.71 -4.09 0.52
CA SER A 44 9.45 -4.94 -0.40
C SER A 44 10.60 -5.66 0.31
N LYS A 45 11.17 -5.01 1.31
CA LYS A 45 12.27 -5.60 2.05
C LYS A 45 11.83 -6.86 2.77
N LEU A 46 10.61 -6.87 3.28
CA LEU A 46 10.10 -8.06 3.99
C LEU A 46 10.22 -9.31 3.12
N LEU A 47 10.16 -9.12 1.80
CA LEU A 47 10.26 -10.26 0.89
C LEU A 47 11.67 -10.84 0.86
N ARG A 48 12.64 -10.05 0.39
CA ARG A 48 14.02 -10.53 0.33
C ARG A 48 14.47 -11.05 1.69
N GLY A 49 14.15 -12.30 1.96
CA GLY A 49 14.51 -12.93 3.22
C GLY A 49 13.95 -14.35 3.30
N THR A 50 12.71 -14.50 2.84
CA THR A 50 12.07 -15.82 2.85
C THR A 50 12.33 -16.53 1.52
N LYS A 51 11.35 -17.28 1.02
CA LYS A 51 11.51 -18.00 -0.21
C LYS A 51 10.18 -18.54 -0.72
N ALA A 52 9.66 -19.56 -0.06
CA ALA A 52 8.41 -20.17 -0.46
C ALA A 52 7.31 -19.12 -0.56
N LEU A 53 6.09 -19.58 -0.84
CA LEU A 53 4.97 -18.67 -0.97
C LEU A 53 4.03 -18.80 0.20
N THR A 54 4.44 -19.59 1.18
CA THR A 54 3.63 -19.79 2.37
C THR A 54 4.47 -19.57 3.62
N GLU A 55 5.48 -18.70 3.50
CA GLU A 55 6.34 -18.41 4.63
C GLU A 55 5.93 -17.10 5.29
N VAL A 56 5.46 -17.19 6.53
CA VAL A 56 5.02 -16.02 7.27
C VAL A 56 6.15 -15.02 7.44
N ILE A 57 5.79 -13.74 7.44
CA ILE A 57 6.78 -12.67 7.57
C ILE A 57 6.23 -11.56 8.47
N PRO A 58 6.88 -11.24 9.58
CA PRO A 58 6.40 -10.17 10.49
C PRO A 58 6.69 -8.78 9.92
N LEU A 59 5.80 -7.82 10.19
CA LEU A 59 5.99 -6.48 9.68
C LEU A 59 7.09 -5.76 10.45
N THR A 60 8.15 -5.39 9.75
CA THR A 60 9.26 -4.68 10.37
C THR A 60 8.80 -3.31 10.84
N GLU A 61 9.29 -2.86 11.97
CA GLU A 61 8.91 -1.56 12.51
C GLU A 61 8.73 -0.54 11.39
N GLU A 62 9.67 -0.53 10.45
CA GLU A 62 9.61 0.42 9.33
C GLU A 62 8.59 0.00 8.28
N ALA A 63 8.24 -1.28 8.24
CA ALA A 63 7.27 -1.77 7.28
C ALA A 63 5.87 -1.56 7.79
N GLU A 64 5.69 -1.78 9.09
CA GLU A 64 4.39 -1.58 9.67
C GLU A 64 4.15 -0.09 9.83
N LEU A 65 5.24 0.68 9.80
CA LEU A 65 5.16 2.12 9.92
C LEU A 65 4.57 2.72 8.65
N GLU A 66 5.11 2.30 7.50
CA GLU A 66 4.61 2.82 6.23
C GLU A 66 3.18 2.37 6.01
N LEU A 67 2.95 1.06 6.09
CA LEU A 67 1.62 0.50 5.91
C LEU A 67 0.61 1.38 6.64
N ALA A 68 0.89 1.67 7.91
CA ALA A 68 0.00 2.50 8.70
C ALA A 68 -0.25 3.84 8.01
N GLU A 69 0.82 4.58 7.76
CA GLU A 69 0.69 5.87 7.10
C GLU A 69 0.00 5.72 5.74
N ASN A 70 0.13 4.55 5.13
CA ASN A 70 -0.46 4.30 3.83
C ASN A 70 -1.97 4.14 3.91
N ARG A 71 -2.42 3.12 4.65
CA ARG A 71 -3.85 2.87 4.77
C ARG A 71 -4.58 4.17 5.13
N GLU A 72 -3.86 5.11 5.71
CA GLU A 72 -4.44 6.39 6.08
C GLU A 72 -4.58 7.31 4.86
N ILE A 73 -3.54 7.36 4.04
CA ILE A 73 -3.57 8.21 2.86
C ILE A 73 -4.72 7.81 1.93
N LEU A 74 -4.91 6.51 1.75
CA LEU A 74 -5.98 6.02 0.88
C LEU A 74 -7.28 6.78 1.17
N LYS A 75 -7.36 7.37 2.35
CA LYS A 75 -8.55 8.12 2.74
C LYS A 75 -8.66 9.41 1.93
N GLU A 76 -7.75 9.58 0.97
CA GLU A 76 -7.75 10.78 0.14
C GLU A 76 -8.77 10.61 -1.00
N PRO A 77 -9.25 11.70 -1.56
CA PRO A 77 -10.25 11.67 -2.66
C PRO A 77 -9.63 11.29 -4.01
N VAL A 78 -8.53 11.96 -4.35
CA VAL A 78 -7.86 11.70 -5.62
C VAL A 78 -8.76 12.05 -6.80
N HIS A 79 -8.14 12.30 -7.96
CA HIS A 79 -8.90 12.64 -9.15
C HIS A 79 -8.73 11.56 -10.21
N GLY A 80 -9.62 11.58 -11.21
CA GLY A 80 -9.57 10.60 -12.28
C GLY A 80 -10.88 10.59 -13.06
N VAL A 81 -11.23 11.74 -13.63
CA VAL A 81 -12.47 11.87 -14.40
C VAL A 81 -12.51 10.82 -15.51
N TYR A 82 -13.41 11.01 -16.46
CA TYR A 82 -13.55 10.07 -17.57
C TYR A 82 -14.31 10.72 -18.72
N LEU A 83 -14.95 11.86 -18.44
CA LEU A 83 -15.71 12.56 -19.46
C LEU A 83 -15.94 14.01 -19.07
N GLU A 84 -16.67 14.74 -19.90
CA GLU A 84 -16.96 16.15 -19.63
C GLU A 84 -17.66 16.29 -18.28
N HIS A 85 -17.16 17.20 -17.45
CA HIS A 85 -17.75 17.44 -16.13
C HIS A 85 -18.72 18.60 -16.18
N HIS A 86 -18.39 19.68 -15.48
CA HIS A 86 -19.25 20.87 -15.45
C HIS A 86 -18.41 22.13 -15.59
N HIS A 87 -17.84 22.58 -14.47
CA HIS A 87 -17.02 23.78 -14.48
C HIS A 87 -16.58 24.14 -13.06
N HIS A 88 -15.28 24.39 -12.90
CA HIS A 88 -14.74 24.74 -11.59
C HIS A 88 -14.30 26.21 -11.57
N HIS A 89 -14.74 26.93 -10.55
CA HIS A 89 -14.39 28.34 -10.42
C HIS A 89 -12.92 28.50 -10.02
N HIS A 90 -12.64 28.26 -8.74
CA HIS A 90 -11.27 28.37 -8.24
C HIS A 90 -10.64 26.99 -8.08
N ASP A 1 -18.91 14.77 -2.04
CA ASP A 1 -18.77 14.01 -3.31
C ASP A 1 -17.89 14.79 -4.28
N LYS A 2 -17.29 14.09 -5.22
CA LYS A 2 -16.42 14.73 -6.21
C LYS A 2 -16.18 13.78 -7.38
N TRP A 3 -15.37 12.76 -7.13
CA TRP A 3 -15.04 11.78 -8.16
C TRP A 3 -14.17 10.68 -7.58
N THR A 4 -12.86 10.90 -7.61
CA THR A 4 -11.92 9.92 -7.06
C THR A 4 -12.01 8.60 -7.81
N VAL A 5 -10.99 7.77 -7.65
CA VAL A 5 -10.95 6.47 -8.30
C VAL A 5 -11.93 5.51 -7.63
N GLN A 6 -11.39 4.48 -6.96
CA GLN A 6 -12.23 3.51 -6.29
C GLN A 6 -11.57 3.06 -4.98
N PRO A 7 -12.33 2.72 -3.96
CA PRO A 7 -11.78 2.29 -2.65
C PRO A 7 -10.58 1.35 -2.81
N ILE A 8 -9.54 1.60 -2.02
CA ILE A 8 -8.33 0.77 -2.06
C ILE A 8 -8.01 0.26 -0.66
N VAL A 9 -8.33 -1.02 -0.41
CA VAL A 9 -8.08 -1.62 0.89
C VAL A 9 -7.35 -2.95 0.73
N LEU A 10 -6.65 -3.37 1.79
CA LEU A 10 -5.92 -4.62 1.76
C LEU A 10 -6.09 -5.39 3.07
N PRO A 11 -5.80 -6.67 3.08
CA PRO A 11 -5.94 -7.51 4.30
C PRO A 11 -5.36 -6.84 5.54
N GLU A 12 -5.49 -7.49 6.68
CA GLU A 12 -4.98 -6.94 7.93
C GLU A 12 -4.83 -8.03 8.99
N LYS A 13 -3.70 -8.73 8.97
CA LYS A 13 -3.46 -9.79 9.94
C LYS A 13 -2.02 -9.74 10.44
N ASP A 14 -1.64 -10.73 11.24
CA ASP A 14 -0.29 -10.80 11.79
C ASP A 14 0.42 -12.06 11.29
N SER A 15 0.10 -12.46 10.09
CA SER A 15 0.72 -13.64 9.48
C SER A 15 0.87 -13.39 7.99
N TRP A 16 1.65 -12.37 7.68
CA TRP A 16 1.87 -11.97 6.30
C TRP A 16 2.90 -12.88 5.63
N THR A 17 2.46 -13.73 4.71
CA THR A 17 3.38 -14.63 4.01
C THR A 17 3.89 -14.01 2.72
N VAL A 18 4.96 -14.58 2.19
CA VAL A 18 5.56 -14.10 0.95
C VAL A 18 4.49 -13.93 -0.10
N ASN A 19 3.60 -14.90 -0.21
CA ASN A 19 2.52 -14.85 -1.19
C ASN A 19 1.58 -13.68 -0.89
N ASP A 20 1.34 -13.44 0.39
CA ASP A 20 0.45 -12.37 0.80
C ASP A 20 1.11 -11.00 0.61
N ILE A 21 2.41 -10.92 0.88
CA ILE A 21 3.13 -9.66 0.73
C ILE A 21 3.32 -9.39 -0.74
N GLN A 22 3.79 -10.40 -1.44
CA GLN A 22 4.01 -10.29 -2.86
C GLN A 22 2.84 -9.57 -3.52
N LYS A 23 1.65 -10.14 -3.36
CA LYS A 23 0.44 -9.54 -3.93
C LYS A 23 0.21 -8.17 -3.32
N LEU A 24 0.42 -8.06 -2.01
CA LEU A 24 0.22 -6.78 -1.32
C LEU A 24 1.01 -5.68 -2.00
N VAL A 25 2.33 -5.85 -2.03
CA VAL A 25 3.19 -4.87 -2.66
C VAL A 25 2.57 -4.43 -3.97
N GLY A 26 2.01 -5.42 -4.69
CA GLY A 26 1.36 -5.16 -5.97
C GLY A 26 0.22 -4.16 -5.81
N LYS A 27 -0.45 -4.21 -4.68
CA LYS A 27 -1.54 -3.28 -4.42
C LYS A 27 -0.99 -1.95 -3.96
N LEU A 28 0.08 -2.00 -3.17
CA LEU A 28 0.70 -0.79 -2.66
C LEU A 28 1.32 0.03 -3.78
N ASN A 29 2.04 -0.66 -4.66
CA ASN A 29 2.68 0.03 -5.78
C ASN A 29 1.63 0.54 -6.76
N TRP A 30 0.73 -0.36 -7.16
CA TRP A 30 -0.33 0.03 -8.08
C TRP A 30 -1.18 1.13 -7.46
N ALA A 31 -1.22 1.16 -6.13
CA ALA A 31 -1.99 2.18 -5.41
C ALA A 31 -1.18 3.47 -5.30
N SER A 32 0.12 3.32 -5.07
CA SER A 32 1.00 4.47 -4.93
C SER A 32 0.77 5.47 -6.06
N GLN A 33 0.65 4.95 -7.28
CA GLN A 33 0.42 5.82 -8.44
C GLN A 33 -0.94 6.49 -8.33
N ILE A 34 -1.67 6.17 -7.25
CA ILE A 34 -2.99 6.73 -7.02
C ILE A 34 -3.10 7.34 -5.63
N TYR A 35 -1.97 7.53 -4.96
CA TYR A 35 -1.99 8.09 -3.63
C TYR A 35 -0.58 8.57 -3.24
N PRO A 36 -0.38 9.85 -3.01
CA PRO A 36 0.95 10.39 -2.64
C PRO A 36 1.27 10.25 -1.16
N GLY A 37 2.44 9.70 -0.88
CA GLY A 37 2.89 9.52 0.50
C GLY A 37 3.02 8.04 0.87
N ILE A 38 2.38 7.19 0.09
CA ILE A 38 2.45 5.75 0.36
C ILE A 38 3.78 5.21 -0.16
N LYS A 39 4.53 4.59 0.75
CA LYS A 39 5.83 4.03 0.38
C LYS A 39 5.75 2.51 0.33
N VAL A 40 6.64 1.91 -0.45
CA VAL A 40 6.66 0.45 -0.60
C VAL A 40 8.10 -0.03 -0.64
N ARG A 41 8.95 0.58 0.17
CA ARG A 41 10.36 0.22 0.22
C ARG A 41 10.59 -0.88 1.27
N GLN A 42 10.14 -0.61 2.49
CA GLN A 42 10.31 -1.57 3.58
C GLN A 42 9.44 -2.81 3.34
N LEU A 43 8.37 -2.65 2.59
CA LEU A 43 7.47 -3.76 2.30
C LEU A 43 8.04 -4.63 1.19
N SER A 44 8.70 -4.01 0.23
CA SER A 44 9.30 -4.76 -0.86
C SER A 44 10.54 -5.49 -0.35
N LYS A 45 11.30 -4.83 0.52
CA LYS A 45 12.49 -5.43 1.08
C LYS A 45 12.13 -6.62 1.97
N LEU A 46 10.99 -6.52 2.64
CA LEU A 46 10.56 -7.59 3.51
C LEU A 46 10.54 -8.92 2.77
N LEU A 47 10.40 -8.87 1.45
CA LEU A 47 10.39 -10.10 0.66
C LEU A 47 11.78 -10.73 0.65
N ARG A 48 12.80 -9.90 0.47
CA ARG A 48 14.17 -10.38 0.44
C ARG A 48 14.48 -11.20 1.69
N GLY A 49 14.77 -12.49 1.49
CA GLY A 49 15.06 -13.37 2.61
C GLY A 49 13.90 -14.32 2.85
N THR A 50 13.09 -14.49 1.81
CA THR A 50 11.92 -15.36 1.87
C THR A 50 11.94 -16.35 0.72
N LYS A 51 11.16 -17.42 0.84
CA LYS A 51 11.14 -18.42 -0.20
C LYS A 51 9.77 -19.08 -0.32
N ALA A 52 9.45 -19.98 0.61
CA ALA A 52 8.16 -20.66 0.57
C ALA A 52 7.05 -19.63 0.50
N LEU A 53 6.10 -19.83 -0.40
CA LEU A 53 5.00 -18.89 -0.55
C LEU A 53 4.08 -18.91 0.65
N THR A 54 4.50 -19.60 1.69
CA THR A 54 3.71 -19.68 2.90
C THR A 54 4.59 -19.37 4.09
N GLU A 55 5.68 -18.63 3.85
CA GLU A 55 6.58 -18.27 4.94
C GLU A 55 6.16 -16.92 5.53
N VAL A 56 5.72 -16.96 6.79
CA VAL A 56 5.29 -15.76 7.47
C VAL A 56 6.43 -14.76 7.60
N ILE A 57 6.14 -13.50 7.29
CA ILE A 57 7.14 -12.44 7.37
C ILE A 57 6.71 -11.40 8.40
N PRO A 58 7.47 -11.17 9.46
CA PRO A 58 7.10 -10.16 10.50
C PRO A 58 7.33 -8.73 10.02
N LEU A 59 6.33 -7.88 10.20
CA LEU A 59 6.45 -6.49 9.78
C LEU A 59 7.34 -5.71 10.73
N THR A 60 8.48 -5.27 10.22
CA THR A 60 9.41 -4.49 11.04
C THR A 60 8.75 -3.21 11.52
N GLU A 61 9.15 -2.73 12.69
CA GLU A 61 8.58 -1.51 13.24
C GLU A 61 8.41 -0.45 12.16
N GLU A 62 9.42 -0.33 11.30
CA GLU A 62 9.38 0.65 10.22
C GLU A 62 8.52 0.17 9.05
N ALA A 63 8.26 -1.13 8.99
CA ALA A 63 7.46 -1.68 7.90
C ALA A 63 5.99 -1.64 8.27
N GLU A 64 5.70 -1.96 9.53
CA GLU A 64 4.33 -1.92 9.99
C GLU A 64 3.89 -0.47 10.11
N LEU A 65 4.86 0.40 10.36
CA LEU A 65 4.60 1.82 10.47
C LEU A 65 4.26 2.38 9.09
N GLU A 66 5.05 1.97 8.10
CA GLU A 66 4.83 2.41 6.73
C GLU A 66 3.44 2.01 6.25
N LEU A 67 3.21 0.69 6.22
CA LEU A 67 1.92 0.18 5.79
C LEU A 67 0.79 1.02 6.38
N ALA A 68 0.90 1.29 7.67
CA ALA A 68 -0.12 2.09 8.35
C ALA A 68 -0.32 3.42 7.65
N GLU A 69 0.76 4.18 7.51
CA GLU A 69 0.70 5.48 6.85
C GLU A 69 0.04 5.37 5.47
N ASN A 70 0.26 4.24 4.80
CA ASN A 70 -0.31 4.05 3.47
C ASN A 70 -1.82 3.99 3.55
N ARG A 71 -2.33 3.00 4.29
CA ARG A 71 -3.76 2.83 4.45
C ARG A 71 -4.42 4.15 4.82
N GLU A 72 -3.63 5.03 5.41
CA GLU A 72 -4.15 6.33 5.84
C GLU A 72 -4.25 7.30 4.66
N ILE A 73 -3.34 7.17 3.70
CA ILE A 73 -3.34 8.06 2.53
C ILE A 73 -4.42 7.66 1.53
N LEU A 74 -4.76 6.37 1.47
CA LEU A 74 -5.78 5.90 0.53
C LEU A 74 -7.14 6.54 0.84
N LYS A 75 -7.16 7.43 1.83
CA LYS A 75 -8.40 8.08 2.23
C LYS A 75 -8.56 9.43 1.52
N GLU A 76 -7.64 9.75 0.62
CA GLU A 76 -7.70 11.01 -0.10
C GLU A 76 -8.57 10.86 -1.35
N PRO A 77 -9.10 11.96 -1.87
CA PRO A 77 -9.98 11.93 -3.07
C PRO A 77 -9.20 11.79 -4.38
N VAL A 78 -7.89 11.55 -4.28
CA VAL A 78 -7.05 11.41 -5.47
C VAL A 78 -7.49 12.40 -6.56
N HIS A 79 -7.93 11.85 -7.69
CA HIS A 79 -8.37 12.68 -8.81
C HIS A 79 -7.48 13.92 -8.96
N GLY A 80 -8.10 15.08 -9.06
CA GLY A 80 -7.35 16.33 -9.21
C GLY A 80 -8.10 17.30 -10.13
N VAL A 81 -9.40 17.40 -9.94
CA VAL A 81 -10.22 18.29 -10.76
C VAL A 81 -9.60 19.68 -10.81
N TYR A 82 -8.95 20.07 -9.73
CA TYR A 82 -8.31 21.38 -9.66
C TYR A 82 -7.06 21.42 -10.54
N LEU A 83 -6.43 22.59 -10.61
CA LEU A 83 -5.23 22.74 -11.42
C LEU A 83 -4.00 22.26 -10.65
N GLU A 84 -3.99 20.97 -10.31
CA GLU A 84 -2.87 20.41 -9.56
C GLU A 84 -1.96 19.61 -10.49
N HIS A 85 -1.12 20.32 -11.23
CA HIS A 85 -0.19 19.68 -12.16
C HIS A 85 1.01 19.11 -11.42
N HIS A 86 1.31 17.83 -11.68
CA HIS A 86 2.44 17.18 -11.03
C HIS A 86 2.91 15.98 -11.85
N HIS A 87 3.95 16.19 -12.65
CA HIS A 87 4.47 15.11 -13.48
C HIS A 87 5.55 14.35 -12.73
N HIS A 88 5.44 13.01 -12.72
CA HIS A 88 6.42 12.18 -12.04
C HIS A 88 6.44 10.78 -12.65
N HIS A 89 5.73 10.61 -13.76
CA HIS A 89 5.67 9.32 -14.44
C HIS A 89 5.04 9.47 -15.82
N HIS A 90 3.88 10.10 -15.87
CA HIS A 90 3.18 10.30 -17.13
C HIS A 90 3.69 11.55 -17.84
N ASP A 1 -17.51 5.84 -1.60
CA ASP A 1 -16.05 5.91 -1.32
C ASP A 1 -15.63 7.36 -1.19
N LYS A 2 -15.64 8.07 -2.32
CA LYS A 2 -15.25 9.48 -2.33
C LYS A 2 -15.69 10.13 -3.64
N TRP A 3 -15.43 9.44 -4.74
CA TRP A 3 -15.78 9.95 -6.06
C TRP A 3 -15.57 8.88 -7.12
N THR A 4 -14.34 8.41 -7.23
CA THR A 4 -14.02 7.40 -8.23
C THR A 4 -12.90 6.47 -7.74
N VAL A 5 -11.82 6.44 -8.49
CA VAL A 5 -10.69 5.59 -8.15
C VAL A 5 -11.11 4.13 -8.12
N GLN A 6 -10.74 3.44 -7.06
CA GLN A 6 -11.09 2.03 -6.89
C GLN A 6 -11.07 1.67 -5.40
N PRO A 7 -11.76 0.63 -5.01
CA PRO A 7 -11.79 0.19 -3.58
C PRO A 7 -10.47 -0.40 -3.13
N ILE A 8 -9.51 0.48 -2.84
CA ILE A 8 -8.19 0.04 -2.40
C ILE A 8 -8.22 -0.35 -0.92
N VAL A 9 -8.24 -1.65 -0.66
CA VAL A 9 -8.27 -2.14 0.72
C VAL A 9 -7.49 -3.46 0.81
N LEU A 10 -6.76 -3.64 1.90
CA LEU A 10 -5.96 -4.85 2.09
C LEU A 10 -6.21 -5.46 3.47
N PRO A 11 -6.08 -6.77 3.62
CA PRO A 11 -6.29 -7.44 4.92
C PRO A 11 -5.64 -6.69 6.08
N GLU A 12 -5.89 -7.16 7.30
CA GLU A 12 -5.31 -6.55 8.49
C GLU A 12 -5.03 -7.61 9.56
N LYS A 13 -3.90 -8.30 9.40
CA LYS A 13 -3.54 -9.34 10.36
C LYS A 13 -2.02 -9.40 10.56
N ASP A 14 -1.58 -10.33 11.40
CA ASP A 14 -0.15 -10.50 11.68
C ASP A 14 0.31 -11.88 11.23
N SER A 15 -0.17 -12.29 10.07
CA SER A 15 0.19 -13.59 9.50
C SER A 15 0.36 -13.42 7.99
N TRP A 16 1.16 -12.44 7.62
CA TRP A 16 1.40 -12.13 6.23
C TRP A 16 2.42 -13.07 5.59
N THR A 17 1.99 -13.79 4.56
CA THR A 17 2.89 -14.71 3.86
C THR A 17 3.53 -14.01 2.66
N VAL A 18 4.60 -14.60 2.15
CA VAL A 18 5.30 -14.03 1.00
C VAL A 18 4.31 -13.79 -0.13
N ASN A 19 3.44 -14.77 -0.36
CA ASN A 19 2.42 -14.65 -1.39
C ASN A 19 1.48 -13.49 -1.11
N ASP A 20 1.23 -13.24 0.16
CA ASP A 20 0.34 -12.17 0.57
C ASP A 20 1.02 -10.81 0.47
N ILE A 21 2.31 -10.76 0.76
CA ILE A 21 3.04 -9.50 0.67
C ILE A 21 3.32 -9.20 -0.78
N GLN A 22 3.84 -10.20 -1.45
CA GLN A 22 4.15 -10.07 -2.86
C GLN A 22 3.01 -9.35 -3.58
N LYS A 23 1.82 -9.95 -3.51
CA LYS A 23 0.65 -9.35 -4.15
C LYS A 23 0.39 -7.95 -3.59
N LEU A 24 0.48 -7.83 -2.27
CA LEU A 24 0.26 -6.54 -1.62
C LEU A 24 1.13 -5.47 -2.24
N VAL A 25 2.43 -5.68 -2.18
CA VAL A 25 3.36 -4.72 -2.75
C VAL A 25 2.83 -4.24 -4.09
N GLY A 26 2.31 -5.19 -4.86
CA GLY A 26 1.74 -4.90 -6.17
C GLY A 26 0.60 -3.91 -6.06
N LYS A 27 -0.15 -3.99 -4.97
CA LYS A 27 -1.24 -3.08 -4.76
C LYS A 27 -0.71 -1.74 -4.29
N LEU A 28 0.34 -1.79 -3.47
CA LEU A 28 0.96 -0.57 -2.94
C LEU A 28 1.57 0.24 -4.07
N ASN A 29 2.52 -0.36 -4.77
CA ASN A 29 3.18 0.33 -5.87
C ASN A 29 2.15 0.88 -6.85
N TRP A 30 1.29 -0.01 -7.35
CA TRP A 30 0.24 0.40 -8.27
C TRP A 30 -0.62 1.50 -7.66
N ALA A 31 -0.96 1.34 -6.39
CA ALA A 31 -1.78 2.33 -5.69
C ALA A 31 -1.00 3.62 -5.51
N SER A 32 0.32 3.51 -5.39
CA SER A 32 1.16 4.68 -5.22
C SER A 32 0.85 5.68 -6.31
N GLN A 33 0.77 5.20 -7.55
CA GLN A 33 0.46 6.07 -8.66
C GLN A 33 -0.95 6.62 -8.50
N ILE A 34 -1.67 6.07 -7.51
CA ILE A 34 -3.04 6.48 -7.22
C ILE A 34 -3.12 7.06 -5.81
N TYR A 35 -1.98 7.20 -5.18
CA TYR A 35 -1.93 7.73 -3.83
C TYR A 35 -0.49 8.13 -3.49
N PRO A 36 -0.26 9.35 -3.11
CA PRO A 36 1.10 9.84 -2.77
C PRO A 36 1.53 9.48 -1.36
N GLY A 37 2.81 9.66 -1.10
CA GLY A 37 3.37 9.36 0.22
C GLY A 37 3.54 7.86 0.40
N ILE A 38 2.94 7.09 -0.50
CA ILE A 38 3.04 5.64 -0.41
C ILE A 38 4.49 5.20 -0.53
N LYS A 39 4.87 4.29 0.37
CA LYS A 39 6.24 3.77 0.38
C LYS A 39 6.25 2.27 0.19
N VAL A 40 7.20 1.79 -0.59
CA VAL A 40 7.30 0.35 -0.85
C VAL A 40 8.76 -0.09 -0.80
N ARG A 41 9.57 0.66 -0.07
CA ARG A 41 10.97 0.33 0.08
C ARG A 41 11.17 -0.63 1.23
N GLN A 42 10.33 -0.50 2.26
CA GLN A 42 10.41 -1.36 3.42
C GLN A 42 9.65 -2.66 3.18
N LEU A 43 8.54 -2.56 2.46
CA LEU A 43 7.73 -3.74 2.18
C LEU A 43 8.53 -4.72 1.33
N SER A 44 9.24 -4.19 0.34
CA SER A 44 10.07 -5.02 -0.52
C SER A 44 11.27 -5.55 0.25
N LYS A 45 11.90 -4.70 1.05
CA LYS A 45 13.04 -5.14 1.83
C LYS A 45 12.62 -6.30 2.72
N LEU A 46 11.32 -6.40 2.96
CA LEU A 46 10.77 -7.47 3.79
C LEU A 46 10.59 -8.73 2.96
N LEU A 47 10.35 -8.56 1.66
CA LEU A 47 10.16 -9.69 0.77
C LEU A 47 11.38 -10.61 0.78
N ARG A 48 12.51 -10.10 0.29
CA ARG A 48 13.74 -10.88 0.23
C ARG A 48 13.93 -11.67 1.52
N GLY A 49 13.38 -11.17 2.61
CA GLY A 49 13.50 -11.85 3.89
C GLY A 49 12.64 -13.09 3.94
N THR A 50 12.44 -13.72 2.78
CA THR A 50 11.61 -14.93 2.70
C THR A 50 11.76 -15.61 1.35
N LYS A 51 11.26 -16.84 1.25
CA LYS A 51 11.36 -17.62 0.02
C LYS A 51 10.03 -18.22 -0.41
N ALA A 52 9.54 -19.19 0.37
CA ALA A 52 8.30 -19.88 0.04
C ALA A 52 7.16 -18.91 -0.20
N LEU A 53 5.97 -19.45 -0.47
CA LEU A 53 4.80 -18.62 -0.73
C LEU A 53 3.82 -18.70 0.42
N THR A 54 4.17 -19.49 1.42
CA THR A 54 3.31 -19.63 2.58
C THR A 54 4.10 -19.40 3.84
N GLU A 55 5.19 -18.63 3.71
CA GLU A 55 6.04 -18.34 4.86
C GLU A 55 5.66 -16.97 5.45
N VAL A 56 5.19 -17.00 6.69
CA VAL A 56 4.80 -15.78 7.39
C VAL A 56 5.98 -14.84 7.53
N ILE A 57 5.73 -13.54 7.35
CA ILE A 57 6.76 -12.53 7.46
C ILE A 57 6.35 -11.44 8.45
N PRO A 58 7.11 -11.18 9.49
CA PRO A 58 6.77 -10.12 10.49
C PRO A 58 7.05 -8.74 9.94
N LEU A 59 6.05 -7.86 9.99
CA LEU A 59 6.22 -6.50 9.49
C LEU A 59 6.97 -5.65 10.50
N THR A 60 8.29 -5.70 10.43
CA THR A 60 9.11 -4.91 11.35
C THR A 60 8.54 -3.51 11.50
N GLU A 61 8.90 -2.85 12.60
CA GLU A 61 8.42 -1.50 12.84
C GLU A 61 8.48 -0.68 11.55
N GLU A 62 9.53 -0.88 10.77
CA GLU A 62 9.74 -0.18 9.51
C GLU A 62 8.64 -0.50 8.49
N ALA A 63 8.17 -1.74 8.46
CA ALA A 63 7.14 -2.11 7.51
C ALA A 63 5.79 -1.74 8.07
N GLU A 64 5.73 -1.64 9.38
CA GLU A 64 4.50 -1.26 10.04
C GLU A 64 4.36 0.26 10.04
N LEU A 65 5.49 0.94 9.85
CA LEU A 65 5.49 2.39 9.80
C LEU A 65 4.95 2.85 8.46
N GLU A 66 5.41 2.22 7.39
CA GLU A 66 4.95 2.57 6.04
C GLU A 66 3.51 2.08 5.85
N LEU A 67 3.34 0.77 5.93
CA LEU A 67 2.02 0.17 5.77
C LEU A 67 0.99 1.01 6.52
N ALA A 68 1.22 1.20 7.81
CA ALA A 68 0.30 1.99 8.61
C ALA A 68 -0.02 3.31 7.92
N GLU A 69 1.00 4.12 7.70
CA GLU A 69 0.82 5.41 7.04
C GLU A 69 0.09 5.25 5.71
N ASN A 70 0.32 4.12 5.03
CA ASN A 70 -0.33 3.86 3.75
C ASN A 70 -1.82 3.59 3.93
N ARG A 71 -2.13 2.54 4.68
CA ARG A 71 -3.51 2.17 4.94
C ARG A 71 -4.35 3.40 5.22
N GLU A 72 -3.71 4.44 5.75
CA GLU A 72 -4.42 5.67 6.07
C GLU A 72 -4.48 6.59 4.86
N ILE A 73 -3.39 6.66 4.11
CA ILE A 73 -3.35 7.51 2.94
C ILE A 73 -4.48 7.17 1.97
N LEU A 74 -4.60 5.89 1.63
CA LEU A 74 -5.63 5.46 0.69
C LEU A 74 -6.97 6.11 1.02
N LYS A 75 -7.08 6.71 2.20
CA LYS A 75 -8.33 7.35 2.60
C LYS A 75 -8.28 8.85 2.30
N GLU A 76 -7.42 9.25 1.37
CA GLU A 76 -7.29 10.67 1.01
C GLU A 76 -7.95 10.94 -0.34
N PRO A 77 -8.34 12.16 -0.58
CA PRO A 77 -8.99 12.55 -1.88
C PRO A 77 -7.99 12.56 -3.04
N VAL A 78 -8.19 11.66 -4.00
CA VAL A 78 -7.31 11.57 -5.16
C VAL A 78 -8.05 12.00 -6.42
N HIS A 79 -9.39 11.96 -6.35
CA HIS A 79 -10.20 12.35 -7.50
C HIS A 79 -9.99 13.82 -7.83
N GLY A 80 -9.70 14.61 -6.80
CA GLY A 80 -9.48 16.04 -6.99
C GLY A 80 -10.33 16.85 -6.01
N VAL A 81 -11.02 16.14 -5.12
CA VAL A 81 -11.86 16.80 -4.13
C VAL A 81 -11.09 17.87 -3.37
N TYR A 82 -9.85 17.54 -3.01
CA TYR A 82 -9.01 18.48 -2.27
C TYR A 82 -7.55 18.30 -2.64
N LEU A 83 -6.67 18.90 -1.85
CA LEU A 83 -5.23 18.81 -2.09
C LEU A 83 -4.88 19.25 -3.50
N GLU A 84 -4.30 20.44 -3.62
CA GLU A 84 -3.93 20.99 -4.92
C GLU A 84 -2.57 21.67 -4.84
N HIS A 85 -2.19 22.08 -3.64
CA HIS A 85 -0.91 22.76 -3.45
C HIS A 85 0.16 21.76 -3.05
N HIS A 86 1.33 22.28 -2.63
CA HIS A 86 2.42 21.42 -2.22
C HIS A 86 3.35 22.16 -1.26
N HIS A 87 4.65 22.06 -1.50
CA HIS A 87 5.63 22.72 -0.65
C HIS A 87 6.80 23.24 -1.47
N HIS A 88 7.84 23.71 -0.79
CA HIS A 88 9.03 24.23 -1.47
C HIS A 88 9.99 23.10 -1.80
N HIS A 89 11.02 23.42 -2.57
CA HIS A 89 12.02 22.42 -2.95
C HIS A 89 13.43 23.02 -2.88
N HIS A 90 14.43 22.14 -2.90
CA HIS A 90 15.81 22.59 -2.84
C HIS A 90 16.74 21.56 -3.47
N ASP A 1 -16.58 17.08 -7.86
CA ASP A 1 -15.53 18.09 -7.60
C ASP A 1 -14.65 18.22 -8.83
N LYS A 2 -14.04 17.12 -9.26
CA LYS A 2 -13.17 17.11 -10.42
C LYS A 2 -13.06 15.71 -10.97
N TRP A 3 -12.62 14.80 -10.11
CA TRP A 3 -12.46 13.40 -10.50
C TRP A 3 -12.45 12.50 -9.28
N THR A 4 -12.18 11.22 -9.50
CA THR A 4 -12.14 10.26 -8.41
C THR A 4 -11.48 8.96 -8.86
N VAL A 5 -11.15 8.10 -7.89
CA VAL A 5 -10.52 6.83 -8.19
C VAL A 5 -11.38 5.69 -7.66
N GLN A 6 -10.81 4.49 -7.62
CA GLN A 6 -11.52 3.32 -7.13
C GLN A 6 -11.09 2.97 -5.70
N PRO A 7 -11.87 2.19 -5.01
CA PRO A 7 -11.56 1.78 -3.61
C PRO A 7 -10.39 0.80 -3.54
N ILE A 8 -9.47 1.05 -2.61
CA ILE A 8 -8.30 0.20 -2.44
C ILE A 8 -8.19 -0.26 -0.98
N VAL A 9 -8.33 -1.56 -0.76
CA VAL A 9 -8.23 -2.13 0.58
C VAL A 9 -7.29 -3.34 0.59
N LEU A 10 -6.66 -3.59 1.73
CA LEU A 10 -5.74 -4.71 1.84
C LEU A 10 -5.94 -5.43 3.18
N PRO A 11 -5.48 -6.66 3.27
CA PRO A 11 -5.61 -7.47 4.51
C PRO A 11 -5.35 -6.65 5.78
N GLU A 12 -5.72 -7.20 6.93
CA GLU A 12 -5.53 -6.53 8.21
C GLU A 12 -5.34 -7.56 9.31
N LYS A 13 -4.16 -8.19 9.35
CA LYS A 13 -3.88 -9.20 10.36
C LYS A 13 -2.38 -9.23 10.70
N ASP A 14 -1.98 -10.21 11.51
CA ASP A 14 -0.59 -10.35 11.91
C ASP A 14 -0.02 -11.70 11.46
N SER A 15 -0.16 -11.97 10.16
CA SER A 15 0.34 -13.22 9.60
C SER A 15 0.55 -13.02 8.10
N TRP A 16 1.44 -12.08 7.77
CA TRP A 16 1.70 -11.75 6.39
C TRP A 16 2.66 -12.75 5.74
N THR A 17 2.14 -13.51 4.77
CA THR A 17 2.94 -14.51 4.07
C THR A 17 3.60 -13.90 2.83
N VAL A 18 4.62 -14.58 2.32
CA VAL A 18 5.33 -14.12 1.14
C VAL A 18 4.34 -13.82 0.03
N ASN A 19 3.39 -14.72 -0.17
CA ASN A 19 2.37 -14.52 -1.19
C ASN A 19 1.48 -13.35 -0.84
N ASP A 20 1.29 -13.14 0.45
CA ASP A 20 0.45 -12.05 0.93
C ASP A 20 1.15 -10.71 0.73
N ILE A 21 2.46 -10.69 0.90
CA ILE A 21 3.22 -9.46 0.74
C ILE A 21 3.46 -9.23 -0.74
N GLN A 22 3.95 -10.26 -1.40
CA GLN A 22 4.22 -10.21 -2.82
C GLN A 22 3.07 -9.50 -3.55
N LYS A 23 1.88 -10.07 -3.44
CA LYS A 23 0.71 -9.49 -4.09
C LYS A 23 0.50 -8.06 -3.61
N LEU A 24 0.59 -7.86 -2.30
CA LEU A 24 0.41 -6.53 -1.73
C LEU A 24 1.32 -5.53 -2.43
N VAL A 25 2.63 -5.74 -2.32
CA VAL A 25 3.59 -4.86 -2.96
C VAL A 25 3.11 -4.46 -4.33
N GLY A 26 2.47 -5.42 -5.00
CA GLY A 26 1.95 -5.17 -6.34
C GLY A 26 0.78 -4.20 -6.29
N LYS A 27 -0.08 -4.35 -5.28
CA LYS A 27 -1.23 -3.48 -5.12
C LYS A 27 -0.75 -2.10 -4.66
N LEU A 28 -0.02 -2.08 -3.55
CA LEU A 28 0.50 -0.83 -3.02
C LEU A 28 1.14 -0.02 -4.14
N ASN A 29 2.03 -0.68 -4.87
CA ASN A 29 2.72 -0.03 -5.98
C ASN A 29 1.71 0.71 -6.85
N TRP A 30 0.78 -0.04 -7.41
CA TRP A 30 -0.25 0.55 -8.26
C TRP A 30 -1.00 1.63 -7.48
N ALA A 31 -1.08 1.44 -6.16
CA ALA A 31 -1.76 2.40 -5.31
C ALA A 31 -0.95 3.69 -5.24
N SER A 32 0.37 3.55 -5.18
CA SER A 32 1.25 4.71 -5.12
C SER A 32 0.90 5.68 -6.24
N GLN A 33 0.69 5.14 -7.44
CA GLN A 33 0.33 5.96 -8.59
C GLN A 33 -1.09 6.48 -8.42
N ILE A 34 -1.75 6.03 -7.36
CA ILE A 34 -3.13 6.44 -7.09
C ILE A 34 -3.25 6.95 -5.65
N TYR A 35 -2.12 7.07 -4.98
CA TYR A 35 -2.12 7.51 -3.60
C TYR A 35 -0.71 7.93 -3.16
N PRO A 36 -0.48 9.18 -2.87
CA PRO A 36 0.86 9.68 -2.47
C PRO A 36 1.13 9.47 -0.98
N GLY A 37 2.40 9.37 -0.66
CA GLY A 37 2.81 9.19 0.72
C GLY A 37 3.15 7.73 1.03
N ILE A 38 2.37 6.81 0.47
CA ILE A 38 2.62 5.39 0.71
C ILE A 38 3.99 5.01 0.19
N LYS A 39 4.63 4.07 0.87
CA LYS A 39 5.95 3.61 0.48
C LYS A 39 5.93 2.10 0.24
N VAL A 40 6.86 1.64 -0.58
CA VAL A 40 6.96 0.21 -0.87
C VAL A 40 8.41 -0.22 -0.94
N ARG A 41 9.25 0.47 -0.18
CA ARG A 41 10.67 0.17 -0.15
C ARG A 41 10.95 -0.83 0.98
N GLN A 42 10.50 -0.48 2.18
CA GLN A 42 10.70 -1.34 3.33
C GLN A 42 9.98 -2.67 3.14
N LEU A 43 8.90 -2.65 2.36
CA LEU A 43 8.14 -3.87 2.11
C LEU A 43 8.95 -4.83 1.26
N SER A 44 9.22 -4.45 0.01
CA SER A 44 9.99 -5.30 -0.88
C SER A 44 11.26 -5.78 -0.17
N LYS A 45 11.64 -5.10 0.90
CA LYS A 45 12.82 -5.48 1.64
C LYS A 45 12.54 -6.76 2.43
N LEU A 46 11.42 -6.79 3.12
CA LEU A 46 11.06 -7.99 3.90
C LEU A 46 10.89 -9.18 2.97
N LEU A 47 10.47 -8.91 1.73
CA LEU A 47 10.28 -9.98 0.76
C LEU A 47 11.48 -10.92 0.77
N ARG A 48 12.67 -10.35 0.87
CA ARG A 48 13.90 -11.14 0.88
C ARG A 48 13.94 -12.03 2.12
N GLY A 49 14.91 -12.94 2.14
CA GLY A 49 15.05 -13.85 3.27
C GLY A 49 13.81 -14.70 3.45
N THR A 50 12.97 -14.73 2.43
CA THR A 50 11.73 -15.50 2.49
C THR A 50 11.91 -16.86 1.79
N LYS A 51 10.83 -17.62 1.70
CA LYS A 51 10.88 -18.93 1.06
C LYS A 51 9.61 -19.20 0.26
N ALA A 52 8.90 -20.28 0.66
CA ALA A 52 7.67 -20.67 -0.02
C ALA A 52 6.68 -19.52 -0.08
N LEU A 53 5.42 -19.84 -0.33
CA LEU A 53 4.39 -18.82 -0.41
C LEU A 53 3.49 -18.83 0.81
N THR A 54 3.94 -19.52 1.84
CA THR A 54 3.18 -19.61 3.08
C THR A 54 4.08 -19.28 4.27
N GLU A 55 5.15 -18.54 4.02
CA GLU A 55 6.08 -18.17 5.09
C GLU A 55 5.75 -16.79 5.63
N VAL A 56 5.36 -16.74 6.90
CA VAL A 56 5.03 -15.48 7.55
C VAL A 56 6.24 -14.57 7.63
N ILE A 57 6.03 -13.28 7.39
CA ILE A 57 7.11 -12.31 7.44
C ILE A 57 6.74 -11.18 8.42
N PRO A 58 7.55 -10.91 9.43
CA PRO A 58 7.24 -9.83 10.42
C PRO A 58 7.48 -8.44 9.86
N LEU A 59 6.52 -7.55 10.07
CA LEU A 59 6.64 -6.18 9.59
C LEU A 59 7.57 -5.38 10.48
N THR A 60 8.64 -4.84 9.88
CA THR A 60 9.59 -4.03 10.65
C THR A 60 8.95 -2.71 11.03
N GLU A 61 9.47 -2.10 12.10
CA GLU A 61 8.94 -0.82 12.54
C GLU A 61 8.62 0.06 11.34
N GLU A 62 9.67 0.40 10.59
CA GLU A 62 9.54 1.24 9.42
C GLU A 62 8.56 0.63 8.39
N ALA A 63 8.28 -0.67 8.50
CA ALA A 63 7.39 -1.33 7.55
C ALA A 63 5.95 -1.26 8.03
N GLU A 64 5.75 -1.52 9.32
CA GLU A 64 4.41 -1.45 9.87
C GLU A 64 4.04 0.00 10.09
N LEU A 65 5.08 0.83 10.12
CA LEU A 65 4.95 2.26 10.31
C LEU A 65 4.42 2.89 9.03
N GLU A 66 5.07 2.57 7.91
CA GLU A 66 4.64 3.11 6.63
C GLU A 66 3.35 2.44 6.18
N LEU A 67 3.32 1.12 6.24
CA LEU A 67 2.13 0.39 5.85
C LEU A 67 0.93 1.03 6.51
N ALA A 68 1.08 1.33 7.80
CA ALA A 68 0.01 1.96 8.56
C ALA A 68 -0.37 3.28 7.88
N GLU A 69 0.64 4.09 7.58
CA GLU A 69 0.40 5.37 6.94
C GLU A 69 -0.19 5.18 5.54
N ASN A 70 0.13 4.05 4.92
CA ASN A 70 -0.37 3.77 3.58
C ASN A 70 -1.87 3.48 3.61
N ARG A 71 -2.25 2.44 4.33
CA ARG A 71 -3.65 2.06 4.44
C ARG A 71 -4.49 3.25 4.88
N GLU A 72 -3.86 4.21 5.54
CA GLU A 72 -4.56 5.39 6.02
C GLU A 72 -4.76 6.40 4.90
N ILE A 73 -3.81 6.47 3.97
CA ILE A 73 -3.91 7.42 2.87
C ILE A 73 -4.97 6.98 1.85
N LEU A 74 -5.08 5.68 1.62
CA LEU A 74 -6.05 5.17 0.66
C LEU A 74 -7.44 5.74 0.94
N LYS A 75 -7.58 6.42 2.07
CA LYS A 75 -8.86 7.02 2.44
C LYS A 75 -8.95 8.45 1.94
N GLU A 76 -8.04 8.81 1.03
CA GLU A 76 -8.04 10.16 0.47
C GLU A 76 -8.80 10.20 -0.85
N PRO A 77 -9.34 11.33 -1.22
CA PRO A 77 -10.13 11.49 -2.49
C PRO A 77 -9.27 11.30 -3.73
N VAL A 78 -8.04 11.79 -3.68
CA VAL A 78 -7.10 11.70 -4.81
C VAL A 78 -7.56 12.61 -5.94
N HIS A 79 -8.60 12.19 -6.62
CA HIS A 79 -9.14 12.97 -7.72
C HIS A 79 -8.02 13.56 -8.57
N GLY A 80 -7.59 12.80 -9.58
CA GLY A 80 -6.52 13.25 -10.46
C GLY A 80 -7.07 13.58 -11.85
N VAL A 81 -6.54 14.66 -12.44
CA VAL A 81 -6.99 15.09 -13.76
C VAL A 81 -6.73 13.99 -14.79
N TYR A 82 -5.98 12.97 -14.38
CA TYR A 82 -5.66 11.86 -15.28
C TYR A 82 -6.94 11.19 -15.78
N LEU A 83 -6.83 10.50 -16.91
CA LEU A 83 -7.99 9.81 -17.48
C LEU A 83 -9.19 10.74 -17.53
N GLU A 84 -10.33 10.22 -17.99
CA GLU A 84 -11.54 11.00 -18.08
C GLU A 84 -12.72 10.13 -18.48
N HIS A 85 -13.88 10.37 -17.87
CA HIS A 85 -15.08 9.60 -18.17
C HIS A 85 -16.27 10.52 -18.36
N HIS A 86 -17.45 10.03 -17.99
CA HIS A 86 -18.67 10.82 -18.13
C HIS A 86 -19.57 10.65 -16.91
N HIS A 87 -19.55 11.63 -16.02
CA HIS A 87 -20.36 11.58 -14.81
C HIS A 87 -21.60 12.46 -14.95
N HIS A 88 -21.38 13.77 -15.08
CA HIS A 88 -22.49 14.70 -15.23
C HIS A 88 -23.42 14.64 -14.02
N HIS A 89 -23.95 15.79 -13.63
CA HIS A 89 -24.85 15.86 -12.49
C HIS A 89 -25.95 16.88 -12.73
N HIS A 90 -26.88 16.98 -11.78
CA HIS A 90 -27.97 17.92 -11.90
C HIS A 90 -27.45 19.36 -11.95
N ASP A 1 -18.46 6.01 -11.98
CA ASP A 1 -17.12 6.43 -12.46
C ASP A 1 -16.99 7.94 -12.39
N LYS A 2 -17.01 8.48 -11.17
CA LYS A 2 -16.90 9.91 -10.97
C LYS A 2 -16.57 10.17 -9.52
N TRP A 3 -16.82 9.17 -8.68
CA TRP A 3 -16.57 9.29 -7.26
C TRP A 3 -15.19 8.74 -6.92
N THR A 4 -14.19 9.60 -6.96
CA THR A 4 -12.81 9.20 -6.65
C THR A 4 -12.37 8.07 -7.58
N VAL A 5 -11.07 7.99 -7.80
CA VAL A 5 -10.52 6.94 -8.68
C VAL A 5 -11.22 5.61 -8.43
N GLN A 6 -10.62 4.78 -7.59
CA GLN A 6 -11.20 3.48 -7.27
C GLN A 6 -10.95 3.11 -5.82
N PRO A 7 -11.76 2.25 -5.25
CA PRO A 7 -11.60 1.83 -3.82
C PRO A 7 -10.36 0.96 -3.61
N ILE A 8 -9.52 1.36 -2.65
CA ILE A 8 -8.31 0.60 -2.34
C ILE A 8 -8.25 0.28 -0.85
N VAL A 9 -8.37 -0.99 -0.52
CA VAL A 9 -8.33 -1.42 0.87
C VAL A 9 -7.62 -2.76 1.00
N LEU A 10 -6.84 -2.92 2.07
CA LEU A 10 -6.11 -4.16 2.31
C LEU A 10 -6.36 -4.67 3.73
N PRO A 11 -6.25 -5.95 3.96
CA PRO A 11 -6.48 -6.54 5.32
C PRO A 11 -5.38 -6.15 6.31
N GLU A 12 -5.35 -6.83 7.45
CA GLU A 12 -4.34 -6.56 8.47
C GLU A 12 -4.26 -7.70 9.46
N LYS A 13 -3.15 -8.44 9.42
CA LYS A 13 -2.95 -9.56 10.32
C LYS A 13 -1.47 -9.76 10.63
N ASP A 14 -1.16 -10.74 11.46
CA ASP A 14 0.22 -11.04 11.83
C ASP A 14 0.65 -12.38 11.23
N SER A 15 0.16 -12.65 10.02
CA SER A 15 0.49 -13.86 9.31
C SER A 15 0.62 -13.52 7.84
N TRP A 16 1.54 -12.62 7.55
CA TRP A 16 1.73 -12.16 6.20
C TRP A 16 2.74 -13.00 5.42
N THR A 17 2.23 -13.87 4.56
CA THR A 17 3.07 -14.73 3.73
C THR A 17 3.65 -13.97 2.54
N VAL A 18 4.83 -14.40 2.10
CA VAL A 18 5.49 -13.79 0.96
C VAL A 18 4.48 -13.70 -0.16
N ASN A 19 3.63 -14.72 -0.25
CA ASN A 19 2.58 -14.78 -1.25
C ASN A 19 1.58 -13.66 -1.03
N ASP A 20 1.35 -13.33 0.24
CA ASP A 20 0.41 -12.28 0.60
C ASP A 20 1.07 -10.91 0.53
N ILE A 21 2.37 -10.87 0.81
CA ILE A 21 3.11 -9.62 0.75
C ILE A 21 3.38 -9.27 -0.70
N GLN A 22 3.67 -10.30 -1.47
CA GLN A 22 3.94 -10.13 -2.88
C GLN A 22 2.74 -9.46 -3.55
N LYS A 23 1.58 -10.09 -3.44
CA LYS A 23 0.36 -9.53 -4.02
C LYS A 23 0.10 -8.14 -3.48
N LEU A 24 0.44 -7.94 -2.21
CA LEU A 24 0.23 -6.64 -1.57
C LEU A 24 1.12 -5.58 -2.21
N VAL A 25 2.43 -5.78 -2.13
CA VAL A 25 3.36 -4.82 -2.71
C VAL A 25 2.87 -4.39 -4.08
N GLY A 26 2.21 -5.31 -4.78
CA GLY A 26 1.68 -5.01 -6.10
C GLY A 26 0.53 -4.01 -5.99
N LYS A 27 -0.28 -4.19 -4.97
CA LYS A 27 -1.42 -3.30 -4.74
C LYS A 27 -0.93 -1.90 -4.38
N LEU A 28 -0.10 -1.84 -3.35
CA LEU A 28 0.46 -0.56 -2.89
C LEU A 28 1.16 0.14 -4.03
N ASN A 29 1.99 -0.60 -4.74
CA ASN A 29 2.72 -0.01 -5.86
C ASN A 29 1.75 0.78 -6.74
N TRP A 30 0.75 0.08 -7.26
CA TRP A 30 -0.26 0.70 -8.10
C TRP A 30 -0.96 1.81 -7.33
N ALA A 31 -1.21 1.57 -6.04
CA ALA A 31 -1.87 2.56 -5.20
C ALA A 31 -1.06 3.85 -5.17
N SER A 32 0.26 3.70 -5.05
CA SER A 32 1.16 4.85 -5.01
C SER A 32 0.85 5.76 -6.18
N GLN A 33 0.77 5.19 -7.37
CA GLN A 33 0.48 5.98 -8.56
C GLN A 33 -0.94 6.54 -8.46
N ILE A 34 -1.60 6.19 -7.36
CA ILE A 34 -2.98 6.64 -7.12
C ILE A 34 -3.10 7.28 -5.74
N TYR A 35 -2.00 7.32 -5.01
CA TYR A 35 -2.02 7.89 -3.67
C TYR A 35 -0.63 8.37 -3.29
N PRO A 36 -0.41 9.64 -3.09
CA PRO A 36 0.92 10.19 -2.75
C PRO A 36 1.23 10.11 -1.26
N GLY A 37 2.43 9.63 -0.95
CA GLY A 37 2.87 9.50 0.43
C GLY A 37 3.09 8.06 0.82
N ILE A 38 2.46 7.15 0.08
CA ILE A 38 2.61 5.73 0.36
C ILE A 38 3.94 5.22 -0.19
N LYS A 39 4.75 4.65 0.68
CA LYS A 39 6.04 4.13 0.29
C LYS A 39 6.01 2.60 0.19
N VAL A 40 6.91 2.05 -0.60
CA VAL A 40 6.99 0.60 -0.78
C VAL A 40 8.44 0.19 -0.86
N ARG A 41 9.23 0.75 0.03
CA ARG A 41 10.66 0.46 0.08
C ARG A 41 10.95 -0.66 1.07
N GLN A 42 10.22 -0.67 2.18
CA GLN A 42 10.41 -1.70 3.19
C GLN A 42 9.64 -2.97 2.82
N LEU A 43 8.39 -2.80 2.42
CA LEU A 43 7.57 -3.95 2.05
C LEU A 43 8.33 -4.87 1.10
N SER A 44 8.92 -4.29 0.07
CA SER A 44 9.68 -5.09 -0.90
C SER A 44 10.89 -5.74 -0.23
N LYS A 45 11.62 -4.95 0.55
CA LYS A 45 12.81 -5.45 1.24
C LYS A 45 12.43 -6.53 2.25
N LEU A 46 11.17 -6.52 2.68
CA LEU A 46 10.69 -7.50 3.65
C LEU A 46 10.60 -8.88 3.02
N LEU A 47 10.36 -8.94 1.71
CA LEU A 47 10.25 -10.22 1.02
C LEU A 47 11.53 -11.02 1.15
N ARG A 48 12.61 -10.50 0.57
CA ARG A 48 13.91 -11.18 0.63
C ARG A 48 14.23 -11.64 2.05
N GLY A 49 14.33 -12.95 2.23
CA GLY A 49 14.65 -13.51 3.54
C GLY A 49 13.70 -14.65 3.90
N THR A 50 12.80 -14.97 2.98
CA THR A 50 11.83 -16.04 3.23
C THR A 50 11.54 -16.81 1.94
N LYS A 51 11.13 -16.08 0.91
CA LYS A 51 10.86 -16.68 -0.39
C LYS A 51 9.66 -17.64 -0.37
N ALA A 52 9.59 -18.55 0.60
CA ALA A 52 8.48 -19.50 0.67
C ALA A 52 7.15 -18.76 0.62
N LEU A 53 6.25 -19.23 -0.24
CA LEU A 53 4.94 -18.61 -0.40
C LEU A 53 3.99 -19.00 0.72
N THR A 54 4.52 -19.68 1.70
CA THR A 54 3.73 -20.11 2.85
C THR A 54 4.46 -19.73 4.12
N GLU A 55 5.41 -18.80 3.98
CA GLU A 55 6.20 -18.34 5.12
C GLU A 55 5.77 -16.94 5.54
N VAL A 56 5.23 -16.82 6.75
CA VAL A 56 4.79 -15.52 7.24
C VAL A 56 5.99 -14.64 7.59
N ILE A 57 6.01 -13.45 7.00
CA ILE A 57 7.08 -12.50 7.22
C ILE A 57 6.67 -11.38 8.18
N PRO A 58 7.09 -11.41 9.43
CA PRO A 58 6.72 -10.35 10.41
C PRO A 58 6.99 -8.96 9.84
N LEU A 59 6.06 -8.03 10.06
CA LEU A 59 6.20 -6.68 9.57
C LEU A 59 6.95 -5.81 10.57
N THR A 60 8.27 -5.70 10.38
CA THR A 60 9.09 -4.91 11.28
C THR A 60 8.46 -3.54 11.51
N GLU A 61 8.92 -2.84 12.55
CA GLU A 61 8.38 -1.52 12.86
C GLU A 61 8.30 -0.67 11.60
N GLU A 62 9.43 -0.48 10.95
CA GLU A 62 9.49 0.32 9.72
C GLU A 62 8.52 -0.23 8.67
N ALA A 63 8.12 -1.48 8.82
CA ALA A 63 7.21 -2.10 7.88
C ALA A 63 5.78 -1.87 8.33
N GLU A 64 5.61 -1.77 9.63
CA GLU A 64 4.30 -1.53 10.20
C GLU A 64 4.00 -0.04 10.13
N LEU A 65 5.06 0.75 10.08
CA LEU A 65 4.94 2.19 9.99
C LEU A 65 4.58 2.59 8.56
N GLU A 66 5.23 1.94 7.60
CA GLU A 66 4.98 2.21 6.19
C GLU A 66 3.57 1.76 5.80
N LEU A 67 3.34 0.46 5.90
CA LEU A 67 2.03 -0.09 5.57
C LEU A 67 0.95 0.76 6.22
N ALA A 68 1.10 1.01 7.51
CA ALA A 68 0.13 1.81 8.25
C ALA A 68 -0.07 3.16 7.58
N GLU A 69 1.02 3.93 7.48
CA GLU A 69 0.96 5.24 6.86
C GLU A 69 0.27 5.18 5.51
N ASN A 70 0.44 4.06 4.80
CA ASN A 70 -0.17 3.92 3.48
C ASN A 70 -1.67 3.82 3.61
N ARG A 71 -2.14 2.81 4.31
CA ARG A 71 -3.57 2.60 4.52
C ARG A 71 -4.25 3.92 4.89
N GLU A 72 -3.47 4.84 5.43
CA GLU A 72 -4.01 6.13 5.85
C GLU A 72 -4.18 7.06 4.65
N ILE A 73 -3.20 7.08 3.76
CA ILE A 73 -3.26 7.95 2.59
C ILE A 73 -4.40 7.51 1.65
N LEU A 74 -4.62 6.21 1.52
CA LEU A 74 -5.68 5.72 0.65
C LEU A 74 -7.01 6.37 1.00
N LYS A 75 -7.06 6.99 2.19
CA LYS A 75 -8.28 7.63 2.64
C LYS A 75 -8.49 8.97 1.97
N GLU A 76 -7.62 9.31 1.02
CA GLU A 76 -7.74 10.58 0.31
C GLU A 76 -8.71 10.44 -0.86
N PRO A 77 -9.31 11.53 -1.29
CA PRO A 77 -10.29 11.51 -2.43
C PRO A 77 -9.60 11.41 -3.79
N VAL A 78 -8.30 11.67 -3.81
CA VAL A 78 -7.54 11.61 -5.06
C VAL A 78 -8.13 12.55 -6.10
N HIS A 79 -8.99 12.01 -6.96
CA HIS A 79 -9.61 12.82 -7.99
C HIS A 79 -10.99 12.29 -8.35
N GLY A 80 -12.00 13.16 -8.32
CA GLY A 80 -13.36 12.77 -8.63
C GLY A 80 -14.36 13.78 -8.07
N VAL A 81 -15.58 13.32 -7.79
CA VAL A 81 -16.61 14.20 -7.25
C VAL A 81 -16.81 15.41 -8.16
N TYR A 82 -16.40 16.59 -7.69
CA TYR A 82 -16.53 17.80 -8.49
C TYR A 82 -17.99 18.06 -8.86
N LEU A 83 -18.46 19.28 -8.62
CA LEU A 83 -19.83 19.65 -8.93
C LEU A 83 -20.78 19.11 -7.86
N GLU A 84 -21.21 20.00 -6.97
CA GLU A 84 -22.11 19.63 -5.89
C GLU A 84 -23.38 20.48 -5.93
N HIS A 85 -23.20 21.77 -6.16
CA HIS A 85 -24.34 22.70 -6.21
C HIS A 85 -25.15 22.61 -4.93
N HIS A 86 -24.55 22.02 -3.89
CA HIS A 86 -25.23 21.89 -2.60
C HIS A 86 -24.33 22.41 -1.48
N HIS A 87 -23.56 23.45 -1.77
CA HIS A 87 -22.66 24.03 -0.78
C HIS A 87 -22.77 25.55 -0.79
N HIS A 88 -23.22 26.12 0.32
CA HIS A 88 -23.35 27.56 0.42
C HIS A 88 -23.81 27.96 1.81
N HIS A 89 -23.91 29.27 2.06
CA HIS A 89 -24.34 29.77 3.36
C HIS A 89 -24.47 31.29 3.34
N HIS A 90 -23.37 31.98 3.63
CA HIS A 90 -23.38 33.43 3.63
C HIS A 90 -21.95 33.97 3.54
#